data_1XU6
#
_entry.id   1XU6
#
_cell.length_a   1.000
_cell.length_b   1.000
_cell.length_c   1.000
_cell.angle_alpha   90.00
_cell.angle_beta   90.00
_cell.angle_gamma   90.00
#
_symmetry.space_group_name_H-M   'P 1'
#
_entity_poly.entity_id   1
_entity_poly.type   'polypeptide(L)'
_entity_poly.pdbx_seq_one_letter_code
;GSHMLEVLTQKHKPAESQQQAAETEGSCNKKDQNECKSPCKWHNDAENKKCTLDKEEAKKVADETAKDGKTGNTNTTGSS
;
_entity_poly.pdbx_strand_id   A
#
# COMPACT_ATOMS: atom_id res chain seq x y z
N GLY A 1 6.03 -3.81 11.17
CA GLY A 1 7.35 -4.47 11.01
C GLY A 1 7.38 -5.86 11.62
N SER A 2 6.31 -6.63 11.39
CA SER A 2 6.21 -7.99 11.91
C SER A 2 4.97 -8.69 11.36
N HIS A 3 4.76 -8.55 10.06
CA HIS A 3 3.61 -9.17 9.40
C HIS A 3 3.69 -10.69 9.50
N MET A 4 2.57 -11.31 9.88
CA MET A 4 2.50 -12.75 10.02
C MET A 4 2.82 -13.46 8.70
N LEU A 5 2.46 -12.83 7.58
CA LEU A 5 2.71 -13.40 6.26
C LEU A 5 4.21 -13.46 5.98
N GLU A 6 4.60 -13.19 4.73
CA GLU A 6 6.00 -13.24 4.34
C GLU A 6 6.18 -12.74 2.90
N VAL A 7 5.30 -13.19 2.04
CA VAL A 7 5.33 -12.82 0.63
C VAL A 7 5.04 -11.33 0.45
N LEU A 8 5.88 -10.66 -0.32
CA LEU A 8 5.73 -9.24 -0.58
C LEU A 8 4.50 -8.97 -1.46
N THR A 9 4.50 -9.58 -2.65
CA THR A 9 3.39 -9.41 -3.59
C THR A 9 3.58 -10.30 -4.82
N GLN A 10 4.01 -11.54 -4.58
CA GLN A 10 4.23 -12.49 -5.67
C GLN A 10 2.91 -12.87 -6.33
N LYS A 11 2.67 -12.34 -7.52
CA LYS A 11 1.46 -12.62 -8.27
C LYS A 11 1.65 -12.32 -9.76
N HIS A 12 0.56 -12.35 -10.51
CA HIS A 12 0.62 -12.07 -11.95
C HIS A 12 0.68 -10.58 -12.23
N LYS A 13 1.34 -9.84 -11.34
CA LYS A 13 1.47 -8.39 -11.49
C LYS A 13 2.62 -8.06 -12.44
N PRO A 14 2.43 -7.11 -13.36
CA PRO A 14 3.47 -6.71 -14.31
C PRO A 14 4.52 -5.79 -13.67
N ALA A 15 4.86 -6.08 -12.43
CA ALA A 15 5.84 -5.29 -11.68
C ALA A 15 6.08 -5.90 -10.31
N GLU A 16 7.34 -5.84 -9.85
CA GLU A 16 7.69 -6.39 -8.55
C GLU A 16 8.69 -5.48 -7.84
N SER A 17 8.45 -5.24 -6.55
CA SER A 17 9.32 -4.38 -5.75
C SER A 17 8.86 -4.38 -4.29
N GLN A 18 8.80 -3.19 -3.68
CA GLN A 18 8.37 -3.07 -2.30
C GLN A 18 6.93 -3.55 -2.14
N GLN A 19 6.69 -4.37 -1.12
CA GLN A 19 5.36 -4.90 -0.86
C GLN A 19 4.35 -3.78 -0.68
N GLN A 20 3.22 -3.89 -1.38
CA GLN A 20 2.18 -2.88 -1.31
C GLN A 20 1.60 -2.78 0.10
N ALA A 21 1.86 -1.67 0.77
CA ALA A 21 1.37 -1.45 2.12
C ALA A 21 0.62 -0.13 2.23
N ALA A 22 -0.54 -0.16 2.88
CA ALA A 22 -1.35 1.04 3.07
C ALA A 22 -0.57 2.11 3.81
N GLU A 23 0.01 3.05 3.07
CA GLU A 23 0.79 4.13 3.66
C GLU A 23 -0.11 5.12 4.39
N THR A 24 0.32 6.37 4.46
CA THR A 24 -0.43 7.43 5.13
C THR A 24 -0.16 8.77 4.48
N GLU A 25 -1.09 9.72 4.67
CA GLU A 25 -0.97 11.04 4.08
C GLU A 25 0.41 11.62 4.34
N GLY A 26 0.93 11.41 5.54
CA GLY A 26 2.24 11.92 5.89
C GLY A 26 3.36 11.33 5.08
N SER A 27 3.28 10.03 4.81
CA SER A 27 4.31 9.34 4.03
C SER A 27 4.21 9.67 2.55
N CYS A 28 3.00 9.63 2.02
CA CYS A 28 2.76 9.91 0.60
C CYS A 28 3.35 11.25 0.17
N ASN A 29 3.09 12.29 0.95
CA ASN A 29 3.59 13.62 0.64
C ASN A 29 5.10 13.60 0.44
N LYS A 30 5.77 12.78 1.24
CA LYS A 30 7.22 12.66 1.18
C LYS A 30 7.64 11.76 0.01
N LYS A 31 6.82 10.77 -0.31
CA LYS A 31 7.13 9.85 -1.39
C LYS A 31 7.25 10.54 -2.73
N ASP A 32 8.31 10.17 -3.45
CA ASP A 32 8.57 10.71 -4.77
C ASP A 32 7.61 10.12 -5.79
N GLN A 33 7.72 10.56 -7.04
CA GLN A 33 6.84 10.07 -8.10
C GLN A 33 6.77 8.54 -8.08
N ASN A 34 7.94 7.90 -8.16
CA ASN A 34 8.01 6.44 -8.14
C ASN A 34 7.59 5.90 -6.78
N GLU A 35 7.88 6.67 -5.72
CA GLU A 35 7.55 6.28 -4.37
C GLU A 35 6.06 6.46 -4.09
N CYS A 36 5.39 7.24 -4.93
CA CYS A 36 3.95 7.46 -4.75
C CYS A 36 3.25 6.11 -4.77
N LYS A 37 2.97 5.59 -3.59
CA LYS A 37 2.33 4.28 -3.43
C LYS A 37 0.87 4.29 -3.88
N SER A 38 0.34 3.09 -4.11
CA SER A 38 -1.04 2.92 -4.56
C SER A 38 -2.03 3.67 -3.65
N PRO A 39 -2.00 3.41 -2.32
CA PRO A 39 -2.89 4.07 -1.37
C PRO A 39 -2.87 5.58 -1.56
N CYS A 40 -1.70 6.09 -1.94
CA CYS A 40 -1.51 7.52 -2.16
C CYS A 40 -2.35 8.01 -3.34
N LYS A 41 -1.90 9.11 -3.93
CA LYS A 41 -2.59 9.71 -5.07
C LYS A 41 -1.66 10.65 -5.80
N TRP A 42 -1.31 10.30 -7.03
CA TRP A 42 -0.41 11.11 -7.84
C TRP A 42 -1.13 12.32 -8.43
N HIS A 43 -0.47 13.48 -8.37
CA HIS A 43 -1.04 14.70 -8.91
C HIS A 43 -0.16 15.25 -10.03
N ASN A 44 -0.67 15.16 -11.25
CA ASN A 44 0.05 15.63 -12.43
C ASN A 44 -0.10 17.15 -12.59
N ASP A 45 0.99 17.80 -13.00
CA ASP A 45 0.99 19.25 -13.18
C ASP A 45 0.60 19.97 -11.90
N ALA A 46 1.03 19.42 -10.77
CA ALA A 46 0.73 20.02 -9.47
C ALA A 46 1.72 21.14 -9.16
N GLU A 47 2.09 21.87 -10.21
CA GLU A 47 3.04 22.98 -10.10
C GLU A 47 4.46 22.44 -10.03
N ASN A 48 4.59 21.27 -9.40
CA ASN A 48 5.87 20.61 -9.23
C ASN A 48 5.66 19.15 -8.88
N LYS A 49 4.50 18.61 -9.29
CA LYS A 49 4.14 17.22 -9.02
C LYS A 49 3.96 17.00 -7.52
N LYS A 50 2.86 16.36 -7.13
CA LYS A 50 2.59 16.12 -5.72
C LYS A 50 1.87 14.78 -5.49
N CYS A 51 2.27 14.09 -4.43
CA CYS A 51 1.67 12.81 -4.06
C CYS A 51 1.03 12.90 -2.68
N THR A 52 -0.19 12.42 -2.55
CA THR A 52 -0.90 12.47 -1.27
C THR A 52 -1.77 11.24 -1.05
N LEU A 53 -1.85 10.79 0.20
CA LEU A 53 -2.64 9.62 0.54
C LEU A 53 -4.12 9.87 0.33
N ASP A 54 -4.82 8.85 -0.15
CA ASP A 54 -6.25 8.96 -0.41
C ASP A 54 -7.01 7.93 0.41
N LYS A 55 -8.06 8.37 1.09
CA LYS A 55 -8.86 7.46 1.92
C LYS A 55 -9.55 6.40 1.06
N GLU A 56 -10.17 6.83 -0.03
CA GLU A 56 -10.87 5.91 -0.92
C GLU A 56 -9.93 4.82 -1.41
N GLU A 57 -8.75 5.22 -1.88
CA GLU A 57 -7.76 4.27 -2.37
C GLU A 57 -7.30 3.36 -1.25
N ALA A 58 -7.03 3.95 -0.09
CA ALA A 58 -6.59 3.20 1.07
C ALA A 58 -7.61 2.12 1.44
N LYS A 59 -8.88 2.45 1.30
CA LYS A 59 -9.94 1.50 1.61
C LYS A 59 -9.85 0.28 0.70
N LYS A 60 -9.64 0.54 -0.59
CA LYS A 60 -9.53 -0.52 -1.59
C LYS A 60 -8.27 -1.36 -1.37
N VAL A 61 -7.15 -0.69 -1.11
CA VAL A 61 -5.88 -1.37 -0.90
C VAL A 61 -5.97 -2.35 0.27
N ALA A 62 -6.71 -1.96 1.30
CA ALA A 62 -6.89 -2.80 2.48
C ALA A 62 -7.94 -3.88 2.22
N ASP A 63 -9.01 -3.50 1.53
CA ASP A 63 -10.10 -4.42 1.23
C ASP A 63 -9.79 -5.25 -0.02
N GLU A 64 -8.52 -5.59 -0.22
CA GLU A 64 -8.12 -6.39 -1.38
C GLU A 64 -8.46 -7.86 -1.16
N THR A 65 -9.15 -8.15 -0.04
CA THR A 65 -9.54 -9.51 0.30
C THR A 65 -8.36 -10.47 0.19
N ALA A 66 -7.24 -10.10 0.80
CA ALA A 66 -6.04 -10.93 0.76
C ALA A 66 -5.01 -10.46 1.79
N LYS A 67 -4.82 -9.14 1.86
CA LYS A 67 -3.87 -8.56 2.80
C LYS A 67 -4.25 -8.88 4.24
N ASP A 68 -5.50 -8.60 4.58
CA ASP A 68 -6.00 -8.85 5.93
C ASP A 68 -6.10 -10.34 6.21
N GLY A 69 -6.64 -11.09 5.25
CA GLY A 69 -6.79 -12.51 5.42
C GLY A 69 -7.38 -13.19 4.18
N LYS A 70 -6.93 -14.40 3.90
CA LYS A 70 -7.42 -15.15 2.75
C LYS A 70 -8.94 -15.22 2.76
N THR A 71 -9.54 -15.07 1.58
CA THR A 71 -11.00 -15.11 1.45
C THR A 71 -11.42 -15.44 0.03
N GLY A 72 -12.48 -16.24 -0.10
CA GLY A 72 -12.97 -16.60 -1.42
C GLY A 72 -14.33 -17.29 -1.35
N ASN A 73 -14.47 -18.40 -2.06
CA ASN A 73 -15.73 -19.14 -2.07
C ASN A 73 -16.11 -19.59 -0.66
N THR A 74 -17.40 -19.46 -0.34
CA THR A 74 -17.92 -19.85 0.97
C THR A 74 -17.33 -18.97 2.08
N ASN A 75 -18.22 -18.49 2.96
CA ASN A 75 -17.81 -17.64 4.08
C ASN A 75 -19.02 -17.30 4.95
N THR A 76 -20.14 -17.02 4.30
CA THR A 76 -21.37 -16.68 5.01
C THR A 76 -22.59 -17.22 4.27
N THR A 77 -23.50 -17.83 5.02
CA THR A 77 -24.73 -18.41 4.46
C THR A 77 -24.43 -19.71 3.71
N GLY A 78 -23.32 -19.74 2.98
CA GLY A 78 -22.95 -20.93 2.23
C GLY A 78 -22.82 -22.16 3.10
N SER A 79 -22.17 -22.01 4.25
CA SER A 79 -21.98 -23.12 5.18
C SER A 79 -23.25 -23.40 5.97
N SER A 80 -24.30 -23.82 5.27
CA SER A 80 -25.58 -24.12 5.91
C SER A 80 -26.45 -24.97 4.99
N GLY A 1 3.38 -34.45 1.74
CA GLY A 1 4.14 -34.33 0.47
C GLY A 1 5.62 -34.62 0.66
N SER A 2 6.18 -35.44 -0.24
CA SER A 2 7.59 -35.80 -0.17
C SER A 2 8.47 -34.56 -0.28
N HIS A 3 8.17 -33.70 -1.25
CA HIS A 3 8.92 -32.47 -1.46
C HIS A 3 8.85 -31.57 -0.24
N MET A 4 9.99 -31.03 0.18
CA MET A 4 10.06 -30.14 1.33
C MET A 4 9.37 -28.81 1.02
N LEU A 5 9.99 -27.71 1.45
CA LEU A 5 9.43 -26.38 1.22
C LEU A 5 8.03 -26.28 1.82
N GLU A 6 7.90 -26.70 3.08
CA GLU A 6 6.62 -26.66 3.77
C GLU A 6 6.04 -25.24 3.76
N VAL A 7 4.76 -25.13 3.42
CA VAL A 7 4.09 -23.84 3.37
C VAL A 7 4.06 -23.18 4.73
N LEU A 8 4.45 -21.91 4.77
CA LEU A 8 4.46 -21.15 6.02
C LEU A 8 3.04 -20.94 6.55
N THR A 9 2.12 -20.68 5.63
CA THR A 9 0.72 -20.46 5.99
C THR A 9 0.06 -21.76 6.47
N GLN A 10 0.45 -22.22 7.65
CA GLN A 10 -0.09 -23.44 8.22
C GLN A 10 0.44 -23.67 9.63
N LYS A 11 1.70 -23.28 9.86
CA LYS A 11 2.32 -23.45 11.16
C LYS A 11 1.66 -22.54 12.19
N HIS A 12 0.52 -22.97 12.71
CA HIS A 12 -0.23 -22.20 13.69
C HIS A 12 -0.61 -20.84 13.11
N LYS A 13 -0.68 -20.78 11.78
CA LYS A 13 -1.05 -19.55 11.07
C LYS A 13 -0.13 -18.39 11.44
N PRO A 14 1.15 -18.45 11.04
CA PRO A 14 2.13 -17.39 11.32
C PRO A 14 1.80 -16.11 10.56
N ALA A 15 2.82 -15.32 10.27
CA ALA A 15 2.63 -14.08 9.53
C ALA A 15 2.40 -14.36 8.05
N GLU A 16 1.26 -13.91 7.54
CA GLU A 16 0.93 -14.12 6.13
C GLU A 16 1.90 -13.35 5.23
N SER A 17 2.43 -14.04 4.22
CA SER A 17 3.37 -13.42 3.30
C SER A 17 2.73 -12.26 2.55
N GLN A 18 3.34 -11.09 2.66
CA GLN A 18 2.84 -9.89 2.00
C GLN A 18 3.75 -8.69 2.29
N GLN A 19 3.17 -7.49 2.33
CA GLN A 19 3.93 -6.28 2.60
C GLN A 19 3.03 -5.19 3.17
N GLN A 20 3.43 -4.60 4.28
CA GLN A 20 2.66 -3.54 4.91
C GLN A 20 2.68 -2.27 4.07
N ALA A 21 1.51 -1.80 3.69
CA ALA A 21 1.40 -0.59 2.88
C ALA A 21 1.42 0.67 3.75
N ALA A 22 2.28 1.62 3.39
CA ALA A 22 2.37 2.87 4.15
C ALA A 22 1.28 3.84 3.72
N GLU A 23 0.05 3.41 3.86
CA GLU A 23 -1.12 4.21 3.49
C GLU A 23 -1.41 5.31 4.50
N THR A 24 -0.59 6.34 4.46
CA THR A 24 -0.75 7.48 5.33
C THR A 24 -0.38 8.75 4.60
N GLU A 25 -1.12 9.82 4.86
CA GLU A 25 -0.87 11.10 4.21
C GLU A 25 0.55 11.54 4.48
N GLY A 26 1.02 11.26 5.69
CA GLY A 26 2.35 11.64 6.08
C GLY A 26 3.44 10.96 5.29
N SER A 27 3.23 9.70 4.91
CA SER A 27 4.24 8.97 4.16
C SER A 27 4.18 9.32 2.67
N CYS A 28 2.97 9.37 2.13
CA CYS A 28 2.76 9.66 0.72
C CYS A 28 3.35 11.00 0.29
N ASN A 29 3.04 12.05 1.03
CA ASN A 29 3.53 13.39 0.71
C ASN A 29 5.04 13.43 0.60
N LYS A 30 5.71 12.43 1.18
CA LYS A 30 7.16 12.37 1.16
C LYS A 30 7.67 11.58 -0.04
N LYS A 31 6.92 10.54 -0.42
CA LYS A 31 7.29 9.68 -1.53
C LYS A 31 7.20 10.41 -2.88
N ASP A 32 8.27 10.30 -3.66
CA ASP A 32 8.32 10.92 -4.97
C ASP A 32 7.42 10.17 -5.95
N GLN A 33 7.38 10.63 -7.20
CA GLN A 33 6.55 9.99 -8.22
C GLN A 33 6.74 8.47 -8.22
N ASN A 34 8.00 8.04 -8.25
CA ASN A 34 8.32 6.62 -8.25
C ASN A 34 7.93 5.97 -6.93
N GLU A 35 8.14 6.70 -5.83
CA GLU A 35 7.82 6.19 -4.51
C GLU A 35 6.34 6.33 -4.20
N CYS A 36 5.60 6.97 -5.11
CA CYS A 36 4.18 7.14 -4.92
C CYS A 36 3.50 5.78 -4.83
N LYS A 37 3.21 5.35 -3.61
CA LYS A 37 2.62 4.06 -3.35
C LYS A 37 1.15 4.00 -3.81
N SER A 38 0.63 2.78 -3.96
CA SER A 38 -0.73 2.57 -4.41
C SER A 38 -1.74 3.41 -3.60
N PRO A 39 -1.74 3.30 -2.25
CA PRO A 39 -2.65 4.08 -1.41
C PRO A 39 -2.56 5.57 -1.70
N CYS A 40 -1.36 6.00 -2.05
CA CYS A 40 -1.08 7.39 -2.35
C CYS A 40 -1.76 7.82 -3.64
N LYS A 41 -2.10 9.09 -3.71
CA LYS A 41 -2.73 9.66 -4.90
C LYS A 41 -1.78 10.59 -5.63
N TRP A 42 -1.47 10.23 -6.87
CA TRP A 42 -0.56 10.99 -7.71
C TRP A 42 -1.27 12.18 -8.38
N HIS A 43 -0.51 13.22 -8.64
CA HIS A 43 -1.04 14.41 -9.30
C HIS A 43 -0.04 14.98 -10.29
N ASN A 44 -0.34 14.83 -11.58
CA ASN A 44 0.53 15.32 -12.65
C ASN A 44 0.35 16.82 -12.84
N ASP A 45 1.46 17.52 -13.05
CA ASP A 45 1.43 18.97 -13.25
C ASP A 45 0.73 19.65 -12.08
N ALA A 46 0.99 19.14 -10.88
CA ALA A 46 0.40 19.70 -9.66
C ALA A 46 1.21 20.88 -9.16
N GLU A 47 1.64 21.72 -10.09
CA GLU A 47 2.44 22.90 -9.77
C GLU A 47 3.86 22.49 -9.39
N ASN A 48 4.02 21.25 -8.95
CA ASN A 48 5.32 20.72 -8.55
C ASN A 48 5.21 19.24 -8.20
N LYS A 49 4.25 18.56 -8.83
CA LYS A 49 4.03 17.14 -8.60
C LYS A 49 3.55 16.88 -7.17
N LYS A 50 2.51 16.05 -7.03
CA LYS A 50 1.97 15.74 -5.71
C LYS A 50 1.56 14.27 -5.58
N CYS A 51 1.84 13.70 -4.41
CA CYS A 51 1.51 12.30 -4.12
C CYS A 51 0.89 12.21 -2.73
N THR A 52 -0.32 12.77 -2.59
CA THR A 52 -1.02 12.76 -1.31
C THR A 52 -1.88 11.53 -1.11
N LEU A 53 -1.79 10.93 0.08
CA LEU A 53 -2.55 9.74 0.43
C LEU A 53 -4.04 10.01 0.30
N ASP A 54 -4.78 8.99 -0.15
CA ASP A 54 -6.21 9.10 -0.31
C ASP A 54 -6.92 8.05 0.54
N LYS A 55 -7.88 8.48 1.35
CA LYS A 55 -8.62 7.57 2.22
C LYS A 55 -9.48 6.60 1.41
N GLU A 56 -10.17 7.13 0.41
CA GLU A 56 -11.03 6.32 -0.44
C GLU A 56 -10.22 5.24 -1.14
N GLU A 57 -9.08 5.64 -1.70
CA GLU A 57 -8.20 4.70 -2.41
C GLU A 57 -7.63 3.68 -1.44
N ALA A 58 -7.16 4.17 -0.29
CA ALA A 58 -6.59 3.30 0.74
C ALA A 58 -7.58 2.20 1.11
N LYS A 59 -8.85 2.58 1.21
CA LYS A 59 -9.91 1.63 1.54
C LYS A 59 -9.99 0.53 0.49
N LYS A 60 -9.91 0.93 -0.78
CA LYS A 60 -9.97 0.01 -1.89
C LYS A 60 -8.74 -0.92 -1.89
N VAL A 61 -7.59 -0.37 -1.54
CA VAL A 61 -6.35 -1.13 -1.51
C VAL A 61 -6.37 -2.20 -0.42
N ALA A 62 -6.71 -1.79 0.80
CA ALA A 62 -6.77 -2.71 1.93
C ALA A 62 -7.84 -3.78 1.72
N ASP A 63 -9.01 -3.36 1.26
CA ASP A 63 -10.11 -4.29 1.01
C ASP A 63 -9.86 -5.12 -0.24
N GLU A 64 -9.04 -4.57 -1.10
CA GLU A 64 -8.68 -5.20 -2.35
C GLU A 64 -9.92 -5.47 -3.19
N THR A 65 -10.82 -4.49 -3.23
CA THR A 65 -12.05 -4.61 -3.98
C THR A 65 -12.71 -5.96 -3.69
N ALA A 66 -12.68 -6.35 -2.42
CA ALA A 66 -13.25 -7.62 -2.00
C ALA A 66 -13.84 -7.53 -0.60
N LYS A 67 -13.11 -6.90 0.32
CA LYS A 67 -13.58 -6.76 1.69
C LYS A 67 -14.78 -5.81 1.76
N ASP A 68 -14.69 -4.71 1.01
CA ASP A 68 -15.75 -3.71 0.97
C ASP A 68 -15.47 -2.68 -0.11
N GLY A 69 -16.50 -2.34 -0.89
CA GLY A 69 -16.35 -1.37 -1.95
C GLY A 69 -17.63 -1.14 -2.71
N LYS A 70 -17.54 -1.12 -4.03
CA LYS A 70 -18.71 -0.90 -4.88
C LYS A 70 -19.74 -2.02 -4.68
N THR A 71 -21.01 -1.62 -4.55
CA THR A 71 -22.10 -2.56 -4.35
C THR A 71 -21.88 -3.37 -3.07
N GLY A 72 -21.53 -2.68 -1.99
CA GLY A 72 -21.31 -3.33 -0.72
C GLY A 72 -20.24 -4.40 -0.79
N ASN A 73 -20.46 -5.50 -0.07
CA ASN A 73 -19.51 -6.60 -0.03
C ASN A 73 -19.40 -7.28 -1.40
N THR A 74 -18.17 -7.59 -1.79
CA THR A 74 -17.91 -8.24 -3.07
C THR A 74 -18.62 -7.52 -4.22
N ASN A 75 -19.15 -8.28 -5.18
CA ASN A 75 -19.85 -7.72 -6.32
C ASN A 75 -20.80 -8.75 -6.93
N THR A 76 -20.84 -8.83 -8.26
CA THR A 76 -21.71 -9.78 -8.94
C THR A 76 -21.38 -11.21 -8.53
N THR A 77 -22.41 -11.96 -8.14
CA THR A 77 -22.24 -13.34 -7.71
C THR A 77 -21.24 -13.43 -6.55
N GLY A 78 -21.43 -12.57 -5.57
CA GLY A 78 -20.53 -12.56 -4.42
C GLY A 78 -20.78 -13.72 -3.49
N SER A 79 -20.82 -13.45 -2.19
CA SER A 79 -21.06 -14.49 -1.21
C SER A 79 -22.45 -15.08 -1.36
N SER A 80 -22.50 -16.33 -1.81
CA SER A 80 -23.77 -17.03 -2.02
C SER A 80 -23.54 -18.50 -2.36
N GLY A 1 8.92 -15.67 29.04
CA GLY A 1 8.44 -14.35 28.52
C GLY A 1 8.67 -14.21 27.03
N SER A 2 7.63 -13.77 26.33
CA SER A 2 7.71 -13.58 24.88
C SER A 2 8.75 -12.51 24.52
N HIS A 3 9.59 -12.81 23.53
CA HIS A 3 10.62 -11.89 23.09
C HIS A 3 10.01 -10.62 22.50
N MET A 4 10.54 -9.46 22.89
CA MET A 4 10.05 -8.19 22.39
C MET A 4 10.32 -8.02 20.90
N LEU A 5 9.29 -7.62 20.16
CA LEU A 5 9.40 -7.42 18.72
C LEU A 5 9.96 -8.65 18.02
N GLU A 6 9.44 -9.82 18.39
CA GLU A 6 9.89 -11.08 17.80
C GLU A 6 9.55 -11.13 16.32
N VAL A 7 10.51 -11.55 15.51
CA VAL A 7 10.32 -11.65 14.07
C VAL A 7 9.27 -12.71 13.73
N LEU A 8 8.36 -12.36 12.82
CA LEU A 8 7.31 -13.28 12.41
C LEU A 8 7.87 -14.43 11.57
N THR A 9 8.65 -14.08 10.55
CA THR A 9 9.25 -15.07 9.67
C THR A 9 10.42 -15.77 10.35
N GLN A 10 11.49 -16.03 9.58
CA GLN A 10 12.68 -16.70 10.11
C GLN A 10 12.39 -18.15 10.49
N LYS A 11 11.13 -18.56 10.34
CA LYS A 11 10.73 -19.92 10.67
C LYS A 11 9.45 -20.31 9.93
N HIS A 12 9.46 -21.51 9.35
CA HIS A 12 8.30 -22.03 8.60
C HIS A 12 8.13 -21.31 7.25
N LYS A 13 8.46 -20.02 7.22
CA LYS A 13 8.34 -19.23 6.00
C LYS A 13 6.89 -19.18 5.51
N PRO A 14 5.98 -18.63 6.33
CA PRO A 14 4.57 -18.51 5.99
C PRO A 14 4.29 -17.30 5.12
N ALA A 15 5.03 -17.18 4.02
CA ALA A 15 4.88 -16.05 3.09
C ALA A 15 5.36 -14.76 3.73
N GLU A 16 6.14 -13.99 2.98
CA GLU A 16 6.68 -12.73 3.46
C GLU A 16 5.58 -11.85 4.05
N SER A 17 5.85 -11.30 5.23
CA SER A 17 4.91 -10.43 5.92
C SER A 17 5.55 -9.80 7.14
N GLN A 18 5.26 -8.51 7.35
CA GLN A 18 5.81 -7.78 8.50
C GLN A 18 5.11 -6.43 8.66
N GLN A 19 4.94 -5.73 7.55
CA GLN A 19 4.28 -4.42 7.57
C GLN A 19 3.49 -4.19 6.28
N GLN A 20 2.23 -3.82 6.42
CA GLN A 20 1.35 -3.56 5.28
C GLN A 20 1.79 -2.33 4.50
N ALA A 21 1.04 -2.01 3.46
CA ALA A 21 1.33 -0.85 2.62
C ALA A 21 1.26 0.44 3.43
N ALA A 22 2.16 1.37 3.12
CA ALA A 22 2.21 2.65 3.82
C ALA A 22 1.13 3.61 3.30
N GLU A 23 -0.11 3.16 3.38
CA GLU A 23 -1.25 3.95 2.92
C GLU A 23 -1.64 5.01 3.94
N THR A 24 -0.84 6.05 4.00
CA THR A 24 -1.09 7.15 4.92
C THR A 24 -0.73 8.48 4.27
N GLU A 25 -1.51 9.50 4.57
CA GLU A 25 -1.30 10.83 4.02
C GLU A 25 0.12 11.29 4.30
N GLY A 26 0.59 10.97 5.50
CA GLY A 26 1.93 11.36 5.90
C GLY A 26 3.03 10.72 5.07
N SER A 27 2.83 9.45 4.70
CA SER A 27 3.83 8.74 3.91
C SER A 27 3.84 9.23 2.46
N CYS A 28 2.66 9.31 1.88
CA CYS A 28 2.50 9.74 0.49
C CYS A 28 3.16 11.10 0.23
N ASN A 29 2.88 12.07 1.09
CA ASN A 29 3.44 13.42 0.93
C ASN A 29 4.95 13.35 0.81
N LYS A 30 5.56 12.41 1.53
CA LYS A 30 7.00 12.24 1.53
C LYS A 30 7.47 11.57 0.23
N LYS A 31 6.63 10.71 -0.33
CA LYS A 31 6.97 10.00 -1.55
C LYS A 31 7.24 10.94 -2.70
N ASP A 32 7.56 10.35 -3.84
CA ASP A 32 7.83 11.09 -5.07
C ASP A 32 7.13 10.43 -6.24
N GLN A 33 7.55 10.76 -7.46
CA GLN A 33 6.93 10.17 -8.64
C GLN A 33 7.18 8.66 -8.68
N ASN A 34 8.44 8.28 -8.72
CA ASN A 34 8.82 6.87 -8.75
C ASN A 34 8.68 6.24 -7.36
N GLU A 35 7.93 6.91 -6.50
CA GLU A 35 7.72 6.43 -5.14
C GLU A 35 6.25 6.56 -4.74
N CYS A 36 5.49 7.31 -5.55
CA CYS A 36 4.08 7.48 -5.26
C CYS A 36 3.40 6.11 -5.26
N LYS A 37 3.14 5.59 -4.07
CA LYS A 37 2.55 4.27 -3.90
C LYS A 37 1.08 4.21 -4.34
N SER A 38 0.61 2.98 -4.56
CA SER A 38 -0.76 2.74 -5.01
C SER A 38 -1.78 3.51 -4.18
N PRO A 39 -1.77 3.38 -2.83
CA PRO A 39 -2.70 4.10 -1.96
C PRO A 39 -2.68 5.60 -2.24
N CYS A 40 -1.48 6.08 -2.55
CA CYS A 40 -1.27 7.48 -2.84
C CYS A 40 -1.85 7.88 -4.19
N LYS A 41 -2.21 9.15 -4.32
CA LYS A 41 -2.76 9.67 -5.57
C LYS A 41 -1.78 10.64 -6.20
N TRP A 42 -1.32 10.31 -7.40
CA TRP A 42 -0.39 11.13 -8.14
C TRP A 42 -1.10 12.26 -8.86
N HIS A 43 -0.41 13.40 -8.99
CA HIS A 43 -0.98 14.56 -9.66
C HIS A 43 0.08 15.25 -10.51
N ASN A 44 -0.15 15.29 -11.82
CA ASN A 44 0.77 15.92 -12.77
C ASN A 44 0.49 17.42 -12.89
N ASP A 45 1.43 18.14 -13.50
CA ASP A 45 1.31 19.57 -13.68
C ASP A 45 1.13 20.27 -12.34
N ALA A 46 1.81 19.73 -11.33
CA ALA A 46 1.75 20.28 -9.97
C ALA A 46 2.89 21.27 -9.74
N GLU A 47 2.67 22.22 -8.85
CA GLU A 47 3.67 23.23 -8.53
C GLU A 47 5.00 22.56 -8.19
N ASN A 48 4.92 21.32 -7.71
CA ASN A 48 6.11 20.56 -7.35
C ASN A 48 5.78 19.08 -7.17
N LYS A 49 4.95 18.56 -8.08
CA LYS A 49 4.55 17.16 -8.05
C LYS A 49 3.69 16.87 -6.81
N LYS A 50 2.56 16.21 -7.01
CA LYS A 50 1.66 15.89 -5.89
C LYS A 50 1.41 14.39 -5.78
N CYS A 51 1.40 13.90 -4.55
CA CYS A 51 1.16 12.48 -4.26
C CYS A 51 0.45 12.36 -2.92
N THR A 52 -0.81 12.78 -2.89
CA THR A 52 -1.60 12.74 -1.65
C THR A 52 -2.33 11.42 -1.47
N LEU A 53 -2.27 10.88 -0.25
CA LEU A 53 -2.94 9.63 0.07
C LEU A 53 -4.44 9.76 -0.10
N ASP A 54 -5.05 8.70 -0.60
CA ASP A 54 -6.49 8.68 -0.83
C ASP A 54 -7.19 7.77 0.18
N LYS A 55 -8.26 8.29 0.79
CA LYS A 55 -9.02 7.52 1.76
C LYS A 55 -9.74 6.35 1.11
N GLU A 56 -10.33 6.61 -0.05
CA GLU A 56 -11.06 5.58 -0.79
C GLU A 56 -10.11 4.48 -1.29
N GLU A 57 -8.94 4.88 -1.76
CA GLU A 57 -7.96 3.94 -2.27
C GLU A 57 -7.35 3.12 -1.14
N ALA A 58 -6.96 3.80 -0.06
CA ALA A 58 -6.36 3.14 1.09
C ALA A 58 -7.32 2.16 1.74
N LYS A 59 -8.58 2.58 1.90
CA LYS A 59 -9.59 1.73 2.51
C LYS A 59 -9.82 0.47 1.69
N LYS A 60 -9.78 0.62 0.36
CA LYS A 60 -9.99 -0.48 -0.54
C LYS A 60 -8.83 -1.47 -0.44
N VAL A 61 -7.61 -0.96 -0.46
CA VAL A 61 -6.42 -1.79 -0.36
C VAL A 61 -6.37 -2.51 0.99
N ALA A 62 -6.75 -1.79 2.03
CA ALA A 62 -6.76 -2.36 3.38
C ALA A 62 -7.84 -3.42 3.51
N ASP A 63 -8.94 -3.24 2.78
CA ASP A 63 -10.05 -4.19 2.81
C ASP A 63 -9.75 -5.42 1.96
N GLU A 64 -8.48 -5.84 1.98
CA GLU A 64 -8.05 -7.01 1.21
C GLU A 64 -6.63 -7.40 1.58
N THR A 65 -6.33 -7.34 2.87
CA THR A 65 -5.01 -7.69 3.37
C THR A 65 -4.98 -7.67 4.90
N ALA A 66 -6.04 -8.20 5.51
CA ALA A 66 -6.14 -8.25 6.96
C ALA A 66 -7.36 -9.06 7.39
N LYS A 67 -8.49 -8.82 6.73
CA LYS A 67 -9.73 -9.52 7.03
C LYS A 67 -9.57 -11.02 6.83
N ASP A 68 -8.99 -11.40 5.69
CA ASP A 68 -8.78 -12.80 5.37
C ASP A 68 -7.77 -13.43 6.31
N GLY A 69 -8.11 -14.61 6.84
CA GLY A 69 -7.22 -15.30 7.76
C GLY A 69 -7.83 -16.56 8.32
N LYS A 70 -7.54 -16.84 9.59
CA LYS A 70 -8.07 -18.03 10.26
C LYS A 70 -9.55 -17.85 10.60
N THR A 71 -9.85 -16.73 11.27
CA THR A 71 -11.21 -16.42 11.68
C THR A 71 -12.06 -16.02 10.48
N GLY A 72 -12.90 -14.99 10.66
CA GLY A 72 -13.75 -14.53 9.57
C GLY A 72 -14.60 -13.34 9.98
N ASN A 73 -13.99 -12.40 10.69
CA ASN A 73 -14.70 -11.21 11.14
C ASN A 73 -13.71 -10.20 11.76
N THR A 74 -13.92 -8.92 11.46
CA THR A 74 -13.04 -7.87 11.98
C THR A 74 -13.11 -7.79 13.51
N ASN A 75 -14.32 -7.67 14.03
CA ASN A 75 -14.52 -7.60 15.48
C ASN A 75 -16.02 -7.50 15.82
N THR A 76 -16.34 -6.78 16.89
CA THR A 76 -17.72 -6.62 17.31
C THR A 76 -18.53 -5.85 16.26
N THR A 77 -19.68 -6.39 15.91
CA THR A 77 -20.56 -5.76 14.92
C THR A 77 -19.81 -5.56 13.60
N GLY A 78 -19.20 -6.64 13.10
CA GLY A 78 -18.46 -6.57 11.86
C GLY A 78 -19.36 -6.35 10.65
N SER A 79 -19.08 -7.07 9.57
CA SER A 79 -19.85 -6.96 8.34
C SER A 79 -21.17 -7.71 8.46
N SER A 80 -22.03 -7.26 9.36
CA SER A 80 -23.33 -7.89 9.56
C SER A 80 -24.19 -7.81 8.30
N GLY A 1 3.76 -34.64 -5.10
CA GLY A 1 3.18 -33.39 -4.52
C GLY A 1 4.18 -32.62 -3.69
N SER A 2 4.22 -31.31 -3.88
CA SER A 2 5.15 -30.45 -3.14
C SER A 2 4.85 -28.98 -3.40
N HIS A 3 4.81 -28.19 -2.33
CA HIS A 3 4.53 -26.76 -2.45
C HIS A 3 5.66 -26.05 -3.19
N MET A 4 5.30 -25.36 -4.28
CA MET A 4 6.29 -24.64 -5.07
C MET A 4 6.78 -23.40 -4.32
N LEU A 5 8.10 -23.17 -4.36
CA LEU A 5 8.69 -22.02 -3.68
C LEU A 5 10.08 -21.73 -4.20
N GLU A 6 10.38 -20.45 -4.38
CA GLU A 6 11.68 -20.02 -4.87
C GLU A 6 11.84 -18.50 -4.76
N VAL A 7 12.93 -18.07 -4.14
CA VAL A 7 13.19 -16.65 -3.96
C VAL A 7 13.40 -15.95 -5.31
N LEU A 8 12.76 -14.80 -5.47
CA LEU A 8 12.88 -14.03 -6.71
C LEU A 8 14.29 -13.41 -6.83
N THR A 9 14.35 -12.11 -7.13
CA THR A 9 15.62 -11.42 -7.28
C THR A 9 16.54 -12.14 -8.24
N GLN A 10 15.94 -12.72 -9.28
CA GLN A 10 16.70 -13.45 -10.30
C GLN A 10 17.55 -12.50 -11.11
N LYS A 11 17.08 -11.26 -11.27
CA LYS A 11 17.80 -10.25 -12.03
C LYS A 11 17.97 -8.95 -11.24
N HIS A 12 18.93 -8.95 -10.33
CA HIS A 12 19.23 -7.77 -9.50
C HIS A 12 17.95 -7.02 -9.13
N LYS A 13 16.94 -7.76 -8.66
CA LYS A 13 15.67 -7.15 -8.29
C LYS A 13 15.83 -6.31 -7.01
N PRO A 14 15.38 -5.04 -7.06
CA PRO A 14 15.48 -4.14 -5.91
C PRO A 14 14.29 -4.26 -4.95
N ALA A 15 13.89 -5.49 -4.66
CA ALA A 15 12.77 -5.74 -3.75
C ALA A 15 12.62 -7.22 -3.44
N GLU A 16 12.50 -7.53 -2.15
CA GLU A 16 12.34 -8.91 -1.70
C GLU A 16 10.88 -9.34 -1.76
N SER A 17 10.20 -8.95 -2.83
CA SER A 17 8.79 -9.30 -3.01
C SER A 17 7.94 -8.78 -1.86
N GLN A 18 8.21 -7.54 -1.43
CA GLN A 18 7.47 -6.94 -0.33
C GLN A 18 6.08 -6.49 -0.81
N GLN A 19 5.05 -6.92 -0.08
CA GLN A 19 3.68 -6.56 -0.41
C GLN A 19 3.38 -5.12 -0.01
N GLN A 20 2.70 -4.40 -0.90
CA GLN A 20 2.35 -3.00 -0.64
C GLN A 20 1.39 -2.88 0.53
N ALA A 21 1.58 -1.84 1.33
CA ALA A 21 0.73 -1.61 2.49
C ALA A 21 0.15 -0.21 2.46
N ALA A 22 -1.12 -0.08 2.84
CA ALA A 22 -1.79 1.21 2.86
C ALA A 22 -1.01 2.21 3.69
N GLU A 23 -0.27 3.08 3.00
CA GLU A 23 0.53 4.10 3.65
C GLU A 23 -0.35 5.14 4.32
N THR A 24 0.13 6.37 4.39
CA THR A 24 -0.60 7.45 5.01
C THR A 24 -0.32 8.76 4.30
N GLU A 25 -1.28 9.67 4.34
CA GLU A 25 -1.15 10.96 3.67
C GLU A 25 0.21 11.59 3.97
N GLY A 26 0.65 11.42 5.21
CA GLY A 26 1.93 11.97 5.62
C GLY A 26 3.12 11.31 4.94
N SER A 27 3.08 9.99 4.82
CA SER A 27 4.18 9.26 4.18
C SER A 27 4.24 9.55 2.69
N CYS A 28 3.09 9.45 2.02
CA CYS A 28 3.00 9.67 0.58
C CYS A 28 3.59 11.02 0.18
N ASN A 29 3.20 12.09 0.89
CA ASN A 29 3.70 13.42 0.59
C ASN A 29 5.22 13.45 0.56
N LYS A 30 5.83 12.67 1.43
CA LYS A 30 7.28 12.60 1.54
C LYS A 30 7.88 11.79 0.39
N LYS A 31 7.16 10.77 -0.06
CA LYS A 31 7.65 9.91 -1.13
C LYS A 31 7.86 10.67 -2.42
N ASP A 32 8.85 10.20 -3.14
CA ASP A 32 9.21 10.79 -4.43
C ASP A 32 8.24 10.32 -5.51
N GLN A 33 8.37 10.88 -6.71
CA GLN A 33 7.48 10.51 -7.82
C GLN A 33 7.42 9.00 -7.98
N ASN A 34 8.58 8.37 -8.14
CA ASN A 34 8.65 6.93 -8.30
C ASN A 34 8.25 6.24 -6.99
N GLU A 35 8.50 6.92 -5.88
CA GLU A 35 8.19 6.39 -4.56
C GLU A 35 6.70 6.50 -4.26
N CYS A 36 6.00 7.36 -5.00
CA CYS A 36 4.58 7.52 -4.78
C CYS A 36 3.89 6.17 -4.88
N LYS A 37 3.58 5.60 -3.72
CA LYS A 37 2.97 4.26 -3.65
C LYS A 37 1.53 4.23 -4.15
N SER A 38 1.03 3.02 -4.40
CA SER A 38 -0.33 2.82 -4.90
C SER A 38 -1.38 3.53 -4.05
N PRO A 39 -1.47 3.23 -2.73
CA PRO A 39 -2.44 3.88 -1.86
C PRO A 39 -2.40 5.40 -2.03
N CYS A 40 -1.23 5.89 -2.39
CA CYS A 40 -1.04 7.31 -2.62
C CYS A 40 -1.62 7.72 -3.96
N LYS A 41 -2.16 8.92 -4.01
CA LYS A 41 -2.74 9.44 -5.25
C LYS A 41 -1.80 10.44 -5.91
N TRP A 42 -1.33 10.09 -7.09
CA TRP A 42 -0.41 10.95 -7.83
C TRP A 42 -1.15 12.10 -8.49
N HIS A 43 -0.52 13.27 -8.49
CA HIS A 43 -1.11 14.46 -9.10
C HIS A 43 -0.14 15.08 -10.09
N ASN A 44 -0.51 15.05 -11.38
CA ASN A 44 0.32 15.63 -12.41
C ASN A 44 -0.26 16.97 -12.88
N ASP A 45 0.10 18.03 -12.16
CA ASP A 45 -0.37 19.39 -12.48
C ASP A 45 -0.17 20.30 -11.27
N ALA A 46 0.44 19.78 -10.22
CA ALA A 46 0.68 20.54 -9.00
C ALA A 46 1.82 21.55 -9.16
N GLU A 47 2.06 21.95 -10.40
CA GLU A 47 3.11 22.91 -10.71
C GLU A 47 4.47 22.42 -10.21
N ASN A 48 4.53 21.14 -9.85
CA ASN A 48 5.76 20.51 -9.36
C ASN A 48 5.50 19.07 -8.94
N LYS A 49 4.34 18.55 -9.35
CA LYS A 49 3.95 17.17 -9.02
C LYS A 49 3.77 17.00 -7.51
N LYS A 50 2.73 16.28 -7.12
CA LYS A 50 2.45 16.05 -5.70
C LYS A 50 1.80 14.68 -5.46
N CYS A 51 2.31 13.98 -4.45
CA CYS A 51 1.79 12.67 -4.09
C CYS A 51 1.07 12.75 -2.74
N THR A 52 -0.18 12.31 -2.69
CA THR A 52 -0.95 12.36 -1.44
C THR A 52 -1.87 11.16 -1.29
N LEU A 53 -1.78 10.52 -0.12
CA LEU A 53 -2.60 9.35 0.20
C LEU A 53 -4.08 9.67 0.13
N ASP A 54 -4.85 8.71 -0.35
CA ASP A 54 -6.29 8.86 -0.46
C ASP A 54 -7.01 7.87 0.45
N LYS A 55 -7.99 8.35 1.21
CA LYS A 55 -8.73 7.50 2.13
C LYS A 55 -9.62 6.50 1.39
N GLU A 56 -10.40 6.99 0.43
CA GLU A 56 -11.31 6.15 -0.33
C GLU A 56 -10.59 4.95 -0.96
N GLU A 57 -9.47 5.22 -1.62
CA GLU A 57 -8.70 4.17 -2.25
C GLU A 57 -7.99 3.30 -1.22
N ALA A 58 -7.37 3.94 -0.22
CA ALA A 58 -6.67 3.21 0.82
C ALA A 58 -7.58 2.16 1.44
N LYS A 59 -8.85 2.52 1.63
CA LYS A 59 -9.82 1.61 2.21
C LYS A 59 -10.08 0.42 1.29
N LYS A 60 -10.31 0.71 0.01
CA LYS A 60 -10.58 -0.34 -0.97
C LYS A 60 -9.38 -1.25 -1.16
N VAL A 61 -8.18 -0.66 -1.17
CA VAL A 61 -6.95 -1.42 -1.34
C VAL A 61 -6.73 -2.39 -0.19
N ALA A 62 -6.83 -1.90 1.04
CA ALA A 62 -6.64 -2.73 2.21
C ALA A 62 -7.73 -3.79 2.32
N ASP A 63 -8.96 -3.39 2.07
CA ASP A 63 -10.10 -4.30 2.14
C ASP A 63 -10.28 -5.06 0.82
N GLU A 64 -9.18 -5.36 0.16
CA GLU A 64 -9.22 -6.08 -1.10
C GLU A 64 -9.45 -7.57 -0.86
N THR A 65 -8.60 -8.16 -0.02
CA THR A 65 -8.71 -9.57 0.31
C THR A 65 -9.73 -9.79 1.42
N ALA A 66 -10.85 -9.07 1.35
CA ALA A 66 -11.90 -9.20 2.35
C ALA A 66 -13.23 -8.68 1.83
N LYS A 67 -13.20 -7.56 1.11
CA LYS A 67 -14.42 -6.97 0.57
C LYS A 67 -14.10 -5.93 -0.50
N ASP A 68 -13.27 -6.30 -1.47
CA ASP A 68 -12.89 -5.40 -2.55
C ASP A 68 -14.13 -4.95 -3.33
N GLY A 69 -14.22 -3.64 -3.57
CA GLY A 69 -15.35 -3.10 -4.30
C GLY A 69 -15.27 -1.60 -4.46
N LYS A 70 -15.62 -1.10 -5.64
CA LYS A 70 -15.59 0.34 -5.91
C LYS A 70 -16.77 1.06 -5.26
N THR A 71 -17.16 0.60 -4.07
CA THR A 71 -18.27 1.20 -3.34
C THR A 71 -18.46 0.51 -1.99
N GLY A 72 -18.60 1.32 -0.94
CA GLY A 72 -18.79 0.77 0.40
C GLY A 72 -20.14 0.13 0.58
N ASN A 73 -21.20 0.85 0.21
CA ASN A 73 -22.56 0.36 0.34
C ASN A 73 -23.55 1.29 -0.34
N THR A 74 -24.56 0.71 -0.98
CA THR A 74 -25.57 1.50 -1.69
C THR A 74 -26.32 2.42 -0.73
N ASN A 75 -26.45 3.69 -1.12
CA ASN A 75 -27.13 4.67 -0.29
C ASN A 75 -28.65 4.49 -0.38
N THR A 76 -29.16 4.51 -1.61
CA THR A 76 -30.59 4.35 -1.84
C THR A 76 -30.86 3.84 -3.25
N THR A 77 -31.42 2.64 -3.34
CA THR A 77 -31.73 2.02 -4.63
C THR A 77 -30.57 2.14 -5.61
N GLY A 78 -29.35 2.06 -5.10
CA GLY A 78 -28.18 2.17 -5.95
C GLY A 78 -28.13 3.48 -6.70
N SER A 79 -28.41 4.58 -6.00
CA SER A 79 -28.41 5.90 -6.59
C SER A 79 -26.97 6.41 -6.81
N SER A 80 -26.26 5.74 -7.71
CA SER A 80 -24.87 6.11 -8.03
C SER A 80 -24.79 7.58 -8.46
N GLY A 1 8.16 1.64 23.98
CA GLY A 1 7.22 2.11 22.91
C GLY A 1 7.78 1.89 21.52
N SER A 2 9.05 2.23 21.33
CA SER A 2 9.70 2.08 20.03
C SER A 2 9.78 0.60 19.65
N HIS A 3 10.15 -0.24 20.61
CA HIS A 3 10.27 -1.67 20.38
C HIS A 3 8.91 -2.27 20.02
N MET A 4 8.91 -3.14 19.01
CA MET A 4 7.67 -3.79 18.56
C MET A 4 7.01 -4.55 19.71
N LEU A 5 5.72 -4.33 19.89
CA LEU A 5 4.96 -5.01 20.93
C LEU A 5 4.54 -6.40 20.49
N GLU A 6 5.49 -7.14 19.90
CA GLU A 6 5.23 -8.50 19.42
C GLU A 6 4.25 -8.48 18.24
N VAL A 7 4.55 -9.25 17.21
CA VAL A 7 3.71 -9.32 16.03
C VAL A 7 2.29 -9.75 16.39
N LEU A 8 1.30 -9.00 15.90
CA LEU A 8 -0.10 -9.29 16.16
C LEU A 8 -0.57 -10.49 15.32
N THR A 9 -1.62 -10.28 14.51
CA THR A 9 -2.15 -11.34 13.66
C THR A 9 -2.70 -12.49 14.52
N GLN A 10 -2.43 -13.73 14.12
CA GLN A 10 -2.91 -14.91 14.85
C GLN A 10 -4.42 -15.08 14.74
N LYS A 11 -5.13 -13.97 14.51
CA LYS A 11 -6.58 -14.00 14.37
C LYS A 11 -7.08 -12.79 13.60
N HIS A 12 -7.00 -12.86 12.27
CA HIS A 12 -7.45 -11.76 11.42
C HIS A 12 -6.78 -10.45 11.84
N LYS A 13 -7.58 -9.38 11.97
CA LYS A 13 -7.07 -8.08 12.38
C LYS A 13 -6.13 -7.49 11.32
N PRO A 14 -6.15 -6.15 11.14
CA PRO A 14 -5.31 -5.47 10.17
C PRO A 14 -3.86 -5.34 10.63
N ALA A 15 -3.28 -6.46 11.07
CA ALA A 15 -1.90 -6.47 11.53
C ALA A 15 -0.94 -5.98 10.44
N GLU A 16 0.11 -5.28 10.86
CA GLU A 16 1.10 -4.74 9.92
C GLU A 16 1.68 -5.84 9.04
N SER A 17 1.81 -7.03 9.61
CA SER A 17 2.35 -8.19 8.88
C SER A 17 3.78 -7.90 8.41
N GLN A 18 4.09 -8.22 7.16
CA GLN A 18 5.43 -8.00 6.63
C GLN A 18 5.79 -6.52 6.66
N GLN A 19 4.94 -5.69 6.06
CA GLN A 19 5.18 -4.25 6.02
C GLN A 19 3.86 -3.50 5.82
N GLN A 20 3.48 -2.70 6.81
CA GLN A 20 2.24 -1.94 6.75
C GLN A 20 2.33 -0.84 5.69
N ALA A 21 1.31 -0.76 4.85
CA ALA A 21 1.27 0.25 3.79
C ALA A 21 1.21 1.66 4.38
N ALA A 22 2.03 2.55 3.84
CA ALA A 22 2.08 3.94 4.31
C ALA A 22 0.95 4.75 3.70
N GLU A 23 -0.27 4.29 3.91
CA GLU A 23 -1.45 4.94 3.37
C GLU A 23 -1.81 6.19 4.15
N THR A 24 -1.01 7.21 3.96
CA THR A 24 -1.23 8.50 4.59
C THR A 24 -0.71 9.61 3.70
N GLU A 25 -1.43 10.72 3.68
CA GLU A 25 -1.04 11.86 2.86
C GLU A 25 0.38 12.29 3.19
N GLY A 26 0.71 12.21 4.47
CA GLY A 26 2.02 12.60 4.92
C GLY A 26 3.13 11.69 4.42
N SER A 27 2.85 10.39 4.31
CA SER A 27 3.84 9.45 3.84
C SER A 27 4.10 9.57 2.35
N CYS A 28 3.03 9.62 1.57
CA CYS A 28 3.15 9.72 0.13
C CYS A 28 3.90 10.97 -0.31
N ASN A 29 3.60 12.10 0.32
CA ASN A 29 4.26 13.36 -0.03
C ASN A 29 5.77 13.18 0.00
N LYS A 30 6.22 12.20 0.77
CA LYS A 30 7.63 11.91 0.90
C LYS A 30 8.07 10.91 -0.16
N LYS A 31 7.16 10.02 -0.54
CA LYS A 31 7.46 9.00 -1.54
C LYS A 31 7.54 9.60 -2.93
N ASP A 32 8.63 9.29 -3.63
CA ASP A 32 8.82 9.77 -5.00
C ASP A 32 7.76 9.16 -5.91
N GLN A 33 7.76 9.56 -7.17
CA GLN A 33 6.79 9.03 -8.13
C GLN A 33 6.72 7.51 -8.05
N ASN A 34 7.87 6.85 -8.15
CA ASN A 34 7.94 5.40 -8.08
C ASN A 34 7.60 4.91 -6.67
N GLU A 35 7.98 5.69 -5.66
CA GLU A 35 7.72 5.33 -4.27
C GLU A 35 6.24 5.53 -3.94
N CYS A 36 5.53 6.26 -4.79
CA CYS A 36 4.12 6.50 -4.55
C CYS A 36 3.40 5.16 -4.45
N LYS A 37 3.03 4.80 -3.23
CA LYS A 37 2.36 3.54 -2.97
C LYS A 37 0.93 3.51 -3.49
N SER A 38 0.37 2.31 -3.58
CA SER A 38 -0.98 2.09 -4.09
C SER A 38 -2.03 3.01 -3.46
N PRO A 39 -2.09 3.11 -2.12
CA PRO A 39 -3.07 3.96 -1.45
C PRO A 39 -3.07 5.39 -1.98
N CYS A 40 -1.90 5.86 -2.36
CA CYS A 40 -1.73 7.21 -2.87
C CYS A 40 -2.19 7.33 -4.32
N LYS A 41 -1.99 8.51 -4.90
CA LYS A 41 -2.36 8.80 -6.28
C LYS A 41 -1.54 9.96 -6.81
N TRP A 42 -0.98 9.81 -8.02
CA TRP A 42 -0.16 10.84 -8.62
C TRP A 42 -0.96 12.10 -8.92
N HIS A 43 -0.52 13.24 -8.36
CA HIS A 43 -1.18 14.50 -8.60
C HIS A 43 -0.38 15.35 -9.57
N ASN A 44 -0.84 15.39 -10.82
CA ASN A 44 -0.18 16.15 -11.86
C ASN A 44 -0.42 17.65 -11.69
N ASP A 45 0.61 18.44 -11.94
CA ASP A 45 0.51 19.89 -11.80
C ASP A 45 0.10 20.27 -10.39
N ALA A 46 0.61 19.52 -9.41
CA ALA A 46 0.30 19.79 -8.00
C ALA A 46 0.90 21.14 -7.59
N GLU A 47 1.09 21.34 -6.29
CA GLU A 47 1.68 22.59 -5.81
C GLU A 47 3.05 22.77 -6.45
N ASN A 48 3.62 21.65 -6.86
CA ASN A 48 4.92 21.60 -7.51
C ASN A 48 5.17 20.17 -7.97
N LYS A 49 4.09 19.53 -8.42
CA LYS A 49 4.13 18.15 -8.87
C LYS A 49 4.38 17.24 -7.67
N LYS A 50 3.39 16.40 -7.31
CA LYS A 50 3.57 15.52 -6.17
C LYS A 50 2.43 14.51 -6.03
N CYS A 51 2.76 13.34 -5.48
CA CYS A 51 1.78 12.29 -5.28
C CYS A 51 1.00 12.53 -3.99
N THR A 52 -0.32 12.52 -4.07
CA THR A 52 -1.17 12.75 -2.89
C THR A 52 -2.01 11.53 -2.55
N LEU A 53 -1.99 11.17 -1.27
CA LEU A 53 -2.72 10.02 -0.76
C LEU A 53 -4.24 10.22 -0.91
N ASP A 54 -4.94 9.13 -1.17
CA ASP A 54 -6.39 9.17 -1.33
C ASP A 54 -7.06 8.22 -0.35
N LYS A 55 -8.07 8.71 0.35
CA LYS A 55 -8.78 7.90 1.33
C LYS A 55 -9.49 6.72 0.68
N GLU A 56 -10.24 6.99 -0.40
CA GLU A 56 -10.97 5.95 -1.10
C GLU A 56 -10.04 4.83 -1.54
N GLU A 57 -8.87 5.19 -2.03
CA GLU A 57 -7.89 4.21 -2.47
C GLU A 57 -7.37 3.43 -1.27
N ALA A 58 -7.01 4.16 -0.22
CA ALA A 58 -6.52 3.54 1.00
C ALA A 58 -7.49 2.46 1.48
N LYS A 59 -8.78 2.69 1.29
CA LYS A 59 -9.80 1.74 1.70
C LYS A 59 -9.68 0.44 0.89
N LYS A 60 -9.56 0.59 -0.42
CA LYS A 60 -9.44 -0.54 -1.32
C LYS A 60 -8.18 -1.35 -1.03
N VAL A 61 -7.07 -0.64 -0.87
CA VAL A 61 -5.79 -1.28 -0.60
C VAL A 61 -5.84 -2.13 0.67
N ALA A 62 -6.35 -1.54 1.75
CA ALA A 62 -6.47 -2.26 3.01
C ALA A 62 -7.45 -3.41 2.91
N ASP A 63 -8.55 -3.18 2.21
CA ASP A 63 -9.58 -4.21 2.04
C ASP A 63 -9.19 -5.20 0.93
N GLU A 64 -7.90 -5.44 0.79
CA GLU A 64 -7.40 -6.37 -0.20
C GLU A 64 -7.61 -7.80 0.24
N THR A 65 -7.14 -8.11 1.45
CA THR A 65 -7.28 -9.44 2.02
C THR A 65 -8.68 -9.61 2.63
N ALA A 66 -9.67 -9.07 1.94
CA ALA A 66 -11.06 -9.16 2.40
C ALA A 66 -12.03 -8.98 1.25
N LYS A 67 -11.68 -8.11 0.29
CA LYS A 67 -12.52 -7.85 -0.85
C LYS A 67 -12.89 -9.15 -1.58
N ASP A 68 -11.87 -9.97 -1.83
CA ASP A 68 -12.07 -11.24 -2.51
C ASP A 68 -12.87 -12.21 -1.63
N GLY A 69 -13.97 -12.72 -2.17
CA GLY A 69 -14.79 -13.65 -1.41
C GLY A 69 -14.29 -15.08 -1.51
N LYS A 70 -15.23 -16.03 -1.55
CA LYS A 70 -14.88 -17.44 -1.64
C LYS A 70 -13.86 -17.84 -0.59
N THR A 71 -13.98 -17.26 0.61
CA THR A 71 -13.07 -17.57 1.70
C THR A 71 -13.32 -18.97 2.25
N GLY A 72 -12.25 -19.77 2.31
CA GLY A 72 -12.37 -21.12 2.81
C GLY A 72 -11.16 -21.97 2.51
N ASN A 73 -11.40 -23.23 2.17
CA ASN A 73 -10.33 -24.17 1.85
C ASN A 73 -9.62 -23.78 0.56
N THR A 74 -8.30 -23.86 0.57
CA THR A 74 -7.50 -23.52 -0.61
C THR A 74 -7.82 -24.44 -1.77
N ASN A 75 -8.07 -23.87 -2.94
CA ASN A 75 -8.39 -24.64 -4.13
C ASN A 75 -7.14 -25.33 -4.68
N THR A 76 -7.04 -25.39 -6.01
CA THR A 76 -5.89 -26.02 -6.64
C THR A 76 -4.62 -25.22 -6.38
N THR A 77 -3.64 -25.86 -5.74
CA THR A 77 -2.38 -25.21 -5.43
C THR A 77 -2.61 -23.88 -4.71
N GLY A 78 -3.62 -23.86 -3.84
CA GLY A 78 -3.94 -22.65 -3.10
C GLY A 78 -4.33 -21.50 -4.00
N SER A 79 -5.13 -21.79 -5.02
CA SER A 79 -5.58 -20.76 -5.95
C SER A 79 -6.74 -19.96 -5.37
N SER A 80 -6.47 -19.24 -4.28
CA SER A 80 -7.49 -18.43 -3.62
C SER A 80 -6.88 -17.57 -2.53
N GLY A 1 23.27 -12.03 9.45
CA GLY A 1 23.54 -13.37 8.86
C GLY A 1 24.33 -13.29 7.58
N SER A 2 23.95 -12.37 6.70
CA SER A 2 24.62 -12.19 5.42
C SER A 2 24.12 -10.94 4.71
N HIS A 3 25.04 -10.19 4.10
CA HIS A 3 24.68 -8.98 3.38
C HIS A 3 23.65 -9.26 2.28
N MET A 4 22.65 -8.41 2.18
CA MET A 4 21.59 -8.57 1.20
C MET A 4 22.07 -8.13 -0.19
N LEU A 5 21.74 -8.93 -1.21
CA LEU A 5 22.13 -8.63 -2.58
C LEU A 5 21.41 -9.57 -3.55
N GLU A 6 20.23 -10.03 -3.15
CA GLU A 6 19.43 -10.92 -3.97
C GLU A 6 18.12 -11.27 -3.26
N VAL A 7 18.25 -11.58 -1.98
CA VAL A 7 17.10 -11.93 -1.15
C VAL A 7 16.21 -10.72 -0.91
N LEU A 8 14.90 -10.92 -1.00
CA LEU A 8 13.94 -9.85 -0.79
C LEU A 8 12.51 -10.40 -0.71
N THR A 9 11.83 -10.08 0.39
CA THR A 9 10.46 -10.54 0.61
C THR A 9 9.93 -10.03 1.95
N GLN A 10 8.67 -9.62 1.97
CA GLN A 10 8.05 -9.11 3.19
C GLN A 10 8.09 -10.17 4.29
N LYS A 11 8.47 -9.75 5.49
CA LYS A 11 8.56 -10.65 6.63
C LYS A 11 8.01 -9.97 7.89
N HIS A 12 6.69 -9.97 8.03
CA HIS A 12 6.04 -9.35 9.17
C HIS A 12 6.45 -7.88 9.27
N LYS A 13 6.49 -7.22 8.11
CA LYS A 13 6.88 -5.81 8.03
C LYS A 13 6.74 -5.30 6.60
N PRO A 14 6.40 -4.01 6.42
CA PRO A 14 6.26 -3.42 5.08
C PRO A 14 7.44 -3.74 4.18
N ALA A 15 7.16 -4.15 2.95
CA ALA A 15 8.20 -4.49 1.99
C ALA A 15 9.11 -3.30 1.72
N GLU A 16 10.42 -3.52 1.82
CA GLU A 16 11.41 -2.48 1.60
C GLU A 16 11.44 -2.06 0.13
N SER A 17 11.26 -3.04 -0.75
CA SER A 17 11.28 -2.79 -2.20
C SER A 17 10.55 -3.89 -2.96
N GLN A 18 9.28 -4.11 -2.62
CA GLN A 18 8.49 -5.15 -3.27
C GLN A 18 6.99 -4.81 -3.16
N GLN A 19 6.23 -5.69 -2.51
CA GLN A 19 4.79 -5.47 -2.36
C GLN A 19 4.51 -4.13 -1.68
N GLN A 20 3.65 -3.33 -2.28
CA GLN A 20 3.31 -2.02 -1.74
C GLN A 20 2.62 -2.15 -0.39
N ALA A 21 2.84 -1.18 0.49
CA ALA A 21 2.24 -1.18 1.81
C ALA A 21 1.44 0.08 2.06
N ALA A 22 0.24 -0.08 2.62
CA ALA A 22 -0.63 1.05 2.89
C ALA A 22 0.02 2.03 3.86
N GLU A 23 0.61 3.08 3.30
CA GLU A 23 1.27 4.10 4.10
C GLU A 23 0.23 5.03 4.72
N THR A 24 0.59 6.29 4.89
CA THR A 24 -0.31 7.27 5.48
C THR A 24 -0.18 8.59 4.74
N GLU A 25 -1.26 9.37 4.75
CA GLU A 25 -1.26 10.64 4.06
C GLU A 25 0.03 11.41 4.30
N GLY A 26 0.47 11.41 5.55
CA GLY A 26 1.69 12.11 5.90
C GLY A 26 2.94 11.50 5.28
N SER A 27 3.00 10.18 5.26
CA SER A 27 4.17 9.51 4.71
C SER A 27 4.24 9.62 3.19
N CYS A 28 3.12 9.35 2.52
CA CYS A 28 3.08 9.41 1.07
C CYS A 28 3.42 10.80 0.54
N ASN A 29 3.01 11.84 1.26
CA ASN A 29 3.31 13.21 0.84
C ASN A 29 4.80 13.33 0.58
N LYS A 30 5.56 12.51 1.29
CA LYS A 30 7.01 12.48 1.17
C LYS A 30 7.42 11.60 0.00
N LYS A 31 6.62 10.55 -0.25
CA LYS A 31 6.91 9.62 -1.34
C LYS A 31 7.04 10.34 -2.68
N ASP A 32 8.14 10.10 -3.38
CA ASP A 32 8.38 10.70 -4.68
C ASP A 32 7.42 10.12 -5.71
N GLN A 33 7.53 10.58 -6.95
CA GLN A 33 6.65 10.10 -8.02
C GLN A 33 6.58 8.57 -8.03
N ASN A 34 7.75 7.92 -8.05
CA ASN A 34 7.81 6.47 -8.04
C ASN A 34 7.33 5.91 -6.70
N GLU A 35 7.62 6.65 -5.63
CA GLU A 35 7.22 6.24 -4.29
C GLU A 35 5.72 6.45 -4.07
N CYS A 36 5.11 7.24 -4.96
CA CYS A 36 3.68 7.50 -4.87
C CYS A 36 2.93 6.17 -4.92
N LYS A 37 2.55 5.68 -3.74
CA LYS A 37 1.89 4.37 -3.62
C LYS A 37 0.48 4.34 -4.19
N SER A 38 -0.03 3.13 -4.40
CA SER A 38 -1.36 2.91 -4.95
C SER A 38 -2.45 3.52 -4.06
N PRO A 39 -2.46 3.20 -2.75
CA PRO A 39 -3.45 3.76 -1.82
C PRO A 39 -3.43 5.28 -1.86
N CYS A 40 -2.31 5.80 -2.34
CA CYS A 40 -2.10 7.23 -2.44
C CYS A 40 -2.85 7.82 -3.63
N LYS A 41 -2.30 8.89 -4.18
CA LYS A 41 -2.88 9.56 -5.33
C LYS A 41 -1.87 10.53 -5.94
N TRP A 42 -1.48 10.26 -7.17
CA TRP A 42 -0.51 11.09 -7.88
C TRP A 42 -1.17 12.30 -8.52
N HIS A 43 -0.56 13.47 -8.34
CA HIS A 43 -1.09 14.70 -8.91
C HIS A 43 -0.12 15.26 -9.96
N ASN A 44 -0.56 15.24 -11.21
CA ASN A 44 0.26 15.74 -12.32
C ASN A 44 0.11 17.25 -12.48
N ASP A 45 1.21 17.90 -12.85
CA ASP A 45 1.22 19.35 -13.04
C ASP A 45 0.80 20.07 -11.76
N ALA A 46 1.16 19.50 -10.62
CA ALA A 46 0.83 20.09 -9.33
C ALA A 46 1.85 21.15 -8.94
N GLU A 47 2.11 22.06 -9.88
CA GLU A 47 3.08 23.14 -9.69
C GLU A 47 4.50 22.60 -9.85
N ASN A 48 4.70 21.35 -9.43
CA ASN A 48 5.99 20.71 -9.51
C ASN A 48 5.90 19.26 -9.05
N LYS A 49 4.86 18.57 -9.51
CA LYS A 49 4.63 17.18 -9.14
C LYS A 49 4.38 17.04 -7.64
N LYS A 50 3.22 16.48 -7.28
CA LYS A 50 2.88 16.30 -5.88
C LYS A 50 2.11 15.00 -5.65
N CYS A 51 2.48 14.28 -4.60
CA CYS A 51 1.83 13.01 -4.26
C CYS A 51 1.10 13.14 -2.92
N THR A 52 -0.16 12.69 -2.89
CA THR A 52 -0.97 12.74 -1.68
C THR A 52 -1.79 11.47 -1.53
N LEU A 53 -1.84 10.93 -0.31
CA LEU A 53 -2.58 9.70 -0.05
C LEU A 53 -4.07 9.92 -0.18
N ASP A 54 -4.75 8.98 -0.84
CA ASP A 54 -6.19 9.05 -1.02
C ASP A 54 -6.89 8.09 -0.06
N LYS A 55 -7.87 8.58 0.68
CA LYS A 55 -8.60 7.75 1.62
C LYS A 55 -9.37 6.64 0.92
N GLU A 56 -10.03 6.99 -0.19
CA GLU A 56 -10.80 6.01 -0.95
C GLU A 56 -9.91 4.86 -1.40
N GLU A 57 -8.74 5.19 -1.94
CA GLU A 57 -7.79 4.18 -2.40
C GLU A 57 -7.28 3.34 -1.24
N ALA A 58 -6.80 4.01 -0.19
CA ALA A 58 -6.29 3.31 0.99
C ALA A 58 -7.29 2.26 1.47
N LYS A 59 -8.57 2.61 1.45
CA LYS A 59 -9.62 1.69 1.88
C LYS A 59 -9.66 0.46 0.98
N LYS A 60 -9.57 0.68 -0.32
CA LYS A 60 -9.59 -0.41 -1.29
C LYS A 60 -8.38 -1.32 -1.13
N VAL A 61 -7.20 -0.72 -1.04
CA VAL A 61 -5.95 -1.47 -0.89
C VAL A 61 -5.97 -2.32 0.37
N ALA A 62 -6.38 -1.71 1.48
CA ALA A 62 -6.45 -2.41 2.76
C ALA A 62 -7.34 -3.64 2.65
N ASP A 63 -8.43 -3.50 1.90
CA ASP A 63 -9.37 -4.60 1.70
C ASP A 63 -8.91 -5.50 0.56
N GLU A 64 -7.61 -5.75 0.51
CA GLU A 64 -7.02 -6.60 -0.53
C GLU A 64 -5.83 -7.38 0.00
N THR A 65 -5.03 -6.75 0.85
CA THR A 65 -3.85 -7.39 1.42
C THR A 65 -4.23 -8.41 2.51
N ALA A 66 -5.35 -9.08 2.31
CA ALA A 66 -5.82 -10.09 3.26
C ALA A 66 -7.10 -10.75 2.74
N LYS A 67 -8.11 -9.94 2.45
CA LYS A 67 -9.38 -10.44 1.94
C LYS A 67 -9.34 -10.56 0.42
N ASP A 68 -8.23 -11.06 -0.11
CA ASP A 68 -8.06 -11.22 -1.55
C ASP A 68 -9.12 -12.17 -2.10
N GLY A 69 -9.28 -13.32 -1.46
CA GLY A 69 -10.26 -14.30 -1.92
C GLY A 69 -10.13 -15.62 -1.20
N LYS A 70 -9.98 -15.57 0.12
CA LYS A 70 -9.85 -16.79 0.92
C LYS A 70 -11.15 -17.59 0.89
N THR A 71 -12.26 -16.90 1.14
CA THR A 71 -13.57 -17.53 1.14
C THR A 71 -14.05 -17.81 -0.28
N GLY A 72 -14.59 -19.01 -0.50
CA GLY A 72 -15.08 -19.38 -1.81
C GLY A 72 -15.48 -20.84 -1.89
N ASN A 73 -16.70 -21.08 -2.38
CA ASN A 73 -17.21 -22.44 -2.52
C ASN A 73 -16.46 -23.19 -3.61
N THR A 74 -16.16 -24.46 -3.34
CA THR A 74 -15.44 -25.30 -4.30
C THR A 74 -16.30 -25.61 -5.52
N ASN A 75 -16.09 -26.80 -6.11
CA ASN A 75 -16.85 -27.22 -7.27
C ASN A 75 -16.43 -28.62 -7.72
N THR A 76 -15.13 -28.79 -7.94
CA THR A 76 -14.59 -30.08 -8.35
C THR A 76 -13.11 -30.21 -8.00
N THR A 77 -12.75 -31.34 -7.40
CA THR A 77 -11.36 -31.62 -7.00
C THR A 77 -10.96 -30.79 -5.78
N GLY A 78 -11.18 -29.48 -5.84
CA GLY A 78 -10.82 -28.61 -4.74
C GLY A 78 -10.90 -27.14 -5.11
N SER A 79 -9.86 -26.39 -4.75
CA SER A 79 -9.81 -24.96 -5.04
C SER A 79 -9.87 -24.71 -6.54
N SER A 80 -10.67 -23.72 -6.94
CA SER A 80 -10.82 -23.38 -8.35
C SER A 80 -9.48 -23.02 -8.97
N GLY A 1 6.01 -24.81 7.24
CA GLY A 1 6.80 -23.56 7.09
C GLY A 1 8.12 -23.61 7.81
N SER A 2 8.84 -24.72 7.64
CA SER A 2 10.14 -24.90 8.27
C SER A 2 11.12 -23.84 7.80
N HIS A 3 11.82 -23.22 8.74
CA HIS A 3 12.80 -22.19 8.43
C HIS A 3 13.95 -22.76 7.62
N MET A 4 14.38 -22.03 6.60
CA MET A 4 15.48 -22.48 5.74
C MET A 4 15.94 -21.35 4.82
N LEU A 5 15.00 -20.71 4.15
CA LEU A 5 15.32 -19.62 3.23
C LEU A 5 15.81 -18.40 4.00
N GLU A 6 16.98 -17.90 3.61
CA GLU A 6 17.57 -16.73 4.26
C GLU A 6 16.96 -15.44 3.73
N VAL A 7 16.77 -15.40 2.42
CA VAL A 7 16.21 -14.24 1.76
C VAL A 7 14.76 -14.01 2.19
N LEU A 8 14.44 -12.77 2.57
CA LEU A 8 13.10 -12.40 3.02
C LEU A 8 12.70 -13.18 4.28
N THR A 9 12.10 -12.48 5.23
CA THR A 9 11.66 -13.09 6.47
C THR A 9 10.61 -14.17 6.23
N GLN A 10 10.81 -15.33 6.83
CA GLN A 10 9.87 -16.44 6.67
C GLN A 10 8.56 -16.15 7.39
N LYS A 11 7.45 -16.33 6.69
CA LYS A 11 6.12 -16.09 7.25
C LYS A 11 5.07 -16.94 6.53
N HIS A 12 4.97 -18.21 6.93
CA HIS A 12 4.01 -19.13 6.33
C HIS A 12 4.33 -19.37 4.86
N LYS A 13 4.44 -20.65 4.48
CA LYS A 13 4.75 -21.07 3.11
C LYS A 13 6.00 -20.37 2.55
N PRO A 14 6.84 -21.11 1.81
CA PRO A 14 8.06 -20.53 1.22
C PRO A 14 7.75 -19.50 0.15
N ALA A 15 8.20 -18.26 0.38
CA ALA A 15 7.98 -17.16 -0.56
C ALA A 15 8.60 -15.88 -0.02
N GLU A 16 8.04 -14.74 -0.44
CA GLU A 16 8.54 -13.44 0.00
C GLU A 16 8.06 -13.14 1.43
N SER A 17 7.61 -11.91 1.67
CA SER A 17 7.11 -11.51 2.98
C SER A 17 6.59 -10.08 2.95
N GLN A 18 7.31 -9.22 2.24
CA GLN A 18 6.95 -7.82 2.12
C GLN A 18 5.62 -7.66 1.39
N GLN A 19 4.84 -6.67 1.81
CA GLN A 19 3.54 -6.41 1.20
C GLN A 19 3.13 -4.95 1.42
N GLN A 20 2.63 -4.33 0.36
CA GLN A 20 2.21 -2.93 0.41
C GLN A 20 1.14 -2.72 1.48
N ALA A 21 1.30 -1.66 2.27
CA ALA A 21 0.35 -1.34 3.32
C ALA A 21 -0.14 0.10 3.18
N ALA A 22 -1.43 0.30 3.40
CA ALA A 22 -2.02 1.63 3.29
C ALA A 22 -1.28 2.63 4.16
N GLU A 23 -0.42 3.44 3.53
CA GLU A 23 0.36 4.45 4.23
C GLU A 23 -0.53 5.55 4.77
N THR A 24 0.00 6.77 4.80
CA THR A 24 -0.75 7.92 5.31
C THR A 24 -0.45 9.17 4.50
N GLU A 25 -1.35 10.13 4.56
CA GLU A 25 -1.19 11.38 3.83
C GLU A 25 0.22 11.93 3.98
N GLY A 26 0.74 11.85 5.19
CA GLY A 26 2.07 12.34 5.47
C GLY A 26 3.15 11.59 4.71
N SER A 27 3.01 10.27 4.65
CA SER A 27 3.99 9.44 3.97
C SER A 27 3.98 9.68 2.46
N CYS A 28 2.78 9.61 1.87
CA CYS A 28 2.61 9.79 0.43
C CYS A 28 3.20 11.12 -0.06
N ASN A 29 2.90 12.20 0.64
CA ASN A 29 3.38 13.52 0.25
C ASN A 29 4.89 13.52 0.07
N LYS A 30 5.57 12.60 0.75
CA LYS A 30 7.02 12.51 0.69
C LYS A 30 7.47 11.64 -0.48
N LYS A 31 6.69 10.61 -0.79
CA LYS A 31 7.02 9.69 -1.87
C LYS A 31 6.98 10.38 -3.23
N ASP A 32 8.05 10.20 -4.00
CA ASP A 32 8.14 10.77 -5.34
C ASP A 32 7.27 10.00 -6.32
N GLN A 33 7.29 10.39 -7.58
CA GLN A 33 6.50 9.72 -8.61
C GLN A 33 6.68 8.22 -8.54
N ASN A 34 7.94 7.79 -8.49
CA ASN A 34 8.27 6.37 -8.42
C ASN A 34 7.78 5.76 -7.11
N GLU A 35 7.90 6.50 -6.02
CA GLU A 35 7.50 6.01 -4.71
C GLU A 35 6.02 6.25 -4.45
N CYS A 36 5.33 6.87 -5.41
CA CYS A 36 3.90 7.14 -5.25
C CYS A 36 3.15 5.82 -5.14
N LYS A 37 2.85 5.43 -3.90
CA LYS A 37 2.17 4.17 -3.63
C LYS A 37 0.71 4.19 -4.07
N SER A 38 0.14 3.01 -4.25
CA SER A 38 -1.24 2.86 -4.68
C SER A 38 -2.21 3.63 -3.80
N PRO A 39 -2.19 3.41 -2.46
CA PRO A 39 -3.08 4.11 -1.55
C PRO A 39 -3.03 5.62 -1.75
N CYS A 40 -1.86 6.11 -2.17
CA CYS A 40 -1.64 7.52 -2.41
C CYS A 40 -2.50 8.02 -3.57
N LYS A 41 -2.10 9.16 -4.13
CA LYS A 41 -2.80 9.75 -5.26
C LYS A 41 -1.87 10.70 -6.01
N TRP A 42 -1.54 10.31 -7.24
CA TRP A 42 -0.64 11.08 -8.09
C TRP A 42 -1.35 12.29 -8.70
N HIS A 43 -0.58 13.34 -8.97
CA HIS A 43 -1.11 14.55 -9.57
C HIS A 43 -0.08 15.16 -10.51
N ASN A 44 -0.44 15.27 -11.78
CA ASN A 44 0.44 15.82 -12.81
C ASN A 44 0.66 17.31 -12.59
N ASP A 45 1.85 17.79 -12.97
CA ASP A 45 2.21 19.19 -12.84
C ASP A 45 2.23 19.62 -11.36
N ALA A 46 1.15 20.25 -10.89
CA ALA A 46 1.07 20.71 -9.52
C ALA A 46 2.17 21.73 -9.23
N GLU A 47 2.35 22.06 -7.95
CA GLU A 47 3.38 23.00 -7.55
C GLU A 47 4.76 22.42 -7.78
N ASN A 48 4.84 21.09 -7.65
CA ASN A 48 6.08 20.36 -7.84
C ASN A 48 5.81 18.86 -7.73
N LYS A 49 4.79 18.41 -8.47
CA LYS A 49 4.38 17.01 -8.46
C LYS A 49 3.73 16.67 -7.12
N LYS A 50 2.53 16.09 -7.17
CA LYS A 50 1.81 15.74 -5.95
C LYS A 50 1.47 14.26 -5.87
N CYS A 51 1.60 13.71 -4.67
CA CYS A 51 1.29 12.31 -4.40
C CYS A 51 0.69 12.18 -3.01
N THR A 52 -0.50 12.73 -2.84
CA THR A 52 -1.18 12.71 -1.54
C THR A 52 -1.97 11.43 -1.32
N LEU A 53 -1.98 10.96 -0.08
CA LEU A 53 -2.71 9.76 0.29
C LEU A 53 -4.21 9.97 0.14
N ASP A 54 -4.90 8.93 -0.29
CA ASP A 54 -6.34 8.98 -0.48
C ASP A 54 -7.03 7.94 0.38
N LYS A 55 -8.08 8.34 1.09
CA LYS A 55 -8.81 7.42 1.96
C LYS A 55 -9.47 6.31 1.13
N GLU A 56 -10.13 6.70 0.05
CA GLU A 56 -10.79 5.73 -0.83
C GLU A 56 -9.81 4.67 -1.31
N GLU A 57 -8.66 5.12 -1.79
CA GLU A 57 -7.63 4.21 -2.28
C GLU A 57 -7.08 3.36 -1.15
N ALA A 58 -6.85 3.99 0.00
CA ALA A 58 -6.33 3.30 1.17
C ALA A 58 -7.24 2.15 1.56
N LYS A 59 -8.55 2.38 1.48
CA LYS A 59 -9.52 1.36 1.83
C LYS A 59 -9.43 0.17 0.89
N LYS A 60 -9.27 0.46 -0.41
CA LYS A 60 -9.17 -0.58 -1.42
C LYS A 60 -7.92 -1.44 -1.20
N VAL A 61 -6.79 -0.77 -0.99
CA VAL A 61 -5.53 -1.46 -0.78
C VAL A 61 -5.57 -2.29 0.50
N ALA A 62 -6.06 -1.69 1.58
CA ALA A 62 -6.16 -2.37 2.86
C ALA A 62 -7.08 -3.59 2.77
N ASP A 63 -8.18 -3.45 2.04
CA ASP A 63 -9.12 -4.54 1.88
C ASP A 63 -8.50 -5.70 1.13
N GLU A 64 -8.13 -5.42 -0.10
CA GLU A 64 -7.51 -6.40 -1.00
C GLU A 64 -8.22 -7.74 -0.90
N THR A 65 -9.54 -7.69 -0.81
CA THR A 65 -10.36 -8.90 -0.72
C THR A 65 -11.72 -8.66 -1.36
N ALA A 66 -11.74 -7.73 -2.32
CA ALA A 66 -12.98 -7.40 -3.01
C ALA A 66 -12.71 -6.69 -4.33
N LYS A 67 -11.73 -5.77 -4.31
CA LYS A 67 -11.36 -5.02 -5.51
C LYS A 67 -12.55 -4.25 -6.06
N ASP A 68 -13.24 -3.53 -5.17
CA ASP A 68 -14.41 -2.74 -5.57
C ASP A 68 -14.04 -1.75 -6.67
N GLY A 69 -14.88 -1.69 -7.70
CA GLY A 69 -14.64 -0.78 -8.80
C GLY A 69 -15.74 -0.82 -9.84
N LYS A 70 -16.15 0.35 -10.31
CA LYS A 70 -17.20 0.48 -11.31
C LYS A 70 -17.30 1.90 -11.82
N THR A 71 -17.18 2.86 -10.90
CA THR A 71 -17.24 4.28 -11.26
C THR A 71 -16.13 4.63 -12.25
N GLY A 72 -16.50 5.32 -13.32
CA GLY A 72 -15.52 5.72 -14.33
C GLY A 72 -14.83 4.52 -14.95
N ASN A 73 -13.52 4.64 -15.14
CA ASN A 73 -12.73 3.57 -15.74
C ASN A 73 -12.64 2.37 -14.79
N THR A 74 -12.84 1.17 -15.34
CA THR A 74 -12.78 -0.05 -14.55
C THR A 74 -11.37 -0.26 -13.98
N ASN A 75 -10.37 -0.14 -14.86
CA ASN A 75 -8.98 -0.31 -14.46
C ASN A 75 -8.07 -0.08 -15.66
N THR A 76 -8.37 -0.80 -16.74
CA THR A 76 -7.62 -0.68 -17.98
C THR A 76 -7.84 0.70 -18.59
N THR A 77 -7.00 1.09 -19.53
CA THR A 77 -7.12 2.38 -20.18
C THR A 77 -8.31 2.41 -21.15
N GLY A 78 -9.46 1.87 -20.73
CA GLY A 78 -10.63 1.85 -21.58
C GLY A 78 -10.39 1.12 -22.90
N SER A 79 -9.82 -0.08 -22.81
CA SER A 79 -9.54 -0.89 -23.99
C SER A 79 -10.80 -1.52 -24.55
N SER A 80 -11.72 -0.68 -25.03
CA SER A 80 -12.97 -1.16 -25.59
C SER A 80 -12.73 -2.00 -26.85
N GLY A 1 18.00 -7.05 15.37
CA GLY A 1 16.83 -7.82 15.85
C GLY A 1 16.22 -8.69 14.75
N SER A 2 17.08 -9.36 14.00
CA SER A 2 16.63 -10.22 12.90
C SER A 2 16.14 -11.57 13.44
N HIS A 3 15.42 -11.54 14.55
CA HIS A 3 14.90 -12.76 15.16
C HIS A 3 13.79 -13.34 14.30
N MET A 4 13.86 -14.65 14.06
CA MET A 4 12.86 -15.35 13.23
C MET A 4 12.93 -14.90 11.78
N LEU A 5 12.43 -13.69 11.53
CA LEU A 5 12.43 -13.14 10.18
C LEU A 5 13.85 -12.92 9.68
N GLU A 6 14.14 -13.42 8.48
CA GLU A 6 15.47 -13.29 7.90
C GLU A 6 15.48 -13.85 6.48
N VAL A 7 14.89 -15.03 6.35
CA VAL A 7 14.80 -15.70 5.05
C VAL A 7 13.88 -14.93 4.10
N LEU A 8 14.32 -14.78 2.85
CA LEU A 8 13.54 -14.08 1.85
C LEU A 8 14.19 -14.22 0.47
N THR A 9 14.31 -13.12 -0.27
CA THR A 9 14.93 -13.15 -1.59
C THR A 9 15.05 -11.74 -2.16
N GLN A 10 14.91 -11.60 -3.48
CA GLN A 10 15.00 -10.29 -4.12
C GLN A 10 13.84 -9.39 -3.70
N LYS A 11 14.13 -8.12 -3.47
CA LYS A 11 13.09 -7.16 -3.06
C LYS A 11 13.49 -5.73 -3.38
N HIS A 12 13.30 -5.32 -4.63
CA HIS A 12 13.63 -3.97 -5.06
C HIS A 12 12.76 -2.95 -4.33
N LYS A 13 11.47 -3.24 -4.24
CA LYS A 13 10.53 -2.36 -3.56
C LYS A 13 10.89 -2.21 -2.08
N PRO A 14 10.74 -0.99 -1.53
CA PRO A 14 11.04 -0.72 -0.12
C PRO A 14 10.01 -1.31 0.84
N ALA A 15 9.86 -2.63 0.80
CA ALA A 15 8.90 -3.32 1.65
C ALA A 15 9.16 -4.81 1.69
N GLU A 16 10.40 -5.20 1.99
CA GLU A 16 10.78 -6.60 2.06
C GLU A 16 9.95 -7.34 3.11
N SER A 17 9.43 -8.50 2.73
CA SER A 17 8.61 -9.34 3.61
C SER A 17 7.22 -8.77 3.81
N GLN A 18 7.16 -7.55 4.32
CA GLN A 18 5.89 -6.87 4.57
C GLN A 18 5.26 -6.42 3.25
N GLN A 19 4.01 -6.81 3.04
CA GLN A 19 3.29 -6.42 1.83
C GLN A 19 2.92 -4.94 1.85
N GLN A 20 2.12 -4.53 0.88
CA GLN A 20 1.69 -3.14 0.78
C GLN A 20 0.84 -2.76 2.00
N ALA A 21 1.18 -1.65 2.64
CA ALA A 21 0.46 -1.20 3.83
C ALA A 21 -0.03 0.23 3.65
N ALA A 22 -1.30 0.47 3.96
CA ALA A 22 -1.88 1.80 3.83
C ALA A 22 -1.04 2.84 4.56
N GLU A 23 -0.26 3.58 3.79
CA GLU A 23 0.61 4.62 4.34
C GLU A 23 -0.22 5.75 4.94
N THR A 24 0.31 6.96 4.90
CA THR A 24 -0.37 8.12 5.44
C THR A 24 -0.08 9.36 4.61
N GLU A 25 -1.01 10.31 4.63
CA GLU A 25 -0.87 11.54 3.88
C GLU A 25 0.52 12.12 4.05
N GLY A 26 1.04 12.05 5.26
CA GLY A 26 2.35 12.57 5.54
C GLY A 26 3.46 11.84 4.83
N SER A 27 3.37 10.51 4.78
CA SER A 27 4.39 9.71 4.11
C SER A 27 4.34 9.87 2.60
N CYS A 28 3.14 9.74 2.04
CA CYS A 28 2.93 9.84 0.61
C CYS A 28 3.50 11.13 0.01
N ASN A 29 3.20 12.26 0.64
CA ASN A 29 3.67 13.56 0.13
C ASN A 29 5.19 13.55 -0.01
N LYS A 30 5.85 12.84 0.90
CA LYS A 30 7.29 12.74 0.89
C LYS A 30 7.79 11.81 -0.20
N LYS A 31 6.99 10.79 -0.53
CA LYS A 31 7.36 9.82 -1.54
C LYS A 31 7.54 10.47 -2.89
N ASP A 32 8.42 9.88 -3.67
CA ASP A 32 8.72 10.36 -5.01
C ASP A 32 7.70 9.81 -6.00
N GLN A 33 7.75 10.30 -7.24
CA GLN A 33 6.81 9.86 -8.27
C GLN A 33 6.71 8.33 -8.31
N ASN A 34 7.85 7.68 -8.46
CA ASN A 34 7.91 6.23 -8.50
C ASN A 34 7.56 5.64 -7.14
N GLU A 35 7.92 6.36 -6.09
CA GLU A 35 7.66 5.92 -4.73
C GLU A 35 6.22 6.16 -4.33
N CYS A 36 5.50 6.93 -5.14
CA CYS A 36 4.10 7.22 -4.86
C CYS A 36 3.35 5.89 -4.78
N LYS A 37 3.08 5.48 -3.55
CA LYS A 37 2.42 4.20 -3.30
C LYS A 37 0.95 4.20 -3.71
N SER A 38 0.41 3.00 -3.90
CA SER A 38 -0.97 2.80 -4.33
C SER A 38 -1.96 3.60 -3.48
N PRO A 39 -2.00 3.42 -2.15
CA PRO A 39 -2.92 4.15 -1.29
C PRO A 39 -2.81 5.65 -1.55
N CYS A 40 -1.60 6.09 -1.86
CA CYS A 40 -1.34 7.51 -2.14
C CYS A 40 -2.01 7.93 -3.43
N LYS A 41 -2.36 9.21 -3.53
CA LYS A 41 -3.00 9.75 -4.72
C LYS A 41 -2.02 10.62 -5.50
N TRP A 42 -1.74 10.19 -6.73
CA TRP A 42 -0.83 10.92 -7.60
C TRP A 42 -1.53 12.07 -8.31
N HIS A 43 -0.77 13.12 -8.59
CA HIS A 43 -1.31 14.29 -9.29
C HIS A 43 -0.27 14.84 -10.28
N ASN A 44 -0.63 14.82 -11.56
CA ASN A 44 0.25 15.29 -12.62
C ASN A 44 0.04 16.78 -12.90
N ASP A 45 1.13 17.45 -13.26
CA ASP A 45 1.09 18.87 -13.57
C ASP A 45 0.65 19.70 -12.37
N ALA A 46 1.08 19.29 -11.19
CA ALA A 46 0.74 20.01 -9.95
C ALA A 46 1.70 21.16 -9.73
N GLU A 47 1.86 21.56 -8.47
CA GLU A 47 2.77 22.65 -8.12
C GLU A 47 4.22 22.17 -8.29
N ASN A 48 4.42 20.88 -8.03
CA ASN A 48 5.73 20.25 -8.14
C ASN A 48 5.60 18.76 -7.88
N LYS A 49 4.64 18.15 -8.57
CA LYS A 49 4.35 16.72 -8.42
C LYS A 49 3.69 16.47 -7.07
N LYS A 50 2.46 15.98 -7.09
CA LYS A 50 1.73 15.71 -5.87
C LYS A 50 1.41 14.23 -5.68
N CYS A 51 1.53 13.77 -4.45
CA CYS A 51 1.26 12.37 -4.11
C CYS A 51 0.64 12.31 -2.71
N THR A 52 -0.56 12.88 -2.58
CA THR A 52 -1.24 12.91 -1.29
C THR A 52 -2.07 11.65 -1.05
N LEU A 53 -1.88 11.06 0.12
CA LEU A 53 -2.58 9.85 0.50
C LEU A 53 -4.09 10.06 0.41
N ASP A 54 -4.78 9.01 -0.01
CA ASP A 54 -6.24 9.05 -0.14
C ASP A 54 -6.87 7.96 0.69
N LYS A 55 -7.85 8.32 1.52
CA LYS A 55 -8.53 7.35 2.36
C LYS A 55 -9.32 6.36 1.53
N GLU A 56 -10.09 6.89 0.57
CA GLU A 56 -10.89 6.05 -0.31
C GLU A 56 -10.01 5.06 -1.07
N GLU A 57 -8.88 5.55 -1.56
CA GLU A 57 -7.94 4.70 -2.29
C GLU A 57 -7.33 3.66 -1.37
N ALA A 58 -6.91 4.09 -0.19
CA ALA A 58 -6.32 3.21 0.79
C ALA A 58 -7.24 2.03 1.10
N LYS A 59 -8.53 2.32 1.21
CA LYS A 59 -9.52 1.30 1.49
C LYS A 59 -9.56 0.26 0.39
N LYS A 60 -9.63 0.72 -0.85
CA LYS A 60 -9.68 -0.16 -2.00
C LYS A 60 -8.43 -1.04 -2.08
N VAL A 61 -7.27 -0.43 -1.89
CA VAL A 61 -6.00 -1.14 -1.94
C VAL A 61 -5.92 -2.20 -0.84
N ALA A 62 -6.32 -1.82 0.36
CA ALA A 62 -6.29 -2.73 1.51
C ALA A 62 -7.29 -3.86 1.34
N ASP A 63 -8.44 -3.55 0.73
CA ASP A 63 -9.49 -4.54 0.52
C ASP A 63 -9.18 -5.44 -0.66
N GLU A 64 -7.91 -5.79 -0.82
CA GLU A 64 -7.48 -6.66 -1.92
C GLU A 64 -6.06 -7.16 -1.71
N THR A 65 -5.20 -6.31 -1.14
CA THR A 65 -3.81 -6.68 -0.91
C THR A 65 -3.67 -7.61 0.30
N ALA A 66 -4.61 -8.55 0.45
CA ALA A 66 -4.58 -9.50 1.55
C ALA A 66 -5.69 -10.53 1.42
N LYS A 67 -6.92 -10.07 1.30
CA LYS A 67 -8.07 -10.97 1.17
C LYS A 67 -8.17 -11.53 -0.24
N ASP A 68 -8.03 -10.67 -1.23
CA ASP A 68 -8.12 -11.09 -2.63
C ASP A 68 -6.90 -11.94 -3.00
N GLY A 69 -6.28 -11.65 -4.15
CA GLY A 69 -5.13 -12.40 -4.60
C GLY A 69 -5.45 -13.86 -4.83
N LYS A 70 -4.50 -14.73 -4.47
CA LYS A 70 -4.67 -16.17 -4.63
C LYS A 70 -4.99 -16.53 -6.07
N THR A 71 -4.32 -15.85 -7.00
CA THR A 71 -4.53 -16.10 -8.43
C THR A 71 -3.94 -17.44 -8.85
N GLY A 72 -4.74 -18.23 -9.57
CA GLY A 72 -4.29 -19.53 -10.03
C GLY A 72 -5.41 -20.36 -10.63
N ASN A 73 -6.34 -19.69 -11.30
CA ASN A 73 -7.47 -20.36 -11.93
C ASN A 73 -8.28 -19.38 -12.78
N THR A 74 -8.50 -19.75 -14.04
CA THR A 74 -9.25 -18.89 -14.95
C THR A 74 -10.75 -18.96 -14.65
N ASN A 75 -11.39 -17.79 -14.63
CA ASN A 75 -12.82 -17.68 -14.37
C ASN A 75 -13.30 -16.27 -14.70
N THR A 76 -12.61 -15.26 -14.16
CA THR A 76 -12.96 -13.88 -14.40
C THR A 76 -12.71 -13.51 -15.87
N THR A 77 -13.75 -12.97 -16.52
CA THR A 77 -13.66 -12.58 -17.92
C THR A 77 -13.07 -13.71 -18.77
N GLY A 78 -13.27 -14.94 -18.33
CA GLY A 78 -12.76 -16.09 -19.07
C GLY A 78 -13.30 -17.40 -18.54
N SER A 79 -14.60 -17.44 -18.31
CA SER A 79 -15.24 -18.66 -17.80
C SER A 79 -15.07 -19.80 -18.79
N SER A 80 -14.60 -20.94 -18.28
CA SER A 80 -14.39 -22.13 -19.10
C SER A 80 -14.20 -23.37 -18.23
N GLY A 1 2.50 -0.91 -6.89
CA GLY A 1 1.08 -0.84 -7.32
C GLY A 1 0.63 -2.08 -8.05
N SER A 2 -0.55 -2.59 -7.69
CA SER A 2 -1.10 -3.80 -8.32
C SER A 2 -0.12 -4.96 -8.18
N HIS A 3 0.16 -5.66 -9.30
CA HIS A 3 1.07 -6.79 -9.27
C HIS A 3 2.48 -6.35 -8.85
N MET A 4 3.08 -7.11 -7.95
CA MET A 4 4.42 -6.81 -7.45
C MET A 4 4.93 -7.93 -6.56
N LEU A 5 6.20 -8.28 -6.71
CA LEU A 5 6.80 -9.35 -5.91
C LEU A 5 8.32 -9.38 -6.10
N GLU A 6 8.94 -8.20 -6.04
CA GLU A 6 10.39 -8.09 -6.20
C GLU A 6 11.11 -8.91 -5.14
N VAL A 7 12.14 -9.63 -5.57
CA VAL A 7 12.92 -10.46 -4.66
C VAL A 7 13.55 -9.64 -3.53
N LEU A 8 13.53 -10.19 -2.33
CA LEU A 8 14.08 -9.51 -1.17
C LEU A 8 15.55 -9.17 -1.37
N THR A 9 16.00 -8.08 -0.74
CA THR A 9 17.39 -7.64 -0.87
C THR A 9 17.69 -6.46 0.07
N GLN A 10 17.21 -6.57 1.30
CA GLN A 10 17.42 -5.53 2.31
C GLN A 10 17.32 -6.12 3.71
N LYS A 11 16.41 -7.07 3.88
CA LYS A 11 16.21 -7.73 5.16
C LYS A 11 15.55 -9.09 4.94
N HIS A 12 16.39 -10.10 4.69
CA HIS A 12 15.91 -11.46 4.44
C HIS A 12 14.85 -11.87 5.45
N LYS A 13 15.23 -12.01 6.71
CA LYS A 13 14.29 -12.40 7.76
C LYS A 13 13.67 -13.77 7.46
N PRO A 14 13.11 -14.44 8.48
CA PRO A 14 12.47 -15.75 8.30
C PRO A 14 11.11 -15.63 7.63
N ALA A 15 11.01 -14.69 6.69
CA ALA A 15 9.77 -14.46 5.96
C ALA A 15 9.96 -13.34 4.93
N GLU A 16 9.42 -13.52 3.74
CA GLU A 16 9.53 -12.53 2.68
C GLU A 16 9.03 -11.17 3.15
N SER A 17 9.81 -10.14 2.87
CA SER A 17 9.45 -8.78 3.27
C SER A 17 8.14 -8.35 2.63
N GLN A 18 7.19 -7.92 3.45
CA GLN A 18 5.89 -7.49 2.97
C GLN A 18 5.86 -5.98 2.73
N GLN A 19 5.28 -5.57 1.60
CA GLN A 19 5.19 -4.16 1.25
C GLN A 19 4.27 -3.41 2.21
N GLN A 20 4.68 -2.20 2.60
CA GLN A 20 3.89 -1.38 3.51
C GLN A 20 2.51 -1.10 2.92
N ALA A 21 1.49 -1.10 3.77
CA ALA A 21 0.12 -0.85 3.34
C ALA A 21 -0.49 0.26 4.18
N ALA A 22 -1.72 0.64 3.83
CA ALA A 22 -2.45 1.67 4.55
C ALA A 22 -1.53 2.75 5.09
N GLU A 23 -0.76 3.34 4.18
CA GLU A 23 0.19 4.40 4.50
C GLU A 23 -0.51 5.57 5.20
N THR A 24 0.06 6.77 5.04
CA THR A 24 -0.49 7.96 5.65
C THR A 24 -0.21 9.18 4.78
N GLU A 25 -1.11 10.16 4.82
CA GLU A 25 -0.97 11.37 4.02
C GLU A 25 0.46 11.91 4.13
N GLY A 26 1.00 11.88 5.33
CA GLY A 26 2.34 12.37 5.56
C GLY A 26 3.38 11.58 4.80
N SER A 27 3.22 10.25 4.79
CA SER A 27 4.17 9.38 4.09
C SER A 27 4.15 9.64 2.58
N CYS A 28 2.96 9.65 2.00
CA CYS A 28 2.81 9.88 0.56
C CYS A 28 3.44 11.19 0.13
N ASN A 29 3.17 12.25 0.88
CA ASN A 29 3.71 13.57 0.56
C ASN A 29 5.23 13.51 0.38
N LYS A 30 5.86 12.67 1.18
CA LYS A 30 7.31 12.51 1.12
C LYS A 30 7.71 11.74 -0.13
N LYS A 31 6.92 10.73 -0.48
CA LYS A 31 7.19 9.91 -1.63
C LYS A 31 7.25 10.71 -2.90
N ASP A 32 8.07 10.22 -3.81
CA ASP A 32 8.24 10.83 -5.12
C ASP A 32 7.31 10.17 -6.13
N GLN A 33 7.46 10.50 -7.39
CA GLN A 33 6.61 9.91 -8.43
C GLN A 33 6.63 8.39 -8.34
N ASN A 34 7.82 7.81 -8.41
CA ASN A 34 7.98 6.37 -8.33
C ASN A 34 7.60 5.84 -6.96
N GLU A 35 7.71 6.68 -5.94
CA GLU A 35 7.38 6.27 -4.57
C GLU A 35 5.91 6.47 -4.24
N CYS A 36 5.21 7.25 -5.07
CA CYS A 36 3.79 7.49 -4.84
C CYS A 36 3.06 6.15 -4.83
N LYS A 37 2.78 5.66 -3.63
CA LYS A 37 2.12 4.37 -3.47
C LYS A 37 0.66 4.41 -3.90
N SER A 38 0.11 3.22 -4.15
CA SER A 38 -1.27 3.07 -4.58
C SER A 38 -2.25 3.78 -3.65
N PRO A 39 -2.20 3.50 -2.32
CA PRO A 39 -3.10 4.13 -1.38
C PRO A 39 -3.11 5.64 -1.57
N CYS A 40 -1.94 6.18 -1.93
CA CYS A 40 -1.78 7.60 -2.16
C CYS A 40 -2.60 8.05 -3.37
N LYS A 41 -2.17 9.15 -3.97
CA LYS A 41 -2.83 9.71 -5.14
C LYS A 41 -1.88 10.66 -5.86
N TRP A 42 -1.42 10.24 -7.03
CA TRP A 42 -0.48 11.04 -7.81
C TRP A 42 -1.15 12.28 -8.40
N HIS A 43 -0.45 13.40 -8.35
CA HIS A 43 -0.96 14.65 -8.89
C HIS A 43 -0.07 15.15 -10.02
N ASN A 44 -0.60 15.12 -11.23
CA ASN A 44 0.14 15.56 -12.41
C ASN A 44 0.05 17.07 -12.59
N ASP A 45 1.15 17.68 -13.00
CA ASP A 45 1.21 19.11 -13.22
C ASP A 45 0.85 19.88 -11.95
N ALA A 46 1.29 19.36 -10.81
CA ALA A 46 1.02 20.00 -9.52
C ALA A 46 2.04 21.10 -9.25
N GLU A 47 2.49 21.74 -10.33
CA GLU A 47 3.48 22.81 -10.25
C GLU A 47 4.87 22.23 -9.99
N ASN A 48 4.89 21.10 -9.30
CA ASN A 48 6.14 20.43 -8.96
C ASN A 48 5.87 18.96 -8.64
N LYS A 49 4.74 18.46 -9.13
CA LYS A 49 4.33 17.08 -8.90
C LYS A 49 4.06 16.85 -7.41
N LYS A 50 2.91 16.25 -7.10
CA LYS A 50 2.55 16.02 -5.69
C LYS A 50 1.86 14.67 -5.49
N CYS A 51 2.11 14.06 -4.34
CA CYS A 51 1.53 12.77 -3.98
C CYS A 51 0.90 12.86 -2.59
N THR A 52 -0.33 12.38 -2.44
CA THR A 52 -1.02 12.43 -1.16
C THR A 52 -1.84 11.18 -0.91
N LEU A 53 -1.85 10.73 0.35
CA LEU A 53 -2.59 9.54 0.74
C LEU A 53 -4.08 9.77 0.65
N ASP A 54 -4.79 8.75 0.20
CA ASP A 54 -6.23 8.80 0.06
C ASP A 54 -6.89 7.67 0.85
N LYS A 55 -7.88 8.02 1.67
CA LYS A 55 -8.58 7.04 2.50
C LYS A 55 -9.37 6.06 1.63
N GLU A 56 -10.12 6.59 0.67
CA GLU A 56 -10.94 5.78 -0.22
C GLU A 56 -10.07 4.82 -1.04
N GLU A 57 -8.94 5.31 -1.53
CA GLU A 57 -8.04 4.50 -2.34
C GLU A 57 -7.31 3.46 -1.49
N ALA A 58 -6.84 3.88 -0.33
CA ALA A 58 -6.12 3.00 0.58
C ALA A 58 -6.98 1.83 1.03
N LYS A 59 -8.23 2.12 1.39
CA LYS A 59 -9.15 1.08 1.84
C LYS A 59 -9.42 0.08 0.73
N LYS A 60 -9.64 0.59 -0.48
CA LYS A 60 -9.91 -0.24 -1.63
C LYS A 60 -8.75 -1.19 -1.92
N VAL A 61 -7.53 -0.65 -1.93
CA VAL A 61 -6.35 -1.46 -2.20
C VAL A 61 -6.06 -2.45 -1.07
N ALA A 62 -6.13 -1.96 0.17
CA ALA A 62 -5.88 -2.81 1.33
C ALA A 62 -6.83 -4.00 1.37
N ASP A 63 -8.08 -3.75 0.99
CA ASP A 63 -9.09 -4.81 0.98
C ASP A 63 -8.95 -5.70 -0.25
N GLU A 64 -7.70 -5.94 -0.66
CA GLU A 64 -7.41 -6.77 -1.82
C GLU A 64 -6.11 -7.53 -1.63
N THR A 65 -5.87 -7.99 -0.40
CA THR A 65 -4.66 -8.73 -0.08
C THR A 65 -4.67 -9.18 1.39
N ALA A 66 -5.87 -9.52 1.88
CA ALA A 66 -6.02 -9.97 3.27
C ALA A 66 -7.45 -10.42 3.54
N LYS A 67 -8.41 -9.56 3.24
CA LYS A 67 -9.82 -9.88 3.45
C LYS A 67 -10.41 -10.61 2.25
N ASP A 68 -9.61 -11.50 1.67
CA ASP A 68 -10.04 -12.28 0.50
C ASP A 68 -11.06 -13.33 0.91
N GLY A 69 -12.16 -13.40 0.16
CA GLY A 69 -13.21 -14.37 0.45
C GLY A 69 -12.87 -15.76 -0.07
N LYS A 70 -11.60 -16.15 0.05
CA LYS A 70 -11.15 -17.45 -0.43
C LYS A 70 -11.64 -18.56 0.48
N THR A 71 -12.22 -19.60 -0.10
CA THR A 71 -12.74 -20.73 0.65
C THR A 71 -11.61 -21.61 1.16
N GLY A 72 -11.61 -21.88 2.47
CA GLY A 72 -10.58 -22.72 3.07
C GLY A 72 -9.18 -22.26 2.74
N ASN A 73 -8.27 -23.21 2.58
CA ASN A 73 -6.88 -22.91 2.25
C ASN A 73 -6.75 -22.47 0.79
N THR A 74 -6.09 -21.34 0.57
CA THR A 74 -5.90 -20.81 -0.78
C THR A 74 -7.23 -20.75 -1.53
N ASN A 75 -7.31 -21.36 -2.71
CA ASN A 75 -8.53 -21.36 -3.50
C ASN A 75 -8.38 -22.29 -4.71
N THR A 76 -9.42 -23.07 -4.98
CA THR A 76 -9.39 -24.00 -6.11
C THR A 76 -9.03 -23.28 -7.40
N THR A 77 -8.04 -23.82 -8.11
CA THR A 77 -7.60 -23.25 -9.38
C THR A 77 -7.34 -21.75 -9.25
N GLY A 78 -6.83 -21.34 -8.09
CA GLY A 78 -6.55 -19.93 -7.86
C GLY A 78 -7.78 -19.06 -8.06
N SER A 79 -7.60 -17.92 -8.72
CA SER A 79 -8.69 -16.99 -8.97
C SER A 79 -9.56 -17.48 -10.13
N SER A 80 -10.21 -18.62 -9.93
CA SER A 80 -11.08 -19.20 -10.96
C SER A 80 -10.33 -19.38 -12.28
N GLY A 1 16.96 2.76 23.96
CA GLY A 1 18.37 3.22 23.86
C GLY A 1 18.64 3.96 22.56
N SER A 2 18.15 3.41 21.45
CA SER A 2 18.35 4.01 20.14
C SER A 2 17.35 3.46 19.13
N HIS A 3 16.09 3.35 19.56
CA HIS A 3 15.03 2.84 18.69
C HIS A 3 14.83 3.75 17.49
N MET A 4 14.73 3.14 16.32
CA MET A 4 14.54 3.88 15.08
C MET A 4 14.27 2.92 13.92
N LEU A 5 14.96 1.78 13.94
CA LEU A 5 14.81 0.78 12.88
C LEU A 5 13.52 -0.03 13.09
N GLU A 6 12.43 0.65 13.37
CA GLU A 6 11.14 0.00 13.57
C GLU A 6 10.70 -0.75 12.32
N VAL A 7 11.10 -0.22 11.18
CA VAL A 7 10.76 -0.82 9.90
C VAL A 7 11.29 -2.24 9.80
N LEU A 8 10.53 -3.12 9.14
CA LEU A 8 10.92 -4.52 8.99
C LEU A 8 12.34 -4.63 8.44
N THR A 9 13.14 -5.47 9.07
CA THR A 9 14.54 -5.68 8.66
C THR A 9 15.00 -7.09 9.01
N GLN A 10 16.19 -7.21 9.58
CA GLN A 10 16.75 -8.52 9.94
C GLN A 10 16.89 -9.40 8.72
N LYS A 11 17.46 -8.84 7.65
CA LYS A 11 17.67 -9.57 6.42
C LYS A 11 18.88 -9.01 5.70
N HIS A 12 19.42 -9.77 4.75
CA HIS A 12 20.59 -9.35 4.00
C HIS A 12 20.24 -8.24 3.00
N LYS A 13 19.28 -7.38 3.37
CA LYS A 13 18.86 -6.28 2.50
C LYS A 13 17.78 -5.45 3.16
N PRO A 14 17.85 -4.11 3.03
CA PRO A 14 16.85 -3.20 3.62
C PRO A 14 15.56 -3.19 2.82
N ALA A 15 14.43 -3.23 3.54
CA ALA A 15 13.12 -3.22 2.89
C ALA A 15 12.00 -3.04 3.90
N GLU A 16 11.11 -2.10 3.64
CA GLU A 16 9.97 -1.83 4.52
C GLU A 16 8.84 -2.83 4.28
N SER A 17 9.13 -4.11 4.49
CA SER A 17 8.15 -5.18 4.30
C SER A 17 7.82 -5.34 2.81
N GLN A 18 7.83 -6.59 2.35
CA GLN A 18 7.53 -6.88 0.95
C GLN A 18 6.10 -6.49 0.60
N GLN A 19 5.15 -6.97 1.41
CA GLN A 19 3.74 -6.66 1.17
C GLN A 19 3.46 -5.18 1.38
N GLN A 20 2.87 -4.54 0.38
CA GLN A 20 2.55 -3.13 0.46
C GLN A 20 1.45 -2.89 1.49
N ALA A 21 1.59 -1.82 2.27
CA ALA A 21 0.62 -1.48 3.29
C ALA A 21 0.09 -0.08 3.11
N ALA A 22 -1.22 0.09 3.28
CA ALA A 22 -1.84 1.40 3.13
C ALA A 22 -1.13 2.44 3.99
N GLU A 23 -0.29 3.23 3.35
CA GLU A 23 0.46 4.27 4.04
C GLU A 23 -0.48 5.37 4.54
N THR A 24 0.01 6.60 4.59
CA THR A 24 -0.78 7.72 5.06
C THR A 24 -0.43 8.99 4.30
N GLU A 25 -1.33 9.96 4.34
CA GLU A 25 -1.12 11.23 3.65
C GLU A 25 0.28 11.76 3.88
N GLY A 26 0.75 11.63 5.12
CA GLY A 26 2.07 12.10 5.46
C GLY A 26 3.18 11.38 4.72
N SER A 27 3.05 10.07 4.57
CA SER A 27 4.07 9.28 3.87
C SER A 27 4.10 9.62 2.39
N CYS A 28 2.93 9.60 1.76
CA CYS A 28 2.80 9.87 0.33
C CYS A 28 3.43 11.21 -0.06
N ASN A 29 3.11 12.26 0.70
CA ASN A 29 3.64 13.59 0.43
C ASN A 29 5.16 13.55 0.35
N LYS A 30 5.76 12.71 1.19
CA LYS A 30 7.20 12.56 1.23
C LYS A 30 7.70 11.73 0.06
N LYS A 31 6.91 10.74 -0.35
CA LYS A 31 7.29 9.86 -1.44
C LYS A 31 7.41 10.62 -2.75
N ASP A 32 8.29 10.11 -3.59
CA ASP A 32 8.53 10.67 -4.91
C ASP A 32 7.61 9.99 -5.90
N GLN A 33 7.58 10.47 -7.13
CA GLN A 33 6.73 9.86 -8.16
C GLN A 33 6.88 8.34 -8.14
N ASN A 34 8.12 7.88 -8.22
CA ASN A 34 8.40 6.45 -8.20
C ASN A 34 8.06 5.82 -6.85
N GLU A 35 8.31 6.56 -5.78
CA GLU A 35 8.04 6.06 -4.43
C GLU A 35 6.58 6.22 -4.04
N CYS A 36 5.81 6.90 -4.87
CA CYS A 36 4.40 7.07 -4.57
C CYS A 36 3.73 5.71 -4.59
N LYS A 37 3.36 5.25 -3.41
CA LYS A 37 2.74 3.94 -3.27
C LYS A 37 1.30 3.92 -3.77
N SER A 38 0.78 2.72 -4.02
CA SER A 38 -0.57 2.53 -4.53
C SER A 38 -1.61 3.32 -3.74
N PRO A 39 -1.68 3.14 -2.39
CA PRO A 39 -2.63 3.87 -1.56
C PRO A 39 -2.65 5.36 -1.87
N CYS A 40 -1.48 5.87 -2.22
CA CYS A 40 -1.31 7.28 -2.55
C CYS A 40 -2.04 7.62 -3.86
N LYS A 41 -1.67 8.76 -4.45
CA LYS A 41 -2.26 9.20 -5.71
C LYS A 41 -1.46 10.35 -6.33
N TRP A 42 -1.05 10.16 -7.58
CA TRP A 42 -0.24 11.15 -8.30
C TRP A 42 -1.07 12.35 -8.75
N HIS A 43 -0.50 13.55 -8.62
CA HIS A 43 -1.18 14.76 -9.04
C HIS A 43 -0.34 15.53 -10.04
N ASN A 44 -0.65 15.36 -11.32
CA ASN A 44 0.06 16.04 -12.38
C ASN A 44 -0.57 17.42 -12.64
N ASP A 45 -0.12 18.41 -11.88
CA ASP A 45 -0.63 19.77 -11.98
C ASP A 45 0.02 20.64 -10.93
N ALA A 46 0.36 20.02 -9.81
CA ALA A 46 1.01 20.71 -8.69
C ALA A 46 2.16 21.58 -9.18
N GLU A 47 2.53 22.57 -8.37
CA GLU A 47 3.62 23.49 -8.72
C GLU A 47 4.83 22.73 -9.25
N ASN A 48 4.96 21.48 -8.82
CA ASN A 48 6.06 20.62 -9.24
C ASN A 48 5.65 19.17 -9.12
N LYS A 49 4.36 18.91 -9.31
CA LYS A 49 3.80 17.57 -9.24
C LYS A 49 3.93 17.03 -7.81
N LYS A 50 2.83 16.53 -7.25
CA LYS A 50 2.85 16.02 -5.87
C LYS A 50 1.95 14.80 -5.69
N CYS A 51 2.40 13.84 -4.89
CA CYS A 51 1.62 12.64 -4.61
C CYS A 51 1.09 12.68 -3.18
N THR A 52 -0.17 12.28 -3.02
CA THR A 52 -0.81 12.29 -1.71
C THR A 52 -1.68 11.06 -1.49
N LEU A 53 -1.79 10.64 -0.24
CA LEU A 53 -2.59 9.48 0.13
C LEU A 53 -4.06 9.73 -0.15
N ASP A 54 -4.75 8.68 -0.58
CA ASP A 54 -6.17 8.76 -0.88
C ASP A 54 -6.98 7.84 0.03
N LYS A 55 -8.08 8.37 0.57
CA LYS A 55 -8.94 7.60 1.47
C LYS A 55 -9.63 6.45 0.73
N GLU A 56 -10.17 6.75 -0.44
CA GLU A 56 -10.87 5.75 -1.24
C GLU A 56 -9.93 4.64 -1.68
N GLU A 57 -8.71 5.02 -2.08
CA GLU A 57 -7.72 4.05 -2.54
C GLU A 57 -7.24 3.17 -1.38
N ALA A 58 -6.93 3.81 -0.25
CA ALA A 58 -6.45 3.10 0.93
C ALA A 58 -7.48 2.11 1.47
N LYS A 59 -8.73 2.55 1.57
CA LYS A 59 -9.78 1.69 2.09
C LYS A 59 -9.97 0.46 1.22
N LYS A 60 -9.96 0.66 -0.10
CA LYS A 60 -10.13 -0.44 -1.04
C LYS A 60 -8.99 -1.46 -0.93
N VAL A 61 -7.75 -0.96 -0.90
CA VAL A 61 -6.58 -1.85 -0.81
C VAL A 61 -6.56 -2.60 0.52
N ALA A 62 -6.76 -1.87 1.61
CA ALA A 62 -6.75 -2.48 2.94
C ALA A 62 -7.82 -3.55 3.06
N ASP A 63 -8.96 -3.32 2.42
CA ASP A 63 -10.06 -4.28 2.45
C ASP A 63 -9.82 -5.41 1.44
N GLU A 64 -8.57 -5.83 1.34
CA GLU A 64 -8.19 -6.88 0.42
C GLU A 64 -6.92 -7.58 0.89
N THR A 65 -5.88 -6.80 1.15
CA THR A 65 -4.60 -7.36 1.61
C THR A 65 -4.65 -7.71 3.08
N ALA A 66 -5.79 -7.41 3.70
CA ALA A 66 -5.99 -7.68 5.12
C ALA A 66 -4.86 -7.11 5.97
N LYS A 67 -4.28 -6.01 5.50
CA LYS A 67 -3.17 -5.37 6.22
C LYS A 67 -3.70 -4.36 7.24
N ASP A 68 -4.73 -4.74 7.98
CA ASP A 68 -5.32 -3.87 8.98
C ASP A 68 -4.31 -3.49 10.05
N GLY A 69 -3.53 -4.47 10.50
CA GLY A 69 -2.53 -4.22 11.52
C GLY A 69 -3.15 -3.72 12.82
N LYS A 70 -4.26 -4.34 13.21
CA LYS A 70 -4.97 -3.95 14.43
C LYS A 70 -4.30 -4.56 15.67
N THR A 71 -2.96 -4.57 15.67
CA THR A 71 -2.18 -5.12 16.78
C THR A 71 -2.21 -6.65 16.79
N GLY A 72 -3.40 -7.22 16.63
CA GLY A 72 -3.53 -8.67 16.63
C GLY A 72 -3.10 -9.29 17.94
N ASN A 73 -2.41 -10.42 17.86
CA ASN A 73 -1.94 -11.12 19.05
C ASN A 73 -0.89 -10.28 19.80
N THR A 74 -0.99 -10.28 21.12
CA THR A 74 -0.06 -9.52 21.96
C THR A 74 1.35 -10.11 21.90
N ASN A 75 1.97 -10.29 23.06
CA ASN A 75 3.32 -10.83 23.13
C ASN A 75 3.34 -12.30 22.69
N THR A 76 4.24 -13.08 23.28
CA THR A 76 4.35 -14.49 22.95
C THR A 76 3.14 -15.26 23.47
N THR A 77 2.42 -15.90 22.54
CA THR A 77 1.24 -16.68 22.89
C THR A 77 0.34 -15.95 23.87
N GLY A 78 0.21 -14.63 23.68
CA GLY A 78 -0.62 -13.84 24.56
C GLY A 78 -2.09 -14.22 24.48
N SER A 79 -2.69 -14.45 25.65
CA SER A 79 -4.10 -14.83 25.72
C SER A 79 -5.01 -13.62 25.54
N SER A 80 -4.95 -13.00 24.37
CA SER A 80 -5.76 -11.82 24.08
C SER A 80 -7.25 -12.15 24.18
N GLY A 1 13.53 -27.28 -8.86
CA GLY A 1 13.35 -28.02 -7.59
C GLY A 1 14.41 -27.69 -6.56
N SER A 2 14.70 -26.40 -6.43
CA SER A 2 15.70 -25.95 -5.47
C SER A 2 15.21 -26.12 -4.03
N HIS A 3 15.50 -25.13 -3.18
CA HIS A 3 15.08 -25.17 -1.78
C HIS A 3 13.56 -25.20 -1.65
N MET A 4 13.07 -26.01 -0.74
CA MET A 4 11.62 -26.13 -0.51
C MET A 4 11.04 -24.79 -0.09
N LEU A 5 11.71 -24.11 0.82
CA LEU A 5 11.26 -22.82 1.32
C LEU A 5 11.26 -21.78 0.20
N GLU A 6 10.24 -20.93 0.17
CA GLU A 6 10.11 -19.90 -0.85
C GLU A 6 9.02 -18.90 -0.50
N VAL A 7 8.95 -18.52 0.78
CA VAL A 7 7.96 -17.56 1.24
C VAL A 7 8.19 -16.19 0.62
N LEU A 8 7.18 -15.69 -0.09
CA LEU A 8 7.27 -14.37 -0.73
C LEU A 8 8.59 -14.24 -1.52
N THR A 9 9.54 -13.48 -0.98
CA THR A 9 10.82 -13.28 -1.63
C THR A 9 11.82 -12.60 -0.71
N GLN A 10 11.36 -11.63 0.06
CA GLN A 10 12.21 -10.89 0.99
C GLN A 10 12.98 -11.85 1.90
N LYS A 11 14.22 -11.49 2.22
CA LYS A 11 15.07 -12.32 3.07
C LYS A 11 15.83 -11.46 4.07
N HIS A 12 15.15 -11.09 5.14
CA HIS A 12 15.74 -10.26 6.19
C HIS A 12 14.75 -10.10 7.34
N LYS A 13 13.48 -9.91 6.97
CA LYS A 13 12.41 -9.74 7.94
C LYS A 13 11.05 -9.74 7.23
N PRO A 14 10.15 -10.68 7.59
CA PRO A 14 8.83 -10.78 6.96
C PRO A 14 7.90 -9.65 7.38
N ALA A 15 7.26 -9.04 6.38
CA ALA A 15 6.32 -7.95 6.63
C ALA A 15 5.65 -7.51 5.33
N GLU A 16 5.39 -8.48 4.44
CA GLU A 16 4.74 -8.19 3.17
C GLU A 16 5.48 -7.10 2.40
N SER A 17 6.78 -7.28 2.22
CA SER A 17 7.60 -6.30 1.50
C SER A 17 7.11 -6.12 0.07
N GLN A 18 6.85 -7.23 -0.59
CA GLN A 18 6.37 -7.22 -1.97
C GLN A 18 4.95 -6.69 -2.05
N GLN A 19 4.08 -7.18 -1.16
CA GLN A 19 2.68 -6.76 -1.12
C GLN A 19 2.55 -5.29 -0.74
N GLN A 20 1.75 -4.56 -1.52
CA GLN A 20 1.51 -3.14 -1.26
C GLN A 20 0.69 -2.96 0.02
N ALA A 21 1.04 -1.93 0.79
CA ALA A 21 0.33 -1.66 2.04
C ALA A 21 -0.19 -0.22 2.07
N ALA A 22 -1.46 -0.06 2.40
CA ALA A 22 -2.08 1.25 2.47
C ALA A 22 -1.38 2.14 3.49
N GLU A 23 -0.45 2.98 3.01
CA GLU A 23 0.29 3.89 3.85
C GLU A 23 -0.62 4.98 4.40
N THR A 24 -0.08 6.18 4.57
CA THR A 24 -0.84 7.29 5.09
C THR A 24 -0.48 8.58 4.36
N GLU A 25 -1.41 9.52 4.35
CA GLU A 25 -1.22 10.80 3.68
C GLU A 25 0.16 11.36 4.00
N GLY A 26 0.58 11.18 5.24
CA GLY A 26 1.86 11.67 5.67
C GLY A 26 3.03 11.06 4.94
N SER A 27 2.97 9.75 4.71
CA SER A 27 4.06 9.06 4.01
C SER A 27 4.10 9.45 2.53
N CYS A 28 2.95 9.38 1.88
CA CYS A 28 2.83 9.70 0.46
C CYS A 28 3.38 11.09 0.11
N ASN A 29 2.96 12.09 0.88
CA ASN A 29 3.40 13.46 0.62
C ASN A 29 4.91 13.56 0.57
N LYS A 30 5.58 12.71 1.36
CA LYS A 30 7.03 12.71 1.43
C LYS A 30 7.66 11.93 0.28
N LYS A 31 6.97 10.92 -0.23
CA LYS A 31 7.50 10.11 -1.30
C LYS A 31 7.70 10.89 -2.59
N ASP A 32 8.68 10.46 -3.34
CA ASP A 32 9.01 11.08 -4.62
C ASP A 32 8.06 10.58 -5.70
N GLN A 33 8.17 11.13 -6.91
CA GLN A 33 7.32 10.74 -8.02
C GLN A 33 7.27 9.22 -8.16
N ASN A 34 8.45 8.63 -8.34
CA ASN A 34 8.57 7.19 -8.48
C ASN A 34 8.17 6.49 -7.19
N GLU A 35 8.41 7.16 -6.06
CA GLU A 35 8.08 6.61 -4.75
C GLU A 35 6.60 6.68 -4.45
N CYS A 36 5.88 7.57 -5.15
CA CYS A 36 4.45 7.70 -4.93
C CYS A 36 3.79 6.34 -5.10
N LYS A 37 3.50 5.70 -3.98
CA LYS A 37 2.91 4.36 -3.98
C LYS A 37 1.47 4.33 -4.47
N SER A 38 1.00 3.12 -4.77
CA SER A 38 -0.35 2.92 -5.29
C SER A 38 -1.41 3.58 -4.40
N PRO A 39 -1.48 3.22 -3.10
CA PRO A 39 -2.46 3.82 -2.19
C PRO A 39 -2.45 5.33 -2.31
N CYS A 40 -1.27 5.88 -2.58
CA CYS A 40 -1.11 7.31 -2.75
C CYS A 40 -1.76 7.78 -4.04
N LYS A 41 -2.21 9.03 -4.04
CA LYS A 41 -2.84 9.62 -5.20
C LYS A 41 -1.88 10.57 -5.90
N TRP A 42 -1.46 10.20 -7.11
CA TRP A 42 -0.53 11.03 -7.86
C TRP A 42 -1.23 12.24 -8.44
N HIS A 43 -0.56 13.39 -8.39
CA HIS A 43 -1.12 14.63 -8.91
C HIS A 43 -0.23 15.22 -9.99
N ASN A 44 -0.75 15.25 -11.22
CA ASN A 44 -0.02 15.78 -12.36
C ASN A 44 -0.31 17.26 -12.55
N ASP A 45 0.50 17.91 -13.37
CA ASP A 45 0.34 19.34 -13.65
C ASP A 45 0.48 20.15 -12.36
N ALA A 46 1.12 19.55 -11.36
CA ALA A 46 1.35 20.21 -10.08
C ALA A 46 2.50 21.19 -10.19
N GLU A 47 2.50 22.20 -9.32
CA GLU A 47 3.56 23.21 -9.32
C GLU A 47 4.92 22.53 -9.32
N ASN A 48 4.98 21.38 -8.65
CA ASN A 48 6.23 20.62 -8.57
C ASN A 48 5.91 19.16 -8.26
N LYS A 49 4.85 18.64 -8.89
CA LYS A 49 4.42 17.26 -8.70
C LYS A 49 3.96 17.03 -7.26
N LYS A 50 2.78 16.43 -7.11
CA LYS A 50 2.23 16.19 -5.77
C LYS A 50 1.77 14.74 -5.60
N CYS A 51 1.94 14.22 -4.38
CA CYS A 51 1.53 12.86 -4.05
C CYS A 51 0.91 12.85 -2.66
N THR A 52 -0.34 12.41 -2.57
CA THR A 52 -1.03 12.36 -1.28
C THR A 52 -1.91 11.12 -1.18
N LEU A 53 -1.81 10.43 -0.06
CA LEU A 53 -2.58 9.21 0.18
C LEU A 53 -4.06 9.46 -0.01
N ASP A 54 -4.73 8.47 -0.59
CA ASP A 54 -6.17 8.55 -0.84
C ASP A 54 -6.92 7.67 0.14
N LYS A 55 -7.87 8.26 0.86
CA LYS A 55 -8.65 7.52 1.85
C LYS A 55 -9.52 6.45 1.20
N GLU A 56 -10.20 6.81 0.12
CA GLU A 56 -11.09 5.89 -0.58
C GLU A 56 -10.33 4.67 -1.13
N GLU A 57 -9.18 4.91 -1.74
CA GLU A 57 -8.39 3.83 -2.31
C GLU A 57 -7.71 3.00 -1.22
N ALA A 58 -7.08 3.69 -0.27
CA ALA A 58 -6.39 3.00 0.82
C ALA A 58 -7.32 2.04 1.57
N LYS A 59 -8.53 2.51 1.87
CA LYS A 59 -9.51 1.68 2.57
C LYS A 59 -9.88 0.46 1.74
N LYS A 60 -10.12 0.66 0.46
CA LYS A 60 -10.50 -0.43 -0.43
C LYS A 60 -9.37 -1.47 -0.53
N VAL A 61 -8.15 -0.99 -0.70
CA VAL A 61 -6.99 -1.88 -0.83
C VAL A 61 -6.80 -2.74 0.42
N ALA A 62 -6.87 -2.10 1.59
CA ALA A 62 -6.69 -2.81 2.86
C ALA A 62 -7.87 -3.74 3.15
N ASP A 63 -9.07 -3.29 2.82
CA ASP A 63 -10.27 -4.07 3.06
C ASP A 63 -10.51 -5.10 1.97
N GLU A 64 -9.42 -5.72 1.50
CA GLU A 64 -9.51 -6.74 0.47
C GLU A 64 -8.26 -7.61 0.44
N THR A 65 -7.10 -6.98 0.51
CA THR A 65 -5.83 -7.68 0.50
C THR A 65 -5.47 -8.22 1.88
N ALA A 66 -6.46 -8.81 2.55
CA ALA A 66 -6.25 -9.37 3.89
C ALA A 66 -7.49 -10.13 4.36
N LYS A 67 -8.65 -9.51 4.21
CA LYS A 67 -9.91 -10.14 4.63
C LYS A 67 -9.88 -10.52 6.10
N ASP A 68 -9.39 -9.60 6.93
CA ASP A 68 -9.30 -9.83 8.37
C ASP A 68 -8.86 -8.56 9.09
N GLY A 69 -9.61 -7.48 8.86
CA GLY A 69 -9.29 -6.20 9.48
C GLY A 69 -9.45 -6.22 10.99
N LYS A 70 -10.05 -5.16 11.52
CA LYS A 70 -10.26 -5.04 12.96
C LYS A 70 -11.18 -6.15 13.48
N THR A 71 -10.80 -6.74 14.61
CA THR A 71 -11.58 -7.81 15.22
C THR A 71 -12.93 -7.29 15.71
N GLY A 72 -13.96 -8.13 15.58
CA GLY A 72 -15.29 -7.75 16.02
C GLY A 72 -16.26 -8.91 15.99
N ASN A 73 -16.36 -9.57 14.84
CA ASN A 73 -17.27 -10.70 14.68
C ASN A 73 -17.05 -11.39 13.33
N THR A 74 -16.96 -12.72 13.35
CA THR A 74 -16.77 -13.49 12.14
C THR A 74 -18.02 -13.48 11.27
N ASN A 75 -19.16 -13.76 11.89
CA ASN A 75 -20.45 -13.79 11.21
C ASN A 75 -21.57 -14.12 12.19
N THR A 76 -21.34 -15.13 13.02
CA THR A 76 -22.33 -15.55 14.01
C THR A 76 -22.62 -14.43 15.00
N THR A 77 -23.90 -14.26 15.33
CA THR A 77 -24.35 -13.23 16.27
C THR A 77 -24.32 -11.84 15.64
N GLY A 78 -23.25 -11.55 14.91
CA GLY A 78 -23.11 -10.24 14.27
C GLY A 78 -24.08 -10.09 13.11
N SER A 79 -23.58 -9.52 12.01
CA SER A 79 -24.40 -9.32 10.83
C SER A 79 -24.72 -10.66 10.16
N SER A 80 -25.98 -11.06 10.23
CA SER A 80 -26.42 -12.31 9.63
C SER A 80 -25.59 -13.49 10.13
N GLY A 1 4.10 -27.60 8.28
CA GLY A 1 4.32 -26.51 7.29
C GLY A 1 5.71 -26.55 6.69
N SER A 2 5.79 -26.40 5.37
CA SER A 2 7.07 -26.42 4.65
C SER A 2 6.91 -25.82 3.26
N HIS A 3 5.84 -26.19 2.58
CA HIS A 3 5.58 -25.69 1.23
C HIS A 3 5.49 -24.18 1.22
N MET A 4 6.07 -23.57 0.19
CA MET A 4 6.07 -22.11 0.05
C MET A 4 6.01 -21.71 -1.42
N LEU A 5 6.86 -22.34 -2.23
CA LEU A 5 6.91 -22.06 -3.67
C LEU A 5 7.18 -20.58 -3.94
N GLU A 6 6.45 -20.02 -4.91
CA GLU A 6 6.62 -18.61 -5.28
C GLU A 6 6.38 -17.70 -4.07
N VAL A 7 7.25 -16.70 -3.94
CA VAL A 7 7.14 -15.75 -2.83
C VAL A 7 5.85 -14.94 -2.92
N LEU A 8 5.12 -14.85 -1.80
CA LEU A 8 3.87 -14.11 -1.75
C LEU A 8 2.93 -14.57 -2.87
N THR A 9 2.39 -13.62 -3.63
CA THR A 9 1.49 -13.93 -4.74
C THR A 9 1.64 -12.91 -5.85
N GLN A 10 1.64 -13.37 -7.10
CA GLN A 10 1.80 -12.47 -8.24
C GLN A 10 0.68 -11.44 -8.28
N LYS A 11 1.07 -10.16 -8.31
CA LYS A 11 0.11 -9.06 -8.36
C LYS A 11 0.80 -7.81 -8.89
N HIS A 12 0.27 -7.24 -9.97
CA HIS A 12 0.85 -6.04 -10.57
C HIS A 12 2.35 -6.22 -10.75
N LYS A 13 2.74 -7.40 -11.23
CA LYS A 13 4.14 -7.74 -11.45
C LYS A 13 4.85 -7.95 -10.11
N PRO A 14 5.54 -9.09 -9.95
CA PRO A 14 6.26 -9.41 -8.71
C PRO A 14 7.47 -8.52 -8.48
N ALA A 15 7.61 -8.05 -7.24
CA ALA A 15 8.72 -7.19 -6.86
C ALA A 15 8.74 -6.97 -5.35
N GLU A 16 8.38 -8.01 -4.60
CA GLU A 16 8.36 -7.95 -3.15
C GLU A 16 7.37 -6.90 -2.65
N SER A 17 6.39 -7.34 -1.87
CA SER A 17 5.38 -6.43 -1.34
C SER A 17 4.63 -7.09 -0.17
N GLN A 18 5.38 -7.77 0.69
CA GLN A 18 4.80 -8.45 1.84
C GLN A 18 4.34 -7.43 2.89
N GLN A 19 5.19 -6.46 3.18
CA GLN A 19 4.88 -5.43 4.16
C GLN A 19 3.62 -4.66 3.77
N GLN A 20 2.74 -4.45 4.75
CA GLN A 20 1.50 -3.72 4.52
C GLN A 20 1.79 -2.28 4.10
N ALA A 21 1.03 -1.78 3.14
CA ALA A 21 1.22 -0.41 2.65
C ALA A 21 1.09 0.59 3.79
N ALA A 22 2.05 1.52 3.86
CA ALA A 22 2.03 2.54 4.89
C ALA A 22 1.16 3.71 4.48
N GLU A 23 -0.07 3.38 4.14
CA GLU A 23 -1.06 4.35 3.72
C GLU A 23 -1.25 5.46 4.74
N THR A 24 -0.66 6.61 4.46
CA THR A 24 -0.77 7.79 5.31
C THR A 24 -0.47 9.04 4.51
N GLU A 25 -1.19 10.10 4.78
CA GLU A 25 -1.00 11.35 4.07
C GLU A 25 0.43 11.84 4.27
N GLY A 26 0.95 11.64 5.47
CA GLY A 26 2.29 12.05 5.79
C GLY A 26 3.35 11.32 5.01
N SER A 27 3.16 10.02 4.80
CA SER A 27 4.14 9.22 4.06
C SER A 27 4.11 9.55 2.58
N CYS A 28 2.91 9.58 2.02
CA CYS A 28 2.72 9.87 0.60
C CYS A 28 3.39 11.18 0.17
N ASN A 29 3.19 12.23 0.96
CA ASN A 29 3.77 13.53 0.65
C ASN A 29 5.27 13.44 0.45
N LYS A 30 5.89 12.45 1.10
CA LYS A 30 7.32 12.25 1.03
C LYS A 30 7.71 11.41 -0.20
N LYS A 31 6.84 10.47 -0.55
CA LYS A 31 7.10 9.58 -1.67
C LYS A 31 7.07 10.34 -3.00
N ASP A 32 8.16 10.19 -3.77
CA ASP A 32 8.25 10.84 -5.07
C ASP A 32 7.42 10.09 -6.10
N GLN A 33 7.54 10.44 -7.37
CA GLN A 33 6.79 9.79 -8.43
C GLN A 33 6.94 8.28 -8.33
N ASN A 34 8.18 7.82 -8.31
CA ASN A 34 8.48 6.40 -8.22
C ASN A 34 8.02 5.80 -6.89
N GLU A 35 8.07 6.61 -5.83
CA GLU A 35 7.68 6.14 -4.51
C GLU A 35 6.19 6.32 -4.26
N CYS A 36 5.49 6.99 -5.17
CA CYS A 36 4.07 7.21 -5.02
C CYS A 36 3.33 5.86 -4.93
N LYS A 37 3.04 5.45 -3.70
CA LYS A 37 2.39 4.17 -3.44
C LYS A 37 0.92 4.17 -3.88
N SER A 38 0.37 2.97 -4.04
CA SER A 38 -1.02 2.81 -4.46
C SER A 38 -1.98 3.58 -3.57
N PRO A 39 -1.89 3.43 -2.23
CA PRO A 39 -2.78 4.15 -1.30
C PRO A 39 -2.78 5.64 -1.58
N CYS A 40 -1.63 6.14 -2.00
CA CYS A 40 -1.48 7.56 -2.30
C CYS A 40 -2.31 7.98 -3.52
N LYS A 41 -1.93 9.11 -4.10
CA LYS A 41 -2.62 9.63 -5.27
C LYS A 41 -1.73 10.63 -5.99
N TRP A 42 -1.32 10.26 -7.20
CA TRP A 42 -0.44 11.09 -8.01
C TRP A 42 -1.21 12.25 -8.66
N HIS A 43 -0.52 13.37 -8.85
CA HIS A 43 -1.11 14.55 -9.46
C HIS A 43 -0.14 15.17 -10.46
N ASN A 44 -0.53 15.13 -11.75
CA ASN A 44 0.29 15.67 -12.83
C ASN A 44 0.06 17.17 -13.00
N ASP A 45 1.09 17.86 -13.47
CA ASP A 45 1.03 19.31 -13.68
C ASP A 45 0.73 20.02 -12.36
N ALA A 46 1.31 19.52 -11.29
CA ALA A 46 1.13 20.09 -9.96
C ALA A 46 2.14 21.21 -9.72
N GLU A 47 2.00 21.91 -8.60
CA GLU A 47 2.92 22.99 -8.25
C GLU A 47 4.35 22.46 -8.27
N ASN A 48 4.49 21.17 -7.98
CA ASN A 48 5.77 20.51 -7.95
C ASN A 48 5.58 19.01 -7.78
N LYS A 49 4.63 18.45 -8.56
CA LYS A 49 4.31 17.03 -8.50
C LYS A 49 3.70 16.69 -7.15
N LYS A 50 2.52 16.08 -7.16
CA LYS A 50 1.85 15.73 -5.90
C LYS A 50 1.51 14.25 -5.79
N CYS A 51 1.62 13.73 -4.57
CA CYS A 51 1.33 12.33 -4.28
C CYS A 51 0.64 12.24 -2.92
N THR A 52 -0.58 12.76 -2.84
CA THR A 52 -1.34 12.77 -1.59
C THR A 52 -2.05 11.44 -1.34
N LEU A 53 -2.11 11.05 -0.07
CA LEU A 53 -2.77 9.82 0.35
C LEU A 53 -4.28 9.96 0.21
N ASP A 54 -4.93 8.89 -0.19
CA ASP A 54 -6.39 8.90 -0.36
C ASP A 54 -7.03 7.82 0.51
N LYS A 55 -8.01 8.22 1.31
CA LYS A 55 -8.70 7.29 2.19
C LYS A 55 -9.51 6.27 1.41
N GLU A 56 -10.14 6.71 0.33
CA GLU A 56 -10.94 5.84 -0.51
C GLU A 56 -10.10 4.79 -1.22
N GLU A 57 -8.99 5.23 -1.82
CA GLU A 57 -8.12 4.33 -2.55
C GLU A 57 -7.39 3.37 -1.60
N ALA A 58 -6.92 3.88 -0.47
CA ALA A 58 -6.21 3.07 0.51
C ALA A 58 -7.13 2.04 1.17
N LYS A 59 -8.34 2.46 1.53
CA LYS A 59 -9.29 1.55 2.15
C LYS A 59 -9.66 0.41 1.21
N LYS A 60 -9.77 0.74 -0.08
CA LYS A 60 -10.11 -0.24 -1.09
C LYS A 60 -8.93 -1.17 -1.38
N VAL A 61 -7.74 -0.61 -1.48
CA VAL A 61 -6.54 -1.39 -1.77
C VAL A 61 -6.34 -2.48 -0.72
N ALA A 62 -6.66 -2.15 0.53
CA ALA A 62 -6.52 -3.09 1.63
C ALA A 62 -7.72 -4.03 1.70
N ASP A 63 -8.91 -3.49 1.43
CA ASP A 63 -10.14 -4.27 1.46
C ASP A 63 -10.31 -5.07 0.18
N GLU A 64 -9.20 -5.63 -0.30
CA GLU A 64 -9.22 -6.43 -1.53
C GLU A 64 -8.06 -7.42 -1.57
N THR A 65 -6.90 -7.01 -1.05
CA THR A 65 -5.73 -7.87 -1.05
C THR A 65 -4.66 -7.36 -0.08
N ALA A 66 -5.04 -7.22 1.19
CA ALA A 66 -4.11 -6.76 2.21
C ALA A 66 -4.62 -7.05 3.61
N LYS A 67 -5.91 -6.79 3.84
CA LYS A 67 -6.52 -7.02 5.14
C LYS A 67 -6.47 -8.51 5.50
N ASP A 68 -6.95 -9.34 4.59
CA ASP A 68 -6.97 -10.79 4.81
C ASP A 68 -5.57 -11.37 4.71
N GLY A 69 -5.15 -12.08 5.75
CA GLY A 69 -3.83 -12.70 5.75
C GLY A 69 -3.25 -12.83 7.13
N LYS A 70 -1.96 -12.53 7.25
CA LYS A 70 -1.26 -12.61 8.54
C LYS A 70 -1.83 -11.58 9.52
N THR A 71 -2.35 -10.49 8.98
CA THR A 71 -2.93 -9.41 9.79
C THR A 71 -1.92 -8.89 10.81
N GLY A 72 -0.67 -8.77 10.39
CA GLY A 72 0.37 -8.28 11.28
C GLY A 72 0.39 -6.76 11.37
N ASN A 73 -0.78 -6.17 11.57
CA ASN A 73 -0.91 -4.72 11.67
C ASN A 73 -0.01 -4.18 12.79
N THR A 74 0.69 -3.09 12.49
CA THR A 74 1.59 -2.47 13.46
C THR A 74 0.85 -2.02 14.71
N ASN A 75 1.43 -2.31 15.86
CA ASN A 75 0.83 -1.93 17.15
C ASN A 75 1.74 -2.32 18.30
N THR A 76 2.21 -3.56 18.28
CA THR A 76 3.10 -4.05 19.33
C THR A 76 4.44 -3.33 19.30
N THR A 77 4.94 -2.98 20.48
CA THR A 77 6.23 -2.29 20.61
C THR A 77 6.13 -0.83 20.18
N GLY A 78 5.40 -0.57 19.11
CA GLY A 78 5.25 0.79 18.62
C GLY A 78 6.53 1.35 18.02
N SER A 79 6.41 2.00 16.87
CA SER A 79 7.56 2.58 16.18
C SER A 79 8.00 3.89 16.85
N SER A 80 8.47 3.79 18.08
CA SER A 80 8.93 4.96 18.82
C SER A 80 10.01 5.70 18.05
N GLY A 1 4.85 -18.57 11.29
CA GLY A 1 5.31 -19.57 12.29
C GLY A 1 5.12 -19.08 13.72
N SER A 2 6.14 -19.31 14.55
CA SER A 2 6.07 -18.89 15.95
C SER A 2 5.93 -17.38 16.06
N HIS A 3 5.02 -16.94 16.93
CA HIS A 3 4.78 -15.51 17.12
C HIS A 3 6.04 -14.82 17.64
N MET A 4 6.37 -13.67 17.04
CA MET A 4 7.55 -12.92 17.44
C MET A 4 7.60 -11.58 16.71
N LEU A 5 6.44 -10.92 16.62
CA LEU A 5 6.34 -9.62 15.96
C LEU A 5 6.79 -9.70 14.51
N GLU A 6 6.33 -10.75 13.81
CA GLU A 6 6.68 -10.94 12.41
C GLU A 6 8.18 -11.23 12.24
N VAL A 7 8.51 -12.14 11.34
CA VAL A 7 9.90 -12.50 11.08
C VAL A 7 10.72 -11.26 10.72
N LEU A 8 11.93 -11.16 11.29
CA LEU A 8 12.81 -10.03 11.03
C LEU A 8 14.17 -10.26 11.67
N THR A 9 15.23 -9.99 10.91
CA THR A 9 16.59 -10.15 11.39
C THR A 9 17.60 -9.65 10.37
N GLN A 10 18.54 -8.82 10.84
CA GLN A 10 19.58 -8.27 9.98
C GLN A 10 20.57 -9.35 9.56
N LYS A 11 21.05 -9.27 8.32
CA LYS A 11 22.01 -10.22 7.80
C LYS A 11 22.80 -9.63 6.64
N HIS A 12 23.66 -10.45 6.03
CA HIS A 12 24.47 -10.00 4.92
C HIS A 12 23.66 -9.95 3.61
N LYS A 13 22.39 -9.57 3.71
CA LYS A 13 21.52 -9.48 2.54
C LYS A 13 20.13 -9.00 2.94
N PRO A 14 19.64 -7.91 2.32
CA PRO A 14 18.32 -7.36 2.62
C PRO A 14 17.20 -8.10 1.87
N ALA A 15 16.16 -8.47 2.62
CA ALA A 15 15.03 -9.19 2.03
C ALA A 15 13.92 -9.38 3.07
N GLU A 16 13.56 -8.30 3.75
CA GLU A 16 12.52 -8.36 4.77
C GLU A 16 11.21 -8.92 4.19
N SER A 17 10.74 -10.02 4.76
CA SER A 17 9.51 -10.65 4.31
C SER A 17 8.29 -9.92 4.85
N GLN A 18 7.33 -9.65 3.96
CA GLN A 18 6.10 -8.95 4.33
C GLN A 18 6.40 -7.54 4.83
N GLN A 19 5.58 -6.59 4.38
CA GLN A 19 5.74 -5.19 4.77
C GLN A 19 4.41 -4.44 4.66
N GLN A 20 4.05 -3.73 5.73
CA GLN A 20 2.82 -2.96 5.76
C GLN A 20 2.89 -1.76 4.81
N ALA A 21 1.85 -1.60 4.00
CA ALA A 21 1.79 -0.49 3.05
C ALA A 21 1.65 0.85 3.78
N ALA A 22 2.45 1.83 3.37
CA ALA A 22 2.41 3.15 3.99
C ALA A 22 1.25 3.98 3.43
N GLU A 23 0.04 3.49 3.63
CA GLU A 23 -1.15 4.14 3.16
C GLU A 23 -1.56 5.32 4.05
N THR A 24 -0.57 6.09 4.47
CA THR A 24 -0.81 7.25 5.31
C THR A 24 -0.48 8.53 4.57
N GLU A 25 -1.26 9.57 4.83
CA GLU A 25 -1.04 10.86 4.19
C GLU A 25 0.37 11.34 4.46
N GLY A 26 0.85 11.02 5.65
CA GLY A 26 2.18 11.41 6.06
C GLY A 26 3.27 10.82 5.19
N SER A 27 3.08 9.59 4.70
CA SER A 27 4.09 8.95 3.88
C SER A 27 4.03 9.44 2.43
N CYS A 28 2.81 9.55 1.90
CA CYS A 28 2.60 9.99 0.53
C CYS A 28 3.23 11.35 0.25
N ASN A 29 2.99 12.30 1.15
CA ASN A 29 3.53 13.65 0.98
C ASN A 29 5.04 13.61 0.76
N LYS A 30 5.68 12.64 1.39
CA LYS A 30 7.13 12.49 1.29
C LYS A 30 7.52 11.89 -0.07
N LYS A 31 6.73 10.94 -0.55
CA LYS A 31 7.01 10.29 -1.82
C LYS A 31 7.04 11.27 -2.98
N ASP A 32 7.23 10.70 -4.16
CA ASP A 32 7.27 11.45 -5.41
C ASP A 32 6.70 10.59 -6.52
N GLN A 33 7.14 10.80 -7.75
CA GLN A 33 6.65 10.02 -8.87
C GLN A 33 7.02 8.54 -8.68
N ASN A 34 8.31 8.27 -8.63
CA ASN A 34 8.81 6.92 -8.45
C ASN A 34 8.62 6.42 -7.03
N GLU A 35 7.75 7.08 -6.26
CA GLU A 35 7.52 6.69 -4.89
C GLU A 35 6.04 6.84 -4.51
N CYS A 36 5.25 7.43 -5.40
CA CYS A 36 3.83 7.59 -5.12
C CYS A 36 3.18 6.22 -5.08
N LYS A 37 2.95 5.73 -3.86
CA LYS A 37 2.39 4.40 -3.64
C LYS A 37 0.92 4.31 -4.04
N SER A 38 0.45 3.08 -4.24
CA SER A 38 -0.92 2.80 -4.65
C SER A 38 -1.95 3.53 -3.77
N PRO A 39 -1.86 3.41 -2.43
CA PRO A 39 -2.81 4.08 -1.53
C PRO A 39 -2.88 5.57 -1.78
N CYS A 40 -1.73 6.14 -2.13
CA CYS A 40 -1.62 7.57 -2.39
C CYS A 40 -2.42 7.98 -3.62
N LYS A 41 -2.02 9.12 -4.19
CA LYS A 41 -2.66 9.65 -5.38
C LYS A 41 -1.71 10.59 -6.11
N TRP A 42 -1.26 10.17 -7.27
CA TRP A 42 -0.31 10.94 -8.06
C TRP A 42 -0.96 12.19 -8.65
N HIS A 43 -0.19 13.29 -8.68
CA HIS A 43 -0.66 14.55 -9.23
C HIS A 43 0.32 15.04 -10.30
N ASN A 44 -0.13 15.00 -11.55
CA ASN A 44 0.68 15.43 -12.68
C ASN A 44 0.59 16.94 -12.89
N ASP A 45 1.73 17.55 -13.19
CA ASP A 45 1.79 18.99 -13.44
C ASP A 45 1.27 19.78 -12.25
N ALA A 46 1.41 19.22 -11.06
CA ALA A 46 0.95 19.88 -9.85
C ALA A 46 1.95 20.96 -9.42
N GLU A 47 2.06 21.20 -8.13
CA GLU A 47 2.99 22.18 -7.60
C GLU A 47 4.39 21.58 -7.53
N ASN A 48 4.94 21.25 -8.70
CA ASN A 48 6.26 20.63 -8.81
C ASN A 48 6.15 19.16 -8.45
N LYS A 49 5.08 18.56 -8.98
CA LYS A 49 4.76 17.15 -8.76
C LYS A 49 4.24 16.95 -7.34
N LYS A 50 3.10 16.27 -7.21
CA LYS A 50 2.50 16.04 -5.90
C LYS A 50 1.93 14.64 -5.75
N CYS A 51 1.95 14.13 -4.52
CA CYS A 51 1.42 12.81 -4.20
C CYS A 51 0.80 12.84 -2.81
N THR A 52 -0.46 12.42 -2.70
CA THR A 52 -1.16 12.44 -1.42
C THR A 52 -1.99 11.18 -1.20
N LEU A 53 -2.06 10.76 0.06
CA LEU A 53 -2.82 9.57 0.42
C LEU A 53 -4.31 9.79 0.22
N ASP A 54 -4.98 8.75 -0.25
CA ASP A 54 -6.42 8.82 -0.50
C ASP A 54 -7.16 7.83 0.40
N LYS A 55 -8.21 8.31 1.04
CA LYS A 55 -9.02 7.47 1.94
C LYS A 55 -9.73 6.36 1.17
N GLU A 56 -10.34 6.73 0.04
CA GLU A 56 -11.08 5.77 -0.78
C GLU A 56 -10.15 4.70 -1.33
N GLU A 57 -8.95 5.10 -1.74
CA GLU A 57 -7.99 4.16 -2.29
C GLU A 57 -7.44 3.22 -1.20
N ALA A 58 -7.07 3.80 -0.06
CA ALA A 58 -6.54 3.03 1.05
C ALA A 58 -7.54 1.98 1.55
N LYS A 59 -8.79 2.38 1.73
CA LYS A 59 -9.82 1.47 2.21
C LYS A 59 -10.01 0.30 1.24
N LYS A 60 -10.03 0.60 -0.05
CA LYS A 60 -10.21 -0.43 -1.07
C LYS A 60 -9.03 -1.42 -1.06
N VAL A 61 -7.82 -0.89 -1.00
CA VAL A 61 -6.61 -1.72 -1.00
C VAL A 61 -6.59 -2.64 0.22
N ALA A 62 -6.85 -2.05 1.40
CA ALA A 62 -6.85 -2.81 2.64
C ALA A 62 -7.92 -3.89 2.61
N ASP A 63 -9.05 -3.59 1.96
CA ASP A 63 -10.15 -4.54 1.85
C ASP A 63 -9.89 -5.56 0.73
N GLU A 64 -8.65 -5.99 0.62
CA GLU A 64 -8.25 -6.97 -0.40
C GLU A 64 -7.29 -8.01 0.18
N THR A 65 -6.40 -7.58 1.05
CA THR A 65 -5.43 -8.47 1.66
C THR A 65 -4.99 -7.95 3.03
N ALA A 66 -5.95 -7.42 3.79
CA ALA A 66 -5.67 -6.88 5.12
C ALA A 66 -6.97 -6.44 5.79
N LYS A 67 -8.02 -7.24 5.61
CA LYS A 67 -9.32 -6.95 6.20
C LYS A 67 -9.37 -7.35 7.67
N ASP A 68 -8.28 -7.08 8.40
CA ASP A 68 -8.21 -7.41 9.81
C ASP A 68 -9.18 -6.55 10.62
N GLY A 69 -9.93 -7.19 11.50
CA GLY A 69 -10.88 -6.47 12.32
C GLY A 69 -11.68 -7.37 13.24
N LYS A 70 -11.00 -8.33 13.85
CA LYS A 70 -11.63 -9.28 14.75
C LYS A 70 -12.19 -8.56 15.98
N THR A 71 -11.39 -7.65 16.52
CA THR A 71 -11.79 -6.87 17.70
C THR A 71 -13.00 -6.01 17.39
N GLY A 72 -13.97 -6.01 18.30
CA GLY A 72 -15.18 -5.23 18.11
C GLY A 72 -16.20 -5.47 19.21
N ASN A 73 -16.45 -6.74 19.52
CA ASN A 73 -17.40 -7.12 20.55
C ASN A 73 -17.34 -8.61 20.84
N THR A 74 -17.32 -8.96 22.12
CA THR A 74 -17.26 -10.37 22.52
C THR A 74 -18.51 -11.12 22.07
N ASN A 75 -19.67 -10.65 22.52
CA ASN A 75 -20.94 -11.27 22.16
C ASN A 75 -22.09 -10.56 22.88
N THR A 76 -23.13 -11.30 23.22
CA THR A 76 -24.26 -10.71 23.92
C THR A 76 -23.88 -10.39 25.36
N THR A 77 -23.73 -9.10 25.65
CA THR A 77 -23.36 -8.62 26.97
C THR A 77 -23.39 -7.10 27.01
N GLY A 78 -22.59 -6.48 26.13
CA GLY A 78 -22.54 -5.03 26.08
C GLY A 78 -21.29 -4.51 25.41
N SER A 79 -20.75 -3.42 25.95
CA SER A 79 -19.54 -2.80 25.40
C SER A 79 -18.32 -3.68 25.67
N SER A 80 -17.47 -3.83 24.65
CA SER A 80 -16.26 -4.63 24.78
C SER A 80 -15.39 -4.52 23.53
N GLY A 1 8.66 -15.28 8.15
CA GLY A 1 8.35 -13.83 8.29
C GLY A 1 6.97 -13.58 8.85
N SER A 2 6.63 -14.31 9.91
CA SER A 2 5.32 -14.16 10.54
C SER A 2 5.21 -12.82 11.24
N HIS A 3 4.58 -12.82 12.43
CA HIS A 3 4.41 -11.59 13.20
C HIS A 3 5.76 -11.03 13.63
N MET A 4 5.94 -9.73 13.43
CA MET A 4 7.18 -9.06 13.80
C MET A 4 6.93 -7.59 14.10
N LEU A 5 7.47 -7.12 15.22
CA LEU A 5 7.30 -5.73 15.63
C LEU A 5 7.95 -4.79 14.61
N GLU A 6 9.16 -5.15 14.20
CA GLU A 6 9.89 -4.35 13.22
C GLU A 6 9.25 -4.47 11.84
N VAL A 7 9.10 -3.34 11.17
CA VAL A 7 8.50 -3.31 9.84
C VAL A 7 9.32 -4.14 8.85
N LEU A 8 8.62 -4.96 8.07
CA LEU A 8 9.27 -5.82 7.08
C LEU A 8 10.02 -4.98 6.05
N THR A 9 9.48 -3.80 5.75
CA THR A 9 10.09 -2.91 4.78
C THR A 9 11.51 -2.52 5.19
N GLN A 10 11.64 -1.93 6.37
CA GLN A 10 12.94 -1.49 6.87
C GLN A 10 13.69 -2.67 7.49
N LYS A 11 14.85 -3.01 6.91
CA LYS A 11 15.66 -4.10 7.41
C LYS A 11 17.10 -3.93 6.94
N HIS A 12 17.99 -4.78 7.44
CA HIS A 12 19.39 -4.73 7.07
C HIS A 12 19.60 -5.36 5.69
N LYS A 13 18.71 -5.03 4.75
CA LYS A 13 18.79 -5.58 3.40
C LYS A 13 18.27 -4.57 2.37
N PRO A 14 19.06 -4.30 1.32
CA PRO A 14 18.69 -3.36 0.26
C PRO A 14 17.78 -4.02 -0.78
N ALA A 15 16.76 -4.74 -0.31
CA ALA A 15 15.82 -5.42 -1.19
C ALA A 15 14.38 -5.20 -0.73
N GLU A 16 14.01 -3.93 -0.63
CA GLU A 16 12.66 -3.56 -0.20
C GLU A 16 11.59 -4.32 -0.99
N SER A 17 10.65 -4.91 -0.26
CA SER A 17 9.58 -5.68 -0.89
C SER A 17 8.67 -4.79 -1.70
N GLN A 18 8.40 -5.20 -2.95
CA GLN A 18 7.54 -4.43 -3.84
C GLN A 18 6.06 -4.73 -3.58
N GLN A 19 5.71 -4.96 -2.32
CA GLN A 19 4.33 -5.25 -1.95
C GLN A 19 3.54 -3.97 -1.69
N GLN A 20 2.30 -3.94 -2.16
CA GLN A 20 1.44 -2.78 -1.98
C GLN A 20 0.94 -2.71 -0.53
N ALA A 21 1.27 -1.61 0.15
CA ALA A 21 0.85 -1.43 1.53
C ALA A 21 0.11 -0.11 1.73
N ALA A 22 -1.00 -0.16 2.47
CA ALA A 22 -1.79 1.03 2.73
C ALA A 22 -0.97 2.08 3.48
N GLU A 23 -0.36 2.99 2.74
CA GLU A 23 0.46 4.04 3.32
C GLU A 23 -0.42 5.05 4.07
N THR A 24 0.05 6.30 4.11
CA THR A 24 -0.69 7.37 4.79
C THR A 24 -0.42 8.70 4.10
N GLU A 25 -1.37 9.62 4.23
CA GLU A 25 -1.25 10.93 3.61
C GLU A 25 0.12 11.55 3.90
N GLY A 26 0.57 11.38 5.13
CA GLY A 26 1.86 11.92 5.52
C GLY A 26 3.02 11.27 4.79
N SER A 27 2.95 9.96 4.59
CA SER A 27 4.03 9.25 3.91
C SER A 27 4.07 9.60 2.43
N CYS A 28 2.90 9.55 1.78
CA CYS A 28 2.80 9.84 0.35
C CYS A 28 3.42 11.18 0.00
N ASN A 29 3.06 12.22 0.75
CA ASN A 29 3.57 13.57 0.52
C ASN A 29 5.10 13.55 0.48
N LYS A 30 5.69 12.70 1.32
CA LYS A 30 7.13 12.60 1.40
C LYS A 30 7.71 11.78 0.24
N LYS A 31 6.98 10.76 -0.20
CA LYS A 31 7.45 9.92 -1.28
C LYS A 31 7.59 10.68 -2.58
N ASP A 32 8.53 10.22 -3.38
CA ASP A 32 8.81 10.82 -4.68
C ASP A 32 7.85 10.29 -5.72
N GLN A 33 8.02 10.75 -6.95
CA GLN A 33 7.17 10.32 -8.06
C GLN A 33 7.08 8.80 -8.13
N ASN A 34 8.24 8.15 -8.27
CA ASN A 34 8.31 6.72 -8.34
C ASN A 34 7.92 6.09 -7.00
N GLU A 35 8.15 6.84 -5.93
CA GLU A 35 7.83 6.38 -4.59
C GLU A 35 6.35 6.51 -4.29
N CYS A 36 5.66 7.35 -5.06
CA CYS A 36 4.23 7.54 -4.87
C CYS A 36 3.55 6.17 -4.96
N LYS A 37 3.25 5.60 -3.81
CA LYS A 37 2.66 4.27 -3.72
C LYS A 37 1.23 4.22 -4.25
N SER A 38 0.77 3.01 -4.55
CA SER A 38 -0.57 2.79 -5.09
C SER A 38 -1.64 3.47 -4.23
N PRO A 39 -1.70 3.19 -2.91
CA PRO A 39 -2.69 3.80 -2.03
C PRO A 39 -2.74 5.30 -2.22
N CYS A 40 -1.57 5.88 -2.47
CA CYS A 40 -1.47 7.31 -2.68
C CYS A 40 -2.17 7.74 -3.96
N LYS A 41 -1.79 8.89 -4.49
CA LYS A 41 -2.35 9.42 -5.72
C LYS A 41 -1.42 10.46 -6.31
N TRP A 42 -0.87 10.15 -7.47
CA TRP A 42 0.05 11.06 -8.14
C TRP A 42 -0.69 12.21 -8.80
N HIS A 43 -0.25 13.43 -8.50
CA HIS A 43 -0.87 14.63 -9.07
C HIS A 43 0.10 15.30 -10.05
N ASN A 44 -0.26 15.26 -11.32
CA ASN A 44 0.57 15.86 -12.37
C ASN A 44 0.29 17.36 -12.49
N ASP A 45 1.35 18.12 -12.76
CA ASP A 45 1.22 19.57 -12.90
C ASP A 45 0.72 20.20 -11.60
N ALA A 46 1.14 19.65 -10.47
CA ALA A 46 0.74 20.17 -9.17
C ALA A 46 1.64 21.34 -8.78
N GLU A 47 2.02 22.14 -9.78
CA GLU A 47 2.89 23.29 -9.60
C GLU A 47 4.33 22.82 -9.44
N ASN A 48 4.49 21.62 -8.88
CA ASN A 48 5.79 21.01 -8.66
C ASN A 48 5.63 19.52 -8.42
N LYS A 49 4.50 18.99 -8.88
CA LYS A 49 4.19 17.56 -8.72
C LYS A 49 3.98 17.23 -7.23
N LYS A 50 2.89 16.55 -6.92
CA LYS A 50 2.60 16.21 -5.53
C LYS A 50 1.88 14.87 -5.40
N CYS A 51 2.34 14.04 -4.47
CA CYS A 51 1.73 12.75 -4.20
C CYS A 51 0.93 12.82 -2.90
N THR A 52 -0.30 12.34 -2.93
CA THR A 52 -1.16 12.38 -1.75
C THR A 52 -1.94 11.08 -1.57
N LEU A 53 -2.04 10.62 -0.32
CA LEU A 53 -2.76 9.40 0.01
C LEU A 53 -4.25 9.59 -0.17
N ASP A 54 -4.90 8.55 -0.66
CA ASP A 54 -6.34 8.59 -0.88
C ASP A 54 -7.05 7.71 0.15
N LYS A 55 -8.03 8.29 0.84
CA LYS A 55 -8.78 7.56 1.86
C LYS A 55 -9.61 6.43 1.27
N GLU A 56 -10.33 6.73 0.20
CA GLU A 56 -11.18 5.74 -0.46
C GLU A 56 -10.36 4.58 -1.03
N GLU A 57 -9.25 4.89 -1.66
CA GLU A 57 -8.39 3.88 -2.25
C GLU A 57 -7.68 3.06 -1.18
N ALA A 58 -7.12 3.74 -0.19
CA ALA A 58 -6.40 3.07 0.89
C ALA A 58 -7.30 2.08 1.63
N LYS A 59 -8.52 2.50 1.95
CA LYS A 59 -9.45 1.64 2.65
C LYS A 59 -9.83 0.42 1.80
N LYS A 60 -9.99 0.62 0.50
CA LYS A 60 -10.35 -0.47 -0.41
C LYS A 60 -9.20 -1.46 -0.53
N VAL A 61 -7.98 -0.96 -0.69
CA VAL A 61 -6.80 -1.82 -0.82
C VAL A 61 -6.56 -2.63 0.44
N ALA A 62 -6.73 -2.00 1.59
CA ALA A 62 -6.52 -2.66 2.87
C ALA A 62 -7.65 -3.64 3.18
N ASP A 63 -8.87 -3.23 2.86
CA ASP A 63 -10.05 -4.06 3.10
C ASP A 63 -10.45 -4.86 1.87
N GLU A 64 -9.46 -5.33 1.13
CA GLU A 64 -9.71 -6.12 -0.07
C GLU A 64 -9.64 -7.60 0.28
N THR A 65 -8.88 -7.89 1.32
CA THR A 65 -8.69 -9.25 1.80
C THR A 65 -8.36 -9.26 3.28
N ALA A 66 -8.40 -8.07 3.88
CA ALA A 66 -8.11 -7.91 5.29
C ALA A 66 -6.76 -8.51 5.66
N LYS A 67 -5.71 -8.11 4.93
CA LYS A 67 -4.37 -8.60 5.20
C LYS A 67 -3.97 -8.38 6.65
N ASP A 68 -4.23 -7.17 7.14
CA ASP A 68 -3.91 -6.82 8.52
C ASP A 68 -4.82 -7.56 9.48
N GLY A 69 -4.23 -8.17 10.51
CA GLY A 69 -5.02 -8.91 11.48
C GLY A 69 -5.61 -10.18 10.90
N LYS A 70 -5.52 -11.27 11.66
CA LYS A 70 -6.06 -12.56 11.21
C LYS A 70 -7.57 -12.48 11.01
N THR A 71 -8.04 -13.05 9.89
CA THR A 71 -9.46 -13.04 9.58
C THR A 71 -10.28 -13.76 10.65
N GLY A 72 -9.88 -14.98 10.97
CA GLY A 72 -10.60 -15.75 11.97
C GLY A 72 -10.17 -17.21 12.03
N ASN A 73 -9.89 -17.78 10.87
CA ASN A 73 -9.47 -19.19 10.79
C ASN A 73 -8.33 -19.48 11.77
N THR A 74 -8.50 -20.57 12.53
CA THR A 74 -7.50 -20.98 13.51
C THR A 74 -6.22 -21.44 12.83
N ASN A 75 -5.08 -21.15 13.46
CA ASN A 75 -3.79 -21.54 12.94
C ASN A 75 -2.70 -21.29 13.96
N THR A 76 -2.75 -20.11 14.60
CA THR A 76 -1.77 -19.74 15.61
C THR A 76 -1.90 -20.64 16.85
N THR A 77 -0.77 -21.14 17.34
CA THR A 77 -0.73 -22.00 18.52
C THR A 77 -1.25 -23.41 18.21
N GLY A 78 -2.34 -23.49 17.44
CA GLY A 78 -2.91 -24.77 17.09
C GLY A 78 -2.02 -25.59 16.16
N SER A 79 -2.62 -26.15 15.12
CA SER A 79 -1.89 -26.96 14.15
C SER A 79 -1.07 -26.07 13.20
N SER A 80 -0.08 -25.36 13.75
CA SER A 80 0.76 -24.48 12.95
C SER A 80 1.50 -25.27 11.87
N GLY A 1 12.69 -3.32 22.41
CA GLY A 1 12.57 -4.43 21.42
C GLY A 1 13.37 -4.16 20.16
N SER A 2 14.07 -5.19 19.69
CA SER A 2 14.89 -5.08 18.48
C SER A 2 14.03 -4.72 17.28
N HIS A 3 14.50 -3.78 16.46
CA HIS A 3 13.78 -3.34 15.28
C HIS A 3 13.55 -4.52 14.33
N MET A 4 12.32 -4.64 13.83
CA MET A 4 11.96 -5.71 12.90
C MET A 4 12.03 -7.08 13.57
N LEU A 5 10.95 -7.84 13.47
CA LEU A 5 10.90 -9.18 14.06
C LEU A 5 11.74 -10.16 13.23
N GLU A 6 11.23 -11.38 13.06
CA GLU A 6 11.94 -12.39 12.28
C GLU A 6 12.00 -11.98 10.81
N VAL A 7 13.18 -12.13 10.21
CA VAL A 7 13.38 -11.76 8.81
C VAL A 7 12.39 -12.51 7.91
N LEU A 8 11.81 -11.78 6.96
CA LEU A 8 10.84 -12.37 6.04
C LEU A 8 11.49 -13.47 5.21
N THR A 9 10.82 -14.62 5.14
CA THR A 9 11.34 -15.76 4.38
C THR A 9 11.38 -15.45 2.88
N GLN A 10 12.51 -15.74 2.26
CA GLN A 10 12.69 -15.50 0.83
C GLN A 10 12.16 -16.68 0.00
N LYS A 11 10.91 -17.07 0.25
CA LYS A 11 10.31 -18.18 -0.49
C LYS A 11 8.79 -18.06 -0.49
N HIS A 12 8.13 -19.08 -1.03
CA HIS A 12 6.67 -19.10 -1.10
C HIS A 12 6.06 -19.52 0.24
N LYS A 13 6.56 -18.95 1.32
CA LYS A 13 6.06 -19.27 2.65
C LYS A 13 4.55 -19.03 2.73
N PRO A 14 3.77 -20.02 3.20
CA PRO A 14 2.32 -19.90 3.31
C PRO A 14 1.90 -18.94 4.42
N ALA A 15 0.91 -18.10 4.12
CA ALA A 15 0.41 -17.14 5.10
C ALA A 15 1.52 -16.20 5.56
N GLU A 16 2.34 -15.74 4.62
CA GLU A 16 3.44 -14.82 4.93
C GLU A 16 2.89 -13.46 5.34
N SER A 17 3.50 -12.89 6.37
CA SER A 17 3.07 -11.58 6.86
C SER A 17 3.17 -10.53 5.76
N GLN A 18 2.07 -9.84 5.51
CA GLN A 18 2.01 -8.81 4.49
C GLN A 18 2.74 -7.54 4.94
N GLN A 19 3.53 -6.96 4.04
CA GLN A 19 4.26 -5.74 4.36
C GLN A 19 3.30 -4.60 4.69
N GLN A 20 3.58 -3.89 5.78
CA GLN A 20 2.72 -2.78 6.20
C GLN A 20 2.71 -1.69 5.14
N ALA A 21 1.50 -1.32 4.71
CA ALA A 21 1.34 -0.28 3.70
C ALA A 21 1.19 1.10 4.35
N ALA A 22 2.00 2.05 3.89
CA ALA A 22 1.96 3.40 4.43
C ALA A 22 0.91 4.25 3.72
N GLU A 23 -0.32 3.75 3.73
CA GLU A 23 -1.44 4.43 3.09
C GLU A 23 -1.90 5.64 3.89
N THR A 24 -1.08 6.68 3.83
CA THR A 24 -1.38 7.92 4.53
C THR A 24 -0.86 9.10 3.74
N GLU A 25 -1.61 10.20 3.77
CA GLU A 25 -1.22 11.40 3.06
C GLU A 25 0.19 11.82 3.45
N GLY A 26 0.49 11.67 4.73
CA GLY A 26 1.80 12.04 5.22
C GLY A 26 2.93 11.25 4.59
N SER A 27 2.69 9.96 4.34
CA SER A 27 3.72 9.12 3.74
C SER A 27 3.89 9.38 2.24
N CYS A 28 2.78 9.49 1.54
CA CYS A 28 2.80 9.72 0.09
C CYS A 28 3.57 10.99 -0.27
N ASN A 29 3.33 12.07 0.47
CA ASN A 29 4.01 13.34 0.21
C ASN A 29 5.51 13.15 0.22
N LYS A 30 5.95 12.15 0.96
CA LYS A 30 7.37 11.83 1.08
C LYS A 30 7.85 11.05 -0.13
N LYS A 31 7.00 10.12 -0.57
CA LYS A 31 7.29 9.26 -1.69
C LYS A 31 7.24 10.01 -3.03
N ASP A 32 8.30 9.85 -3.83
CA ASP A 32 8.37 10.49 -5.14
C ASP A 32 7.49 9.74 -6.12
N GLN A 33 7.49 10.17 -7.38
CA GLN A 33 6.68 9.52 -8.41
C GLN A 33 6.87 8.00 -8.36
N ASN A 34 8.13 7.57 -8.33
CA ASN A 34 8.45 6.15 -8.28
C ASN A 34 8.02 5.55 -6.94
N GLU A 35 8.22 6.29 -5.87
CA GLU A 35 7.86 5.84 -4.53
C GLU A 35 6.36 5.97 -4.29
N CYS A 36 5.66 6.60 -5.21
CA CYS A 36 4.22 6.77 -5.08
C CYS A 36 3.56 5.40 -4.96
N LYS A 37 3.25 5.02 -3.72
CA LYS A 37 2.67 3.71 -3.44
C LYS A 37 1.24 3.58 -3.94
N SER A 38 0.77 2.33 -4.03
CA SER A 38 -0.57 2.03 -4.52
C SER A 38 -1.62 2.92 -3.86
N PRO A 39 -1.69 2.95 -2.51
CA PRO A 39 -2.65 3.79 -1.80
C PRO A 39 -2.59 5.23 -2.28
N CYS A 40 -1.36 5.67 -2.55
CA CYS A 40 -1.12 7.02 -3.00
C CYS A 40 -1.66 7.24 -4.42
N LYS A 41 -1.17 8.31 -5.05
CA LYS A 41 -1.57 8.66 -6.41
C LYS A 41 -0.79 9.88 -6.88
N TRP A 42 -0.17 9.77 -8.04
CA TRP A 42 0.62 10.85 -8.59
C TRP A 42 -0.24 12.07 -8.85
N HIS A 43 -0.22 13.03 -7.94
CA HIS A 43 -1.01 14.24 -8.09
C HIS A 43 -0.39 15.14 -9.14
N ASN A 44 -0.93 15.07 -10.36
CA ASN A 44 -0.43 15.88 -11.46
C ASN A 44 -0.82 17.34 -11.28
N ASP A 45 0.11 18.22 -11.62
CA ASP A 45 -0.11 19.66 -11.49
C ASP A 45 -0.42 20.04 -10.05
N ALA A 46 0.23 19.34 -9.11
CA ALA A 46 0.06 19.62 -7.69
C ALA A 46 0.61 21.01 -7.36
N GLU A 47 0.96 21.24 -6.10
CA GLU A 47 1.53 22.52 -5.71
C GLU A 47 2.76 22.79 -6.57
N ASN A 48 3.47 21.71 -6.84
CA ASN A 48 4.67 21.72 -7.67
C ASN A 48 4.93 20.30 -8.15
N LYS A 49 3.83 19.60 -8.44
CA LYS A 49 3.88 18.20 -8.87
C LYS A 49 4.31 17.33 -7.70
N LYS A 50 3.44 16.44 -7.24
CA LYS A 50 3.80 15.59 -6.10
C LYS A 50 2.78 14.46 -5.85
N CYS A 51 3.29 13.34 -5.33
CA CYS A 51 2.46 12.18 -5.02
C CYS A 51 1.60 12.45 -3.77
N THR A 52 0.32 12.07 -3.83
CA THR A 52 -0.59 12.29 -2.72
C THR A 52 -1.46 11.07 -2.44
N LEU A 53 -1.75 10.82 -1.17
CA LEU A 53 -2.56 9.69 -0.76
C LEU A 53 -4.02 9.89 -1.17
N ASP A 54 -4.65 8.80 -1.58
CA ASP A 54 -6.05 8.84 -2.00
C ASP A 54 -6.93 8.08 -1.01
N LYS A 55 -8.05 8.70 -0.64
CA LYS A 55 -8.99 8.11 0.31
C LYS A 55 -9.64 6.85 -0.27
N GLU A 56 -10.07 6.94 -1.52
CA GLU A 56 -10.73 5.82 -2.19
C GLU A 56 -9.78 4.63 -2.34
N GLU A 57 -8.56 4.91 -2.77
CA GLU A 57 -7.56 3.86 -2.97
C GLU A 57 -7.13 3.26 -1.63
N ALA A 58 -6.90 4.12 -0.65
CA ALA A 58 -6.46 3.68 0.68
C ALA A 58 -7.50 2.80 1.35
N LYS A 59 -8.76 3.20 1.28
CA LYS A 59 -9.84 2.44 1.91
C LYS A 59 -9.96 1.05 1.28
N LYS A 60 -9.82 0.98 -0.04
CA LYS A 60 -9.91 -0.30 -0.75
C LYS A 60 -8.78 -1.23 -0.32
N VAL A 61 -7.56 -0.71 -0.26
CA VAL A 61 -6.41 -1.50 0.13
C VAL A 61 -6.53 -1.94 1.58
N ALA A 62 -6.94 -1.02 2.44
CA ALA A 62 -7.12 -1.29 3.87
C ALA A 62 -8.23 -2.30 4.09
N ASP A 63 -9.16 -2.37 3.15
CA ASP A 63 -10.30 -3.29 3.25
C ASP A 63 -9.85 -4.69 3.61
N GLU A 64 -8.65 -5.02 3.20
CA GLU A 64 -8.07 -6.32 3.48
C GLU A 64 -6.57 -6.20 3.75
N THR A 65 -6.14 -4.99 4.09
CA THR A 65 -4.74 -4.72 4.39
C THR A 65 -3.82 -5.35 3.35
N ALA A 66 -4.28 -5.38 2.10
CA ALA A 66 -3.50 -5.96 1.00
C ALA A 66 -4.24 -5.82 -0.32
N LYS A 67 -5.49 -6.27 -0.35
CA LYS A 67 -6.31 -6.20 -1.54
C LYS A 67 -5.58 -6.80 -2.74
N ASP A 68 -4.95 -7.96 -2.52
CA ASP A 68 -4.21 -8.63 -3.58
C ASP A 68 -5.15 -9.19 -4.65
N GLY A 69 -6.18 -9.90 -4.21
CA GLY A 69 -7.14 -10.48 -5.14
C GLY A 69 -7.97 -9.42 -5.86
N LYS A 70 -8.09 -9.57 -7.18
CA LYS A 70 -8.87 -8.63 -7.97
C LYS A 70 -10.34 -8.96 -7.93
N THR A 71 -10.86 -9.20 -6.72
CA THR A 71 -12.27 -9.54 -6.54
C THR A 71 -13.18 -8.35 -6.89
N GLY A 72 -14.20 -8.13 -6.07
CA GLY A 72 -15.12 -7.03 -6.31
C GLY A 72 -16.00 -7.26 -7.52
N ASN A 73 -16.19 -6.22 -8.32
CA ASN A 73 -17.01 -6.31 -9.52
C ASN A 73 -16.41 -7.25 -10.55
N THR A 74 -17.25 -8.12 -11.11
CA THR A 74 -16.80 -9.08 -12.11
C THR A 74 -16.29 -8.37 -13.37
N ASN A 75 -15.13 -8.81 -13.85
CA ASN A 75 -14.54 -8.23 -15.04
C ASN A 75 -15.32 -8.63 -16.29
N THR A 76 -14.62 -8.84 -17.40
CA THR A 76 -15.26 -9.24 -18.64
C THR A 76 -15.83 -10.65 -18.52
N THR A 77 -17.16 -10.76 -18.65
CA THR A 77 -17.84 -12.05 -18.55
C THR A 77 -17.90 -12.55 -17.10
N GLY A 78 -16.81 -12.37 -16.36
CA GLY A 78 -16.76 -12.80 -14.97
C GLY A 78 -15.35 -12.78 -14.41
N SER A 79 -14.98 -13.84 -13.71
CA SER A 79 -13.65 -13.95 -13.12
C SER A 79 -12.59 -14.07 -14.21
N SER A 80 -11.50 -13.32 -14.05
CA SER A 80 -10.41 -13.34 -15.02
C SER A 80 -9.77 -14.73 -15.10
N GLY A 1 24.01 -20.25 -21.50
CA GLY A 1 23.43 -20.04 -20.15
C GLY A 1 22.05 -19.41 -20.19
N SER A 2 21.20 -19.93 -21.06
CA SER A 2 19.84 -19.42 -21.20
C SER A 2 19.05 -19.59 -19.90
N HIS A 3 19.16 -20.78 -19.30
CA HIS A 3 18.46 -21.07 -18.06
C HIS A 3 18.94 -20.15 -16.94
N MET A 4 18.01 -19.72 -16.09
CA MET A 4 18.33 -18.83 -14.99
C MET A 4 17.19 -18.78 -13.97
N LEU A 5 17.53 -18.85 -12.69
CA LEU A 5 16.53 -18.81 -11.63
C LEU A 5 15.74 -17.51 -11.66
N GLU A 6 14.42 -17.61 -11.50
CA GLU A 6 13.55 -16.44 -11.52
C GLU A 6 13.94 -15.46 -10.43
N VAL A 7 14.03 -14.18 -10.80
CA VAL A 7 14.40 -13.13 -9.85
C VAL A 7 13.36 -12.99 -8.75
N LEU A 8 13.82 -12.90 -7.50
CA LEU A 8 12.92 -12.75 -6.37
C LEU A 8 13.71 -12.53 -5.08
N THR A 9 13.29 -11.54 -4.29
CA THR A 9 13.94 -11.22 -3.02
C THR A 9 15.27 -10.49 -3.24
N GLN A 10 16.04 -10.96 -4.23
CA GLN A 10 17.33 -10.35 -4.55
C GLN A 10 17.16 -9.09 -5.38
N LYS A 11 16.29 -8.20 -4.95
CA LYS A 11 16.04 -6.96 -5.66
C LYS A 11 15.46 -5.89 -4.73
N HIS A 12 16.00 -4.68 -4.82
CA HIS A 12 15.57 -3.55 -4.00
C HIS A 12 16.06 -3.68 -2.56
N LYS A 13 15.91 -4.88 -1.99
CA LYS A 13 16.34 -5.15 -0.62
C LYS A 13 16.17 -6.62 -0.28
N PRO A 14 17.22 -7.27 0.26
CA PRO A 14 17.17 -8.69 0.63
C PRO A 14 16.15 -8.95 1.72
N ALA A 15 15.03 -9.56 1.34
CA ALA A 15 13.97 -9.87 2.28
C ALA A 15 12.82 -10.59 1.61
N GLU A 16 12.35 -11.67 2.23
CA GLU A 16 11.25 -12.46 1.69
C GLU A 16 9.95 -11.66 1.71
N SER A 17 9.25 -11.67 0.58
CA SER A 17 7.99 -10.95 0.44
C SER A 17 8.18 -9.44 0.56
N GLN A 18 7.48 -8.69 -0.30
CA GLN A 18 7.57 -7.24 -0.31
C GLN A 18 6.23 -6.63 -0.70
N GLN A 19 5.16 -7.16 -0.13
CA GLN A 19 3.81 -6.67 -0.40
C GLN A 19 3.65 -5.21 0.03
N GLN A 20 2.99 -4.41 -0.81
CA GLN A 20 2.78 -3.01 -0.52
C GLN A 20 1.97 -2.84 0.76
N ALA A 21 2.21 -1.75 1.48
CA ALA A 21 1.51 -1.47 2.72
C ALA A 21 0.85 -0.10 2.67
N ALA A 22 -0.41 -0.03 3.08
CA ALA A 22 -1.15 1.23 3.09
C ALA A 22 -0.42 2.29 3.91
N GLU A 23 0.29 3.17 3.21
CA GLU A 23 1.04 4.24 3.86
C GLU A 23 0.08 5.24 4.52
N THR A 24 0.51 6.49 4.61
CA THR A 24 -0.32 7.53 5.22
C THR A 24 -0.06 8.86 4.53
N GLU A 25 -1.08 9.71 4.52
CA GLU A 25 -0.98 11.01 3.87
C GLU A 25 0.33 11.71 4.24
N GLY A 26 0.69 11.61 5.51
CA GLY A 26 1.91 12.23 5.98
C GLY A 26 3.17 11.66 5.33
N SER A 27 3.20 10.36 5.15
CA SER A 27 4.38 9.72 4.56
C SER A 27 4.41 9.88 3.04
N CYS A 28 3.27 9.70 2.39
CA CYS A 28 3.21 9.79 0.93
C CYS A 28 3.53 11.19 0.41
N ASN A 29 3.08 12.21 1.12
CA ASN A 29 3.36 13.58 0.69
C ASN A 29 4.84 13.75 0.46
N LYS A 30 5.62 12.98 1.23
CA LYS A 30 7.06 13.00 1.13
C LYS A 30 7.55 12.14 -0.04
N LYS A 31 6.83 11.05 -0.31
CA LYS A 31 7.22 10.14 -1.37
C LYS A 31 7.42 10.85 -2.69
N ASP A 32 8.32 10.27 -3.46
CA ASP A 32 8.65 10.77 -4.78
C ASP A 32 7.69 10.19 -5.81
N GLN A 33 7.83 10.59 -7.06
CA GLN A 33 6.96 10.09 -8.12
C GLN A 33 6.89 8.56 -8.07
N ASN A 34 8.05 7.91 -8.05
CA ASN A 34 8.11 6.46 -7.99
C ASN A 34 7.62 5.97 -6.64
N GLU A 35 7.89 6.74 -5.58
CA GLU A 35 7.47 6.37 -4.24
C GLU A 35 5.98 6.57 -4.04
N CYS A 36 5.35 7.33 -4.94
CA CYS A 36 3.92 7.56 -4.87
C CYS A 36 3.22 6.21 -4.83
N LYS A 37 2.86 5.77 -3.63
CA LYS A 37 2.23 4.46 -3.45
C LYS A 37 0.83 4.40 -4.04
N SER A 38 0.38 3.16 -4.27
CA SER A 38 -0.94 2.92 -4.85
C SER A 38 -2.05 3.53 -4.00
N PRO A 39 -2.10 3.22 -2.69
CA PRO A 39 -3.13 3.77 -1.80
C PRO A 39 -3.20 5.27 -1.91
N CYS A 40 -2.08 5.87 -2.31
CA CYS A 40 -1.97 7.31 -2.47
C CYS A 40 -2.75 7.79 -3.67
N LYS A 41 -2.30 8.92 -4.23
CA LYS A 41 -2.93 9.51 -5.39
C LYS A 41 -1.99 10.50 -6.05
N TRP A 42 -1.56 10.18 -7.27
CA TRP A 42 -0.65 11.03 -8.00
C TRP A 42 -1.34 12.25 -8.58
N HIS A 43 -0.71 13.41 -8.42
CA HIS A 43 -1.28 14.65 -8.94
C HIS A 43 -0.33 15.29 -9.95
N ASN A 44 -0.77 15.34 -11.21
CA ASN A 44 0.03 15.91 -12.28
C ASN A 44 -0.14 17.42 -12.36
N ASP A 45 0.91 18.10 -12.77
CA ASP A 45 0.89 19.56 -12.90
C ASP A 45 0.59 20.22 -11.55
N ALA A 46 1.07 19.60 -10.48
CA ALA A 46 0.85 20.13 -9.13
C ALA A 46 1.92 21.15 -8.78
N GLU A 47 2.20 22.04 -9.73
CA GLU A 47 3.23 23.08 -9.57
C GLU A 47 4.61 22.47 -9.73
N ASN A 48 4.73 21.18 -9.43
CA ASN A 48 5.98 20.46 -9.55
C ASN A 48 5.77 18.99 -9.22
N LYS A 49 4.56 18.51 -9.51
CA LYS A 49 4.18 17.12 -9.26
C LYS A 49 4.17 16.83 -7.77
N LYS A 50 3.04 16.35 -7.26
CA LYS A 50 2.90 16.06 -5.84
C LYS A 50 2.06 14.82 -5.58
N CYS A 51 2.51 13.98 -4.64
CA CYS A 51 1.79 12.76 -4.28
C CYS A 51 1.15 12.91 -2.91
N THR A 52 -0.06 12.38 -2.77
CA THR A 52 -0.77 12.44 -1.50
C THR A 52 -1.62 11.18 -1.29
N LEU A 53 -1.52 10.62 -0.08
CA LEU A 53 -2.27 9.42 0.25
C LEU A 53 -3.76 9.63 0.04
N ASP A 54 -4.44 8.59 -0.42
CA ASP A 54 -5.87 8.67 -0.68
C ASP A 54 -6.65 7.72 0.23
N LYS A 55 -7.69 8.25 0.87
CA LYS A 55 -8.51 7.45 1.77
C LYS A 55 -9.32 6.41 0.99
N GLU A 56 -9.86 6.82 -0.16
CA GLU A 56 -10.66 5.94 -0.99
C GLU A 56 -9.85 4.75 -1.51
N GLU A 57 -8.65 5.02 -1.99
CA GLU A 57 -7.80 3.96 -2.52
C GLU A 57 -7.28 3.07 -1.40
N ALA A 58 -6.79 3.69 -0.32
CA ALA A 58 -6.25 2.94 0.81
C ALA A 58 -7.29 1.95 1.37
N LYS A 59 -8.51 2.41 1.56
CA LYS A 59 -9.56 1.54 2.09
C LYS A 59 -9.83 0.37 1.14
N LYS A 60 -9.86 0.65 -0.15
CA LYS A 60 -10.10 -0.39 -1.15
C LYS A 60 -8.99 -1.43 -1.14
N VAL A 61 -7.74 -0.97 -1.09
CA VAL A 61 -6.59 -1.86 -1.07
C VAL A 61 -6.65 -2.81 0.13
N ALA A 62 -6.94 -2.26 1.29
CA ALA A 62 -7.04 -3.04 2.52
C ALA A 62 -8.23 -3.98 2.46
N ASP A 63 -9.28 -3.54 1.78
CA ASP A 63 -10.50 -4.34 1.65
C ASP A 63 -10.38 -5.36 0.52
N GLU A 64 -9.19 -5.94 0.39
CA GLU A 64 -8.95 -6.95 -0.64
C GLU A 64 -7.65 -7.72 -0.40
N THR A 65 -6.65 -7.04 0.18
CA THR A 65 -5.36 -7.67 0.47
C THR A 65 -5.45 -8.59 1.69
N ALA A 66 -6.49 -9.42 1.73
CA ALA A 66 -6.68 -10.35 2.85
C ALA A 66 -7.83 -11.30 2.57
N LYS A 67 -8.87 -10.80 1.90
CA LYS A 67 -10.04 -11.60 1.57
C LYS A 67 -10.74 -12.07 2.86
N ASP A 68 -10.74 -11.20 3.86
CA ASP A 68 -11.37 -11.48 5.15
C ASP A 68 -10.53 -12.46 5.97
N GLY A 69 -10.12 -13.58 5.34
CA GLY A 69 -9.32 -14.56 6.03
C GLY A 69 -7.90 -14.09 6.27
N LYS A 70 -7.44 -14.23 7.51
CA LYS A 70 -6.09 -13.81 7.87
C LYS A 70 -5.06 -14.80 7.36
N THR A 71 -3.95 -14.28 6.84
CA THR A 71 -2.86 -15.10 6.30
C THR A 71 -3.39 -16.18 5.36
N GLY A 72 -4.17 -15.76 4.37
CA GLY A 72 -4.72 -16.70 3.40
C GLY A 72 -3.64 -17.51 2.71
N ASN A 73 -2.53 -16.86 2.37
CA ASN A 73 -1.43 -17.53 1.69
C ASN A 73 -0.86 -18.65 2.55
N THR A 74 -0.68 -19.82 1.95
CA THR A 74 -0.15 -20.99 2.65
C THR A 74 0.32 -22.05 1.64
N ASN A 75 1.45 -22.69 1.94
CA ASN A 75 2.00 -23.71 1.06
C ASN A 75 3.24 -24.34 1.67
N THR A 76 4.16 -23.49 2.14
CA THR A 76 5.40 -23.96 2.75
C THR A 76 5.11 -24.86 3.94
N THR A 77 5.86 -25.96 4.04
CA THR A 77 5.71 -26.93 5.13
C THR A 77 4.47 -27.80 4.93
N GLY A 78 3.36 -27.19 4.54
CA GLY A 78 2.14 -27.94 4.32
C GLY A 78 0.95 -27.04 4.00
N SER A 79 0.21 -27.39 2.95
CA SER A 79 -0.96 -26.62 2.56
C SER A 79 -2.02 -26.64 3.64
N SER A 80 -2.58 -25.46 3.95
CA SER A 80 -3.61 -25.34 4.96
C SER A 80 -4.86 -26.10 4.57
N GLY A 1 -4.51 -32.06 -8.43
CA GLY A 1 -5.00 -30.77 -8.98
C GLY A 1 -3.97 -30.10 -9.88
N SER A 2 -4.43 -29.62 -11.03
CA SER A 2 -3.55 -28.96 -11.99
C SER A 2 -2.92 -27.71 -11.39
N HIS A 3 -3.74 -26.90 -10.72
CA HIS A 3 -3.27 -25.68 -10.09
C HIS A 3 -2.20 -25.97 -9.03
N MET A 4 -1.18 -25.14 -8.99
CA MET A 4 -0.08 -25.31 -8.04
C MET A 4 0.88 -24.11 -8.11
N LEU A 5 1.27 -23.62 -6.95
CA LEU A 5 2.18 -22.48 -6.87
C LEU A 5 2.62 -22.23 -5.43
N GLU A 6 2.80 -20.96 -5.07
CA GLU A 6 3.21 -20.58 -3.73
C GLU A 6 3.08 -19.08 -3.52
N VAL A 7 2.44 -18.69 -2.42
CA VAL A 7 2.24 -17.27 -2.12
C VAL A 7 3.56 -16.59 -1.83
N LEU A 8 3.76 -15.42 -2.45
CA LEU A 8 4.97 -14.64 -2.26
C LEU A 8 5.09 -14.18 -0.81
N THR A 9 6.28 -14.35 -0.23
CA THR A 9 6.52 -13.95 1.16
C THR A 9 7.98 -14.17 1.55
N GLN A 10 8.55 -13.16 2.22
CA GLN A 10 9.94 -13.23 2.66
C GLN A 10 10.10 -14.19 3.84
N LYS A 11 11.12 -15.04 3.76
CA LYS A 11 11.41 -16.01 4.81
C LYS A 11 12.89 -16.37 4.80
N HIS A 12 13.71 -15.52 5.44
CA HIS A 12 15.15 -15.75 5.49
C HIS A 12 15.73 -15.83 4.09
N LYS A 13 15.28 -14.93 3.22
CA LYS A 13 15.72 -14.88 1.84
C LYS A 13 15.13 -13.65 1.14
N PRO A 14 15.95 -12.92 0.35
CA PRO A 14 15.49 -11.71 -0.35
C PRO A 14 14.17 -11.92 -1.07
N ALA A 15 13.16 -11.15 -0.68
CA ALA A 15 11.83 -11.25 -1.28
C ALA A 15 11.86 -10.80 -2.74
N GLU A 16 11.15 -11.54 -3.59
CA GLU A 16 11.09 -11.22 -5.01
C GLU A 16 10.54 -9.81 -5.22
N SER A 17 9.63 -9.42 -4.35
CA SER A 17 9.01 -8.10 -4.42
C SER A 17 8.21 -7.81 -3.15
N GLN A 18 8.41 -6.62 -2.59
CA GLN A 18 7.71 -6.22 -1.37
C GLN A 18 6.21 -6.07 -1.63
N GLN A 19 5.41 -6.71 -0.77
CA GLN A 19 3.96 -6.64 -0.90
C GLN A 19 3.45 -5.23 -0.68
N GLN A 20 2.54 -4.77 -1.53
CA GLN A 20 1.99 -3.44 -1.43
C GLN A 20 1.28 -3.25 -0.09
N ALA A 21 1.56 -2.13 0.57
CA ALA A 21 0.96 -1.84 1.86
C ALA A 21 0.29 -0.47 1.86
N ALA A 22 -0.94 -0.41 2.36
CA ALA A 22 -1.68 0.84 2.41
C ALA A 22 -0.92 1.89 3.23
N GLU A 23 -0.23 2.78 2.53
CA GLU A 23 0.54 3.83 3.17
C GLU A 23 -0.38 4.79 3.93
N THR A 24 0.07 6.03 4.09
CA THR A 24 -0.71 7.05 4.79
C THR A 24 -0.44 8.43 4.22
N GLU A 25 -1.39 9.33 4.39
CA GLU A 25 -1.27 10.70 3.87
C GLU A 25 0.10 11.28 4.20
N GLY A 26 0.54 11.07 5.42
CA GLY A 26 1.83 11.58 5.85
C GLY A 26 2.99 10.97 5.09
N SER A 27 2.91 9.67 4.83
CA SER A 27 3.97 8.97 4.10
C SER A 27 4.01 9.37 2.63
N CYS A 28 2.85 9.39 1.99
CA CYS A 28 2.75 9.74 0.58
C CYS A 28 3.32 11.12 0.31
N ASN A 29 2.99 12.08 1.16
CA ASN A 29 3.48 13.45 1.00
C ASN A 29 4.99 13.46 0.89
N LYS A 30 5.64 12.58 1.63
CA LYS A 30 7.08 12.49 1.63
C LYS A 30 7.59 11.90 0.31
N LYS A 31 6.85 10.93 -0.21
CA LYS A 31 7.22 10.28 -1.46
C LYS A 31 7.40 11.25 -2.60
N ASP A 32 7.61 10.68 -3.77
CA ASP A 32 7.79 11.44 -5.00
C ASP A 32 7.14 10.68 -6.15
N GLN A 33 7.53 10.97 -7.38
CA GLN A 33 6.95 10.28 -8.53
C GLN A 33 7.14 8.77 -8.40
N ASN A 34 8.39 8.33 -8.37
CA ASN A 34 8.71 6.93 -8.25
C ASN A 34 8.39 6.37 -6.86
N GLU A 35 8.10 7.26 -5.91
CA GLU A 35 7.79 6.83 -4.56
C GLU A 35 6.30 6.93 -4.28
N CYS A 36 5.56 7.57 -5.17
CA CYS A 36 4.13 7.71 -4.99
C CYS A 36 3.50 6.32 -5.07
N LYS A 37 3.23 5.75 -3.89
CA LYS A 37 2.68 4.40 -3.81
C LYS A 37 1.25 4.34 -4.32
N SER A 38 0.81 3.11 -4.64
CA SER A 38 -0.53 2.89 -5.18
C SER A 38 -1.61 3.57 -4.34
N PRO A 39 -1.68 3.30 -3.02
CA PRO A 39 -2.68 3.93 -2.15
C PRO A 39 -2.67 5.45 -2.32
N CYS A 40 -1.50 5.99 -2.61
CA CYS A 40 -1.33 7.43 -2.80
C CYS A 40 -1.74 7.82 -4.22
N LYS A 41 -2.36 8.99 -4.34
CA LYS A 41 -2.78 9.50 -5.64
C LYS A 41 -1.70 10.41 -6.22
N TRP A 42 -1.27 10.10 -7.43
CA TRP A 42 -0.24 10.91 -8.09
C TRP A 42 -0.86 12.12 -8.76
N HIS A 43 -0.30 13.29 -8.50
CA HIS A 43 -0.80 14.53 -9.09
C HIS A 43 0.15 15.05 -10.15
N ASN A 44 -0.27 14.97 -11.41
CA ASN A 44 0.52 15.43 -12.53
C ASN A 44 0.30 16.92 -12.78
N ASP A 45 1.36 17.61 -13.17
CA ASP A 45 1.30 19.04 -13.44
C ASP A 45 0.82 19.81 -12.21
N ALA A 46 1.07 19.23 -11.04
CA ALA A 46 0.69 19.86 -9.79
C ALA A 46 1.66 20.99 -9.44
N GLU A 47 1.84 21.24 -8.15
CA GLU A 47 2.75 22.28 -7.71
C GLU A 47 4.17 21.73 -7.69
N ASN A 48 4.65 21.32 -8.88
CA ASN A 48 5.98 20.74 -9.04
C ASN A 48 5.91 19.27 -8.65
N LYS A 49 4.87 18.60 -9.14
CA LYS A 49 4.63 17.19 -8.85
C LYS A 49 4.21 17.02 -7.39
N LYS A 50 3.07 16.36 -7.17
CA LYS A 50 2.57 16.15 -5.82
C LYS A 50 1.97 14.77 -5.63
N CYS A 51 2.18 14.20 -4.44
CA CYS A 51 1.64 12.88 -4.11
C CYS A 51 0.94 12.93 -2.75
N THR A 52 -0.31 12.49 -2.70
CA THR A 52 -1.07 12.50 -1.46
C THR A 52 -1.96 11.26 -1.34
N LEU A 53 -1.92 10.64 -0.16
CA LEU A 53 -2.71 9.44 0.10
C LEU A 53 -4.20 9.70 -0.07
N ASP A 54 -4.90 8.72 -0.61
CA ASP A 54 -6.34 8.83 -0.82
C ASP A 54 -7.08 7.94 0.18
N LYS A 55 -8.08 8.50 0.83
CA LYS A 55 -8.87 7.75 1.81
C LYS A 55 -9.66 6.62 1.16
N GLU A 56 -10.37 6.93 0.08
CA GLU A 56 -11.17 5.95 -0.64
C GLU A 56 -10.32 4.80 -1.17
N GLU A 57 -9.18 5.14 -1.74
CA GLU A 57 -8.27 4.14 -2.30
C GLU A 57 -7.58 3.34 -1.20
N ALA A 58 -7.13 4.04 -0.16
CA ALA A 58 -6.45 3.39 0.96
C ALA A 58 -7.34 2.37 1.65
N LYS A 59 -8.58 2.74 1.91
CA LYS A 59 -9.52 1.84 2.57
C LYS A 59 -9.78 0.61 1.72
N LYS A 60 -9.95 0.81 0.41
CA LYS A 60 -10.19 -0.30 -0.50
C LYS A 60 -9.00 -1.25 -0.55
N VAL A 61 -7.81 -0.69 -0.71
CA VAL A 61 -6.58 -1.47 -0.78
C VAL A 61 -6.33 -2.19 0.54
N ALA A 62 -6.54 -1.50 1.65
CA ALA A 62 -6.33 -2.07 2.96
C ALA A 62 -7.30 -3.21 3.22
N ASP A 63 -8.53 -3.04 2.79
CA ASP A 63 -9.56 -4.07 2.97
C ASP A 63 -9.55 -5.08 1.83
N GLU A 64 -8.39 -5.23 1.19
CA GLU A 64 -8.24 -6.16 0.10
C GLU A 64 -8.05 -7.57 0.63
N THR A 65 -7.27 -7.68 1.70
CA THR A 65 -6.99 -8.95 2.33
C THR A 65 -8.16 -9.42 3.20
N ALA A 66 -9.38 -9.06 2.82
CA ALA A 66 -10.57 -9.45 3.57
C ALA A 66 -11.84 -9.09 2.82
N LYS A 67 -11.93 -7.84 2.38
CA LYS A 67 -13.11 -7.35 1.66
C LYS A 67 -14.37 -7.54 2.48
N ASP A 68 -14.30 -7.18 3.77
CA ASP A 68 -15.45 -7.31 4.66
C ASP A 68 -15.14 -6.69 6.02
N GLY A 69 -13.97 -7.02 6.58
CA GLY A 69 -13.59 -6.50 7.86
C GLY A 69 -13.45 -4.99 7.87
N LYS A 70 -14.10 -4.33 8.83
CA LYS A 70 -14.05 -2.88 8.95
C LYS A 70 -12.78 -2.44 9.67
N THR A 71 -11.65 -3.06 9.34
CA THR A 71 -10.37 -2.74 9.96
C THR A 71 -10.37 -3.07 11.45
N GLY A 72 -9.28 -3.66 11.93
CA GLY A 72 -9.18 -4.02 13.32
C GLY A 72 -9.36 -2.84 14.25
N ASN A 73 -10.19 -3.03 15.29
CA ASN A 73 -10.46 -1.96 16.25
C ASN A 73 -9.19 -1.59 17.02
N THR A 74 -8.94 -0.28 17.12
CA THR A 74 -7.76 0.22 17.82
C THR A 74 -7.76 1.74 17.88
N ASN A 75 -7.44 2.29 19.04
CA ASN A 75 -7.39 3.73 19.24
C ASN A 75 -6.91 4.07 20.64
N THR A 76 -7.57 3.51 21.65
CA THR A 76 -7.21 3.76 23.04
C THR A 76 -5.92 3.03 23.41
N THR A 77 -4.96 3.79 23.93
CA THR A 77 -3.67 3.24 24.34
C THR A 77 -3.20 2.11 23.41
N GLY A 78 -3.33 2.34 22.11
CA GLY A 78 -2.91 1.36 21.13
C GLY A 78 -3.78 0.11 21.13
N SER A 79 -3.15 -1.05 21.05
CA SER A 79 -3.87 -2.33 21.02
C SER A 79 -4.51 -2.64 22.37
N SER A 80 -5.60 -1.95 22.68
CA SER A 80 -6.31 -2.16 23.93
C SER A 80 -7.72 -1.56 23.86
N GLY A 1 26.98 -19.14 -17.71
CA GLY A 1 26.89 -18.51 -19.06
C GLY A 1 26.03 -17.25 -19.04
N SER A 2 26.50 -16.20 -19.71
CA SER A 2 25.80 -14.93 -19.78
C SER A 2 25.73 -14.28 -18.40
N HIS A 3 26.04 -12.98 -18.35
CA HIS A 3 26.01 -12.23 -17.11
C HIS A 3 24.60 -12.17 -16.53
N MET A 4 24.50 -12.32 -15.22
CA MET A 4 23.21 -12.28 -14.53
C MET A 4 22.49 -10.96 -14.78
N LEU A 5 21.18 -11.02 -14.93
CA LEU A 5 20.38 -9.81 -15.17
C LEU A 5 18.89 -10.09 -14.95
N GLU A 6 18.59 -10.83 -13.89
CA GLU A 6 17.20 -11.17 -13.56
C GLU A 6 16.34 -9.91 -13.41
N VAL A 7 15.12 -9.97 -13.94
CA VAL A 7 14.21 -8.84 -13.86
C VAL A 7 13.90 -8.47 -12.41
N LEU A 8 14.00 -7.18 -12.10
CA LEU A 8 13.74 -6.70 -10.75
C LEU A 8 14.67 -7.34 -9.72
N THR A 9 14.32 -8.53 -9.26
CA THR A 9 15.12 -9.26 -8.28
C THR A 9 14.69 -10.72 -8.20
N GLN A 10 15.65 -11.61 -8.01
CA GLN A 10 15.37 -13.05 -7.91
C GLN A 10 14.27 -13.30 -6.88
N LYS A 11 13.33 -14.17 -7.23
CA LYS A 11 12.22 -14.49 -6.34
C LYS A 11 11.61 -15.85 -6.68
N HIS A 12 12.20 -16.90 -6.13
CA HIS A 12 11.72 -18.26 -6.37
C HIS A 12 10.22 -18.37 -6.08
N LYS A 13 9.79 -17.65 -5.05
CA LYS A 13 8.38 -17.64 -4.65
C LYS A 13 7.50 -17.26 -5.82
N PRO A 14 6.34 -17.95 -5.99
CA PRO A 14 5.41 -17.69 -7.08
C PRO A 14 4.63 -16.38 -6.90
N ALA A 15 5.35 -15.30 -6.60
CA ALA A 15 4.73 -13.99 -6.40
C ALA A 15 5.80 -12.91 -6.29
N GLU A 16 5.54 -11.76 -6.92
CA GLU A 16 6.47 -10.65 -6.89
C GLU A 16 6.88 -10.31 -5.47
N SER A 17 8.17 -10.12 -5.25
CA SER A 17 8.70 -9.78 -3.94
C SER A 17 8.02 -8.54 -3.39
N GLN A 18 7.86 -7.55 -4.24
CA GLN A 18 7.22 -6.29 -3.87
C GLN A 18 5.74 -6.52 -3.55
N GLN A 19 5.25 -5.82 -2.53
CA GLN A 19 3.85 -5.94 -2.13
C GLN A 19 3.24 -4.57 -1.84
N GLN A 20 2.09 -4.30 -2.43
CA GLN A 20 1.42 -3.03 -2.23
C GLN A 20 0.95 -2.89 -0.79
N ALA A 21 1.28 -1.77 -0.16
CA ALA A 21 0.90 -1.52 1.22
C ALA A 21 0.17 -0.19 1.35
N ALA A 22 -0.95 -0.21 2.06
CA ALA A 22 -1.74 1.00 2.27
C ALA A 22 -0.92 2.05 3.02
N GLU A 23 -0.36 2.99 2.26
CA GLU A 23 0.46 4.05 2.85
C GLU A 23 -0.42 5.00 3.66
N THR A 24 0.01 6.25 3.75
CA THR A 24 -0.70 7.28 4.49
C THR A 24 -0.49 8.65 3.87
N GLU A 25 -1.45 9.54 4.03
CA GLU A 25 -1.36 10.87 3.47
C GLU A 25 -0.01 11.50 3.78
N GLY A 26 0.44 11.30 5.01
CA GLY A 26 1.72 11.85 5.42
C GLY A 26 2.90 11.27 4.67
N SER A 27 2.88 9.95 4.46
CA SER A 27 3.97 9.30 3.74
C SER A 27 3.93 9.65 2.26
N CYS A 28 2.75 9.52 1.66
CA CYS A 28 2.55 9.79 0.25
C CYS A 28 3.12 11.15 -0.15
N ASN A 29 2.79 12.19 0.62
CA ASN A 29 3.26 13.53 0.33
C ASN A 29 4.79 13.58 0.23
N LYS A 30 5.45 12.66 0.93
CA LYS A 30 6.89 12.60 0.92
C LYS A 30 7.41 11.78 -0.24
N LYS A 31 6.65 10.76 -0.62
CA LYS A 31 7.02 9.88 -1.72
C LYS A 31 7.09 10.63 -3.05
N ASP A 32 8.23 10.53 -3.72
CA ASP A 32 8.41 11.19 -5.01
C ASP A 32 7.57 10.50 -6.07
N GLN A 33 7.67 10.97 -7.32
CA GLN A 33 6.90 10.38 -8.41
C GLN A 33 7.02 8.86 -8.40
N ASN A 34 8.25 8.37 -8.36
CA ASN A 34 8.52 6.94 -8.34
C ASN A 34 8.01 6.31 -7.05
N GLU A 35 8.14 7.04 -5.95
CA GLU A 35 7.72 6.54 -4.64
C GLU A 35 6.21 6.66 -4.46
N CYS A 36 5.55 7.38 -5.37
CA CYS A 36 4.10 7.56 -5.27
C CYS A 36 3.43 6.19 -5.35
N LYS A 37 3.10 5.65 -4.19
CA LYS A 37 2.49 4.32 -4.09
C LYS A 37 1.05 4.31 -4.58
N SER A 38 0.56 3.10 -4.87
CA SER A 38 -0.80 2.92 -5.39
C SER A 38 -1.85 3.62 -4.54
N PRO A 39 -1.91 3.35 -3.21
CA PRO A 39 -2.87 4.00 -2.33
C PRO A 39 -2.83 5.51 -2.49
N CYS A 40 -1.62 6.02 -2.71
CA CYS A 40 -1.41 7.44 -2.89
C CYS A 40 -1.96 7.89 -4.24
N LYS A 41 -2.40 9.14 -4.31
CA LYS A 41 -2.95 9.70 -5.53
C LYS A 41 -1.93 10.65 -6.18
N TRP A 42 -1.55 10.30 -7.40
CA TRP A 42 -0.58 11.09 -8.14
C TRP A 42 -1.23 12.33 -8.75
N HIS A 43 -0.44 13.40 -8.88
CA HIS A 43 -0.92 14.65 -9.45
C HIS A 43 0.12 15.25 -10.39
N ASN A 44 -0.20 15.25 -11.68
CA ASN A 44 0.68 15.79 -12.69
C ASN A 44 0.85 17.30 -12.52
N ASP A 45 1.97 17.84 -12.97
CA ASP A 45 2.25 19.26 -12.86
C ASP A 45 2.44 19.64 -11.40
N ALA A 46 1.52 20.43 -10.85
CA ALA A 46 1.62 20.86 -9.45
C ALA A 46 2.86 21.71 -9.23
N GLU A 47 2.83 22.54 -8.16
CA GLU A 47 3.96 23.40 -7.84
C GLU A 47 5.26 22.62 -7.83
N ASN A 48 5.16 21.34 -7.52
CA ASN A 48 6.34 20.46 -7.47
C ASN A 48 5.92 19.00 -7.39
N LYS A 49 4.92 18.63 -8.19
CA LYS A 49 4.41 17.26 -8.22
C LYS A 49 3.74 16.91 -6.91
N LYS A 50 2.53 16.35 -6.98
CA LYS A 50 1.79 16.00 -5.77
C LYS A 50 1.43 14.51 -5.75
N CYS A 51 1.44 13.93 -4.56
CA CYS A 51 1.09 12.53 -4.36
C CYS A 51 0.37 12.36 -3.03
N THR A 52 -0.89 12.82 -2.98
CA THR A 52 -1.69 12.75 -1.76
C THR A 52 -2.45 11.43 -1.63
N LEU A 53 -2.35 10.82 -0.44
CA LEU A 53 -3.03 9.56 -0.17
C LEU A 53 -4.55 9.71 -0.32
N ASP A 54 -5.18 8.67 -0.84
CA ASP A 54 -6.62 8.67 -1.05
C ASP A 54 -7.30 7.75 -0.04
N LYS A 55 -8.38 8.24 0.57
CA LYS A 55 -9.12 7.46 1.56
C LYS A 55 -9.71 6.20 0.93
N GLU A 56 -10.25 6.34 -0.28
CA GLU A 56 -10.85 5.21 -0.99
C GLU A 56 -9.82 4.13 -1.29
N GLU A 57 -8.65 4.53 -1.76
CA GLU A 57 -7.59 3.58 -2.08
C GLU A 57 -7.04 2.91 -0.83
N ALA A 58 -6.78 3.70 0.20
CA ALA A 58 -6.24 3.19 1.46
C ALA A 58 -7.20 2.20 2.11
N LYS A 59 -8.48 2.56 2.19
CA LYS A 59 -9.48 1.68 2.79
C LYS A 59 -9.58 0.39 2.00
N LYS A 60 -9.49 0.50 0.68
CA LYS A 60 -9.56 -0.67 -0.19
C LYS A 60 -8.44 -1.65 0.14
N VAL A 61 -7.21 -1.15 0.19
CA VAL A 61 -6.05 -1.98 0.50
C VAL A 61 -6.21 -2.63 1.86
N ALA A 62 -6.58 -1.84 2.86
CA ALA A 62 -6.78 -2.33 4.21
C ALA A 62 -7.90 -3.37 4.24
N ASP A 63 -8.85 -3.21 3.35
CA ASP A 63 -9.99 -4.12 3.26
C ASP A 63 -9.61 -5.40 2.53
N GLU A 64 -8.38 -5.86 2.76
CA GLU A 64 -7.87 -7.07 2.13
C GLU A 64 -6.93 -7.81 3.08
N THR A 65 -5.99 -7.08 3.67
CA THR A 65 -5.02 -7.67 4.59
C THR A 65 -5.63 -7.85 5.98
N ALA A 66 -6.90 -8.27 6.01
CA ALA A 66 -7.61 -8.50 7.26
C ALA A 66 -8.99 -9.08 7.01
N LYS A 67 -9.67 -8.55 5.99
CA LYS A 67 -11.00 -9.00 5.64
C LYS A 67 -11.00 -10.49 5.30
N ASP A 68 -9.98 -10.93 4.57
CA ASP A 68 -9.86 -12.33 4.18
C ASP A 68 -9.84 -13.24 5.41
N GLY A 69 -9.02 -12.90 6.38
CA GLY A 69 -8.93 -13.70 7.59
C GLY A 69 -7.88 -13.19 8.56
N LYS A 70 -7.13 -14.10 9.15
CA LYS A 70 -6.07 -13.75 10.11
C LYS A 70 -4.96 -12.95 9.43
N THR A 71 -4.55 -11.86 10.07
CA THR A 71 -3.49 -11.02 9.53
C THR A 71 -2.16 -11.77 9.50
N GLY A 72 -1.82 -12.42 10.61
CA GLY A 72 -0.58 -13.17 10.70
C GLY A 72 -0.33 -13.72 12.08
N ASN A 73 -1.38 -14.26 12.71
CA ASN A 73 -1.26 -14.82 14.05
C ASN A 73 -0.34 -16.04 14.06
N THR A 74 0.60 -16.05 14.99
CA THR A 74 1.54 -17.15 15.11
C THR A 74 0.84 -18.44 15.55
N ASN A 75 1.24 -19.56 14.95
CA ASN A 75 0.66 -20.85 15.27
C ASN A 75 1.37 -21.97 14.53
N THR A 76 1.56 -21.79 13.23
CA THR A 76 2.23 -22.79 12.40
C THR A 76 3.69 -22.96 12.82
N THR A 77 4.11 -24.23 12.95
CA THR A 77 5.49 -24.56 13.35
C THR A 77 5.72 -24.31 14.84
N GLY A 78 5.24 -23.17 15.34
CA GLY A 78 5.42 -22.84 16.73
C GLY A 78 6.81 -22.32 17.01
N SER A 79 6.89 -21.25 17.81
CA SER A 79 8.18 -20.66 18.15
C SER A 79 9.11 -21.69 18.77
N SER A 80 10.15 -22.05 18.02
CA SER A 80 11.12 -23.03 18.48
C SER A 80 11.85 -22.53 19.74
N GLY A 1 0.13 -28.79 8.06
CA GLY A 1 -0.28 -29.68 6.93
C GLY A 1 -1.73 -30.10 7.02
N SER A 2 -2.61 -29.13 7.30
CA SER A 2 -4.04 -29.41 7.43
C SER A 2 -4.82 -28.12 7.60
N HIS A 3 -4.27 -27.20 8.40
CA HIS A 3 -4.92 -25.91 8.66
C HIS A 3 -5.10 -25.11 7.37
N MET A 4 -6.22 -24.41 7.28
CA MET A 4 -6.53 -23.59 6.11
C MET A 4 -5.49 -22.49 5.93
N LEU A 5 -5.09 -21.88 7.04
CA LEU A 5 -4.10 -20.80 7.02
C LEU A 5 -2.80 -21.28 6.40
N GLU A 6 -2.18 -20.41 5.60
CA GLU A 6 -0.92 -20.73 4.94
C GLU A 6 -0.33 -19.50 4.26
N VAL A 7 -1.21 -18.66 3.73
CA VAL A 7 -0.80 -17.44 3.05
C VAL A 7 -0.02 -16.51 3.96
N LEU A 8 0.98 -15.84 3.40
CA LEU A 8 1.83 -14.92 4.17
C LEU A 8 0.97 -13.87 4.87
N THR A 9 1.26 -13.63 6.14
CA THR A 9 0.52 -12.65 6.93
C THR A 9 1.15 -12.46 8.31
N GLN A 10 1.25 -11.20 8.74
CA GLN A 10 1.83 -10.88 10.04
C GLN A 10 1.01 -11.52 11.17
N LYS A 11 1.69 -12.28 12.02
CA LYS A 11 1.02 -12.95 13.14
C LYS A 11 2.01 -13.18 14.29
N HIS A 12 1.58 -13.95 15.28
CA HIS A 12 2.43 -14.25 16.44
C HIS A 12 3.42 -15.35 16.13
N LYS A 13 3.99 -15.31 14.92
CA LYS A 13 4.97 -16.32 14.50
C LYS A 13 5.95 -15.72 13.48
N PRO A 14 7.26 -15.94 13.68
CA PRO A 14 8.29 -15.44 12.78
C PRO A 14 8.35 -16.20 11.47
N ALA A 15 8.45 -15.46 10.36
CA ALA A 15 8.51 -16.06 9.02
C ALA A 15 8.78 -15.00 7.97
N GLU A 16 8.32 -15.26 6.75
CA GLU A 16 8.51 -14.33 5.65
C GLU A 16 7.45 -13.23 5.68
N SER A 17 7.22 -12.66 6.85
CA SER A 17 6.22 -11.60 7.01
C SER A 17 6.57 -10.40 6.12
N GLN A 18 5.59 -9.96 5.33
CA GLN A 18 5.78 -8.83 4.44
C GLN A 18 5.86 -7.52 5.23
N GLN A 19 5.17 -6.49 4.73
CA GLN A 19 5.16 -5.19 5.38
C GLN A 19 3.90 -4.40 5.02
N GLN A 20 3.28 -3.78 6.03
CA GLN A 20 2.07 -3.00 5.82
C GLN A 20 2.33 -1.81 4.90
N ALA A 21 1.32 -1.44 4.12
CA ALA A 21 1.42 -0.32 3.20
C ALA A 21 1.36 1.01 3.94
N ALA A 22 2.20 1.95 3.53
CA ALA A 22 2.25 3.27 4.16
C ALA A 22 1.12 4.15 3.63
N GLU A 23 -0.11 3.67 3.79
CA GLU A 23 -1.29 4.39 3.34
C GLU A 23 -1.67 5.54 4.26
N THR A 24 -0.73 6.43 4.46
CA THR A 24 -0.95 7.60 5.30
C THR A 24 -0.54 8.86 4.56
N GLU A 25 -1.30 9.94 4.77
CA GLU A 25 -1.01 11.20 4.12
C GLU A 25 0.43 11.61 4.38
N GLY A 26 0.88 11.33 5.59
CA GLY A 26 2.24 11.67 5.99
C GLY A 26 3.30 10.95 5.17
N SER A 27 3.06 9.69 4.82
CA SER A 27 4.02 8.93 4.05
C SER A 27 3.99 9.34 2.58
N CYS A 28 2.79 9.44 2.03
CA CYS A 28 2.60 9.80 0.63
C CYS A 28 3.27 11.12 0.26
N ASN A 29 3.05 12.14 1.08
CA ASN A 29 3.64 13.46 0.82
C ASN A 29 5.14 13.36 0.68
N LYS A 30 5.73 12.44 1.43
CA LYS A 30 7.17 12.22 1.41
C LYS A 30 7.63 11.44 0.18
N LYS A 31 6.73 10.62 -0.37
CA LYS A 31 7.06 9.81 -1.53
C LYS A 31 7.42 10.67 -2.74
N ASP A 32 7.55 10.00 -3.87
CA ASP A 32 7.86 10.66 -5.13
C ASP A 32 7.08 9.98 -6.25
N GLN A 33 7.30 10.43 -7.47
CA GLN A 33 6.60 9.87 -8.62
C GLN A 33 6.70 8.34 -8.63
N ASN A 34 7.92 7.83 -8.64
CA ASN A 34 8.16 6.41 -8.64
C ASN A 34 7.78 5.79 -7.29
N GLU A 35 7.88 6.60 -6.24
CA GLU A 35 7.57 6.14 -4.89
C GLU A 35 6.11 6.34 -4.55
N CYS A 36 5.36 6.97 -5.45
CA CYS A 36 3.95 7.22 -5.21
C CYS A 36 3.23 5.88 -5.10
N LYS A 37 3.00 5.45 -3.86
CA LYS A 37 2.37 4.17 -3.59
C LYS A 37 0.89 4.15 -3.97
N SER A 38 0.35 2.94 -4.08
CA SER A 38 -1.04 2.73 -4.47
C SER A 38 -2.01 3.56 -3.63
N PRO A 39 -1.97 3.47 -2.29
CA PRO A 39 -2.85 4.24 -1.43
C PRO A 39 -2.80 5.72 -1.75
N CYS A 40 -1.60 6.16 -2.12
CA CYS A 40 -1.37 7.56 -2.46
C CYS A 40 -2.05 7.94 -3.75
N LYS A 41 -2.36 9.23 -3.88
CA LYS A 41 -3.01 9.75 -5.07
C LYS A 41 -2.05 10.64 -5.84
N TRP A 42 -1.74 10.23 -7.06
CA TRP A 42 -0.82 10.97 -7.92
C TRP A 42 -1.51 12.15 -8.59
N HIS A 43 -0.73 13.21 -8.83
CA HIS A 43 -1.26 14.41 -9.47
C HIS A 43 -0.24 14.97 -10.46
N ASN A 44 -0.64 15.05 -11.72
CA ASN A 44 0.22 15.56 -12.77
C ASN A 44 0.42 17.07 -12.63
N ASP A 45 1.59 17.54 -13.08
CA ASP A 45 1.91 18.97 -13.01
C ASP A 45 2.02 19.42 -11.55
N ALA A 46 0.99 20.11 -11.07
CA ALA A 46 0.98 20.61 -9.70
C ALA A 46 2.15 21.56 -9.45
N GLU A 47 2.36 21.93 -8.20
CA GLU A 47 3.46 22.84 -7.85
C GLU A 47 4.80 22.17 -8.13
N ASN A 48 4.82 20.86 -7.93
CA ASN A 48 6.02 20.06 -8.16
C ASN A 48 5.69 18.58 -8.04
N LYS A 49 4.61 18.18 -8.70
CA LYS A 49 4.14 16.79 -8.66
C LYS A 49 3.58 16.47 -7.29
N LYS A 50 2.33 16.06 -7.23
CA LYS A 50 1.68 15.72 -5.96
C LYS A 50 1.37 14.24 -5.83
N CYS A 51 1.49 13.73 -4.61
CA CYS A 51 1.21 12.32 -4.31
C CYS A 51 0.56 12.25 -2.94
N THR A 52 -0.63 12.85 -2.83
CA THR A 52 -1.36 12.89 -1.56
C THR A 52 -2.17 11.62 -1.31
N LEU A 53 -2.05 11.08 -0.11
CA LEU A 53 -2.78 9.88 0.27
C LEU A 53 -4.28 10.07 0.07
N ASP A 54 -4.94 9.00 -0.36
CA ASP A 54 -6.38 9.04 -0.60
C ASP A 54 -7.09 8.04 0.30
N LYS A 55 -8.18 8.48 0.93
CA LYS A 55 -8.94 7.61 1.83
C LYS A 55 -9.62 6.47 1.06
N GLU A 56 -10.36 6.81 0.01
CA GLU A 56 -11.05 5.82 -0.78
C GLU A 56 -10.08 4.79 -1.34
N GLU A 57 -8.96 5.28 -1.86
CA GLU A 57 -7.93 4.40 -2.42
C GLU A 57 -7.35 3.52 -1.33
N ALA A 58 -7.03 4.13 -0.19
CA ALA A 58 -6.48 3.40 0.94
C ALA A 58 -7.39 2.25 1.34
N LYS A 59 -8.69 2.49 1.28
CA LYS A 59 -9.68 1.48 1.62
C LYS A 59 -9.58 0.29 0.67
N LYS A 60 -9.53 0.59 -0.63
CA LYS A 60 -9.45 -0.44 -1.65
C LYS A 60 -8.21 -1.31 -1.44
N VAL A 61 -7.06 -0.67 -1.24
CA VAL A 61 -5.81 -1.40 -1.02
C VAL A 61 -5.87 -2.18 0.29
N ALA A 62 -6.40 -1.54 1.33
CA ALA A 62 -6.52 -2.17 2.63
C ALA A 62 -7.36 -3.44 2.54
N ASP A 63 -8.39 -3.40 1.71
CA ASP A 63 -9.27 -4.55 1.52
C ASP A 63 -8.64 -5.58 0.59
N GLU A 64 -7.32 -5.71 0.68
CA GLU A 64 -6.58 -6.64 -0.16
C GLU A 64 -5.39 -7.22 0.61
N THR A 65 -4.66 -6.34 1.29
CA THR A 65 -3.50 -6.75 2.07
C THR A 65 -3.92 -7.32 3.42
N ALA A 66 -4.93 -8.19 3.39
CA ALA A 66 -5.45 -8.80 4.62
C ALA A 66 -6.41 -9.93 4.30
N LYS A 67 -7.16 -9.78 3.21
CA LYS A 67 -8.13 -10.79 2.80
C LYS A 67 -9.23 -10.95 3.84
N ASP A 68 -9.86 -9.83 4.20
CA ASP A 68 -10.94 -9.84 5.19
C ASP A 68 -10.42 -10.21 6.58
N GLY A 69 -10.77 -9.40 7.56
CA GLY A 69 -10.33 -9.65 8.93
C GLY A 69 -11.01 -10.86 9.54
N LYS A 70 -12.33 -10.95 9.35
CA LYS A 70 -13.11 -12.06 9.89
C LYS A 70 -12.95 -12.13 11.41
N THR A 71 -13.01 -10.96 12.05
CA THR A 71 -12.88 -10.88 13.50
C THR A 71 -13.04 -9.43 13.98
N GLY A 72 -12.46 -8.50 13.23
CA GLY A 72 -12.52 -7.10 13.60
C GLY A 72 -13.95 -6.59 13.69
N ASN A 73 -14.79 -6.98 12.74
CA ASN A 73 -16.18 -6.57 12.72
C ASN A 73 -16.97 -7.34 11.67
N THR A 74 -18.19 -7.73 12.00
CA THR A 74 -19.05 -8.47 11.09
C THR A 74 -19.25 -7.70 9.79
N ASN A 75 -19.12 -8.40 8.67
CA ASN A 75 -19.30 -7.78 7.36
C ASN A 75 -20.78 -7.60 7.06
N THR A 76 -21.13 -6.47 6.45
CA THR A 76 -22.52 -6.20 6.10
C THR A 76 -23.09 -7.36 5.30
N THR A 77 -24.01 -8.10 5.91
CA THR A 77 -24.63 -9.24 5.24
C THR A 77 -23.57 -10.23 4.75
N GLY A 78 -22.61 -10.55 5.63
CA GLY A 78 -21.56 -11.47 5.26
C GLY A 78 -21.00 -12.23 6.45
N SER A 79 -19.67 -12.26 6.56
CA SER A 79 -19.01 -12.95 7.67
C SER A 79 -19.54 -12.47 9.01
N SER A 80 -19.80 -13.41 9.90
CA SER A 80 -20.31 -13.09 11.24
C SER A 80 -21.65 -12.37 11.15
N GLY A 1 -21.58 -4.58 28.02
CA GLY A 1 -21.97 -3.65 26.94
C GLY A 1 -20.84 -2.74 26.51
N SER A 2 -19.66 -3.30 26.33
CA SER A 2 -18.49 -2.54 25.93
C SER A 2 -18.63 -2.02 24.50
N HIS A 3 -17.53 -2.05 23.75
CA HIS A 3 -17.55 -1.57 22.37
C HIS A 3 -18.46 -2.44 21.50
N MET A 4 -19.27 -1.79 20.67
CA MET A 4 -20.20 -2.49 19.80
C MET A 4 -19.46 -3.45 18.86
N LEU A 5 -19.97 -4.68 18.74
CA LEU A 5 -19.36 -5.68 17.89
C LEU A 5 -17.89 -5.90 18.27
N GLU A 6 -17.04 -6.11 17.27
CA GLU A 6 -15.61 -6.32 17.51
C GLU A 6 -14.98 -5.07 18.11
N VAL A 7 -14.27 -5.24 19.22
CA VAL A 7 -13.62 -4.13 19.89
C VAL A 7 -12.51 -3.52 19.01
N LEU A 8 -12.52 -2.20 18.90
CA LEU A 8 -11.53 -1.49 18.09
C LEU A 8 -10.14 -1.67 18.66
N THR A 9 -9.14 -1.76 17.77
CA THR A 9 -7.76 -1.94 18.20
C THR A 9 -7.24 -0.71 18.94
N GLN A 10 -6.61 -0.95 20.09
CA GLN A 10 -6.07 0.13 20.90
C GLN A 10 -4.98 0.88 20.16
N LYS A 11 -5.14 2.20 20.03
CA LYS A 11 -4.17 3.02 19.33
C LYS A 11 -4.28 4.49 19.75
N HIS A 12 -3.66 4.82 20.88
CA HIS A 12 -3.67 6.19 21.39
C HIS A 12 -5.10 6.67 21.62
N LYS A 13 -5.45 7.81 21.00
CA LYS A 13 -6.80 8.37 21.13
C LYS A 13 -7.86 7.30 20.89
N PRO A 14 -8.92 7.26 21.72
CA PRO A 14 -10.00 6.28 21.60
C PRO A 14 -10.97 6.62 20.47
N ALA A 15 -10.44 7.16 19.38
CA ALA A 15 -11.26 7.53 18.22
C ALA A 15 -11.72 6.28 17.47
N GLU A 16 -13.02 6.18 17.24
CA GLU A 16 -13.57 5.04 16.54
C GLU A 16 -13.19 5.06 15.06
N SER A 17 -12.58 3.96 14.60
CA SER A 17 -12.15 3.84 13.21
C SER A 17 -11.86 2.38 12.89
N GLN A 18 -12.49 1.88 11.83
CA GLN A 18 -12.31 0.49 11.41
C GLN A 18 -11.19 0.37 10.38
N GLN A 19 -11.30 1.13 9.29
CA GLN A 19 -10.31 1.09 8.22
C GLN A 19 -9.09 1.95 8.55
N GLN A 20 -7.91 1.40 8.28
CA GLN A 20 -6.66 2.10 8.52
C GLN A 20 -5.75 1.97 7.31
N ALA A 21 -5.26 3.11 6.81
CA ALA A 21 -4.38 3.12 5.66
C ALA A 21 -2.98 2.66 6.05
N ALA A 22 -2.42 1.74 5.26
CA ALA A 22 -1.08 1.24 5.53
C ALA A 22 -0.08 2.38 5.52
N GLU A 23 -0.45 3.43 4.82
CA GLU A 23 0.39 4.60 4.69
C GLU A 23 -0.35 5.86 5.14
N THR A 24 0.41 6.81 5.68
CA THR A 24 -0.16 8.06 6.15
C THR A 24 0.09 9.19 5.17
N GLU A 25 -0.83 10.16 5.16
CA GLU A 25 -0.72 11.30 4.26
C GLU A 25 0.67 11.91 4.33
N GLY A 26 1.19 12.01 5.54
CA GLY A 26 2.52 12.56 5.72
C GLY A 26 3.58 11.78 4.97
N SER A 27 3.45 10.45 4.97
CA SER A 27 4.40 9.60 4.29
C SER A 27 4.33 9.79 2.77
N CYS A 28 3.11 9.74 2.24
CA CYS A 28 2.91 9.92 0.80
C CYS A 28 3.49 11.25 0.31
N ASN A 29 3.28 12.30 1.08
CA ASN A 29 3.78 13.62 0.72
C ASN A 29 5.28 13.58 0.48
N LYS A 30 5.97 12.78 1.29
CA LYS A 30 7.41 12.63 1.19
C LYS A 30 7.79 11.90 -0.09
N LYS A 31 6.95 10.94 -0.48
CA LYS A 31 7.18 10.14 -1.67
C LYS A 31 7.34 11.01 -2.92
N ASP A 32 7.39 10.33 -4.05
CA ASP A 32 7.52 10.98 -5.34
C ASP A 32 6.83 10.14 -6.41
N GLN A 33 7.23 10.31 -7.66
CA GLN A 33 6.62 9.54 -8.75
C GLN A 33 6.87 8.05 -8.54
N ASN A 34 8.14 7.68 -8.48
CA ASN A 34 8.54 6.29 -8.28
C ASN A 34 8.30 5.84 -6.84
N GLU A 35 7.81 6.75 -6.00
CA GLU A 35 7.54 6.42 -4.61
C GLU A 35 6.08 6.61 -4.26
N CYS A 36 5.29 7.11 -5.21
CA CYS A 36 3.87 7.33 -4.97
C CYS A 36 3.20 5.97 -4.76
N LYS A 37 2.98 5.61 -3.51
CA LYS A 37 2.40 4.32 -3.16
C LYS A 37 0.92 4.24 -3.55
N SER A 38 0.45 3.00 -3.68
CA SER A 38 -0.93 2.72 -4.08
C SER A 38 -1.94 3.47 -3.22
N PRO A 39 -1.89 3.34 -1.87
CA PRO A 39 -2.82 4.04 -0.99
C PRO A 39 -2.83 5.53 -1.25
N CYS A 40 -1.66 6.05 -1.64
CA CYS A 40 -1.51 7.46 -1.93
C CYS A 40 -2.30 7.83 -3.18
N LYS A 41 -1.93 8.94 -3.81
CA LYS A 41 -2.57 9.41 -5.02
C LYS A 41 -1.68 10.39 -5.77
N TRP A 42 -1.34 10.05 -7.00
CA TRP A 42 -0.48 10.88 -7.83
C TRP A 42 -1.24 12.06 -8.41
N HIS A 43 -0.69 13.26 -8.23
CA HIS A 43 -1.31 14.47 -8.77
C HIS A 43 -0.48 15.03 -9.90
N ASN A 44 -1.04 14.97 -11.11
CA ASN A 44 -0.35 15.45 -12.30
C ASN A 44 -0.43 16.98 -12.42
N ASP A 45 0.68 17.58 -12.85
CA ASP A 45 0.76 19.02 -13.02
C ASP A 45 0.43 19.76 -11.72
N ALA A 46 0.91 19.23 -10.61
CA ALA A 46 0.68 19.84 -9.30
C ALA A 46 1.72 20.91 -9.04
N GLU A 47 2.08 21.64 -10.10
CA GLU A 47 3.09 22.68 -10.04
C GLU A 47 4.48 22.07 -10.03
N ASN A 48 4.57 20.86 -9.48
CA ASN A 48 5.81 20.12 -9.38
C ASN A 48 5.52 18.65 -9.11
N LYS A 49 4.28 18.26 -9.40
CA LYS A 49 3.82 16.88 -9.17
C LYS A 49 3.81 16.59 -7.67
N LYS A 50 2.67 16.09 -7.17
CA LYS A 50 2.56 15.81 -5.75
C LYS A 50 1.79 14.52 -5.47
N CYS A 51 2.31 13.72 -4.54
CA CYS A 51 1.67 12.46 -4.15
C CYS A 51 1.09 12.61 -2.74
N THR A 52 -0.17 12.24 -2.56
CA THR A 52 -0.81 12.36 -1.25
C THR A 52 -1.69 11.15 -0.93
N LEU A 53 -1.67 10.76 0.34
CA LEU A 53 -2.45 9.62 0.81
C LEU A 53 -3.94 9.92 0.75
N ASP A 54 -4.70 8.91 0.37
CA ASP A 54 -6.16 9.04 0.26
C ASP A 54 -6.85 7.84 0.88
N LYS A 55 -7.85 8.12 1.72
CA LYS A 55 -8.60 7.05 2.40
C LYS A 55 -9.33 6.16 1.42
N GLU A 56 -10.05 6.78 0.48
CA GLU A 56 -10.80 6.03 -0.52
C GLU A 56 -9.90 5.12 -1.34
N GLU A 57 -8.71 5.60 -1.67
CA GLU A 57 -7.75 4.82 -2.45
C GLU A 57 -7.16 3.68 -1.63
N ALA A 58 -6.79 4.00 -0.39
CA ALA A 58 -6.22 3.00 0.51
C ALA A 58 -7.18 1.85 0.77
N LYS A 59 -8.43 2.18 1.05
CA LYS A 59 -9.44 1.17 1.33
C LYS A 59 -9.69 0.30 0.09
N LYS A 60 -9.67 0.93 -1.07
CA LYS A 60 -9.89 0.23 -2.33
C LYS A 60 -8.76 -0.77 -2.60
N VAL A 61 -7.52 -0.33 -2.38
CA VAL A 61 -6.36 -1.18 -2.61
C VAL A 61 -6.29 -2.31 -1.57
N ALA A 62 -6.55 -1.97 -0.32
CA ALA A 62 -6.51 -2.95 0.77
C ALA A 62 -7.61 -3.99 0.62
N ASP A 63 -8.78 -3.56 0.17
CA ASP A 63 -9.92 -4.45 0.00
C ASP A 63 -9.83 -5.24 -1.30
N GLU A 64 -8.61 -5.63 -1.66
CA GLU A 64 -8.38 -6.42 -2.87
C GLU A 64 -7.00 -7.05 -2.88
N THR A 65 -5.97 -6.24 -2.59
CA THR A 65 -4.60 -6.74 -2.55
C THR A 65 -4.25 -7.25 -1.15
N ALA A 66 -5.21 -7.90 -0.51
CA ALA A 66 -5.00 -8.43 0.83
C ALA A 66 -6.21 -9.24 1.29
N LYS A 67 -7.41 -8.72 1.00
CA LYS A 67 -8.65 -9.38 1.37
C LYS A 67 -8.69 -10.80 0.82
N ASP A 68 -8.34 -10.94 -0.45
CA ASP A 68 -8.34 -12.25 -1.11
C ASP A 68 -7.41 -13.22 -0.39
N GLY A 69 -7.90 -14.43 -0.17
CA GLY A 69 -7.11 -15.44 0.51
C GLY A 69 -6.90 -15.12 1.98
N LYS A 70 -7.05 -16.13 2.83
CA LYS A 70 -6.87 -15.96 4.27
C LYS A 70 -6.87 -17.31 4.98
N THR A 71 -5.95 -17.47 5.92
CA THR A 71 -5.84 -18.72 6.67
C THR A 71 -7.12 -19.03 7.43
N GLY A 72 -7.53 -20.30 7.39
CA GLY A 72 -8.75 -20.71 8.07
C GLY A 72 -8.67 -20.49 9.57
N ASN A 73 -7.53 -20.82 10.15
CA ASN A 73 -7.32 -20.66 11.59
C ASN A 73 -7.54 -19.21 12.01
N THR A 74 -8.24 -19.03 13.12
CA THR A 74 -8.53 -17.69 13.63
C THR A 74 -7.24 -17.02 14.13
N ASN A 75 -7.26 -16.53 15.37
CA ASN A 75 -6.09 -15.87 15.94
C ASN A 75 -5.03 -16.88 16.34
N THR A 76 -5.42 -17.82 17.19
CA THR A 76 -4.51 -18.87 17.65
C THR A 76 -5.30 -20.08 18.12
N THR A 77 -5.09 -21.21 17.44
CA THR A 77 -5.78 -22.45 17.78
C THR A 77 -7.28 -22.23 17.89
N GLY A 78 -7.80 -21.32 17.06
CA GLY A 78 -9.22 -21.01 17.09
C GLY A 78 -9.68 -20.45 18.42
N SER A 79 -10.85 -20.89 18.87
CA SER A 79 -11.41 -20.43 20.14
C SER A 79 -10.77 -21.15 21.31
N SER A 80 -9.47 -20.93 21.50
CA SER A 80 -8.74 -21.56 22.60
C SER A 80 -7.31 -21.02 22.68
N GLY A 1 31.89 -10.47 5.48
CA GLY A 1 30.65 -10.79 6.23
C GLY A 1 29.44 -10.89 5.33
N SER A 2 28.67 -11.96 5.49
CA SER A 2 27.47 -12.17 4.69
C SER A 2 26.40 -11.13 5.01
N HIS A 3 26.16 -10.89 6.30
CA HIS A 3 25.16 -9.93 6.72
C HIS A 3 25.51 -8.52 6.24
N MET A 4 24.49 -7.81 5.75
CA MET A 4 24.65 -6.46 5.24
C MET A 4 23.31 -5.85 4.86
N LEU A 5 22.44 -6.69 4.30
CA LEU A 5 21.11 -6.25 3.88
C LEU A 5 20.32 -5.66 5.05
N GLU A 6 19.56 -4.60 4.77
CA GLU A 6 18.77 -3.94 5.79
C GLU A 6 17.80 -4.92 6.47
N VAL A 7 17.65 -4.78 7.78
CA VAL A 7 16.77 -5.65 8.55
C VAL A 7 15.31 -5.24 8.38
N LEU A 8 14.40 -6.20 8.58
CA LEU A 8 12.97 -5.95 8.47
C LEU A 8 12.57 -5.56 7.06
N THR A 9 12.90 -6.40 6.09
CA THR A 9 12.56 -6.13 4.69
C THR A 9 12.89 -7.33 3.80
N GLN A 10 14.07 -7.92 4.02
CA GLN A 10 14.50 -9.07 3.24
C GLN A 10 15.84 -9.59 3.74
N LYS A 11 15.79 -10.61 4.60
CA LYS A 11 17.01 -11.20 5.15
C LYS A 11 16.73 -12.62 5.63
N HIS A 12 17.68 -13.18 6.37
CA HIS A 12 17.55 -14.53 6.91
C HIS A 12 16.21 -14.73 7.61
N LYS A 13 15.57 -13.62 7.99
CA LYS A 13 14.28 -13.69 8.67
C LYS A 13 13.21 -14.30 7.77
N PRO A 14 12.35 -15.17 8.33
CA PRO A 14 11.27 -15.82 7.57
C PRO A 14 10.07 -14.91 7.34
N ALA A 15 10.35 -13.68 6.89
CA ALA A 15 9.31 -12.70 6.62
C ALA A 15 8.46 -12.43 7.85
N GLU A 16 9.10 -12.37 9.01
CA GLU A 16 8.40 -12.11 10.27
C GLU A 16 7.89 -10.68 10.31
N SER A 17 8.64 -9.78 9.68
CA SER A 17 8.29 -8.37 9.64
C SER A 17 6.87 -8.17 9.10
N GLN A 18 6.12 -7.29 9.75
CA GLN A 18 4.74 -7.00 9.34
C GLN A 18 4.70 -6.44 7.92
N GLN A 19 3.68 -6.85 7.17
CA GLN A 19 3.51 -6.40 5.79
C GLN A 19 3.38 -4.87 5.72
N GLN A 20 3.88 -4.29 4.63
CA GLN A 20 3.82 -2.85 4.42
C GLN A 20 2.42 -2.32 4.69
N ALA A 21 2.34 -1.12 5.27
CA ALA A 21 1.06 -0.50 5.59
C ALA A 21 0.81 0.69 4.68
N ALA A 22 -0.46 0.90 4.33
CA ALA A 22 -0.84 2.00 3.47
C ALA A 22 -0.25 3.31 3.96
N GLU A 23 0.87 3.71 3.35
CA GLU A 23 1.58 4.94 3.70
C GLU A 23 0.62 6.04 4.11
N THR A 24 1.01 6.75 5.14
CA THR A 24 0.20 7.83 5.68
C THR A 24 0.37 9.12 4.90
N GLU A 25 -0.67 9.95 4.92
CA GLU A 25 -0.66 11.23 4.20
C GLU A 25 0.63 11.99 4.43
N GLY A 26 1.06 12.05 5.67
CA GLY A 26 2.28 12.77 5.99
C GLY A 26 3.50 12.20 5.29
N SER A 27 3.54 10.88 5.16
CA SER A 27 4.67 10.22 4.51
C SER A 27 4.59 10.34 2.99
N CYS A 28 3.43 10.06 2.44
CA CYS A 28 3.25 10.11 0.99
C CYS A 28 3.55 11.48 0.42
N ASN A 29 3.25 12.53 1.18
CA ASN A 29 3.53 13.89 0.71
C ASN A 29 4.98 13.98 0.27
N LYS A 30 5.80 13.17 0.92
CA LYS A 30 7.22 13.11 0.62
C LYS A 30 7.49 12.15 -0.53
N LYS A 31 6.64 11.14 -0.69
CA LYS A 31 6.80 10.16 -1.75
C LYS A 31 6.82 10.81 -3.12
N ASP A 32 7.88 10.54 -3.88
CA ASP A 32 8.03 11.08 -5.22
C ASP A 32 7.12 10.33 -6.20
N GLN A 33 7.29 10.58 -7.49
CA GLN A 33 6.48 9.91 -8.51
C GLN A 33 6.50 8.40 -8.32
N ASN A 34 7.70 7.84 -8.29
CA ASN A 34 7.86 6.40 -8.12
C ASN A 34 7.42 5.96 -6.72
N GLU A 35 7.54 6.86 -5.76
CA GLU A 35 7.16 6.57 -4.38
C GLU A 35 5.66 6.73 -4.16
N CYS A 36 4.99 7.40 -5.11
CA CYS A 36 3.55 7.60 -5.01
C CYS A 36 2.87 6.25 -4.83
N LYS A 37 2.61 5.90 -3.58
CA LYS A 37 2.01 4.61 -3.25
C LYS A 37 0.56 4.50 -3.69
N SER A 38 0.10 3.25 -3.82
CA SER A 38 -1.25 2.96 -4.27
C SER A 38 -2.31 3.60 -3.36
N PRO A 39 -2.26 3.37 -2.03
CA PRO A 39 -3.23 3.95 -1.10
C PRO A 39 -3.30 5.47 -1.26
N CYS A 40 -2.22 6.04 -1.78
CA CYS A 40 -2.14 7.47 -1.99
C CYS A 40 -2.95 7.91 -3.20
N LYS A 41 -2.56 9.03 -3.77
CA LYS A 41 -3.22 9.58 -4.96
C LYS A 41 -2.26 10.48 -5.72
N TRP A 42 -1.94 10.06 -6.94
CA TRP A 42 -1.01 10.81 -7.78
C TRP A 42 -1.64 12.08 -8.34
N HIS A 43 -0.80 13.10 -8.54
CA HIS A 43 -1.26 14.38 -9.08
C HIS A 43 -0.27 14.92 -10.10
N ASN A 44 -0.66 14.87 -11.37
CA ASN A 44 0.16 15.34 -12.47
C ASN A 44 0.00 16.84 -12.67
N ASP A 45 0.90 17.43 -13.46
CA ASP A 45 0.88 18.86 -13.75
C ASP A 45 1.42 19.67 -12.57
N ALA A 46 1.36 19.08 -11.37
CA ALA A 46 1.85 19.75 -10.17
C ALA A 46 3.26 20.30 -10.40
N GLU A 47 3.49 21.53 -9.97
CA GLU A 47 4.78 22.18 -10.15
C GLU A 47 5.92 21.31 -9.61
N ASN A 48 5.70 20.70 -8.45
CA ASN A 48 6.70 19.85 -7.83
C ASN A 48 6.16 18.43 -7.67
N LYS A 49 5.12 18.11 -8.44
CA LYS A 49 4.50 16.79 -8.37
C LYS A 49 3.83 16.59 -7.02
N LYS A 50 2.63 16.00 -7.01
CA LYS A 50 1.92 15.78 -5.77
C LYS A 50 1.34 14.37 -5.65
N CYS A 51 1.39 13.83 -4.44
CA CYS A 51 0.86 12.50 -4.16
C CYS A 51 0.26 12.49 -2.75
N THR A 52 -1.03 12.79 -2.66
CA THR A 52 -1.73 12.83 -1.38
C THR A 52 -2.39 11.50 -1.04
N LEU A 53 -2.26 11.09 0.22
CA LEU A 53 -2.83 9.84 0.69
C LEU A 53 -4.34 9.99 0.83
N ASP A 54 -5.06 8.91 0.55
CA ASP A 54 -6.51 8.92 0.64
C ASP A 54 -7.03 7.65 1.29
N LYS A 55 -7.91 7.81 2.26
CA LYS A 55 -8.48 6.66 2.96
C LYS A 55 -9.26 5.77 2.02
N GLU A 56 -10.21 6.38 1.29
CA GLU A 56 -11.04 5.64 0.34
C GLU A 56 -10.18 4.80 -0.59
N GLU A 57 -9.06 5.38 -1.03
CA GLU A 57 -8.14 4.69 -1.92
C GLU A 57 -7.52 3.52 -1.16
N ALA A 58 -7.06 3.80 0.05
CA ALA A 58 -6.46 2.78 0.89
C ALA A 58 -7.43 1.60 1.06
N LYS A 59 -8.72 1.91 1.07
CA LYS A 59 -9.74 0.87 1.22
C LYS A 59 -9.70 -0.09 0.04
N LYS A 60 -9.69 0.46 -1.17
CA LYS A 60 -9.65 -0.33 -2.39
C LYS A 60 -8.40 -1.20 -2.46
N VAL A 61 -7.25 -0.58 -2.16
CA VAL A 61 -5.98 -1.30 -2.20
C VAL A 61 -5.96 -2.46 -1.21
N ALA A 62 -6.40 -2.19 0.01
CA ALA A 62 -6.44 -3.22 1.05
C ALA A 62 -7.41 -4.33 0.68
N ASP A 63 -8.56 -3.94 0.13
CA ASP A 63 -9.57 -4.89 -0.27
C ASP A 63 -9.26 -5.49 -1.62
N GLU A 64 -7.97 -5.74 -1.88
CA GLU A 64 -7.54 -6.31 -3.13
C GLU A 64 -7.90 -7.78 -3.20
N THR A 65 -8.75 -8.22 -2.25
CA THR A 65 -9.19 -9.60 -2.19
C THR A 65 -8.01 -10.56 -2.23
N ALA A 66 -7.00 -10.28 -1.42
CA ALA A 66 -5.79 -11.10 -1.37
C ALA A 66 -4.92 -10.72 -0.17
N LYS A 67 -4.75 -9.41 0.04
CA LYS A 67 -3.94 -8.90 1.13
C LYS A 67 -4.72 -8.93 2.45
N ASP A 68 -5.40 -10.04 2.70
CA ASP A 68 -6.17 -10.19 3.94
C ASP A 68 -5.27 -10.29 5.15
N GLY A 69 -5.64 -9.63 6.24
CA GLY A 69 -4.85 -9.65 7.44
C GLY A 69 -5.46 -8.83 8.56
N LYS A 70 -6.78 -8.90 8.70
CA LYS A 70 -7.48 -8.16 9.74
C LYS A 70 -7.20 -8.75 11.13
N THR A 71 -6.97 -7.87 12.10
CA THR A 71 -6.70 -8.30 13.46
C THR A 71 -7.86 -9.09 14.05
N GLY A 72 -7.55 -10.23 14.66
CA GLY A 72 -8.58 -11.06 15.26
C GLY A 72 -8.03 -12.38 15.78
N ASN A 73 -6.91 -12.30 16.49
CA ASN A 73 -6.26 -13.49 17.05
C ASN A 73 -7.20 -14.21 18.02
N THR A 74 -7.30 -15.53 17.86
CA THR A 74 -8.14 -16.34 18.73
C THR A 74 -7.77 -17.81 18.59
N ASN A 75 -7.71 -18.30 17.35
CA ASN A 75 -7.36 -19.69 17.08
C ASN A 75 -7.36 -19.97 15.58
N THR A 76 -8.46 -19.58 14.91
CA THR A 76 -8.58 -19.78 13.48
C THR A 76 -7.58 -18.94 12.70
N THR A 77 -6.94 -19.55 11.70
CA THR A 77 -5.95 -18.88 10.87
C THR A 77 -4.63 -18.68 11.61
N GLY A 78 -4.72 -18.34 12.89
CA GLY A 78 -3.52 -18.12 13.68
C GLY A 78 -2.60 -19.33 13.70
N SER A 79 -3.20 -20.51 13.89
CA SER A 79 -2.44 -21.75 13.93
C SER A 79 -2.02 -22.18 12.52
N SER A 80 -1.17 -21.37 11.89
CA SER A 80 -0.70 -21.67 10.54
C SER A 80 0.12 -22.96 10.53
N GLY A 1 29.21 1.18 5.11
CA GLY A 1 28.46 -0.10 5.31
C GLY A 1 26.97 0.13 5.54
N SER A 2 26.15 -0.62 4.82
CA SER A 2 24.69 -0.49 4.94
C SER A 2 24.23 -0.97 6.31
N HIS A 3 23.29 -0.23 6.91
CA HIS A 3 22.77 -0.58 8.22
C HIS A 3 22.03 -1.93 8.16
N MET A 4 22.26 -2.78 9.15
CA MET A 4 21.63 -4.09 9.20
C MET A 4 20.11 -3.96 9.28
N LEU A 5 19.41 -4.84 8.58
CA LEU A 5 17.95 -4.84 8.56
C LEU A 5 17.39 -5.16 9.95
N GLU A 6 16.33 -4.46 10.33
CA GLU A 6 15.70 -4.67 11.64
C GLU A 6 15.23 -6.11 11.78
N VAL A 7 15.43 -6.68 12.96
CA VAL A 7 15.02 -8.05 13.22
C VAL A 7 13.52 -8.23 13.03
N LEU A 8 13.14 -9.26 12.28
CA LEU A 8 11.73 -9.55 12.01
C LEU A 8 11.03 -10.06 13.26
N THR A 9 9.82 -9.56 13.49
CA THR A 9 9.03 -9.96 14.65
C THR A 9 8.54 -11.41 14.52
N GLN A 10 7.24 -11.63 14.73
CA GLN A 10 6.66 -12.95 14.64
C GLN A 10 7.32 -13.90 15.65
N LYS A 11 7.33 -13.49 16.90
CA LYS A 11 7.93 -14.28 17.97
C LYS A 11 7.35 -13.90 19.33
N HIS A 12 6.97 -14.91 20.11
CA HIS A 12 6.38 -14.72 21.43
C HIS A 12 4.94 -14.25 21.34
N LYS A 13 4.70 -13.23 20.52
CA LYS A 13 3.35 -12.69 20.35
C LYS A 13 2.44 -13.72 19.68
N PRO A 14 1.21 -13.91 20.22
CA PRO A 14 0.26 -14.88 19.67
C PRO A 14 -0.44 -14.36 18.41
N ALA A 15 0.33 -13.71 17.53
CA ALA A 15 -0.22 -13.18 16.29
C ALA A 15 0.88 -12.55 15.43
N GLU A 16 0.89 -12.87 14.15
CA GLU A 16 1.88 -12.33 13.23
C GLU A 16 1.72 -10.82 13.09
N SER A 17 2.84 -10.14 12.95
CA SER A 17 2.86 -8.68 12.81
C SER A 17 1.89 -8.22 11.73
N GLN A 18 1.08 -7.22 12.07
CA GLN A 18 0.09 -6.68 11.14
C GLN A 18 0.73 -5.67 10.19
N GLN A 19 1.83 -6.07 9.55
CA GLN A 19 2.53 -5.19 8.61
C GLN A 19 1.59 -4.74 7.50
N GLN A 20 1.40 -3.42 7.41
CA GLN A 20 0.52 -2.84 6.41
C GLN A 20 1.19 -1.66 5.71
N ALA A 21 0.72 -1.36 4.50
CA ALA A 21 1.27 -0.25 3.71
C ALA A 21 1.09 1.08 4.43
N ALA A 22 2.03 2.01 4.19
CA ALA A 22 1.99 3.32 4.81
C ALA A 22 0.94 4.22 4.14
N GLU A 23 -0.31 3.81 4.25
CA GLU A 23 -1.43 4.53 3.66
C GLU A 23 -1.76 5.81 4.41
N THR A 24 -0.74 6.55 4.81
CA THR A 24 -0.94 7.80 5.52
C THR A 24 -0.46 8.98 4.68
N GLU A 25 -1.18 10.09 4.79
CA GLU A 25 -0.83 11.29 4.04
C GLU A 25 0.61 11.65 4.28
N GLY A 26 1.03 11.49 5.51
CA GLY A 26 2.40 11.80 5.89
C GLY A 26 3.43 11.02 5.10
N SER A 27 3.11 9.78 4.74
CA SER A 27 4.06 8.97 3.99
C SER A 27 4.05 9.34 2.50
N CYS A 28 2.85 9.46 1.96
CA CYS A 28 2.68 9.78 0.55
C CYS A 28 3.31 11.10 0.16
N ASN A 29 3.05 12.15 0.94
CA ASN A 29 3.59 13.47 0.65
C ASN A 29 5.11 13.40 0.53
N LYS A 30 5.71 12.46 1.25
CA LYS A 30 7.16 12.29 1.23
C LYS A 30 7.60 11.49 0.00
N LYS A 31 6.78 10.53 -0.39
CA LYS A 31 7.09 9.68 -1.53
C LYS A 31 7.16 10.46 -2.82
N ASP A 32 7.95 9.93 -3.74
CA ASP A 32 8.12 10.52 -5.05
C ASP A 32 7.18 9.84 -6.05
N GLN A 33 7.19 10.29 -7.29
CA GLN A 33 6.33 9.71 -8.32
C GLN A 33 6.43 8.20 -8.31
N ASN A 34 7.65 7.70 -8.37
CA ASN A 34 7.91 6.26 -8.36
C ASN A 34 7.54 5.64 -7.02
N GLU A 35 7.77 6.39 -5.95
CA GLU A 35 7.48 5.92 -4.61
C GLU A 35 6.00 6.10 -4.24
N CYS A 36 5.26 6.78 -5.11
CA CYS A 36 3.84 7.01 -4.86
C CYS A 36 3.14 5.66 -4.74
N LYS A 37 2.92 5.23 -3.50
CA LYS A 37 2.30 3.94 -3.22
C LYS A 37 0.83 3.89 -3.60
N SER A 38 0.29 2.68 -3.69
CA SER A 38 -1.09 2.45 -4.05
C SER A 38 -2.06 3.30 -3.23
N PRO A 39 -1.98 3.29 -1.88
CA PRO A 39 -2.87 4.08 -1.04
C PRO A 39 -2.87 5.55 -1.43
N CYS A 40 -1.70 6.02 -1.85
CA CYS A 40 -1.52 7.41 -2.24
C CYS A 40 -2.35 7.77 -3.47
N LYS A 41 -1.94 8.83 -4.14
CA LYS A 41 -2.60 9.31 -5.34
C LYS A 41 -1.74 10.38 -6.00
N TRP A 42 -1.19 10.05 -7.16
CA TRP A 42 -0.33 10.96 -7.88
C TRP A 42 -1.09 12.16 -8.42
N HIS A 43 -0.69 13.36 -7.97
CA HIS A 43 -1.31 14.59 -8.44
C HIS A 43 -0.54 15.16 -9.61
N ASN A 44 -1.15 15.07 -10.80
CA ASN A 44 -0.54 15.57 -12.01
C ASN A 44 -0.73 17.07 -12.16
N ASP A 45 0.23 17.72 -12.79
CA ASP A 45 0.20 19.16 -13.01
C ASP A 45 0.17 19.93 -11.69
N ALA A 46 0.77 19.35 -10.65
CA ALA A 46 0.84 20.00 -9.35
C ALA A 46 1.78 21.20 -9.44
N GLU A 47 2.00 21.88 -8.31
CA GLU A 47 2.91 23.02 -8.30
C GLU A 47 4.24 22.58 -8.89
N ASN A 48 4.60 21.33 -8.60
CA ASN A 48 5.81 20.70 -9.08
C ASN A 48 5.65 19.20 -9.00
N LYS A 49 4.42 18.74 -9.27
CA LYS A 49 4.06 17.33 -9.20
C LYS A 49 4.12 16.87 -7.75
N LYS A 50 3.07 16.22 -7.26
CA LYS A 50 3.07 15.80 -5.86
C LYS A 50 2.19 14.58 -5.59
N CYS A 51 2.71 13.67 -4.77
CA CYS A 51 1.99 12.45 -4.37
C CYS A 51 1.38 12.63 -2.99
N THR A 52 0.12 12.23 -2.83
CA THR A 52 -0.57 12.35 -1.54
C THR A 52 -1.53 11.20 -1.29
N LEU A 53 -1.66 10.83 -0.02
CA LEU A 53 -2.53 9.73 0.40
C LEU A 53 -3.98 10.04 0.09
N ASP A 54 -4.71 9.01 -0.31
CA ASP A 54 -6.12 9.14 -0.64
C ASP A 54 -6.94 8.10 0.11
N LYS A 55 -8.06 8.54 0.68
CA LYS A 55 -8.93 7.64 1.44
C LYS A 55 -9.54 6.56 0.55
N GLU A 56 -9.99 6.95 -0.64
CA GLU A 56 -10.59 6.02 -1.58
C GLU A 56 -9.60 4.94 -1.99
N GLU A 57 -8.37 5.35 -2.28
CA GLU A 57 -7.33 4.41 -2.69
C GLU A 57 -6.91 3.52 -1.52
N ALA A 58 -6.80 4.11 -0.34
CA ALA A 58 -6.39 3.37 0.85
C ALA A 58 -7.38 2.25 1.17
N LYS A 59 -8.66 2.57 1.19
CA LYS A 59 -9.70 1.58 1.48
C LYS A 59 -9.70 0.49 0.42
N LYS A 60 -9.40 0.87 -0.83
CA LYS A 60 -9.36 -0.06 -1.94
C LYS A 60 -8.21 -1.05 -1.76
N VAL A 61 -7.03 -0.54 -1.42
CA VAL A 61 -5.85 -1.37 -1.23
C VAL A 61 -6.02 -2.29 -0.03
N ALA A 62 -6.59 -1.78 1.04
CA ALA A 62 -6.81 -2.55 2.25
C ALA A 62 -7.87 -3.63 2.02
N ASP A 63 -8.87 -3.29 1.22
CA ASP A 63 -9.96 -4.22 0.92
C ASP A 63 -9.54 -5.23 -0.14
N GLU A 64 -8.29 -5.66 -0.10
CA GLU A 64 -7.78 -6.63 -1.05
C GLU A 64 -6.46 -7.25 -0.56
N THR A 65 -5.58 -6.41 -0.02
CA THR A 65 -4.30 -6.88 0.50
C THR A 65 -4.45 -7.52 1.87
N ALA A 66 -5.47 -8.37 2.02
CA ALA A 66 -5.72 -9.05 3.28
C ALA A 66 -6.78 -10.14 3.11
N LYS A 67 -7.92 -9.76 2.52
CA LYS A 67 -9.00 -10.70 2.29
C LYS A 67 -9.41 -11.40 3.59
N ASP A 68 -9.63 -10.62 4.64
CA ASP A 68 -10.02 -11.16 5.94
C ASP A 68 -11.45 -11.73 5.88
N GLY A 69 -12.24 -11.49 6.92
CA GLY A 69 -13.60 -11.99 6.95
C GLY A 69 -14.23 -11.86 8.33
N LYS A 70 -14.03 -10.71 8.95
CA LYS A 70 -14.58 -10.45 10.29
C LYS A 70 -16.11 -10.48 10.27
N THR A 71 -16.69 -9.77 9.31
CA THR A 71 -18.14 -9.70 9.19
C THR A 71 -18.74 -11.08 8.87
N GLY A 72 -18.16 -11.75 7.89
CA GLY A 72 -18.65 -13.07 7.51
C GLY A 72 -20.09 -13.02 7.02
N ASN A 73 -20.86 -14.05 7.36
CA ASN A 73 -22.26 -14.11 6.94
C ASN A 73 -22.98 -15.29 7.61
N THR A 74 -24.17 -15.04 8.13
CA THR A 74 -24.95 -16.08 8.79
C THR A 74 -25.40 -17.14 7.79
N ASN A 75 -25.17 -18.41 8.12
CA ASN A 75 -25.56 -19.51 7.26
C ASN A 75 -25.18 -20.85 7.88
N THR A 76 -23.92 -20.97 8.28
CA THR A 76 -23.42 -22.21 8.90
C THR A 76 -24.02 -22.40 10.29
N THR A 77 -23.50 -23.39 11.01
CA THR A 77 -23.97 -23.70 12.36
C THR A 77 -23.33 -22.75 13.38
N GLY A 78 -23.49 -21.45 13.14
CA GLY A 78 -22.90 -20.47 14.04
C GLY A 78 -23.41 -19.07 13.76
N SER A 79 -24.74 -18.92 13.72
CA SER A 79 -25.37 -17.63 13.46
C SER A 79 -24.87 -16.57 14.44
N SER A 80 -24.55 -15.39 13.91
CA SER A 80 -24.07 -14.29 14.73
C SER A 80 -24.19 -12.97 13.97
N GLY A 1 14.85 -28.24 -0.14
CA GLY A 1 15.67 -27.34 -1.00
C GLY A 1 14.96 -26.04 -1.31
N SER A 2 14.39 -25.42 -0.29
CA SER A 2 13.68 -24.16 -0.47
C SER A 2 14.62 -23.06 -0.94
N HIS A 3 14.16 -22.26 -1.91
CA HIS A 3 14.96 -21.18 -2.45
C HIS A 3 15.32 -20.16 -1.37
N MET A 4 16.53 -19.62 -1.45
CA MET A 4 17.00 -18.63 -0.48
C MET A 4 16.07 -17.42 -0.44
N LEU A 5 15.72 -17.00 0.76
CA LEU A 5 14.83 -15.85 0.94
C LEU A 5 15.47 -14.58 0.39
N GLU A 6 14.68 -13.80 -0.34
CA GLU A 6 15.16 -12.55 -0.92
C GLU A 6 15.55 -11.56 0.17
N VAL A 7 16.64 -10.84 -0.06
CA VAL A 7 17.13 -9.85 0.89
C VAL A 7 16.08 -8.76 1.12
N LEU A 8 15.95 -8.31 2.36
CA LEU A 8 14.99 -7.27 2.70
C LEU A 8 15.22 -6.76 4.12
N THR A 9 14.16 -6.67 4.93
CA THR A 9 14.28 -6.18 6.30
C THR A 9 12.95 -6.28 7.03
N GLN A 10 13.00 -6.73 8.28
CA GLN A 10 11.80 -6.87 9.10
C GLN A 10 11.20 -5.52 9.42
N LYS A 11 9.87 -5.46 9.49
CA LYS A 11 9.15 -4.23 9.79
C LYS A 11 7.95 -4.51 10.69
N HIS A 12 7.10 -3.50 10.86
CA HIS A 12 5.91 -3.63 11.69
C HIS A 12 5.02 -4.76 11.18
N LYS A 13 5.33 -5.28 10.00
CA LYS A 13 4.56 -6.36 9.41
C LYS A 13 5.28 -6.95 8.20
N PRO A 14 5.54 -8.28 8.21
CA PRO A 14 6.22 -8.96 7.11
C PRO A 14 5.28 -9.28 5.95
N ALA A 15 4.42 -8.33 5.62
CA ALA A 15 3.47 -8.52 4.52
C ALA A 15 4.13 -8.30 3.16
N GLU A 16 5.40 -8.68 3.07
CA GLU A 16 6.17 -8.53 1.83
C GLU A 16 6.28 -7.07 1.43
N SER A 17 7.52 -6.61 1.26
CA SER A 17 7.77 -5.22 0.86
C SER A 17 7.22 -4.95 -0.54
N GLN A 18 7.31 -5.95 -1.39
CA GLN A 18 6.82 -5.83 -2.76
C GLN A 18 5.34 -5.47 -2.78
N GLN A 19 4.55 -6.19 -1.98
CA GLN A 19 3.11 -5.94 -1.90
C GLN A 19 2.85 -4.56 -1.33
N GLN A 20 1.93 -3.82 -1.96
CA GLN A 20 1.59 -2.47 -1.52
C GLN A 20 1.11 -2.47 -0.07
N ALA A 21 1.50 -1.44 0.66
CA ALA A 21 1.12 -1.29 2.05
C ALA A 21 0.44 0.05 2.30
N ALA A 22 -0.62 0.03 3.10
CA ALA A 22 -1.36 1.25 3.41
C ALA A 22 -0.45 2.28 4.08
N GLU A 23 0.03 3.24 3.28
CA GLU A 23 0.91 4.29 3.78
C GLU A 23 0.11 5.28 4.64
N THR A 24 0.56 6.54 4.64
CA THR A 24 -0.09 7.59 5.40
C THR A 24 0.09 8.93 4.71
N GLU A 25 -0.85 9.84 4.91
CA GLU A 25 -0.80 11.15 4.28
C GLU A 25 0.58 11.77 4.46
N GLY A 26 1.14 11.61 5.65
CA GLY A 26 2.45 12.16 5.93
C GLY A 26 3.55 11.54 5.10
N SER A 27 3.50 10.24 4.90
CA SER A 27 4.51 9.54 4.12
C SER A 27 4.39 9.86 2.63
N CYS A 28 3.16 9.80 2.11
CA CYS A 28 2.89 10.07 0.71
C CYS A 28 3.43 11.42 0.28
N ASN A 29 3.11 12.46 1.05
CA ASN A 29 3.57 13.82 0.73
C ASN A 29 5.07 13.84 0.53
N LYS A 30 5.77 13.02 1.31
CA LYS A 30 7.22 12.93 1.25
C LYS A 30 7.68 12.12 0.03
N LYS A 31 6.93 11.06 -0.29
CA LYS A 31 7.27 10.20 -1.39
C LYS A 31 7.44 10.94 -2.70
N ASP A 32 8.32 10.39 -3.50
CA ASP A 32 8.62 10.92 -4.82
C ASP A 32 7.71 10.27 -5.84
N GLN A 33 7.86 10.64 -7.12
CA GLN A 33 7.04 10.07 -8.17
C GLN A 33 7.00 8.55 -8.07
N ASN A 34 8.18 7.93 -8.13
CA ASN A 34 8.29 6.49 -8.04
C ASN A 34 7.88 5.98 -6.66
N GLU A 35 8.10 6.80 -5.63
CA GLU A 35 7.76 6.43 -4.27
C GLU A 35 6.27 6.58 -3.99
N CYS A 36 5.58 7.34 -4.83
CA CYS A 36 4.15 7.55 -4.64
C CYS A 36 3.45 6.18 -4.64
N LYS A 37 3.19 5.67 -3.45
CA LYS A 37 2.57 4.36 -3.29
C LYS A 37 1.10 4.34 -3.71
N SER A 38 0.59 3.13 -3.93
CA SER A 38 -0.79 2.92 -4.34
C SER A 38 -1.77 3.62 -3.40
N PRO A 39 -1.68 3.37 -2.07
CA PRO A 39 -2.58 4.00 -1.10
C PRO A 39 -2.64 5.51 -1.31
N CYS A 40 -1.50 6.07 -1.72
CA CYS A 40 -1.40 7.49 -1.97
C CYS A 40 -2.22 7.87 -3.21
N LYS A 41 -1.86 9.00 -3.81
CA LYS A 41 -2.54 9.47 -5.01
C LYS A 41 -1.63 10.44 -5.77
N TRP A 42 -1.21 10.02 -6.95
CA TRP A 42 -0.33 10.83 -7.78
C TRP A 42 -1.10 11.97 -8.44
N HIS A 43 -0.49 13.16 -8.46
CA HIS A 43 -1.11 14.32 -9.07
C HIS A 43 -0.22 14.89 -10.17
N ASN A 44 -0.70 14.80 -11.40
CA ASN A 44 0.04 15.30 -12.56
C ASN A 44 -0.17 16.80 -12.75
N ASP A 45 0.89 17.48 -13.15
CA ASP A 45 0.86 18.92 -13.38
C ASP A 45 0.40 19.66 -12.12
N ALA A 46 0.79 19.13 -10.96
CA ALA A 46 0.45 19.74 -9.68
C ALA A 46 1.41 20.86 -9.34
N GLU A 47 1.74 21.67 -10.35
CA GLU A 47 2.67 22.78 -10.21
C GLU A 47 4.10 22.28 -10.13
N ASN A 48 4.27 21.04 -9.65
CA ASN A 48 5.58 20.43 -9.54
C ASN A 48 5.43 18.98 -9.08
N LYS A 49 4.33 18.35 -9.48
CA LYS A 49 4.03 16.97 -9.12
C LYS A 49 3.80 16.83 -7.62
N LYS A 50 2.70 16.19 -7.25
CA LYS A 50 2.36 16.01 -5.83
C LYS A 50 1.76 14.64 -5.55
N CYS A 51 2.10 14.09 -4.39
CA CYS A 51 1.60 12.78 -3.97
C CYS A 51 1.01 12.89 -2.57
N THR A 52 -0.20 12.37 -2.38
CA THR A 52 -0.87 12.43 -1.08
C THR A 52 -1.70 11.18 -0.82
N LEU A 53 -1.75 10.75 0.44
CA LEU A 53 -2.49 9.57 0.83
C LEU A 53 -3.99 9.83 0.74
N ASP A 54 -4.73 8.82 0.30
CA ASP A 54 -6.17 8.92 0.17
C ASP A 54 -6.86 7.82 0.96
N LYS A 55 -7.83 8.21 1.79
CA LYS A 55 -8.57 7.26 2.61
C LYS A 55 -9.37 6.32 1.71
N GLU A 56 -9.99 6.89 0.68
CA GLU A 56 -10.79 6.11 -0.25
C GLU A 56 -9.92 5.11 -1.02
N GLU A 57 -8.74 5.55 -1.41
CA GLU A 57 -7.82 4.69 -2.15
C GLU A 57 -7.32 3.53 -1.30
N ALA A 58 -6.91 3.84 -0.07
CA ALA A 58 -6.39 2.82 0.85
C ALA A 58 -7.45 1.78 1.18
N LYS A 59 -8.66 2.22 1.51
CA LYS A 59 -9.73 1.29 1.85
C LYS A 59 -10.02 0.38 0.65
N LYS A 60 -9.94 0.95 -0.55
CA LYS A 60 -10.18 0.21 -1.77
C LYS A 60 -9.08 -0.81 -2.03
N VAL A 61 -7.83 -0.39 -1.81
CA VAL A 61 -6.68 -1.27 -2.02
C VAL A 61 -6.74 -2.46 -1.08
N ALA A 62 -7.20 -2.21 0.14
CA ALA A 62 -7.31 -3.26 1.15
C ALA A 62 -8.51 -4.16 0.86
N ASP A 63 -9.56 -3.57 0.28
CA ASP A 63 -10.77 -4.31 -0.03
C ASP A 63 -10.50 -5.51 -0.91
N GLU A 64 -9.97 -5.23 -2.08
CA GLU A 64 -9.65 -6.26 -3.06
C GLU A 64 -8.52 -5.80 -3.99
N THR A 65 -7.49 -5.21 -3.40
CA THR A 65 -6.34 -4.71 -4.15
C THR A 65 -6.78 -3.81 -5.29
N ALA A 66 -7.85 -3.05 -5.04
CA ALA A 66 -8.38 -2.12 -6.03
C ALA A 66 -8.70 -2.82 -7.35
N LYS A 67 -9.43 -3.92 -7.26
CA LYS A 67 -9.81 -4.69 -8.44
C LYS A 67 -10.61 -3.82 -9.41
N ASP A 68 -11.57 -3.08 -8.89
CA ASP A 68 -12.40 -2.20 -9.69
C ASP A 68 -13.38 -1.42 -8.82
N GLY A 69 -14.13 -2.14 -7.99
CA GLY A 69 -15.10 -1.51 -7.12
C GLY A 69 -16.06 -2.51 -6.49
N LYS A 70 -17.35 -2.20 -6.55
CA LYS A 70 -18.38 -3.07 -5.98
C LYS A 70 -19.77 -2.59 -6.39
N THR A 71 -19.99 -1.29 -6.31
CA THR A 71 -21.27 -0.70 -6.68
C THR A 71 -21.57 -0.93 -8.16
N GLY A 72 -22.82 -1.23 -8.47
CA GLY A 72 -23.21 -1.47 -9.84
C GLY A 72 -24.71 -1.63 -10.00
N ASN A 73 -25.11 -2.72 -10.66
CA ASN A 73 -26.53 -2.99 -10.88
C ASN A 73 -27.29 -3.02 -9.56
N THR A 74 -28.32 -2.20 -9.46
CA THR A 74 -29.13 -2.13 -8.24
C THR A 74 -30.00 -3.38 -8.10
N ASN A 75 -30.67 -3.76 -9.18
CA ASN A 75 -31.54 -4.92 -9.21
C ASN A 75 -32.85 -4.64 -8.49
N THR A 76 -32.77 -4.16 -7.25
CA THR A 76 -33.95 -3.84 -6.48
C THR A 76 -34.60 -2.56 -6.98
N THR A 77 -35.83 -2.67 -7.46
CA THR A 77 -36.57 -1.53 -7.98
C THR A 77 -35.72 -0.70 -8.95
N GLY A 78 -34.88 -1.38 -9.72
CA GLY A 78 -34.03 -0.68 -10.67
C GLY A 78 -34.82 0.00 -11.76
N SER A 79 -35.81 -0.71 -12.31
CA SER A 79 -36.65 -0.16 -13.37
C SER A 79 -37.68 0.81 -12.81
N SER A 80 -37.21 1.93 -12.27
CA SER A 80 -38.07 2.96 -11.69
C SER A 80 -39.05 2.34 -10.69
N GLY A 1 13.96 7.88 19.11
CA GLY A 1 14.29 9.04 18.23
C GLY A 1 13.42 9.09 16.98
N SER A 2 14.06 9.38 15.84
CA SER A 2 13.34 9.46 14.57
C SER A 2 14.33 9.68 13.43
N HIS A 3 15.29 10.59 13.64
CA HIS A 3 16.28 10.88 12.62
C HIS A 3 17.08 9.64 12.24
N MET A 4 17.43 9.54 10.97
CA MET A 4 18.19 8.39 10.46
C MET A 4 17.35 7.11 10.51
N LEU A 5 17.40 6.34 9.43
CA LEU A 5 16.64 5.09 9.35
C LEU A 5 17.08 4.28 8.13
N GLU A 6 17.24 4.97 7.01
CA GLU A 6 17.66 4.34 5.76
C GLU A 6 16.75 3.16 5.41
N VAL A 7 15.44 3.35 5.55
CA VAL A 7 14.48 2.30 5.23
C VAL A 7 14.54 1.92 3.75
N LEU A 8 14.47 0.62 3.48
CA LEU A 8 14.52 0.12 2.12
C LEU A 8 13.35 0.65 1.28
N THR A 9 13.60 0.87 0.00
CA THR A 9 12.57 1.39 -0.91
C THR A 9 13.07 1.42 -2.35
N GLN A 10 14.33 1.83 -2.52
CA GLN A 10 14.93 1.90 -3.86
C GLN A 10 16.43 1.65 -3.80
N LYS A 11 16.93 0.80 -4.69
CA LYS A 11 18.35 0.46 -4.75
C LYS A 11 18.76 0.07 -6.17
N HIS A 12 19.98 -0.45 -6.29
CA HIS A 12 20.51 -0.86 -7.59
C HIS A 12 19.94 -2.21 -8.03
N LYS A 13 18.68 -2.47 -7.67
CA LYS A 13 18.01 -3.72 -8.02
C LYS A 13 16.57 -3.74 -7.52
N PRO A 14 15.65 -4.38 -8.26
CA PRO A 14 14.24 -4.47 -7.88
C PRO A 14 14.01 -5.52 -6.80
N ALA A 15 14.98 -5.66 -5.91
CA ALA A 15 14.89 -6.63 -4.82
C ALA A 15 13.96 -6.13 -3.71
N GLU A 16 13.08 -7.00 -3.25
CA GLU A 16 12.14 -6.63 -2.19
C GLU A 16 11.32 -5.41 -2.59
N SER A 17 11.44 -4.33 -1.83
CA SER A 17 10.72 -3.08 -2.11
C SER A 17 9.23 -3.34 -2.27
N GLN A 18 8.69 -4.24 -1.44
CA GLN A 18 7.27 -4.57 -1.49
C GLN A 18 6.43 -3.38 -1.07
N GLN A 19 5.35 -3.12 -1.80
CA GLN A 19 4.46 -2.00 -1.50
C GLN A 19 3.92 -2.12 -0.08
N GLN A 20 3.93 -1.02 0.65
CA GLN A 20 3.44 -0.99 2.02
C GLN A 20 1.95 -1.28 2.09
N ALA A 21 1.42 -1.22 3.31
CA ALA A 21 0.01 -1.47 3.55
C ALA A 21 -0.62 -0.31 4.30
N ALA A 22 -1.80 0.12 3.83
CA ALA A 22 -2.54 1.20 4.44
C ALA A 22 -1.62 2.31 4.94
N GLU A 23 -0.97 2.98 4.00
CA GLU A 23 -0.05 4.05 4.30
C GLU A 23 -0.78 5.26 4.89
N THR A 24 -0.20 6.44 4.73
CA THR A 24 -0.79 7.66 5.25
C THR A 24 -0.44 8.85 4.37
N GLU A 25 -1.35 9.82 4.31
CA GLU A 25 -1.13 11.02 3.51
C GLU A 25 0.26 11.59 3.75
N GLY A 26 0.68 11.55 5.00
CA GLY A 26 1.99 12.06 5.36
C GLY A 26 3.12 11.34 4.64
N SER A 27 3.02 10.02 4.55
CA SER A 27 4.05 9.23 3.88
C SER A 27 4.06 9.51 2.39
N CYS A 28 2.90 9.42 1.77
CA CYS A 28 2.75 9.65 0.34
C CYS A 28 3.31 10.99 -0.12
N ASN A 29 2.97 12.06 0.60
CA ASN A 29 3.42 13.40 0.25
C ASN A 29 4.94 13.46 0.12
N LYS A 30 5.64 12.58 0.82
CA LYS A 30 7.09 12.55 0.78
C LYS A 30 7.60 11.70 -0.37
N LYS A 31 6.86 10.66 -0.71
CA LYS A 31 7.23 9.75 -1.79
C LYS A 31 7.27 10.47 -3.14
N ASP A 32 8.39 10.31 -3.85
CA ASP A 32 8.56 10.92 -5.16
C ASP A 32 7.64 10.25 -6.18
N GLN A 33 7.71 10.70 -7.43
CA GLN A 33 6.87 10.14 -8.49
C GLN A 33 6.90 8.61 -8.46
N ASN A 34 8.11 8.06 -8.53
CA ASN A 34 8.29 6.62 -8.50
C ASN A 34 7.86 6.03 -7.17
N GLU A 35 8.11 6.78 -6.09
CA GLU A 35 7.75 6.34 -4.75
C GLU A 35 6.26 6.47 -4.50
N CYS A 36 5.57 7.23 -5.34
CA CYS A 36 4.14 7.40 -5.19
C CYS A 36 3.45 6.05 -5.25
N LYS A 37 3.15 5.51 -4.08
CA LYS A 37 2.53 4.19 -3.97
C LYS A 37 1.08 4.19 -4.43
N SER A 38 0.58 2.98 -4.70
CA SER A 38 -0.78 2.80 -5.18
C SER A 38 -1.81 3.53 -4.32
N PRO A 39 -1.84 3.28 -2.99
CA PRO A 39 -2.78 3.94 -2.09
C PRO A 39 -2.74 5.45 -2.26
N CYS A 40 -1.53 5.95 -2.53
CA CYS A 40 -1.31 7.37 -2.72
C CYS A 40 -1.97 7.86 -4.00
N LYS A 41 -2.37 9.12 -4.01
CA LYS A 41 -2.99 9.72 -5.18
C LYS A 41 -2.01 10.68 -5.86
N TRP A 42 -1.67 10.35 -7.10
CA TRP A 42 -0.74 11.14 -7.88
C TRP A 42 -1.42 12.36 -8.51
N HIS A 43 -0.64 13.41 -8.72
CA HIS A 43 -1.16 14.64 -9.33
C HIS A 43 -0.12 15.26 -10.26
N ASN A 44 -0.43 15.23 -11.56
CA ASN A 44 0.45 15.78 -12.58
C ASN A 44 0.23 17.28 -12.76
N ASP A 45 1.23 17.96 -13.30
CA ASP A 45 1.16 19.40 -13.53
C ASP A 45 1.01 20.14 -12.20
N ALA A 46 1.70 19.63 -11.19
CA ALA A 46 1.66 20.23 -9.86
C ALA A 46 2.85 21.17 -9.66
N GLU A 47 2.66 22.21 -8.86
CA GLU A 47 3.72 23.18 -8.59
C GLU A 47 5.04 22.48 -8.27
N ASN A 48 4.95 21.34 -7.59
CA ASN A 48 6.13 20.57 -7.23
C ASN A 48 5.78 19.09 -7.16
N LYS A 49 4.86 18.67 -8.02
CA LYS A 49 4.40 17.29 -8.08
C LYS A 49 3.68 16.91 -6.79
N LYS A 50 2.49 16.33 -6.91
CA LYS A 50 1.71 15.94 -5.73
C LYS A 50 1.44 14.45 -5.68
N CYS A 51 1.47 13.91 -4.47
CA CYS A 51 1.22 12.48 -4.23
C CYS A 51 0.59 12.31 -2.85
N THR A 52 -0.64 12.77 -2.69
CA THR A 52 -1.34 12.68 -1.42
C THR A 52 -2.16 11.40 -1.30
N LEU A 53 -2.01 10.73 -0.17
CA LEU A 53 -2.75 9.49 0.10
C LEU A 53 -4.25 9.73 0.00
N ASP A 54 -4.94 8.75 -0.57
CA ASP A 54 -6.39 8.83 -0.72
C ASP A 54 -7.09 7.89 0.24
N LYS A 55 -8.12 8.38 0.90
CA LYS A 55 -8.87 7.57 1.86
C LYS A 55 -9.61 6.43 1.18
N GLU A 56 -10.27 6.75 0.07
CA GLU A 56 -11.03 5.76 -0.69
C GLU A 56 -10.10 4.68 -1.24
N GLU A 57 -8.98 5.10 -1.79
CA GLU A 57 -8.01 4.17 -2.36
C GLU A 57 -7.34 3.33 -1.28
N ALA A 58 -6.97 3.99 -0.17
CA ALA A 58 -6.31 3.31 0.94
C ALA A 58 -7.19 2.22 1.54
N LYS A 59 -8.46 2.53 1.77
CA LYS A 59 -9.38 1.56 2.35
C LYS A 59 -9.53 0.35 1.43
N LYS A 60 -9.64 0.60 0.13
CA LYS A 60 -9.78 -0.49 -0.83
C LYS A 60 -8.54 -1.38 -0.83
N VAL A 61 -7.37 -0.76 -0.95
CA VAL A 61 -6.10 -1.49 -0.96
C VAL A 61 -5.91 -2.25 0.36
N ALA A 62 -6.25 -1.58 1.45
CA ALA A 62 -6.12 -2.16 2.78
C ALA A 62 -6.98 -3.40 2.95
N ASP A 63 -8.13 -3.42 2.26
CA ASP A 63 -9.03 -4.57 2.35
C ASP A 63 -8.32 -5.87 2.04
N GLU A 64 -8.07 -6.07 0.77
CA GLU A 64 -7.39 -7.28 0.31
C GLU A 64 -6.67 -7.03 -1.02
N THR A 65 -6.24 -5.79 -1.25
CA THR A 65 -5.53 -5.41 -2.47
C THR A 65 -6.22 -6.00 -3.71
N ALA A 66 -7.52 -5.76 -3.84
CA ALA A 66 -8.28 -6.26 -4.98
C ALA A 66 -9.17 -5.17 -5.58
N LYS A 67 -9.83 -4.41 -4.70
CA LYS A 67 -10.71 -3.34 -5.15
C LYS A 67 -9.92 -2.09 -5.54
N ASP A 68 -8.84 -2.29 -6.30
CA ASP A 68 -8.00 -1.19 -6.73
C ASP A 68 -7.02 -1.65 -7.81
N GLY A 69 -6.44 -2.82 -7.63
CA GLY A 69 -5.50 -3.35 -8.59
C GLY A 69 -5.10 -4.79 -8.27
N LYS A 70 -5.00 -5.62 -9.30
CA LYS A 70 -4.64 -7.01 -9.13
C LYS A 70 -4.35 -7.65 -10.49
N THR A 71 -5.18 -7.34 -11.47
CA THR A 71 -5.01 -7.88 -12.82
C THR A 71 -5.90 -7.15 -13.82
N GLY A 72 -5.35 -6.89 -15.00
CA GLY A 72 -6.11 -6.21 -16.04
C GLY A 72 -5.38 -6.19 -17.37
N ASN A 73 -4.87 -7.35 -17.77
CA ASN A 73 -4.15 -7.48 -19.03
C ASN A 73 -5.03 -7.07 -20.21
N THR A 74 -4.41 -6.46 -21.21
CA THR A 74 -5.13 -6.00 -22.39
C THR A 74 -4.33 -6.30 -23.66
N ASN A 75 -3.88 -7.54 -23.80
CA ASN A 75 -3.11 -7.96 -24.96
C ASN A 75 -2.89 -9.47 -24.93
N THR A 76 -2.82 -10.07 -26.12
CA THR A 76 -2.62 -11.51 -26.25
C THR A 76 -1.45 -11.98 -25.39
N THR A 77 -1.66 -13.11 -24.69
CA THR A 77 -0.64 -13.68 -23.82
C THR A 77 -0.04 -12.65 -22.88
N GLY A 78 -0.90 -11.77 -22.37
CA GLY A 78 -0.45 -10.73 -21.46
C GLY A 78 0.64 -9.85 -22.03
N SER A 79 1.66 -9.58 -21.23
CA SER A 79 2.79 -8.74 -21.66
C SER A 79 3.72 -9.52 -22.60
N SER A 80 3.22 -9.85 -23.79
CA SER A 80 4.01 -10.59 -24.79
C SER A 80 4.63 -11.85 -24.17
N GLY A 1 20.11 3.21 -10.04
CA GLY A 1 21.58 3.19 -9.84
C GLY A 1 22.00 2.36 -8.64
N SER A 2 21.28 2.54 -7.53
CA SER A 2 21.58 1.80 -6.30
C SER A 2 21.45 0.31 -6.53
N HIS A 3 22.46 -0.44 -6.08
CA HIS A 3 22.47 -1.89 -6.23
C HIS A 3 21.29 -2.52 -5.47
N MET A 4 20.58 -3.42 -6.14
CA MET A 4 19.44 -4.08 -5.53
C MET A 4 19.86 -4.88 -4.30
N LEU A 5 19.09 -4.74 -3.22
CA LEU A 5 19.38 -5.45 -1.98
C LEU A 5 19.11 -6.95 -2.16
N GLU A 6 18.55 -7.59 -1.13
CA GLU A 6 18.26 -9.02 -1.22
C GLU A 6 17.22 -9.29 -2.31
N VAL A 7 17.57 -10.18 -3.23
CA VAL A 7 16.67 -10.52 -4.32
C VAL A 7 15.46 -11.31 -3.83
N LEU A 8 14.28 -10.91 -4.27
CA LEU A 8 13.05 -11.59 -3.86
C LEU A 8 13.07 -13.05 -4.29
N THR A 9 12.61 -13.92 -3.39
CA THR A 9 12.59 -15.36 -3.66
C THR A 9 11.61 -16.06 -2.73
N GLN A 10 10.73 -16.88 -3.30
CA GLN A 10 9.74 -17.62 -2.53
C GLN A 10 10.40 -18.72 -1.71
N LYS A 11 10.12 -18.73 -0.41
CA LYS A 11 10.68 -19.73 0.49
C LYS A 11 9.77 -19.90 1.71
N HIS A 12 8.71 -20.70 1.55
CA HIS A 12 7.74 -20.96 2.61
C HIS A 12 6.81 -19.76 2.81
N LYS A 13 7.38 -18.57 2.81
CA LYS A 13 6.61 -17.35 2.99
C LYS A 13 7.42 -16.13 2.55
N PRO A 14 6.81 -15.20 1.79
CA PRO A 14 7.48 -14.00 1.32
C PRO A 14 7.82 -13.05 2.45
N ALA A 15 9.08 -12.62 2.51
CA ALA A 15 9.54 -11.71 3.55
C ALA A 15 9.16 -10.27 3.23
N GLU A 16 8.01 -10.08 2.59
CA GLU A 16 7.54 -8.74 2.23
C GLU A 16 8.64 -7.96 1.50
N SER A 17 9.21 -8.59 0.47
CA SER A 17 10.28 -7.96 -0.31
C SER A 17 9.83 -6.63 -0.90
N GLN A 18 8.62 -6.62 -1.44
CA GLN A 18 8.06 -5.42 -2.05
C GLN A 18 6.53 -5.42 -1.96
N GLN A 19 6.01 -5.85 -0.82
CA GLN A 19 4.57 -5.89 -0.60
C GLN A 19 4.02 -4.49 -0.31
N GLN A 20 2.98 -4.11 -1.05
CA GLN A 20 2.37 -2.79 -0.88
C GLN A 20 1.62 -2.71 0.45
N ALA A 21 1.84 -1.62 1.18
CA ALA A 21 1.18 -1.43 2.46
C ALA A 21 0.45 -0.08 2.51
N ALA A 22 -0.81 -0.11 2.92
CA ALA A 22 -1.61 1.10 3.00
C ALA A 22 -0.95 2.13 3.92
N GLU A 23 -0.23 3.06 3.31
CA GLU A 23 0.47 4.10 4.05
C GLU A 23 -0.52 5.15 4.58
N THR A 24 -0.06 6.39 4.64
CA THR A 24 -0.88 7.48 5.13
C THR A 24 -0.54 8.77 4.41
N GLU A 25 -1.44 9.75 4.48
CA GLU A 25 -1.25 11.03 3.82
C GLU A 25 0.16 11.56 4.06
N GLY A 26 0.61 11.43 5.30
CA GLY A 26 1.94 11.90 5.66
C GLY A 26 3.04 11.20 4.89
N SER A 27 2.90 9.89 4.70
CA SER A 27 3.91 9.11 3.99
C SER A 27 3.97 9.48 2.52
N CYS A 28 2.81 9.53 1.88
CA CYS A 28 2.72 9.86 0.46
C CYS A 28 3.34 11.22 0.15
N ASN A 29 3.04 12.22 0.97
CA ASN A 29 3.57 13.56 0.78
C ASN A 29 5.09 13.53 0.67
N LYS A 30 5.71 12.63 1.41
CA LYS A 30 7.16 12.49 1.41
C LYS A 30 7.65 11.85 0.12
N LYS A 31 6.89 10.86 -0.38
CA LYS A 31 7.26 10.16 -1.59
C LYS A 31 7.45 11.09 -2.78
N ASP A 32 7.62 10.48 -3.94
CA ASP A 32 7.80 11.20 -5.18
C ASP A 32 7.10 10.44 -6.30
N GLN A 33 7.33 10.84 -7.54
CA GLN A 33 6.70 10.17 -8.68
C GLN A 33 6.93 8.66 -8.61
N ASN A 34 8.20 8.27 -8.54
CA ASN A 34 8.56 6.86 -8.46
C ASN A 34 8.17 6.25 -7.12
N GLU A 35 8.08 7.08 -6.08
CA GLU A 35 7.73 6.61 -4.75
C GLU A 35 6.23 6.75 -4.48
N CYS A 36 5.49 7.30 -5.42
CA CYS A 36 4.06 7.48 -5.24
C CYS A 36 3.40 6.10 -5.17
N LYS A 37 3.14 5.64 -3.95
CA LYS A 37 2.55 4.32 -3.73
C LYS A 37 1.09 4.25 -4.19
N SER A 38 0.61 3.03 -4.38
CA SER A 38 -0.76 2.79 -4.84
C SER A 38 -1.78 3.49 -3.94
N PRO A 39 -1.78 3.24 -2.61
CA PRO A 39 -2.71 3.88 -1.70
C PRO A 39 -2.74 5.38 -1.90
N CYS A 40 -1.60 5.93 -2.30
CA CYS A 40 -1.47 7.36 -2.55
C CYS A 40 -2.25 7.77 -3.78
N LYS A 41 -1.83 8.88 -4.38
CA LYS A 41 -2.46 9.42 -5.58
C LYS A 41 -1.54 10.46 -6.22
N TRP A 42 -1.10 10.16 -7.43
CA TRP A 42 -0.20 11.04 -8.16
C TRP A 42 -0.92 12.28 -8.69
N HIS A 43 -0.26 13.43 -8.57
CA HIS A 43 -0.82 14.68 -9.05
C HIS A 43 0.11 15.33 -10.07
N ASN A 44 -0.37 15.40 -11.32
CA ASN A 44 0.40 15.99 -12.41
C ASN A 44 0.22 17.50 -12.44
N ASP A 45 1.31 18.22 -12.67
CA ASP A 45 1.29 19.68 -12.73
C ASP A 45 0.81 20.26 -11.41
N ALA A 46 1.16 19.58 -10.31
CA ALA A 46 0.78 20.03 -8.99
C ALA A 46 1.74 21.09 -8.48
N GLU A 47 2.02 22.07 -9.34
CA GLU A 47 2.92 23.16 -9.05
C GLU A 47 4.38 22.69 -9.13
N ASN A 48 4.58 21.40 -8.81
CA ASN A 48 5.92 20.81 -8.87
C ASN A 48 5.86 19.32 -8.54
N LYS A 49 4.86 18.64 -9.11
CA LYS A 49 4.67 17.21 -8.89
C LYS A 49 4.37 16.93 -7.41
N LYS A 50 3.24 16.28 -7.13
CA LYS A 50 2.88 15.97 -5.75
C LYS A 50 2.11 14.66 -5.63
N CYS A 51 2.44 13.89 -4.59
CA CYS A 51 1.79 12.61 -4.31
C CYS A 51 1.08 12.68 -2.97
N THR A 52 -0.17 12.23 -2.92
CA THR A 52 -0.94 12.29 -1.67
C THR A 52 -1.78 11.03 -1.46
N LEU A 53 -1.89 10.60 -0.20
CA LEU A 53 -2.67 9.43 0.15
C LEU A 53 -4.15 9.67 -0.10
N ASP A 54 -4.82 8.62 -0.56
CA ASP A 54 -6.25 8.70 -0.86
C ASP A 54 -7.04 7.78 0.06
N LYS A 55 -8.14 8.31 0.63
CA LYS A 55 -8.97 7.53 1.53
C LYS A 55 -9.66 6.37 0.81
N GLU A 56 -10.11 6.62 -0.42
CA GLU A 56 -10.79 5.61 -1.22
C GLU A 56 -9.86 4.45 -1.57
N GLU A 57 -8.66 4.78 -2.03
CA GLU A 57 -7.69 3.76 -2.41
C GLU A 57 -7.18 3.00 -1.19
N ALA A 58 -6.88 3.73 -0.11
CA ALA A 58 -6.38 3.13 1.12
C ALA A 58 -7.36 2.12 1.69
N LYS A 59 -8.63 2.51 1.80
CA LYS A 59 -9.66 1.63 2.34
C LYS A 59 -9.83 0.41 1.43
N LYS A 60 -9.71 0.61 0.13
CA LYS A 60 -9.84 -0.45 -0.84
C LYS A 60 -8.75 -1.50 -0.65
N VAL A 61 -7.50 -1.04 -0.57
CA VAL A 61 -6.36 -1.93 -0.39
C VAL A 61 -6.45 -2.68 0.94
N ALA A 62 -6.81 -1.95 1.99
CA ALA A 62 -6.93 -2.54 3.32
C ALA A 62 -8.08 -3.53 3.37
N ASP A 63 -9.15 -3.24 2.64
CA ASP A 63 -10.31 -4.11 2.62
C ASP A 63 -10.50 -4.77 1.27
N GLU A 64 -9.43 -5.39 0.76
CA GLU A 64 -9.48 -6.07 -0.53
C GLU A 64 -10.28 -7.37 -0.44
N THR A 65 -11.26 -7.39 0.46
CA THR A 65 -12.12 -8.56 0.65
C THR A 65 -11.30 -9.83 0.81
N ALA A 66 -10.30 -9.77 1.68
CA ALA A 66 -9.44 -10.93 1.93
C ALA A 66 -8.57 -10.69 3.15
N LYS A 67 -7.90 -9.54 3.18
CA LYS A 67 -7.03 -9.18 4.29
C LYS A 67 -7.83 -8.56 5.43
N ASP A 68 -8.95 -9.18 5.77
CA ASP A 68 -9.81 -8.67 6.84
C ASP A 68 -10.90 -9.68 7.21
N GLY A 69 -10.48 -10.87 7.63
CA GLY A 69 -11.44 -11.89 8.00
C GLY A 69 -10.82 -13.02 8.81
N LYS A 70 -9.93 -12.66 9.73
CA LYS A 70 -9.26 -13.65 10.58
C LYS A 70 -8.64 -14.76 9.74
N THR A 71 -7.94 -14.38 8.68
CA THR A 71 -7.30 -15.34 7.80
C THR A 71 -6.25 -16.16 8.53
N GLY A 72 -5.32 -15.48 9.20
CA GLY A 72 -4.28 -16.16 9.93
C GLY A 72 -3.15 -15.24 10.36
N ASN A 73 -2.72 -15.39 11.61
CA ASN A 73 -1.63 -14.56 12.14
C ASN A 73 -1.18 -15.08 13.51
N THR A 74 0.12 -15.28 13.66
CA THR A 74 0.70 -15.76 14.91
C THR A 74 -0.01 -17.05 15.35
N ASN A 75 -0.46 -17.10 16.60
CA ASN A 75 -1.15 -18.27 17.13
C ASN A 75 -1.60 -18.03 18.57
N THR A 76 -0.68 -17.55 19.40
CA THR A 76 -0.97 -17.28 20.80
C THR A 76 -1.95 -16.12 20.94
N THR A 77 -2.15 -15.68 22.18
CA THR A 77 -3.06 -14.57 22.46
C THR A 77 -2.38 -13.22 22.22
N GLY A 78 -1.68 -13.11 21.09
CA GLY A 78 -0.99 -11.88 20.77
C GLY A 78 -1.92 -10.70 20.67
N SER A 79 -3.05 -10.89 20.00
CA SER A 79 -4.04 -9.84 19.83
C SER A 79 -4.87 -9.64 21.11
N SER A 80 -4.21 -9.22 22.19
CA SER A 80 -4.88 -9.00 23.46
C SER A 80 -5.56 -10.27 23.95
N GLY A 1 19.48 -22.57 16.87
CA GLY A 1 18.22 -23.27 16.52
C GLY A 1 17.24 -23.33 17.68
N SER A 2 17.75 -23.68 18.86
CA SER A 2 16.92 -23.78 20.05
C SER A 2 16.27 -22.43 20.37
N HIS A 3 17.06 -21.38 20.34
CA HIS A 3 16.57 -20.03 20.62
C HIS A 3 15.47 -19.64 19.63
N MET A 4 14.40 -19.06 20.16
CA MET A 4 13.27 -18.64 19.32
C MET A 4 13.72 -17.59 18.30
N LEU A 5 13.24 -17.72 17.08
CA LEU A 5 13.59 -16.79 16.01
C LEU A 5 13.27 -15.36 16.42
N GLU A 6 14.17 -14.43 16.09
CA GLU A 6 13.98 -13.03 16.42
C GLU A 6 14.34 -12.15 15.24
N VAL A 7 15.39 -12.54 14.54
CA VAL A 7 15.87 -11.80 13.38
C VAL A 7 14.84 -11.83 12.25
N LEU A 8 14.65 -10.69 11.59
CA LEU A 8 13.70 -10.57 10.49
C LEU A 8 12.26 -10.75 10.97
N THR A 9 11.36 -9.93 10.45
CA THR A 9 9.95 -9.98 10.80
C THR A 9 9.74 -9.90 12.30
N GLN A 10 10.51 -9.04 12.97
CA GLN A 10 10.41 -8.86 14.42
C GLN A 10 11.32 -7.74 14.88
N LYS A 11 11.20 -6.57 14.25
CA LYS A 11 11.99 -5.41 14.60
C LYS A 11 11.31 -4.13 14.15
N HIS A 12 11.16 -3.19 15.07
CA HIS A 12 10.50 -1.91 14.77
C HIS A 12 9.11 -2.15 14.20
N LYS A 13 8.50 -3.26 14.61
CA LYS A 13 7.16 -3.62 14.15
C LYS A 13 6.69 -4.90 14.85
N PRO A 14 5.50 -4.88 15.48
CA PRO A 14 4.95 -6.05 16.16
C PRO A 14 4.17 -6.96 15.22
N ALA A 15 4.67 -7.11 13.99
CA ALA A 15 4.02 -7.96 13.00
C ALA A 15 4.80 -7.99 11.69
N GLU A 16 4.84 -9.17 11.06
CA GLU A 16 5.54 -9.34 9.79
C GLU A 16 5.00 -8.38 8.75
N SER A 17 5.88 -7.88 7.90
CA SER A 17 5.48 -6.94 6.85
C SER A 17 6.54 -6.85 5.75
N GLN A 18 6.07 -6.77 4.51
CA GLN A 18 6.96 -6.67 3.35
C GLN A 18 6.17 -6.30 2.10
N GLN A 19 5.05 -6.98 1.89
CA GLN A 19 4.19 -6.73 0.74
C GLN A 19 3.62 -5.32 0.79
N GLN A 20 3.33 -4.74 -0.37
CA GLN A 20 2.79 -3.39 -0.47
C GLN A 20 1.58 -3.24 0.45
N ALA A 21 1.61 -2.20 1.28
CA ALA A 21 0.53 -1.93 2.22
C ALA A 21 0.03 -0.50 2.08
N ALA A 22 -1.27 -0.31 2.25
CA ALA A 22 -1.87 1.02 2.15
C ALA A 22 -1.13 2.01 3.04
N GLU A 23 -0.31 2.85 2.41
CA GLU A 23 0.47 3.86 3.13
C GLU A 23 -0.44 4.86 3.84
N THR A 24 0.05 6.08 4.01
CA THR A 24 -0.71 7.12 4.68
C THR A 24 -0.41 8.49 4.09
N GLU A 25 -1.34 9.42 4.22
CA GLU A 25 -1.18 10.77 3.69
C GLU A 25 0.19 11.33 4.03
N GLY A 26 0.60 11.13 5.28
CA GLY A 26 1.89 11.62 5.72
C GLY A 26 3.04 10.96 5.00
N SER A 27 2.95 9.65 4.80
CA SER A 27 4.01 8.91 4.12
C SER A 27 4.11 9.30 2.65
N CYS A 28 2.97 9.29 1.96
CA CYS A 28 2.92 9.64 0.54
C CYS A 28 3.56 10.99 0.25
N ASN A 29 3.25 11.99 1.08
CA ASN A 29 3.80 13.33 0.90
C ASN A 29 5.31 13.30 0.80
N LYS A 30 5.93 12.34 1.48
CA LYS A 30 7.38 12.21 1.48
C LYS A 30 7.88 11.42 0.28
N LYS A 31 7.07 10.48 -0.19
CA LYS A 31 7.43 9.64 -1.31
C LYS A 31 7.52 10.45 -2.61
N ASP A 32 8.66 10.32 -3.30
CA ASP A 32 8.86 11.02 -4.57
C ASP A 32 7.99 10.38 -5.65
N GLN A 33 8.11 10.86 -6.89
CA GLN A 33 7.33 10.32 -7.99
C GLN A 33 7.37 8.79 -8.01
N ASN A 34 8.58 8.24 -8.03
CA ASN A 34 8.76 6.80 -8.04
C ASN A 34 8.27 6.17 -6.75
N GLU A 35 8.44 6.88 -5.64
CA GLU A 35 8.02 6.38 -4.33
C GLU A 35 6.52 6.53 -4.14
N CYS A 36 5.88 7.34 -4.98
CA CYS A 36 4.44 7.53 -4.87
C CYS A 36 3.74 6.19 -5.04
N LYS A 37 3.35 5.61 -3.91
CA LYS A 37 2.71 4.30 -3.89
C LYS A 37 1.30 4.35 -4.46
N SER A 38 0.79 3.16 -4.80
CA SER A 38 -0.54 3.03 -5.39
C SER A 38 -1.62 3.73 -4.56
N PRO A 39 -1.74 3.43 -3.25
CA PRO A 39 -2.74 4.07 -2.41
C PRO A 39 -2.66 5.58 -2.51
N CYS A 40 -1.44 6.09 -2.69
CA CYS A 40 -1.20 7.52 -2.82
C CYS A 40 -1.74 8.04 -4.14
N LYS A 41 -2.17 9.30 -4.12
CA LYS A 41 -2.69 9.95 -5.32
C LYS A 41 -1.64 10.85 -5.94
N TRP A 42 -1.20 10.49 -7.15
CA TRP A 42 -0.17 11.25 -7.85
C TRP A 42 -0.79 12.37 -8.67
N HIS A 43 -0.90 13.56 -8.09
CA HIS A 43 -1.46 14.70 -8.80
C HIS A 43 -0.51 15.17 -9.89
N ASN A 44 -0.93 14.98 -11.14
CA ASN A 44 -0.13 15.37 -12.29
C ASN A 44 -0.32 16.85 -12.62
N ASP A 45 0.67 17.42 -13.31
CA ASP A 45 0.62 18.83 -13.68
C ASP A 45 0.54 19.72 -12.44
N ALA A 46 1.06 19.20 -11.34
CA ALA A 46 1.06 19.94 -10.08
C ALA A 46 2.14 21.02 -10.10
N GLU A 47 1.94 22.07 -9.31
CA GLU A 47 2.90 23.16 -9.23
C GLU A 47 4.31 22.62 -9.03
N ASN A 48 4.41 21.52 -8.31
CA ASN A 48 5.69 20.87 -8.04
C ASN A 48 5.50 19.38 -7.80
N LYS A 49 4.52 18.80 -8.51
CA LYS A 49 4.20 17.38 -8.38
C LYS A 49 3.64 17.08 -7.01
N LYS A 50 2.51 16.36 -6.95
CA LYS A 50 1.89 16.03 -5.67
C LYS A 50 1.61 14.54 -5.56
N CYS A 51 1.72 14.03 -4.33
CA CYS A 51 1.47 12.62 -4.06
C CYS A 51 0.71 12.47 -2.74
N THR A 52 -0.54 12.95 -2.72
CA THR A 52 -1.36 12.88 -1.51
C THR A 52 -2.14 11.58 -1.44
N LEU A 53 -2.05 10.90 -0.30
CA LEU A 53 -2.75 9.65 -0.09
C LEU A 53 -4.25 9.83 -0.23
N ASP A 54 -4.90 8.82 -0.81
CA ASP A 54 -6.34 8.85 -1.01
C ASP A 54 -7.05 7.95 -0.01
N LYS A 55 -8.06 8.48 0.67
CA LYS A 55 -8.81 7.71 1.66
C LYS A 55 -9.55 6.55 1.02
N GLU A 56 -10.26 6.82 -0.07
CA GLU A 56 -11.03 5.81 -0.78
C GLU A 56 -10.12 4.69 -1.31
N GLU A 57 -8.99 5.07 -1.89
CA GLU A 57 -8.05 4.10 -2.43
C GLU A 57 -7.41 3.27 -1.32
N ALA A 58 -6.93 3.95 -0.28
CA ALA A 58 -6.29 3.29 0.84
C ALA A 58 -7.21 2.29 1.53
N LYS A 59 -8.43 2.71 1.82
CA LYS A 59 -9.40 1.84 2.48
C LYS A 59 -9.72 0.63 1.61
N LYS A 60 -9.91 0.87 0.32
CA LYS A 60 -10.23 -0.19 -0.62
C LYS A 60 -9.13 -1.26 -0.65
N VAL A 61 -7.88 -0.80 -0.70
CA VAL A 61 -6.74 -1.72 -0.74
C VAL A 61 -6.51 -2.42 0.59
N ALA A 62 -6.55 -1.65 1.67
CA ALA A 62 -6.33 -2.20 3.01
C ALA A 62 -7.40 -3.22 3.39
N ASP A 63 -8.64 -2.94 3.02
CA ASP A 63 -9.76 -3.82 3.33
C ASP A 63 -9.88 -4.97 2.34
N GLU A 64 -8.74 -5.50 1.90
CA GLU A 64 -8.73 -6.61 0.96
C GLU A 64 -7.36 -7.29 0.90
N THR A 65 -6.30 -6.50 0.81
CA THR A 65 -4.95 -7.03 0.73
C THR A 65 -4.39 -7.33 2.12
N ALA A 66 -5.26 -7.80 3.02
CA ALA A 66 -4.84 -8.13 4.38
C ALA A 66 -6.03 -8.64 5.21
N LYS A 67 -7.14 -7.91 5.15
CA LYS A 67 -8.34 -8.27 5.88
C LYS A 67 -8.02 -8.53 7.35
N ASP A 68 -7.18 -7.68 7.93
CA ASP A 68 -6.80 -7.80 9.32
C ASP A 68 -7.98 -7.57 10.25
N GLY A 69 -8.77 -6.53 9.97
CA GLY A 69 -9.92 -6.22 10.79
C GLY A 69 -10.88 -7.38 10.93
N LYS A 70 -11.27 -7.69 12.17
CA LYS A 70 -12.19 -8.79 12.43
C LYS A 70 -12.53 -8.86 13.92
N THR A 71 -13.82 -9.00 14.21
CA THR A 71 -14.29 -9.09 15.59
C THR A 71 -13.82 -7.89 16.41
N GLY A 72 -14.24 -6.70 15.98
CA GLY A 72 -13.87 -5.48 16.68
C GLY A 72 -14.64 -5.28 17.97
N ASN A 73 -14.63 -6.29 18.84
CA ASN A 73 -15.34 -6.22 20.11
C ASN A 73 -14.94 -7.39 21.01
N THR A 74 -14.70 -7.09 22.28
CA THR A 74 -14.31 -8.12 23.24
C THR A 74 -15.40 -9.18 23.39
N ASN A 75 -16.63 -8.71 23.62
CA ASN A 75 -17.77 -9.62 23.79
C ASN A 75 -17.61 -10.41 25.08
N THR A 76 -17.81 -11.72 25.04
CA THR A 76 -17.66 -12.52 26.25
C THR A 76 -16.22 -12.45 26.73
N THR A 77 -16.03 -11.72 27.83
CA THR A 77 -14.72 -11.53 28.46
C THR A 77 -14.69 -10.21 29.22
N GLY A 78 -15.21 -9.15 28.60
CA GLY A 78 -15.23 -7.85 29.24
C GLY A 78 -15.94 -6.79 28.42
N SER A 79 -17.17 -7.08 28.03
CA SER A 79 -17.96 -6.15 27.22
C SER A 79 -18.08 -4.80 27.92
N SER A 80 -17.86 -3.73 27.17
CA SER A 80 -17.93 -2.38 27.71
C SER A 80 -19.36 -2.06 28.17
N GLY A 1 15.11 -23.79 3.13
CA GLY A 1 15.10 -22.74 2.08
C GLY A 1 15.46 -21.36 2.61
N SER A 2 14.72 -20.35 2.18
CA SER A 2 14.96 -18.98 2.61
C SER A 2 14.36 -18.72 3.99
N HIS A 3 14.49 -19.69 4.89
CA HIS A 3 13.97 -19.58 6.24
C HIS A 3 14.72 -18.49 7.02
N MET A 4 13.97 -17.62 7.70
CA MET A 4 14.55 -16.55 8.49
C MET A 4 15.45 -15.67 7.61
N LEU A 5 14.92 -15.24 6.47
CA LEU A 5 15.65 -14.40 5.54
C LEU A 5 16.01 -13.06 6.17
N GLU A 6 17.25 -12.60 5.92
CA GLU A 6 17.71 -11.34 6.46
C GLU A 6 16.89 -10.17 5.93
N VAL A 7 16.58 -9.21 6.81
CA VAL A 7 15.79 -8.05 6.43
C VAL A 7 16.49 -7.24 5.34
N LEU A 8 15.72 -6.77 4.37
CA LEU A 8 16.25 -5.99 3.27
C LEU A 8 16.80 -4.65 3.76
N THR A 9 18.00 -4.32 3.28
CA THR A 9 18.66 -3.07 3.68
C THR A 9 20.04 -2.97 3.02
N GLN A 10 20.09 -3.25 1.72
CA GLN A 10 21.35 -3.20 0.97
C GLN A 10 21.13 -2.63 -0.42
N LYS A 11 20.57 -1.43 -0.48
CA LYS A 11 20.30 -0.76 -1.75
C LYS A 11 20.39 0.76 -1.58
N HIS A 12 21.61 1.28 -1.58
CA HIS A 12 21.83 2.71 -1.42
C HIS A 12 21.25 3.20 -0.10
N LYS A 13 20.55 4.35 -0.13
CA LYS A 13 19.94 4.91 1.06
C LYS A 13 18.91 3.93 1.63
N PRO A 14 19.04 3.57 2.92
CA PRO A 14 18.12 2.63 3.57
C PRO A 14 16.77 3.26 3.87
N ALA A 15 15.71 2.56 3.49
CA ALA A 15 14.35 3.05 3.71
C ALA A 15 13.32 1.98 3.39
N GLU A 16 13.61 0.75 3.81
CA GLU A 16 12.74 -0.41 3.58
C GLU A 16 12.30 -0.55 2.12
N SER A 17 12.55 -1.71 1.55
CA SER A 17 12.19 -2.00 0.16
C SER A 17 10.73 -1.65 -0.10
N GLN A 18 10.47 -1.13 -1.31
CA GLN A 18 9.11 -0.74 -1.69
C GLN A 18 8.13 -1.91 -1.54
N GLN A 19 6.97 -1.62 -0.95
CA GLN A 19 5.94 -2.64 -0.73
C GLN A 19 4.57 -1.99 -0.68
N GLN A 20 3.59 -2.60 -1.35
CA GLN A 20 2.24 -2.07 -1.36
C GLN A 20 1.61 -2.12 0.03
N ALA A 21 1.86 -1.07 0.80
CA ALA A 21 1.32 -0.97 2.15
C ALA A 21 0.54 0.33 2.35
N ALA A 22 -0.58 0.25 3.06
CA ALA A 22 -1.40 1.41 3.33
C ALA A 22 -0.64 2.47 4.12
N GLU A 23 -0.02 3.40 3.38
CA GLU A 23 0.76 4.47 4.00
C GLU A 23 -0.15 5.48 4.68
N THR A 24 0.29 6.74 4.72
CA THR A 24 -0.48 7.81 5.34
C THR A 24 -0.25 9.12 4.61
N GLU A 25 -1.18 10.05 4.78
CA GLU A 25 -1.10 11.35 4.12
C GLU A 25 0.29 11.96 4.28
N GLY A 26 0.82 11.88 5.49
CA GLY A 26 2.14 12.42 5.75
C GLY A 26 3.23 11.73 4.94
N SER A 27 3.11 10.41 4.81
CA SER A 27 4.09 9.64 4.07
C SER A 27 4.03 9.92 2.58
N CYS A 28 2.82 9.86 2.01
CA CYS A 28 2.62 10.11 0.59
C CYS A 28 3.22 11.43 0.14
N ASN A 29 3.02 12.47 0.94
CA ASN A 29 3.56 13.80 0.61
C ASN A 29 5.05 13.73 0.32
N LYS A 30 5.72 12.79 0.97
CA LYS A 30 7.16 12.63 0.79
C LYS A 30 7.47 11.74 -0.40
N LYS A 31 6.60 10.76 -0.64
CA LYS A 31 6.78 9.82 -1.73
C LYS A 31 6.76 10.52 -3.09
N ASP A 32 7.82 10.31 -3.87
CA ASP A 32 7.93 10.91 -5.19
C ASP A 32 6.99 10.19 -6.17
N GLN A 33 7.18 10.44 -7.46
CA GLN A 33 6.34 9.81 -8.47
C GLN A 33 6.34 8.28 -8.32
N ASN A 34 7.53 7.69 -8.37
CA ASN A 34 7.69 6.25 -8.24
C ASN A 34 7.31 5.79 -6.83
N GLU A 35 7.39 6.70 -5.87
CA GLU A 35 7.08 6.37 -4.48
C GLU A 35 5.60 6.55 -4.18
N CYS A 36 4.90 7.31 -5.03
CA CYS A 36 3.48 7.54 -4.82
C CYS A 36 2.76 6.19 -4.79
N LYS A 37 2.49 5.71 -3.58
CA LYS A 37 1.86 4.42 -3.38
C LYS A 37 0.39 4.40 -3.81
N SER A 38 -0.12 3.18 -3.99
CA SER A 38 -1.50 2.97 -4.40
C SER A 38 -2.50 3.71 -3.51
N PRO A 39 -2.37 3.63 -2.17
CA PRO A 39 -3.27 4.34 -1.25
C PRO A 39 -3.21 5.82 -1.48
N CYS A 40 -2.02 6.29 -1.84
CA CYS A 40 -1.81 7.71 -2.09
C CYS A 40 -2.59 8.16 -3.32
N LYS A 41 -2.20 9.32 -3.85
CA LYS A 41 -2.85 9.88 -5.03
C LYS A 41 -1.87 10.77 -5.78
N TRP A 42 -1.55 10.37 -7.01
CA TRP A 42 -0.62 11.11 -7.84
C TRP A 42 -1.26 12.37 -8.39
N HIS A 43 -0.50 13.47 -8.38
CA HIS A 43 -0.97 14.74 -8.89
C HIS A 43 -0.07 15.26 -10.00
N ASN A 44 -0.57 15.20 -11.23
CA ASN A 44 0.18 15.66 -12.39
C ASN A 44 0.01 17.15 -12.60
N ASP A 45 0.88 17.72 -13.42
CA ASP A 45 0.85 19.16 -13.72
C ASP A 45 1.00 19.97 -12.43
N ALA A 46 1.62 19.36 -11.43
CA ALA A 46 1.85 20.02 -10.15
C ALA A 46 3.05 20.96 -10.24
N GLU A 47 3.05 21.99 -9.39
CA GLU A 47 4.14 22.95 -9.37
C GLU A 47 5.49 22.23 -9.29
N ASN A 48 5.46 21.03 -8.72
CA ASN A 48 6.66 20.22 -8.58
C ASN A 48 6.30 18.78 -8.21
N LYS A 49 5.28 18.25 -8.88
CA LYS A 49 4.81 16.88 -8.63
C LYS A 49 4.25 16.76 -7.21
N LYS A 50 3.05 16.20 -7.10
CA LYS A 50 2.42 16.05 -5.79
C LYS A 50 1.83 14.66 -5.60
N CYS A 51 1.79 14.21 -4.34
CA CYS A 51 1.24 12.92 -3.99
C CYS A 51 0.70 12.95 -2.56
N THR A 52 -0.56 12.54 -2.38
CA THR A 52 -1.19 12.56 -1.07
C THR A 52 -2.03 11.31 -0.83
N LEU A 53 -2.01 10.82 0.41
CA LEU A 53 -2.76 9.64 0.78
C LEU A 53 -4.26 9.87 0.66
N ASP A 54 -4.96 8.83 0.22
CA ASP A 54 -6.41 8.90 0.04
C ASP A 54 -7.09 7.75 0.79
N LYS A 55 -8.21 8.07 1.44
CA LYS A 55 -8.97 7.08 2.20
C LYS A 55 -9.56 6.00 1.29
N GLU A 56 -10.14 6.43 0.17
CA GLU A 56 -10.77 5.51 -0.78
C GLU A 56 -9.75 4.52 -1.35
N GLU A 57 -8.61 5.02 -1.79
CA GLU A 57 -7.58 4.18 -2.37
C GLU A 57 -6.97 3.23 -1.34
N ALA A 58 -6.64 3.77 -0.17
CA ALA A 58 -6.02 2.97 0.90
C ALA A 58 -6.93 1.82 1.34
N LYS A 59 -8.20 2.13 1.60
CA LYS A 59 -9.15 1.11 2.03
C LYS A 59 -9.31 0.03 0.97
N LYS A 60 -9.24 0.42 -0.30
CA LYS A 60 -9.36 -0.52 -1.40
C LYS A 60 -8.15 -1.43 -1.51
N VAL A 61 -6.96 -0.84 -1.40
CA VAL A 61 -5.72 -1.60 -1.49
C VAL A 61 -5.70 -2.74 -0.47
N ALA A 62 -6.06 -2.43 0.76
CA ALA A 62 -6.08 -3.43 1.83
C ALA A 62 -7.25 -4.39 1.64
N ASP A 63 -8.37 -3.87 1.18
CA ASP A 63 -9.58 -4.67 0.97
C ASP A 63 -9.69 -5.13 -0.48
N GLU A 64 -8.59 -5.59 -1.04
CA GLU A 64 -8.57 -6.07 -2.42
C GLU A 64 -9.31 -7.40 -2.55
N THR A 65 -10.02 -7.79 -1.50
CA THR A 65 -10.78 -9.04 -1.49
C THR A 65 -9.93 -10.21 -1.99
N ALA A 66 -8.72 -10.33 -1.43
CA ALA A 66 -7.82 -11.41 -1.81
C ALA A 66 -6.66 -11.53 -0.82
N LYS A 67 -6.09 -10.38 -0.44
CA LYS A 67 -4.99 -10.36 0.52
C LYS A 67 -3.81 -11.19 0.01
N ASP A 68 -3.52 -11.06 -1.28
CA ASP A 68 -2.42 -11.80 -1.90
C ASP A 68 -1.90 -11.07 -3.13
N GLY A 69 -2.82 -10.59 -3.96
CA GLY A 69 -2.44 -9.87 -5.16
C GLY A 69 -1.70 -10.76 -6.15
N LYS A 70 -2.21 -11.96 -6.36
CA LYS A 70 -1.61 -12.90 -7.30
C LYS A 70 -1.63 -12.35 -8.72
N THR A 71 -2.75 -11.74 -9.08
CA THR A 71 -2.91 -11.16 -10.41
C THR A 71 -1.89 -10.06 -10.67
N GLY A 72 -1.61 -9.27 -9.64
CA GLY A 72 -0.64 -8.19 -9.78
C GLY A 72 -1.15 -7.09 -10.70
N ASN A 73 -0.29 -6.64 -11.60
CA ASN A 73 -0.66 -5.59 -12.54
C ASN A 73 -1.88 -5.99 -13.35
N THR A 74 -2.79 -5.04 -13.57
CA THR A 74 -4.01 -5.30 -14.32
C THR A 74 -3.74 -5.31 -15.83
N ASN A 75 -2.71 -6.03 -16.25
CA ASN A 75 -2.36 -6.13 -17.65
C ASN A 75 -1.25 -7.15 -17.88
N THR A 76 -0.14 -7.00 -17.15
CA THR A 76 0.99 -7.90 -17.28
C THR A 76 0.72 -9.23 -16.56
N THR A 77 0.96 -10.33 -17.26
CA THR A 77 0.76 -11.68 -16.72
C THR A 77 -0.73 -12.03 -16.61
N GLY A 78 -1.53 -11.09 -16.16
CA GLY A 78 -2.96 -11.32 -16.02
C GLY A 78 -3.62 -11.65 -17.34
N SER A 79 -4.50 -12.66 -17.33
CA SER A 79 -5.21 -13.07 -18.54
C SER A 79 -6.35 -12.11 -18.87
N SER A 80 -5.99 -10.86 -19.19
CA SER A 80 -6.98 -9.84 -19.53
C SER A 80 -7.79 -10.26 -20.76
N GLY A 1 22.57 -3.33 26.55
CA GLY A 1 22.54 -3.92 25.18
C GLY A 1 21.26 -4.68 24.90
N SER A 2 20.66 -4.41 23.75
CA SER A 2 19.41 -5.06 23.36
C SER A 2 19.15 -4.87 21.87
N HIS A 3 20.20 -5.01 21.06
CA HIS A 3 20.08 -4.85 19.62
C HIS A 3 19.18 -5.91 19.02
N MET A 4 18.26 -5.48 18.16
CA MET A 4 17.32 -6.38 17.50
C MET A 4 16.48 -5.63 16.48
N LEU A 5 16.33 -6.20 15.29
CA LEU A 5 15.55 -5.57 14.23
C LEU A 5 14.80 -6.62 13.41
N GLU A 6 14.78 -6.44 12.09
CA GLU A 6 14.09 -7.37 11.20
C GLU A 6 14.41 -7.05 9.75
N VAL A 7 15.68 -6.80 9.47
CA VAL A 7 16.13 -6.48 8.12
C VAL A 7 15.80 -7.62 7.15
N LEU A 8 15.23 -7.27 6.00
CA LEU A 8 14.87 -8.27 5.00
C LEU A 8 16.11 -9.05 4.55
N THR A 9 15.99 -10.38 4.58
CA THR A 9 17.09 -11.25 4.18
C THR A 9 17.37 -11.14 2.68
N GLN A 10 18.63 -10.90 2.34
CA GLN A 10 19.01 -10.77 0.94
C GLN A 10 18.97 -12.13 0.24
N LYS A 11 18.15 -12.22 -0.79
CA LYS A 11 18.02 -13.47 -1.55
C LYS A 11 17.45 -13.19 -2.94
N HIS A 12 17.10 -14.26 -3.65
CA HIS A 12 16.53 -14.13 -4.99
C HIS A 12 15.06 -13.74 -4.93
N LYS A 13 14.71 -12.94 -3.92
CA LYS A 13 13.34 -12.47 -3.74
C LYS A 13 13.34 -11.15 -2.96
N PRO A 14 13.91 -10.08 -3.55
CA PRO A 14 13.97 -8.77 -2.91
C PRO A 14 12.66 -8.00 -3.01
N ALA A 15 11.56 -8.67 -2.68
CA ALA A 15 10.23 -8.05 -2.74
C ALA A 15 9.19 -8.93 -2.08
N GLU A 16 9.50 -9.45 -0.90
CA GLU A 16 8.59 -10.32 -0.16
C GLU A 16 8.53 -9.90 1.30
N SER A 17 9.70 -9.68 1.89
CA SER A 17 9.79 -9.26 3.29
C SER A 17 9.54 -7.76 3.43
N GLN A 18 8.55 -7.27 2.69
CA GLN A 18 8.20 -5.85 2.71
C GLN A 18 6.91 -5.62 1.92
N GLN A 19 5.89 -6.39 2.23
CA GLN A 19 4.60 -6.28 1.55
C GLN A 19 4.06 -4.85 1.61
N GLN A 20 3.49 -4.39 0.50
CA GLN A 20 2.93 -3.04 0.43
C GLN A 20 1.89 -2.82 1.53
N ALA A 21 2.04 -1.74 2.28
CA ALA A 21 1.12 -1.42 3.35
C ALA A 21 0.60 0.01 3.19
N ALA A 22 -0.70 0.18 3.44
CA ALA A 22 -1.32 1.50 3.32
C ALA A 22 -0.60 2.50 4.21
N GLU A 23 0.24 3.33 3.59
CA GLU A 23 1.00 4.35 4.31
C GLU A 23 0.07 5.40 4.92
N THR A 24 0.55 6.62 5.04
CA THR A 24 -0.24 7.70 5.62
C THR A 24 0.03 9.01 4.90
N GLU A 25 -0.90 9.95 5.04
CA GLU A 25 -0.79 11.26 4.39
C GLU A 25 0.60 11.84 4.57
N GLY A 26 1.14 11.69 5.78
CA GLY A 26 2.46 12.21 6.05
C GLY A 26 3.54 11.54 5.23
N SER A 27 3.42 10.23 5.04
CA SER A 27 4.40 9.48 4.27
C SER A 27 4.34 9.83 2.78
N CYS A 28 3.14 9.79 2.22
CA CYS A 28 2.92 10.07 0.81
C CYS A 28 3.54 11.40 0.39
N ASN A 29 3.30 12.45 1.17
CA ASN A 29 3.84 13.77 0.86
C ASN A 29 5.34 13.72 0.64
N LYS A 30 5.97 12.76 1.28
CA LYS A 30 7.42 12.58 1.19
C LYS A 30 7.80 11.72 -0.01
N LYS A 31 6.92 10.80 -0.37
CA LYS A 31 7.17 9.91 -1.50
C LYS A 31 7.15 10.65 -2.83
N ASP A 32 8.20 10.43 -3.63
CA ASP A 32 8.30 11.06 -4.95
C ASP A 32 7.37 10.36 -5.94
N GLN A 33 7.55 10.64 -7.22
CA GLN A 33 6.72 10.02 -8.26
C GLN A 33 6.74 8.50 -8.15
N ASN A 34 7.93 7.92 -8.25
CA ASN A 34 8.10 6.48 -8.16
C ASN A 34 7.76 5.96 -6.77
N GLU A 35 7.82 6.85 -5.78
CA GLU A 35 7.54 6.48 -4.39
C GLU A 35 6.05 6.61 -4.08
N CYS A 36 5.32 7.38 -4.88
CA CYS A 36 3.90 7.58 -4.66
C CYS A 36 3.21 6.22 -4.68
N LYS A 37 2.97 5.69 -3.48
CA LYS A 37 2.35 4.38 -3.32
C LYS A 37 0.87 4.39 -3.71
N SER A 38 0.33 3.19 -3.92
CA SER A 38 -1.07 3.02 -4.32
C SER A 38 -2.00 3.78 -3.37
N PRO A 39 -1.93 3.53 -2.05
CA PRO A 39 -2.78 4.23 -1.08
C PRO A 39 -2.75 5.73 -1.31
N CYS A 40 -1.59 6.21 -1.74
CA CYS A 40 -1.40 7.63 -2.03
C CYS A 40 -1.94 7.94 -3.42
N LYS A 41 -2.46 9.15 -3.59
CA LYS A 41 -2.99 9.57 -4.88
C LYS A 41 -1.99 10.45 -5.61
N TRP A 42 -1.59 10.01 -6.80
CA TRP A 42 -0.63 10.75 -7.60
C TRP A 42 -1.28 11.94 -8.30
N HIS A 43 -0.52 13.01 -8.46
CA HIS A 43 -1.02 14.22 -9.12
C HIS A 43 -0.04 14.70 -10.18
N ASN A 44 -0.44 14.59 -11.44
CA ASN A 44 0.39 15.02 -12.57
C ASN A 44 0.17 16.50 -12.88
N ASP A 45 1.25 17.17 -13.27
CA ASP A 45 1.19 18.60 -13.59
C ASP A 45 0.68 19.39 -12.40
N ALA A 46 1.01 18.93 -11.20
CA ALA A 46 0.59 19.60 -9.98
C ALA A 46 1.52 20.75 -9.62
N GLU A 47 1.95 21.48 -10.66
CA GLU A 47 2.85 22.61 -10.51
C GLU A 47 4.27 22.14 -10.22
N ASN A 48 4.38 20.95 -9.63
CA ASN A 48 5.68 20.38 -9.28
C ASN A 48 5.52 18.96 -8.76
N LYS A 49 4.51 18.26 -9.28
CA LYS A 49 4.23 16.88 -8.88
C LYS A 49 3.80 16.82 -7.42
N LYS A 50 2.71 16.10 -7.15
CA LYS A 50 2.18 15.97 -5.79
C LYS A 50 1.64 14.58 -5.52
N CYS A 51 1.80 14.13 -4.29
CA CYS A 51 1.33 12.81 -3.85
C CYS A 51 0.78 12.91 -2.44
N THR A 52 -0.47 12.49 -2.23
CA THR A 52 -1.08 12.55 -0.91
C THR A 52 -1.96 11.35 -0.63
N LEU A 53 -1.82 10.79 0.57
CA LEU A 53 -2.59 9.63 1.00
C LEU A 53 -4.09 9.91 0.94
N ASP A 54 -4.85 8.88 0.61
CA ASP A 54 -6.30 9.00 0.51
C ASP A 54 -6.97 7.82 1.20
N LYS A 55 -7.96 8.12 2.03
CA LYS A 55 -8.68 7.07 2.76
C LYS A 55 -9.43 6.14 1.81
N GLU A 56 -10.16 6.74 0.87
CA GLU A 56 -10.92 5.98 -0.11
C GLU A 56 -10.02 5.10 -0.97
N GLU A 57 -8.85 5.62 -1.33
CA GLU A 57 -7.91 4.89 -2.16
C GLU A 57 -7.28 3.73 -1.38
N ALA A 58 -6.90 4.00 -0.15
CA ALA A 58 -6.27 2.98 0.70
C ALA A 58 -7.23 1.83 0.98
N LYS A 59 -8.46 2.16 1.35
CA LYS A 59 -9.47 1.15 1.65
C LYS A 59 -9.78 0.33 0.39
N LYS A 60 -9.82 1.00 -0.75
CA LYS A 60 -10.12 0.35 -2.01
C LYS A 60 -9.03 -0.65 -2.38
N VAL A 61 -7.78 -0.23 -2.29
CA VAL A 61 -6.65 -1.09 -2.62
C VAL A 61 -6.50 -2.22 -1.61
N ALA A 62 -6.61 -1.88 -0.34
CA ALA A 62 -6.49 -2.86 0.74
C ALA A 62 -7.52 -3.97 0.57
N ASP A 63 -8.72 -3.60 0.16
CA ASP A 63 -9.80 -4.57 -0.04
C ASP A 63 -9.63 -5.32 -1.35
N GLU A 64 -8.39 -5.59 -1.72
CA GLU A 64 -8.08 -6.31 -2.95
C GLU A 64 -6.99 -7.35 -2.72
N THR A 65 -5.93 -6.94 -2.01
CA THR A 65 -4.82 -7.83 -1.73
C THR A 65 -5.14 -8.77 -0.56
N ALA A 66 -6.34 -9.37 -0.60
CA ALA A 66 -6.76 -10.28 0.46
C ALA A 66 -8.07 -10.97 0.07
N LYS A 67 -8.88 -10.29 -0.73
CA LYS A 67 -10.17 -10.83 -1.17
C LYS A 67 -11.13 -10.97 0.01
N ASP A 68 -11.18 -9.93 0.84
CA ASP A 68 -12.06 -9.92 2.00
C ASP A 68 -11.77 -11.10 2.93
N GLY A 69 -10.48 -11.36 3.18
CA GLY A 69 -10.11 -12.45 4.05
C GLY A 69 -10.40 -12.15 5.51
N LYS A 70 -9.48 -12.53 6.39
CA LYS A 70 -9.64 -12.29 7.82
C LYS A 70 -9.58 -10.79 8.12
N THR A 71 -8.58 -10.13 7.54
CA THR A 71 -8.41 -8.69 7.74
C THR A 71 -9.59 -7.91 7.18
N GLY A 72 -10.04 -6.90 7.93
CA GLY A 72 -11.16 -6.10 7.49
C GLY A 72 -11.38 -4.89 8.38
N ASN A 73 -12.63 -4.69 8.79
CA ASN A 73 -12.98 -3.55 9.66
C ASN A 73 -14.19 -3.89 10.52
N THR A 74 -14.09 -3.56 11.81
CA THR A 74 -15.18 -3.83 12.75
C THR A 74 -16.45 -3.10 12.34
N ASN A 75 -17.57 -3.82 12.35
CA ASN A 75 -18.86 -3.25 11.99
C ASN A 75 -19.97 -4.28 12.22
N THR A 76 -20.82 -4.49 11.22
CA THR A 76 -21.92 -5.45 11.32
C THR A 76 -21.39 -6.86 11.49
N THR A 77 -21.96 -7.60 12.43
CA THR A 77 -21.56 -8.98 12.70
C THR A 77 -20.04 -9.10 12.85
N GLY A 78 -19.44 -8.10 13.49
CA GLY A 78 -18.01 -8.11 13.70
C GLY A 78 -17.56 -9.14 14.71
N SER A 79 -16.77 -8.72 15.69
CA SER A 79 -16.27 -9.61 16.72
C SER A 79 -17.36 -9.91 17.75
N SER A 80 -18.42 -10.59 17.30
CA SER A 80 -19.54 -10.94 18.18
C SER A 80 -20.16 -9.69 18.79
N GLY A 1 23.23 -8.85 21.97
CA GLY A 1 22.31 -9.37 23.02
C GLY A 1 21.02 -9.90 22.44
N SER A 2 21.13 -10.70 21.38
CA SER A 2 19.96 -11.29 20.73
C SER A 2 20.38 -12.29 19.68
N HIS A 3 19.70 -13.44 19.64
CA HIS A 3 20.00 -14.48 18.68
C HIS A 3 19.83 -13.97 17.25
N MET A 4 20.74 -14.39 16.36
CA MET A 4 20.69 -13.97 14.97
C MET A 4 19.62 -14.74 14.19
N LEU A 5 18.39 -14.71 14.69
CA LEU A 5 17.28 -15.40 14.05
C LEU A 5 17.07 -14.89 12.62
N GLU A 6 16.91 -15.81 11.68
CA GLU A 6 16.71 -15.46 10.28
C GLU A 6 15.26 -15.04 10.02
N VAL A 7 14.70 -14.26 10.92
CA VAL A 7 13.32 -13.79 10.77
C VAL A 7 13.14 -12.96 9.50
N LEU A 8 12.18 -13.39 8.67
CA LEU A 8 11.89 -12.71 7.40
C LEU A 8 13.10 -12.73 6.46
N THR A 9 12.83 -12.97 5.18
CA THR A 9 13.87 -13.03 4.17
C THR A 9 13.37 -12.48 2.83
N GLN A 10 14.19 -11.65 2.20
CA GLN A 10 13.82 -11.07 0.91
C GLN A 10 13.57 -12.15 -0.14
N LYS A 11 12.44 -12.03 -0.84
CA LYS A 11 12.09 -13.00 -1.87
C LYS A 11 12.23 -12.39 -3.27
N HIS A 12 13.45 -12.37 -3.78
CA HIS A 12 13.72 -11.83 -5.11
C HIS A 12 13.13 -10.43 -5.28
N LYS A 13 13.29 -9.59 -4.26
CA LYS A 13 12.77 -8.23 -4.29
C LYS A 13 13.25 -7.43 -3.09
N PRO A 14 13.54 -6.14 -3.29
CA PRO A 14 14.02 -5.24 -2.23
C PRO A 14 12.89 -4.77 -1.32
N ALA A 15 12.05 -5.71 -0.87
CA ALA A 15 10.93 -5.40 -0.01
C ALA A 15 10.29 -6.66 0.55
N GLU A 16 9.93 -6.63 1.82
CA GLU A 16 9.32 -7.78 2.47
C GLU A 16 8.03 -8.18 1.77
N SER A 17 7.84 -9.48 1.59
CA SER A 17 6.66 -10.01 0.93
C SER A 17 5.38 -9.58 1.65
N GLN A 18 4.42 -9.09 0.89
CA GLN A 18 3.14 -8.65 1.45
C GLN A 18 3.36 -7.59 2.52
N GLN A 19 4.27 -6.66 2.25
CA GLN A 19 4.58 -5.58 3.19
C GLN A 19 3.37 -4.66 3.36
N GLN A 20 3.06 -4.33 4.61
CA GLN A 20 1.93 -3.44 4.91
C GLN A 20 2.16 -2.06 4.30
N ALA A 21 1.23 -1.62 3.47
CA ALA A 21 1.33 -0.31 2.81
C ALA A 21 1.11 0.83 3.80
N ALA A 22 1.99 1.83 3.76
CA ALA A 22 1.89 2.98 4.63
C ALA A 22 0.86 3.98 4.11
N GLU A 23 -0.37 3.51 3.98
CA GLU A 23 -1.47 4.33 3.49
C GLU A 23 -1.79 5.49 4.43
N THR A 24 -0.99 6.54 4.32
CA THR A 24 -1.17 7.73 5.14
C THR A 24 -0.74 8.96 4.36
N GLU A 25 -1.48 10.05 4.55
CA GLU A 25 -1.18 11.30 3.86
C GLU A 25 0.26 11.71 4.11
N GLY A 26 0.72 11.51 5.33
CA GLY A 26 2.07 11.85 5.69
C GLY A 26 3.11 11.07 4.91
N SER A 27 2.83 9.80 4.66
CA SER A 27 3.76 8.95 3.92
C SER A 27 3.85 9.36 2.46
N CYS A 28 2.69 9.53 1.83
CA CYS A 28 2.63 9.90 0.41
C CYS A 28 3.36 11.21 0.13
N ASN A 29 3.13 12.22 0.96
CA ASN A 29 3.78 13.52 0.79
C ASN A 29 5.29 13.38 0.66
N LYS A 30 5.83 12.32 1.25
CA LYS A 30 7.26 12.06 1.21
C LYS A 30 7.64 11.26 -0.02
N LYS A 31 6.76 10.35 -0.41
CA LYS A 31 6.99 9.50 -1.57
C LYS A 31 6.98 10.29 -2.87
N ASP A 32 8.02 10.10 -3.68
CA ASP A 32 8.12 10.78 -4.97
C ASP A 32 7.25 10.07 -6.00
N GLN A 33 7.44 10.40 -7.27
CA GLN A 33 6.65 9.79 -8.34
C GLN A 33 6.69 8.26 -8.25
N ASN A 34 7.88 7.70 -8.33
CA ASN A 34 8.07 6.26 -8.27
C ASN A 34 7.72 5.72 -6.88
N GLU A 35 7.79 6.59 -5.87
CA GLU A 35 7.48 6.18 -4.51
C GLU A 35 6.00 6.30 -4.20
N CYS A 36 5.28 7.06 -5.02
CA CYS A 36 3.84 7.25 -4.83
C CYS A 36 3.16 5.88 -4.82
N LYS A 37 2.89 5.40 -3.61
CA LYS A 37 2.29 4.08 -3.43
C LYS A 37 0.82 4.04 -3.86
N SER A 38 0.31 2.82 -4.04
CA SER A 38 -1.07 2.61 -4.48
C SER A 38 -2.06 3.40 -3.63
N PRO A 39 -2.00 3.30 -2.28
CA PRO A 39 -2.90 4.03 -1.40
C PRO A 39 -2.94 5.51 -1.75
N CYS A 40 -1.79 6.02 -2.15
CA CYS A 40 -1.65 7.42 -2.51
C CYS A 40 -2.43 7.73 -3.79
N LYS A 41 -2.03 8.81 -4.44
CA LYS A 41 -2.65 9.25 -5.68
C LYS A 41 -1.78 10.30 -6.36
N TRP A 42 -1.20 9.91 -7.49
CA TRP A 42 -0.31 10.80 -8.23
C TRP A 42 -1.08 11.97 -8.84
N HIS A 43 -0.56 13.17 -8.66
CA HIS A 43 -1.19 14.36 -9.20
C HIS A 43 -0.29 15.03 -10.23
N ASN A 44 -0.65 14.88 -11.50
CA ASN A 44 0.13 15.48 -12.58
C ASN A 44 -0.19 16.98 -12.65
N ASP A 45 0.52 17.75 -11.82
CA ASP A 45 0.34 19.20 -11.73
C ASP A 45 0.95 19.68 -10.41
N ALA A 46 0.19 20.44 -9.63
CA ALA A 46 0.66 20.93 -8.35
C ALA A 46 1.97 21.69 -8.49
N GLU A 47 2.79 21.67 -7.44
CA GLU A 47 4.07 22.36 -7.45
C GLU A 47 5.19 21.43 -7.91
N ASN A 48 5.20 21.11 -9.20
CA ASN A 48 6.19 20.22 -9.79
C ASN A 48 5.83 18.78 -9.48
N LYS A 49 4.55 18.48 -9.68
CA LYS A 49 4.00 17.14 -9.43
C LYS A 49 3.98 16.84 -7.94
N LYS A 50 2.87 16.31 -7.44
CA LYS A 50 2.74 16.00 -6.02
C LYS A 50 1.92 14.74 -5.76
N CYS A 51 2.43 13.88 -4.88
CA CYS A 51 1.75 12.65 -4.50
C CYS A 51 0.96 12.86 -3.21
N THR A 52 -0.28 12.37 -3.16
CA THR A 52 -1.11 12.53 -1.97
C THR A 52 -1.95 11.29 -1.69
N LEU A 53 -2.08 10.96 -0.40
CA LEU A 53 -2.84 9.80 0.04
C LEU A 53 -4.34 10.04 -0.15
N ASP A 54 -5.04 8.98 -0.53
CA ASP A 54 -6.48 9.06 -0.74
C ASP A 54 -7.18 8.06 0.19
N LYS A 55 -8.17 8.54 0.93
CA LYS A 55 -8.89 7.70 1.87
C LYS A 55 -9.64 6.57 1.16
N GLU A 56 -10.43 6.92 0.16
CA GLU A 56 -11.20 5.93 -0.59
C GLU A 56 -10.29 4.86 -1.19
N GLU A 57 -9.27 5.30 -1.89
CA GLU A 57 -8.31 4.39 -2.51
C GLU A 57 -7.59 3.56 -1.44
N ALA A 58 -7.24 4.20 -0.33
CA ALA A 58 -6.56 3.52 0.77
C ALA A 58 -7.42 2.39 1.30
N LYS A 59 -8.73 2.62 1.36
CA LYS A 59 -9.65 1.62 1.85
C LYS A 59 -9.59 0.36 1.00
N LYS A 60 -9.65 0.55 -0.32
CA LYS A 60 -9.59 -0.56 -1.26
C LYS A 60 -8.22 -1.24 -1.24
N VAL A 61 -7.17 -0.42 -1.27
CA VAL A 61 -5.80 -0.92 -1.26
C VAL A 61 -5.55 -1.79 -0.03
N ALA A 62 -6.13 -1.40 1.09
CA ALA A 62 -5.98 -2.14 2.34
C ALA A 62 -6.74 -3.46 2.27
N ASP A 63 -7.91 -3.43 1.63
CA ASP A 63 -8.74 -4.62 1.50
C ASP A 63 -8.23 -5.53 0.39
N GLU A 64 -6.91 -5.60 0.25
CA GLU A 64 -6.28 -6.44 -0.76
C GLU A 64 -4.80 -6.63 -0.49
N THR A 65 -4.46 -6.74 0.80
CA THR A 65 -3.08 -6.93 1.22
C THR A 65 -2.98 -7.08 2.74
N ALA A 66 -4.00 -7.69 3.33
CA ALA A 66 -4.04 -7.90 4.77
C ALA A 66 -5.30 -8.67 5.18
N LYS A 67 -6.46 -8.08 4.85
CA LYS A 67 -7.74 -8.69 5.17
C LYS A 67 -7.78 -9.22 6.60
N ASP A 68 -7.15 -8.49 7.52
CA ASP A 68 -7.13 -8.90 8.92
C ASP A 68 -8.49 -8.71 9.56
N GLY A 69 -9.09 -7.54 9.31
CA GLY A 69 -10.40 -7.23 9.88
C GLY A 69 -10.39 -7.23 11.38
N LYS A 70 -9.31 -6.72 11.97
CA LYS A 70 -9.17 -6.65 13.42
C LYS A 70 -10.15 -5.63 14.00
N THR A 71 -10.20 -4.45 13.37
CA THR A 71 -11.10 -3.39 13.82
C THR A 71 -10.80 -3.03 15.28
N GLY A 72 -11.81 -3.10 16.14
CA GLY A 72 -11.62 -2.78 17.55
C GLY A 72 -12.90 -2.85 18.35
N ASN A 73 -13.65 -3.93 18.14
CA ASN A 73 -14.91 -4.13 18.85
C ASN A 73 -14.68 -4.23 20.36
N THR A 74 -15.54 -3.57 21.12
CA THR A 74 -15.43 -3.58 22.57
C THR A 74 -15.55 -4.99 23.12
N ASN A 75 -14.72 -5.32 24.11
CA ASN A 75 -14.72 -6.64 24.73
C ASN A 75 -13.70 -6.69 25.85
N THR A 76 -12.47 -6.29 25.52
CA THR A 76 -11.39 -6.25 26.50
C THR A 76 -11.73 -5.24 27.59
N THR A 77 -11.00 -5.30 28.70
CA THR A 77 -11.23 -4.38 29.80
C THR A 77 -10.69 -2.98 29.48
N GLY A 78 -11.01 -2.49 28.28
CA GLY A 78 -10.55 -1.18 27.88
C GLY A 78 -10.88 -0.85 26.43
N SER A 79 -11.42 0.34 26.20
CA SER A 79 -11.78 0.76 24.86
C SER A 79 -10.54 0.91 23.98
N SER A 80 -10.57 0.31 22.80
CA SER A 80 -9.44 0.38 21.87
C SER A 80 -9.78 -0.32 20.57
N GLY A 1 34.77 1.74 6.06
CA GLY A 1 33.57 1.59 5.20
C GLY A 1 32.96 0.20 5.27
N SER A 2 31.64 0.14 5.38
CA SER A 2 30.93 -1.13 5.46
C SER A 2 29.42 -0.92 5.42
N HIS A 3 28.95 0.04 6.22
CA HIS A 3 27.53 0.36 6.28
C HIS A 3 27.03 0.86 4.94
N MET A 4 25.90 0.33 4.49
CA MET A 4 25.31 0.73 3.22
C MET A 4 23.88 0.20 3.10
N LEU A 5 22.97 1.07 2.68
CA LEU A 5 21.56 0.71 2.53
C LEU A 5 20.94 0.38 3.88
N GLU A 6 19.75 0.94 4.13
CA GLU A 6 19.04 0.71 5.38
C GLU A 6 18.65 -0.76 5.52
N VAL A 7 18.92 -1.33 6.70
CA VAL A 7 18.60 -2.72 6.96
C VAL A 7 17.10 -2.97 6.89
N LEU A 8 16.72 -4.04 6.19
CA LEU A 8 15.31 -4.40 6.03
C LEU A 8 14.73 -4.91 7.35
N THR A 9 13.50 -4.48 7.65
CA THR A 9 12.84 -4.89 8.88
C THR A 9 12.58 -6.39 8.89
N GLN A 10 12.95 -7.03 9.99
CA GLN A 10 12.76 -8.47 10.14
C GLN A 10 11.29 -8.80 10.37
N LYS A 11 10.75 -9.73 9.59
CA LYS A 11 9.36 -10.14 9.72
C LYS A 11 9.13 -11.53 9.13
N HIS A 12 9.46 -12.56 9.90
CA HIS A 12 9.29 -13.94 9.46
C HIS A 12 9.96 -14.15 8.10
N LYS A 13 9.16 -14.32 7.05
CA LYS A 13 9.68 -14.53 5.70
C LYS A 13 10.49 -13.31 5.26
N PRO A 14 11.61 -13.54 4.55
CA PRO A 14 12.47 -12.47 4.05
C PRO A 14 11.86 -11.73 2.86
N ALA A 15 11.91 -10.40 2.89
CA ALA A 15 11.37 -9.59 1.81
C ALA A 15 11.71 -8.12 2.00
N GLU A 16 12.15 -7.47 0.94
CA GLU A 16 12.51 -6.06 0.99
C GLU A 16 11.27 -5.18 0.89
N SER A 17 10.24 -5.52 1.67
CA SER A 17 9.00 -4.77 1.69
C SER A 17 8.38 -4.69 0.29
N GLN A 18 8.38 -5.81 -0.41
CA GLN A 18 7.82 -5.88 -1.76
C GLN A 18 6.31 -5.68 -1.74
N GLN A 19 5.64 -6.37 -0.81
CA GLN A 19 4.19 -6.28 -0.69
C GLN A 19 3.75 -4.85 -0.40
N GLN A 20 2.80 -4.35 -1.17
CA GLN A 20 2.28 -3.00 -1.00
C GLN A 20 1.52 -2.86 0.30
N ALA A 21 1.79 -1.78 1.04
CA ALA A 21 1.12 -1.54 2.31
C ALA A 21 0.46 -0.17 2.33
N ALA A 22 -0.77 -0.11 2.84
CA ALA A 22 -1.49 1.15 2.92
C ALA A 22 -0.70 2.19 3.71
N GLU A 23 -0.04 3.09 2.99
CA GLU A 23 0.75 4.14 3.61
C GLU A 23 -0.14 5.13 4.35
N THR A 24 0.30 6.37 4.44
CA THR A 24 -0.46 7.43 5.12
C THR A 24 -0.21 8.77 4.45
N GLU A 25 -1.14 9.70 4.66
CA GLU A 25 -1.02 11.02 4.06
C GLU A 25 0.37 11.61 4.28
N GLY A 26 0.88 11.45 5.49
CA GLY A 26 2.19 11.96 5.81
C GLY A 26 3.30 11.30 5.00
N SER A 27 3.17 10.00 4.80
CA SER A 27 4.17 9.24 4.04
C SER A 27 4.13 9.59 2.56
N CYS A 28 2.92 9.57 1.99
CA CYS A 28 2.74 9.86 0.57
C CYS A 28 3.29 11.23 0.18
N ASN A 29 2.94 12.25 0.96
CA ASN A 29 3.41 13.61 0.67
C ASN A 29 4.92 13.64 0.52
N LYS A 30 5.59 12.78 1.27
CA LYS A 30 7.05 12.70 1.23
C LYS A 30 7.52 11.93 0.00
N LYS A 31 6.80 10.87 -0.35
CA LYS A 31 7.16 10.05 -1.48
C LYS A 31 7.29 10.82 -2.77
N ASP A 32 8.15 10.32 -3.61
CA ASP A 32 8.39 10.90 -4.93
C ASP A 32 7.51 10.22 -5.96
N GLN A 33 7.60 10.65 -7.21
CA GLN A 33 6.78 10.05 -8.26
C GLN A 33 6.84 8.53 -8.21
N ASN A 34 8.06 8.00 -8.18
CA ASN A 34 8.28 6.57 -8.13
C ASN A 34 7.81 6.00 -6.79
N GLU A 35 8.01 6.76 -5.72
CA GLU A 35 7.62 6.33 -4.38
C GLU A 35 6.12 6.50 -4.15
N CYS A 36 5.45 7.21 -5.05
CA CYS A 36 4.02 7.42 -4.92
C CYS A 36 3.31 6.07 -4.91
N LYS A 37 3.04 5.57 -3.71
CA LYS A 37 2.41 4.27 -3.54
C LYS A 37 0.95 4.27 -3.99
N SER A 38 0.43 3.07 -4.23
CA SER A 38 -0.95 2.89 -4.68
C SER A 38 -1.95 3.61 -3.76
N PRO A 39 -1.91 3.36 -2.43
CA PRO A 39 -2.81 4.00 -1.49
C PRO A 39 -2.82 5.52 -1.69
N CYS A 40 -1.68 6.05 -2.09
CA CYS A 40 -1.54 7.48 -2.32
C CYS A 40 -2.35 7.92 -3.53
N LYS A 41 -1.92 9.01 -4.15
CA LYS A 41 -2.58 9.56 -5.32
C LYS A 41 -1.69 10.59 -5.99
N TRP A 42 -1.29 10.30 -7.23
CA TRP A 42 -0.40 11.17 -7.98
C TRP A 42 -1.14 12.39 -8.52
N HIS A 43 -0.56 13.56 -8.29
CA HIS A 43 -1.14 14.82 -8.76
C HIS A 43 -0.27 15.42 -9.86
N ASN A 44 -0.70 15.23 -11.10
CA ASN A 44 0.03 15.74 -12.25
C ASN A 44 -0.12 17.25 -12.38
N ASP A 45 0.95 17.91 -12.80
CA ASP A 45 0.97 19.35 -12.97
C ASP A 45 0.61 20.07 -11.66
N ALA A 46 1.07 19.49 -10.54
CA ALA A 46 0.82 20.08 -9.23
C ALA A 46 1.80 21.20 -8.94
N GLU A 47 2.14 21.95 -10.00
CA GLU A 47 3.10 23.06 -9.91
C GLU A 47 4.51 22.50 -9.86
N ASN A 48 4.65 21.32 -9.27
CA ASN A 48 5.93 20.64 -9.14
C ASN A 48 5.70 19.16 -8.84
N LYS A 49 4.54 18.67 -9.23
CA LYS A 49 4.15 17.28 -9.00
C LYS A 49 4.04 17.00 -7.51
N LYS A 50 2.93 16.38 -7.10
CA LYS A 50 2.71 16.09 -5.69
C LYS A 50 1.96 14.77 -5.47
N CYS A 51 2.43 13.99 -4.51
CA CYS A 51 1.80 12.71 -4.16
C CYS A 51 1.20 12.79 -2.77
N THR A 52 -0.05 12.32 -2.63
CA THR A 52 -0.73 12.37 -1.33
C THR A 52 -1.62 11.15 -1.14
N LEU A 53 -1.73 10.70 0.11
CA LEU A 53 -2.54 9.53 0.46
C LEU A 53 -4.01 9.80 0.20
N ASP A 54 -4.70 8.77 -0.26
CA ASP A 54 -6.13 8.87 -0.56
C ASP A 54 -6.93 7.86 0.24
N LYS A 55 -8.02 8.31 0.83
CA LYS A 55 -8.88 7.45 1.64
C LYS A 55 -9.55 6.38 0.78
N GLU A 56 -9.97 6.76 -0.42
CA GLU A 56 -10.63 5.83 -1.33
C GLU A 56 -9.69 4.71 -1.74
N GLU A 57 -8.45 5.06 -2.07
CA GLU A 57 -7.45 4.08 -2.46
C GLU A 57 -7.05 3.19 -1.28
N ALA A 58 -6.85 3.81 -0.14
CA ALA A 58 -6.45 3.10 1.08
C ALA A 58 -7.50 2.07 1.49
N LYS A 59 -8.77 2.46 1.47
CA LYS A 59 -9.84 1.56 1.86
C LYS A 59 -9.91 0.36 0.92
N LYS A 60 -9.73 0.59 -0.37
CA LYS A 60 -9.77 -0.49 -1.36
C LYS A 60 -8.61 -1.47 -1.13
N VAL A 61 -7.41 -0.94 -0.95
CA VAL A 61 -6.23 -1.77 -0.73
C VAL A 61 -6.37 -2.59 0.56
N ALA A 62 -6.89 -1.95 1.60
CA ALA A 62 -7.09 -2.60 2.88
C ALA A 62 -8.18 -3.66 2.80
N ASP A 63 -9.21 -3.37 2.02
CA ASP A 63 -10.34 -4.29 1.85
C ASP A 63 -10.01 -5.39 0.84
N GLU A 64 -8.77 -5.85 0.86
CA GLU A 64 -8.35 -6.91 -0.06
C GLU A 64 -7.04 -7.56 0.38
N THR A 65 -6.14 -6.78 0.99
CA THR A 65 -4.86 -7.33 1.43
C THR A 65 -4.18 -6.45 2.49
N ALA A 66 -4.88 -6.24 3.61
CA ALA A 66 -4.35 -5.43 4.69
C ALA A 66 -5.24 -5.53 5.94
N LYS A 67 -6.53 -5.28 5.74
CA LYS A 67 -7.50 -5.34 6.83
C LYS A 67 -7.05 -4.49 8.02
N ASP A 68 -6.56 -3.29 7.72
CA ASP A 68 -6.09 -2.38 8.76
C ASP A 68 -7.24 -2.00 9.69
N GLY A 69 -6.99 -2.11 11.00
CA GLY A 69 -8.02 -1.76 11.97
C GLY A 69 -7.58 -2.06 13.39
N LYS A 70 -6.33 -1.71 13.72
CA LYS A 70 -5.79 -1.94 15.05
C LYS A 70 -6.57 -1.15 16.09
N THR A 71 -6.90 0.10 15.75
CA THR A 71 -7.65 0.99 16.66
C THR A 71 -6.77 1.52 17.78
N GLY A 72 -6.04 0.63 18.44
CA GLY A 72 -5.17 1.02 19.54
C GLY A 72 -5.95 1.50 20.76
N ASN A 73 -5.54 1.04 21.93
CA ASN A 73 -6.18 1.43 23.17
C ASN A 73 -6.10 2.94 23.39
N THR A 74 -7.16 3.51 23.96
CA THR A 74 -7.20 4.95 24.22
C THR A 74 -8.34 5.30 25.17
N ASN A 75 -8.02 6.11 26.18
CA ASN A 75 -9.00 6.54 27.17
C ASN A 75 -8.38 7.51 28.16
N THR A 76 -7.13 7.24 28.55
CA THR A 76 -6.42 8.09 29.49
C THR A 76 -6.18 9.49 28.90
N THR A 77 -6.46 10.52 29.71
CA THR A 77 -6.28 11.91 29.30
C THR A 77 -7.38 12.34 28.33
N GLY A 78 -7.75 11.45 27.41
CA GLY A 78 -8.80 11.76 26.44
C GLY A 78 -10.14 11.97 27.11
N SER A 79 -10.85 13.02 26.69
CA SER A 79 -12.16 13.32 27.25
C SER A 79 -13.12 12.17 27.01
N SER A 80 -13.45 11.44 28.07
CA SER A 80 -14.37 10.31 27.98
C SER A 80 -15.76 10.77 27.55
N GLY A 1 -1.12 -5.57 -12.18
CA GLY A 1 -2.02 -6.38 -11.32
C GLY A 1 -1.64 -7.86 -11.31
N SER A 2 -0.35 -8.13 -11.20
CA SER A 2 0.14 -9.51 -11.17
C SER A 2 1.64 -9.54 -10.89
N HIS A 3 2.37 -10.45 -11.55
CA HIS A 3 3.81 -10.57 -11.37
C HIS A 3 4.54 -9.36 -11.91
N MET A 4 5.55 -8.91 -11.17
CA MET A 4 6.34 -7.76 -11.57
C MET A 4 7.58 -7.62 -10.67
N LEU A 5 7.84 -6.42 -10.16
CA LEU A 5 8.99 -6.19 -9.29
C LEU A 5 8.99 -4.76 -8.75
N GLU A 6 9.27 -4.62 -7.47
CA GLU A 6 9.31 -3.30 -6.82
C GLU A 6 10.28 -3.33 -5.63
N VAL A 7 11.15 -2.32 -5.58
CA VAL A 7 12.12 -2.23 -4.48
C VAL A 7 11.40 -2.06 -3.14
N LEU A 8 11.80 -2.87 -2.16
CA LEU A 8 11.19 -2.81 -0.83
C LEU A 8 12.16 -3.35 0.22
N THR A 9 12.32 -2.59 1.30
CA THR A 9 13.20 -2.97 2.40
C THR A 9 14.56 -3.43 1.88
N GLN A 10 15.05 -2.78 0.84
CA GLN A 10 16.34 -3.13 0.26
C GLN A 10 17.45 -2.84 1.26
N LYS A 11 18.15 -3.88 1.69
CA LYS A 11 19.24 -3.74 2.64
C LYS A 11 20.28 -4.83 2.42
N HIS A 12 21.20 -4.96 3.37
CA HIS A 12 22.26 -5.97 3.27
C HIS A 12 21.65 -7.37 3.06
N LYS A 13 20.36 -7.49 3.36
CA LYS A 13 19.67 -8.77 3.21
C LYS A 13 19.55 -9.14 1.73
N PRO A 14 20.07 -10.32 1.34
CA PRO A 14 20.01 -10.78 -0.05
C PRO A 14 18.68 -11.47 -0.37
N ALA A 15 17.58 -10.86 0.06
CA ALA A 15 16.25 -11.42 -0.18
C ALA A 15 15.16 -10.46 0.26
N GLU A 16 15.26 -9.20 -0.16
CA GLU A 16 14.27 -8.19 0.20
C GLU A 16 12.87 -8.61 -0.25
N SER A 17 11.88 -8.27 0.57
CA SER A 17 10.49 -8.62 0.27
C SER A 17 9.56 -8.03 1.32
N GLN A 18 8.40 -7.53 0.86
CA GLN A 18 7.41 -6.94 1.75
C GLN A 18 6.11 -6.66 1.00
N GLN A 19 4.99 -7.04 1.62
CA GLN A 19 3.68 -6.84 1.02
C GLN A 19 3.26 -5.38 1.09
N GLN A 20 2.69 -4.87 -0.01
CA GLN A 20 2.24 -3.48 -0.07
C GLN A 20 1.20 -3.20 1.01
N ALA A 21 1.39 -2.10 1.73
CA ALA A 21 0.47 -1.72 2.80
C ALA A 21 -0.03 -0.29 2.61
N ALA A 22 -1.33 -0.08 2.79
CA ALA A 22 -1.91 1.24 2.63
C ALA A 22 -1.27 2.24 3.60
N GLU A 23 -0.35 3.03 3.08
CA GLU A 23 0.35 4.04 3.87
C GLU A 23 -0.62 5.10 4.37
N THR A 24 -0.12 6.33 4.50
CA THR A 24 -0.93 7.44 4.98
C THR A 24 -0.57 8.74 4.27
N GLU A 25 -1.47 9.72 4.35
CA GLU A 25 -1.26 11.01 3.71
C GLU A 25 0.14 11.53 3.99
N GLY A 26 0.57 11.42 5.23
CA GLY A 26 1.89 11.88 5.61
C GLY A 26 3.00 11.15 4.88
N SER A 27 2.82 9.85 4.70
CA SER A 27 3.82 9.04 4.01
C SER A 27 3.93 9.41 2.53
N CYS A 28 2.78 9.46 1.85
CA CYS A 28 2.74 9.78 0.44
C CYS A 28 3.40 11.13 0.14
N ASN A 29 3.12 12.12 0.97
CA ASN A 29 3.68 13.46 0.79
C ASN A 29 5.19 13.41 0.63
N LYS A 30 5.82 12.44 1.27
CA LYS A 30 7.25 12.28 1.21
C LYS A 30 7.68 11.48 -0.01
N LYS A 31 6.85 10.52 -0.38
CA LYS A 31 7.15 9.67 -1.54
C LYS A 31 7.03 10.46 -2.84
N ASP A 32 8.11 10.49 -3.61
CA ASP A 32 8.11 11.19 -4.89
C ASP A 32 7.31 10.42 -5.91
N GLN A 33 7.45 10.80 -7.18
CA GLN A 33 6.73 10.14 -8.26
C GLN A 33 6.99 8.63 -8.24
N ASN A 34 8.26 8.26 -8.20
CA ASN A 34 8.66 6.86 -8.18
C ASN A 34 8.19 6.16 -6.91
N GLU A 35 8.12 6.92 -5.81
CA GLU A 35 7.71 6.34 -4.53
C GLU A 35 6.20 6.49 -4.30
N CYS A 36 5.53 7.22 -5.18
CA CYS A 36 4.09 7.41 -5.05
C CYS A 36 3.40 6.05 -5.08
N LYS A 37 3.08 5.53 -3.90
CA LYS A 37 2.45 4.23 -3.79
C LYS A 37 1.01 4.21 -4.28
N SER A 38 0.52 3.00 -4.57
CA SER A 38 -0.84 2.82 -5.08
C SER A 38 -1.88 3.52 -4.20
N PRO A 39 -1.88 3.26 -2.87
CA PRO A 39 -2.84 3.90 -1.97
C PRO A 39 -2.86 5.40 -2.17
N CYS A 40 -1.70 5.96 -2.49
CA CYS A 40 -1.56 7.38 -2.73
C CYS A 40 -2.22 7.78 -4.05
N LYS A 41 -1.87 8.96 -4.55
CA LYS A 41 -2.39 9.47 -5.82
C LYS A 41 -1.44 10.51 -6.39
N TRP A 42 -0.92 10.24 -7.58
CA TRP A 42 0.01 11.15 -8.23
C TRP A 42 -0.73 12.33 -8.85
N HIS A 43 -0.31 13.54 -8.53
CA HIS A 43 -0.95 14.73 -9.07
C HIS A 43 -0.03 15.44 -10.07
N ASN A 44 -0.27 15.19 -11.36
CA ASN A 44 0.51 15.81 -12.42
C ASN A 44 -0.10 17.16 -12.79
N ASP A 45 0.30 18.19 -12.07
CA ASP A 45 -0.20 19.55 -12.30
C ASP A 45 0.40 20.50 -11.27
N ALA A 46 0.62 19.97 -10.06
CA ALA A 46 1.20 20.74 -8.97
C ALA A 46 2.43 21.50 -9.45
N GLU A 47 2.72 22.63 -8.79
CA GLU A 47 3.87 23.46 -9.15
C GLU A 47 5.10 22.60 -9.42
N ASN A 48 5.19 21.49 -8.70
CA ASN A 48 6.31 20.56 -8.86
C ASN A 48 5.83 19.14 -8.68
N LYS A 49 4.55 18.93 -8.99
CA LYS A 49 3.92 17.61 -8.88
C LYS A 49 3.89 17.16 -7.41
N LYS A 50 2.77 16.58 -6.99
CA LYS A 50 2.65 16.14 -5.60
C LYS A 50 1.89 14.83 -5.45
N CYS A 51 2.42 13.95 -4.61
CA CYS A 51 1.79 12.66 -4.33
C CYS A 51 1.05 12.75 -3.00
N THR A 52 -0.20 12.28 -2.97
CA THR A 52 -0.99 12.34 -1.74
C THR A 52 -1.84 11.08 -1.54
N LEU A 53 -1.88 10.61 -0.30
CA LEU A 53 -2.66 9.43 0.05
C LEU A 53 -4.14 9.66 -0.19
N ASP A 54 -4.81 8.63 -0.67
CA ASP A 54 -6.23 8.71 -0.96
C ASP A 54 -7.02 7.77 -0.04
N LYS A 55 -8.07 8.30 0.56
CA LYS A 55 -8.91 7.52 1.46
C LYS A 55 -9.59 6.37 0.74
N GLU A 56 -10.13 6.66 -0.44
CA GLU A 56 -10.83 5.65 -1.23
C GLU A 56 -9.91 4.49 -1.62
N GLU A 57 -8.74 4.81 -2.16
CA GLU A 57 -7.79 3.79 -2.57
C GLU A 57 -7.23 3.03 -1.37
N ALA A 58 -6.90 3.75 -0.31
CA ALA A 58 -6.34 3.14 0.90
C ALA A 58 -7.31 2.17 1.55
N LYS A 59 -8.58 2.58 1.68
CA LYS A 59 -9.58 1.73 2.31
C LYS A 59 -9.78 0.44 1.51
N LYS A 60 -9.79 0.57 0.18
CA LYS A 60 -9.97 -0.60 -0.69
C LYS A 60 -8.83 -1.59 -0.52
N VAL A 61 -7.60 -1.09 -0.57
CA VAL A 61 -6.42 -1.95 -0.43
C VAL A 61 -6.35 -2.55 0.97
N ALA A 62 -6.59 -1.73 1.98
CA ALA A 62 -6.56 -2.17 3.36
C ALA A 62 -7.66 -3.19 3.66
N ASP A 63 -8.68 -3.22 2.80
CA ASP A 63 -9.80 -4.13 2.98
C ASP A 63 -9.34 -5.53 3.37
N GLU A 64 -8.29 -5.97 2.72
CA GLU A 64 -7.72 -7.29 2.98
C GLU A 64 -6.22 -7.29 2.66
N THR A 65 -5.64 -6.10 2.63
CA THR A 65 -4.21 -5.94 2.34
C THR A 65 -3.79 -6.83 1.17
N ALA A 66 -4.69 -7.03 0.21
CA ALA A 66 -4.41 -7.87 -0.94
C ALA A 66 -5.55 -7.85 -1.95
N LYS A 67 -6.78 -7.93 -1.44
CA LYS A 67 -7.96 -7.93 -2.31
C LYS A 67 -7.96 -9.14 -3.23
N ASP A 68 -7.74 -10.31 -2.64
CA ASP A 68 -7.71 -11.56 -3.41
C ASP A 68 -8.20 -12.73 -2.56
N GLY A 69 -9.34 -12.52 -1.90
CA GLY A 69 -9.91 -13.56 -1.06
C GLY A 69 -9.03 -13.88 0.14
N LYS A 70 -8.95 -15.16 0.48
CA LYS A 70 -8.14 -15.61 1.61
C LYS A 70 -8.16 -17.13 1.73
N THR A 71 -9.33 -17.72 1.49
CA THR A 71 -9.49 -19.17 1.58
C THR A 71 -8.55 -19.88 0.61
N GLY A 72 -7.81 -20.87 1.13
CA GLY A 72 -6.88 -21.62 0.31
C GLY A 72 -5.96 -22.49 1.14
N ASN A 73 -5.85 -23.76 0.76
CA ASN A 73 -5.00 -24.70 1.47
C ASN A 73 -4.89 -26.03 0.73
N THR A 74 -3.67 -26.54 0.62
CA THR A 74 -3.43 -27.80 -0.06
C THR A 74 -4.05 -28.96 0.71
N ASN A 75 -4.69 -29.88 -0.02
CA ASN A 75 -5.32 -31.04 0.60
C ASN A 75 -5.90 -31.97 -0.46
N THR A 76 -6.66 -31.40 -1.39
CA THR A 76 -7.27 -32.17 -2.46
C THR A 76 -6.19 -32.79 -3.35
N THR A 77 -6.62 -33.53 -4.36
CA THR A 77 -5.68 -34.17 -5.29
C THR A 77 -5.11 -33.16 -6.28
N GLY A 78 -4.78 -31.98 -5.81
CA GLY A 78 -4.23 -30.95 -6.67
C GLY A 78 -2.89 -31.35 -7.25
N SER A 79 -2.04 -31.94 -6.41
CA SER A 79 -0.71 -32.38 -6.84
C SER A 79 -0.79 -33.68 -7.64
N SER A 80 -1.44 -33.62 -8.80
CA SER A 80 -1.59 -34.79 -9.66
C SER A 80 -2.33 -35.91 -8.93
N GLY A 1 13.73 -27.39 -5.37
CA GLY A 1 12.83 -26.24 -5.03
C GLY A 1 13.61 -24.96 -4.81
N SER A 2 14.57 -24.68 -5.69
CA SER A 2 15.38 -23.47 -5.59
C SER A 2 16.06 -23.40 -4.22
N HIS A 3 16.08 -22.21 -3.62
CA HIS A 3 16.70 -22.01 -2.31
C HIS A 3 15.96 -22.82 -1.24
N MET A 4 16.71 -23.59 -0.47
CA MET A 4 16.13 -24.41 0.59
C MET A 4 15.93 -23.59 1.87
N LEU A 5 15.53 -22.33 1.69
CA LEU A 5 15.30 -21.43 2.81
C LEU A 5 14.17 -21.93 3.70
N GLU A 6 14.38 -21.91 5.01
CA GLU A 6 13.37 -22.35 5.96
C GLU A 6 12.13 -21.47 5.88
N VAL A 7 10.97 -22.09 5.95
CA VAL A 7 9.70 -21.36 5.89
C VAL A 7 9.53 -20.46 7.11
N LEU A 8 8.97 -19.27 6.89
CA LEU A 8 8.72 -18.30 7.96
C LEU A 8 10.05 -17.77 8.50
N THR A 9 10.06 -16.47 8.83
CA THR A 9 11.24 -15.78 9.37
C THR A 9 12.51 -16.17 8.61
N GLN A 10 12.42 -16.16 7.28
CA GLN A 10 13.55 -16.51 6.43
C GLN A 10 13.20 -16.31 4.96
N LYS A 11 12.73 -15.10 4.63
CA LYS A 11 12.34 -14.77 3.27
C LYS A 11 12.97 -13.45 2.85
N HIS A 12 12.51 -12.92 1.71
CA HIS A 12 13.03 -11.66 1.19
C HIS A 12 12.96 -10.56 2.25
N LYS A 13 12.16 -10.77 3.28
CA LYS A 13 12.01 -9.78 4.35
C LYS A 13 11.11 -10.33 5.46
N PRO A 14 11.59 -10.28 6.73
CA PRO A 14 10.83 -10.78 7.88
C PRO A 14 9.77 -9.79 8.35
N ALA A 15 8.57 -10.30 8.60
CA ALA A 15 7.47 -9.46 9.07
C ALA A 15 6.27 -10.31 9.49
N GLU A 16 6.55 -11.40 10.19
CA GLU A 16 5.51 -12.30 10.67
C GLU A 16 4.61 -12.77 9.52
N SER A 17 5.22 -13.01 8.36
CA SER A 17 4.50 -13.47 7.18
C SER A 17 3.31 -12.55 6.88
N GLN A 18 3.56 -11.25 6.87
CA GLN A 18 2.52 -10.26 6.60
C GLN A 18 3.11 -8.87 6.39
N GLN A 19 2.57 -8.15 5.41
CA GLN A 19 3.03 -6.80 5.11
C GLN A 19 1.94 -6.00 4.43
N GLN A 20 1.80 -4.73 4.81
CA GLN A 20 0.79 -3.86 4.24
C GLN A 20 1.37 -2.52 3.82
N ALA A 21 0.81 -1.97 2.75
CA ALA A 21 1.26 -0.68 2.22
C ALA A 21 1.11 0.41 3.27
N ALA A 22 2.04 1.37 3.25
CA ALA A 22 2.01 2.48 4.20
C ALA A 22 0.99 3.53 3.77
N GLU A 23 -0.26 3.11 3.68
CA GLU A 23 -1.34 3.98 3.27
C GLU A 23 -1.65 5.04 4.33
N THR A 24 -0.81 6.06 4.34
CA THR A 24 -0.98 7.17 5.26
C THR A 24 -0.63 8.48 4.59
N GLU A 25 -1.38 9.51 4.91
CA GLU A 25 -1.17 10.83 4.33
C GLU A 25 0.27 11.27 4.56
N GLY A 26 0.77 10.96 5.75
CA GLY A 26 2.12 11.33 6.10
C GLY A 26 3.18 10.67 5.25
N SER A 27 2.96 9.42 4.85
CA SER A 27 3.94 8.71 4.03
C SER A 27 3.89 9.16 2.58
N CYS A 28 2.68 9.24 2.04
CA CYS A 28 2.48 9.62 0.65
C CYS A 28 3.07 11.00 0.34
N ASN A 29 2.76 11.98 1.18
CA ASN A 29 3.25 13.34 0.97
C ASN A 29 4.76 13.35 0.81
N LYS A 30 5.43 12.42 1.48
CA LYS A 30 6.88 12.32 1.41
C LYS A 30 7.34 11.73 0.08
N LYS A 31 6.60 10.75 -0.41
CA LYS A 31 6.93 10.09 -1.66
C LYS A 31 7.02 11.06 -2.82
N ASP A 32 7.24 10.49 -3.99
CA ASP A 32 7.34 11.26 -5.22
C ASP A 32 6.75 10.45 -6.37
N GLN A 33 7.21 10.71 -7.59
CA GLN A 33 6.71 9.97 -8.74
C GLN A 33 7.07 8.50 -8.61
N ASN A 34 8.37 8.22 -8.52
CA ASN A 34 8.87 6.86 -8.38
C ASN A 34 8.62 6.30 -6.99
N GLU A 35 7.75 6.93 -6.22
CA GLU A 35 7.47 6.47 -4.87
C GLU A 35 6.00 6.65 -4.51
N CYS A 36 5.23 7.23 -5.43
CA CYS A 36 3.80 7.43 -5.18
C CYS A 36 3.13 6.06 -5.15
N LYS A 37 2.89 5.57 -3.94
CA LYS A 37 2.27 4.25 -3.74
C LYS A 37 0.81 4.21 -4.16
N SER A 38 0.31 2.98 -4.35
CA SER A 38 -1.08 2.76 -4.77
C SER A 38 -2.07 3.53 -3.91
N PRO A 39 -2.01 3.38 -2.56
CA PRO A 39 -2.92 4.10 -1.67
C PRO A 39 -2.85 5.60 -1.91
N CYS A 40 -1.67 6.05 -2.31
CA CYS A 40 -1.42 7.45 -2.57
C CYS A 40 -1.94 7.84 -3.96
N LYS A 41 -2.37 9.10 -4.08
CA LYS A 41 -2.85 9.61 -5.36
C LYS A 41 -1.79 10.46 -6.03
N TRP A 42 -1.44 10.08 -7.27
CA TRP A 42 -0.44 10.82 -8.01
C TRP A 42 -1.06 12.05 -8.68
N HIS A 43 -0.34 13.17 -8.63
CA HIS A 43 -0.83 14.41 -9.23
C HIS A 43 0.21 14.99 -10.18
N ASN A 44 -0.14 15.03 -11.46
CA ASN A 44 0.74 15.56 -12.50
C ASN A 44 0.56 17.06 -12.65
N ASP A 45 1.68 17.75 -12.88
CA ASP A 45 1.66 19.21 -13.05
C ASP A 45 1.07 19.89 -11.82
N ALA A 46 1.41 19.36 -10.65
CA ALA A 46 0.93 19.91 -9.39
C ALA A 46 1.82 21.05 -8.94
N GLU A 47 2.19 21.90 -9.89
CA GLU A 47 3.07 23.05 -9.63
C GLU A 47 4.51 22.56 -9.45
N ASN A 48 4.63 21.28 -9.12
CA ASN A 48 5.92 20.64 -8.92
C ASN A 48 5.73 19.16 -8.57
N LYS A 49 4.64 18.60 -9.09
CA LYS A 49 4.30 17.20 -8.84
C LYS A 49 4.05 16.94 -7.36
N LYS A 50 2.99 16.20 -7.04
CA LYS A 50 2.67 15.91 -5.64
C LYS A 50 1.93 14.59 -5.49
N CYS A 51 2.22 13.89 -4.40
CA CYS A 51 1.59 12.62 -4.09
C CYS A 51 1.00 12.67 -2.69
N THR A 52 -0.30 12.39 -2.56
CA THR A 52 -0.96 12.45 -1.26
C THR A 52 -1.92 11.27 -1.06
N LEU A 53 -1.89 10.70 0.14
CA LEU A 53 -2.73 9.56 0.48
C LEU A 53 -4.21 9.90 0.34
N ASP A 54 -4.96 8.92 -0.14
CA ASP A 54 -6.40 9.06 -0.31
C ASP A 54 -7.13 8.05 0.55
N LYS A 55 -8.16 8.50 1.26
CA LYS A 55 -8.93 7.62 2.12
C LYS A 55 -9.61 6.53 1.30
N GLU A 56 -10.19 6.92 0.16
CA GLU A 56 -10.87 5.98 -0.71
C GLU A 56 -9.91 4.92 -1.24
N GLU A 57 -8.77 5.38 -1.76
CA GLU A 57 -7.75 4.48 -2.29
C GLU A 57 -7.24 3.55 -1.20
N ALA A 58 -7.03 4.11 -0.01
CA ALA A 58 -6.55 3.33 1.13
C ALA A 58 -7.52 2.22 1.48
N LYS A 59 -8.82 2.53 1.41
CA LYS A 59 -9.86 1.55 1.69
C LYS A 59 -9.75 0.36 0.75
N LYS A 60 -9.50 0.64 -0.52
CA LYS A 60 -9.38 -0.41 -1.53
C LYS A 60 -8.15 -1.28 -1.28
N VAL A 61 -7.02 -0.63 -0.98
CA VAL A 61 -5.77 -1.34 -0.73
C VAL A 61 -5.86 -2.22 0.51
N ALA A 62 -6.54 -1.71 1.53
CA ALA A 62 -6.69 -2.45 2.78
C ALA A 62 -7.74 -3.55 2.67
N ASP A 63 -8.82 -3.26 1.95
CA ASP A 63 -9.91 -4.20 1.78
C ASP A 63 -9.80 -4.96 0.46
N GLU A 64 -8.60 -5.44 0.14
CA GLU A 64 -8.38 -6.19 -1.09
C GLU A 64 -9.05 -7.56 -1.03
N THR A 65 -9.96 -7.74 -0.07
CA THR A 65 -10.68 -9.00 0.09
C THR A 65 -9.71 -10.18 0.08
N ALA A 66 -8.61 -10.04 0.80
CA ALA A 66 -7.60 -11.09 0.87
C ALA A 66 -6.58 -10.81 1.95
N LYS A 67 -5.97 -9.63 1.90
CA LYS A 67 -4.96 -9.23 2.88
C LYS A 67 -5.63 -8.70 4.15
N ASP A 68 -6.68 -9.37 4.59
CA ASP A 68 -7.41 -8.96 5.80
C ASP A 68 -6.50 -9.07 7.02
N GLY A 69 -5.84 -10.21 7.17
CA GLY A 69 -4.96 -10.44 8.29
C GLY A 69 -5.70 -10.76 9.56
N LYS A 70 -6.66 -9.92 9.93
CA LYS A 70 -7.46 -10.13 11.13
C LYS A 70 -8.40 -11.32 10.95
N THR A 71 -8.51 -12.13 12.00
CA THR A 71 -9.38 -13.31 11.95
C THR A 71 -10.82 -12.93 11.61
N GLY A 72 -11.38 -13.60 10.61
CA GLY A 72 -12.75 -13.31 10.20
C GLY A 72 -13.79 -14.03 11.04
N ASN A 73 -13.65 -13.95 12.36
CA ASN A 73 -14.59 -14.60 13.26
C ASN A 73 -16.01 -14.07 13.05
N THR A 74 -16.97 -14.99 13.04
CA THR A 74 -18.37 -14.64 12.85
C THR A 74 -18.57 -13.75 11.63
N ASN A 75 -19.40 -12.71 11.77
CA ASN A 75 -19.65 -11.78 10.68
C ASN A 75 -20.55 -10.64 11.15
N THR A 76 -21.57 -10.98 11.93
CA THR A 76 -22.50 -10.00 12.46
C THR A 76 -21.78 -9.04 13.41
N THR A 77 -22.57 -8.22 14.11
CA THR A 77 -22.01 -7.25 15.05
C THR A 77 -21.60 -7.93 16.35
N GLY A 78 -20.81 -8.99 16.24
CA GLY A 78 -20.36 -9.71 17.41
C GLY A 78 -19.33 -8.93 18.20
N SER A 79 -19.50 -8.86 19.51
CA SER A 79 -18.57 -8.13 20.37
C SER A 79 -17.17 -8.74 20.28
N SER A 80 -16.26 -7.98 19.67
CA SER A 80 -14.88 -8.44 19.52
C SER A 80 -14.23 -8.68 20.88
N GLY A 1 15.51 3.28 -18.24
CA GLY A 1 15.91 1.85 -18.18
C GLY A 1 15.27 1.12 -17.00
N SER A 2 14.76 -0.08 -17.27
CA SER A 2 14.10 -0.88 -16.24
C SER A 2 15.08 -1.19 -15.11
N HIS A 3 14.62 -1.03 -13.87
CA HIS A 3 15.45 -1.30 -12.71
C HIS A 3 15.81 -2.78 -12.64
N MET A 4 17.10 -3.07 -12.46
CA MET A 4 17.56 -4.44 -12.37
C MET A 4 17.03 -5.12 -11.11
N LEU A 5 17.20 -4.44 -9.98
CA LEU A 5 16.72 -4.97 -8.70
C LEU A 5 15.20 -4.86 -8.61
N GLU A 6 14.70 -4.55 -7.41
CA GLU A 6 13.26 -4.42 -7.19
C GLU A 6 12.98 -3.95 -5.77
N VAL A 7 11.83 -4.35 -5.23
CA VAL A 7 11.45 -3.97 -3.88
C VAL A 7 12.31 -4.70 -2.84
N LEU A 8 12.72 -3.98 -1.81
CA LEU A 8 13.54 -4.56 -0.75
C LEU A 8 12.82 -5.74 -0.09
N THR A 9 13.56 -6.80 0.20
CA THR A 9 13.00 -7.98 0.82
C THR A 9 13.98 -8.60 1.82
N GLN A 10 15.24 -8.73 1.41
CA GLN A 10 16.27 -9.32 2.26
C GLN A 10 17.65 -9.14 1.64
N LYS A 11 18.00 -7.88 1.38
CA LYS A 11 19.30 -7.55 0.78
C LYS A 11 19.67 -6.11 1.10
N HIS A 12 20.92 -5.92 1.56
CA HIS A 12 21.42 -4.59 1.91
C HIS A 12 20.83 -4.14 3.25
N LYS A 13 19.53 -4.34 3.41
CA LYS A 13 18.83 -3.97 4.64
C LYS A 13 17.41 -4.51 4.62
N PRO A 14 16.90 -5.01 5.76
CA PRO A 14 15.55 -5.56 5.86
C PRO A 14 14.48 -4.50 5.61
N ALA A 15 13.53 -4.84 4.74
CA ALA A 15 12.43 -3.94 4.39
C ALA A 15 11.44 -4.62 3.46
N GLU A 16 11.05 -5.85 3.79
CA GLU A 16 10.12 -6.61 2.99
C GLU A 16 8.76 -5.91 2.93
N SER A 17 8.22 -5.80 1.71
CA SER A 17 6.93 -5.16 1.49
C SER A 17 6.53 -5.25 0.02
N GLN A 18 6.61 -6.45 -0.54
CA GLN A 18 6.26 -6.67 -1.94
C GLN A 18 4.81 -6.26 -2.22
N GLN A 19 3.88 -6.76 -1.40
CA GLN A 19 2.47 -6.44 -1.56
C GLN A 19 2.19 -5.00 -1.13
N GLN A 20 1.40 -4.30 -1.93
CA GLN A 20 1.06 -2.92 -1.63
C GLN A 20 0.33 -2.82 -0.29
N ALA A 21 0.69 -1.80 0.48
CA ALA A 21 0.07 -1.58 1.79
C ALA A 21 -0.52 -0.18 1.90
N ALA A 22 -1.73 -0.10 2.43
CA ALA A 22 -2.42 1.17 2.60
C ALA A 22 -1.59 2.13 3.44
N GLU A 23 -0.82 2.98 2.78
CA GLU A 23 0.02 3.95 3.46
C GLU A 23 -0.83 5.02 4.12
N THR A 24 -0.30 6.24 4.19
CA THR A 24 -1.01 7.35 4.80
C THR A 24 -0.71 8.65 4.06
N GLU A 25 -1.64 9.58 4.12
CA GLU A 25 -1.50 10.87 3.45
C GLU A 25 -0.11 11.44 3.70
N GLY A 26 0.38 11.25 4.92
CA GLY A 26 1.69 11.76 5.28
C GLY A 26 2.82 11.11 4.51
N SER A 27 2.75 9.80 4.34
CA SER A 27 3.80 9.07 3.62
C SER A 27 3.81 9.45 2.13
N CYS A 28 2.63 9.40 1.51
CA CYS A 28 2.50 9.71 0.09
C CYS A 28 3.07 11.08 -0.25
N ASN A 29 2.72 12.10 0.53
CA ASN A 29 3.21 13.46 0.30
C ASN A 29 4.72 13.47 0.20
N LYS A 30 5.37 12.65 1.03
CA LYS A 30 6.82 12.58 1.05
C LYS A 30 7.36 11.77 -0.12
N LYS A 31 6.61 10.75 -0.54
CA LYS A 31 7.04 9.90 -1.63
C LYS A 31 7.31 10.66 -2.90
N ASP A 32 8.23 10.12 -3.66
CA ASP A 32 8.59 10.68 -4.95
C ASP A 32 7.62 10.15 -5.99
N GLN A 33 7.71 10.66 -7.22
CA GLN A 33 6.82 10.21 -8.27
C GLN A 33 6.78 8.68 -8.34
N ASN A 34 7.96 8.08 -8.52
CA ASN A 34 8.07 6.63 -8.59
C ASN A 34 7.77 5.99 -7.23
N GLU A 35 8.06 6.71 -6.15
CA GLU A 35 7.83 6.21 -4.80
C GLU A 35 6.37 6.33 -4.40
N CYS A 36 5.60 7.15 -5.12
CA CYS A 36 4.19 7.30 -4.79
C CYS A 36 3.53 5.94 -4.95
N LYS A 37 3.17 5.34 -3.82
CA LYS A 37 2.58 4.02 -3.81
C LYS A 37 1.14 4.01 -4.35
N SER A 38 0.66 2.81 -4.68
CA SER A 38 -0.67 2.63 -5.24
C SER A 38 -1.75 3.35 -4.43
N PRO A 39 -1.86 3.08 -3.10
CA PRO A 39 -2.86 3.73 -2.25
C PRO A 39 -2.88 5.25 -2.47
N CYS A 40 -1.70 5.79 -2.75
CA CYS A 40 -1.54 7.23 -2.98
C CYS A 40 -2.21 7.64 -4.30
N LYS A 41 -1.88 8.84 -4.78
CA LYS A 41 -2.43 9.37 -6.03
C LYS A 41 -1.52 10.45 -6.60
N TRP A 42 -1.15 10.29 -7.88
CA TRP A 42 -0.26 11.25 -8.54
C TRP A 42 -1.00 12.55 -8.88
N HIS A 43 -0.27 13.66 -8.80
CA HIS A 43 -0.82 14.97 -9.11
C HIS A 43 0.14 15.75 -9.99
N ASN A 44 -0.13 15.76 -11.30
CA ASN A 44 0.70 16.46 -12.26
C ASN A 44 0.28 17.93 -12.34
N ASP A 45 1.20 18.77 -12.81
CA ASP A 45 0.95 20.21 -12.95
C ASP A 45 0.83 20.87 -11.58
N ALA A 46 1.47 20.27 -10.57
CA ALA A 46 1.46 20.82 -9.22
C ALA A 46 2.45 21.97 -9.10
N GLU A 47 2.71 22.43 -7.88
CA GLU A 47 3.66 23.50 -7.67
C GLU A 47 5.04 23.03 -8.06
N ASN A 48 5.23 21.72 -7.93
CA ASN A 48 6.49 21.06 -8.25
C ASN A 48 6.31 19.56 -8.14
N LYS A 49 5.22 19.07 -8.73
CA LYS A 49 4.88 17.65 -8.70
C LYS A 49 4.54 17.23 -7.28
N LYS A 50 3.32 16.73 -7.08
CA LYS A 50 2.87 16.32 -5.76
C LYS A 50 2.12 14.99 -5.80
N CYS A 51 2.03 14.34 -4.64
CA CYS A 51 1.34 13.06 -4.52
C CYS A 51 0.74 12.92 -3.13
N THR A 52 -0.52 12.47 -3.06
CA THR A 52 -1.21 12.33 -1.77
C THR A 52 -2.00 11.03 -1.68
N LEU A 53 -2.12 10.52 -0.46
CA LEU A 53 -2.85 9.29 -0.18
C LEU A 53 -4.35 9.47 -0.45
N ASP A 54 -4.97 8.41 -0.97
CA ASP A 54 -6.39 8.44 -1.27
C ASP A 54 -7.18 7.60 -0.26
N LYS A 55 -8.27 8.16 0.24
CA LYS A 55 -9.11 7.46 1.22
C LYS A 55 -9.73 6.20 0.63
N GLU A 56 -10.25 6.32 -0.60
CA GLU A 56 -10.88 5.19 -1.27
C GLU A 56 -9.89 4.04 -1.52
N GLU A 57 -8.71 4.39 -2.02
CA GLU A 57 -7.69 3.38 -2.31
C GLU A 57 -7.17 2.73 -1.03
N ALA A 58 -6.87 3.56 -0.03
CA ALA A 58 -6.35 3.07 1.24
C ALA A 58 -7.35 2.17 1.97
N LYS A 59 -8.61 2.57 2.02
CA LYS A 59 -9.63 1.79 2.70
C LYS A 59 -9.80 0.41 2.07
N LYS A 60 -9.78 0.36 0.74
CA LYS A 60 -9.93 -0.90 0.02
C LYS A 60 -8.73 -1.82 0.24
N VAL A 61 -7.52 -1.28 0.13
CA VAL A 61 -6.30 -2.06 0.30
C VAL A 61 -6.16 -2.52 1.75
N ALA A 62 -6.35 -1.60 2.69
CA ALA A 62 -6.24 -1.91 4.11
C ALA A 62 -7.21 -3.00 4.53
N ASP A 63 -8.42 -2.97 3.96
CA ASP A 63 -9.45 -3.95 4.27
C ASP A 63 -9.17 -5.28 3.57
N GLU A 64 -7.89 -5.60 3.42
CA GLU A 64 -7.47 -6.84 2.76
C GLU A 64 -6.12 -7.30 3.28
N THR A 65 -5.15 -6.39 3.27
CA THR A 65 -3.81 -6.69 3.73
C THR A 65 -3.71 -6.60 5.25
N ALA A 66 -4.70 -7.14 5.94
CA ALA A 66 -4.74 -7.11 7.40
C ALA A 66 -5.91 -7.91 7.95
N LYS A 67 -7.08 -7.76 7.32
CA LYS A 67 -8.28 -8.47 7.74
C LYS A 67 -8.67 -8.06 9.16
N ASP A 68 -8.74 -6.76 9.40
CA ASP A 68 -9.08 -6.24 10.72
C ASP A 68 -9.43 -4.76 10.65
N GLY A 69 -10.46 -4.36 11.40
CA GLY A 69 -10.88 -2.98 11.41
C GLY A 69 -12.04 -2.74 12.36
N LYS A 70 -11.93 -3.25 13.58
CA LYS A 70 -12.96 -3.10 14.58
C LYS A 70 -14.27 -3.73 14.11
N THR A 71 -14.15 -4.92 13.53
CA THR A 71 -15.33 -5.63 13.02
C THR A 71 -16.26 -6.05 14.16
N GLY A 72 -17.56 -5.96 13.91
CA GLY A 72 -18.53 -6.32 14.92
C GLY A 72 -19.95 -6.32 14.39
N ASN A 73 -20.89 -5.88 15.22
CA ASN A 73 -22.29 -5.82 14.82
C ASN A 73 -22.51 -4.78 13.73
N THR A 74 -23.20 -5.20 12.66
CA THR A 74 -23.49 -4.30 11.55
C THR A 74 -24.41 -3.16 11.98
N ASN A 75 -25.39 -3.49 12.82
CA ASN A 75 -26.34 -2.50 13.32
C ASN A 75 -27.27 -3.13 14.35
N THR A 76 -27.69 -4.37 14.08
CA THR A 76 -28.57 -5.09 14.99
C THR A 76 -28.43 -6.60 14.80
N THR A 77 -28.25 -7.31 15.90
CA THR A 77 -28.10 -8.76 15.86
C THR A 77 -26.94 -9.14 14.95
N GLY A 78 -25.81 -8.45 15.13
CA GLY A 78 -24.63 -8.74 14.32
C GLY A 78 -24.00 -10.06 14.66
N SER A 79 -23.62 -10.82 13.64
CA SER A 79 -23.00 -12.11 13.85
C SER A 79 -21.69 -11.98 14.63
N SER A 80 -21.70 -12.43 15.87
CA SER A 80 -20.53 -12.36 16.73
C SER A 80 -19.39 -13.21 16.16
N GLY A 1 25.49 -16.47 -2.25
CA GLY A 1 25.14 -15.07 -1.85
C GLY A 1 24.82 -14.20 -3.05
N SER A 2 25.63 -14.32 -4.10
CA SER A 2 25.43 -13.53 -5.31
C SER A 2 24.05 -13.81 -5.93
N HIS A 3 23.69 -15.09 -5.99
CA HIS A 3 22.41 -15.50 -6.54
C HIS A 3 21.25 -14.96 -5.70
N MET A 4 20.24 -14.44 -6.37
CA MET A 4 19.06 -13.89 -5.69
C MET A 4 18.36 -14.97 -4.86
N LEU A 5 17.88 -14.59 -3.68
CA LEU A 5 17.19 -15.52 -2.80
C LEU A 5 16.39 -14.78 -1.74
N GLU A 6 15.19 -15.26 -1.46
CA GLU A 6 14.31 -14.65 -0.46
C GLU A 6 13.89 -13.24 -0.88
N VAL A 7 12.61 -12.94 -0.74
CA VAL A 7 12.08 -11.63 -1.10
C VAL A 7 12.78 -10.52 -0.32
N LEU A 8 13.14 -9.44 -1.00
CA LEU A 8 13.82 -8.32 -0.36
C LEU A 8 12.94 -7.70 0.73
N THR A 9 11.65 -7.55 0.42
CA THR A 9 10.68 -6.97 1.35
C THR A 9 10.86 -5.45 1.48
N GLN A 10 12.11 -5.00 1.55
CA GLN A 10 12.40 -3.58 1.69
C GLN A 10 13.90 -3.33 1.56
N LYS A 11 14.50 -3.87 0.50
CA LYS A 11 15.93 -3.70 0.27
C LYS A 11 16.20 -3.55 -1.22
N HIS A 12 16.96 -2.50 -1.57
CA HIS A 12 17.33 -2.20 -2.94
C HIS A 12 16.13 -1.64 -3.72
N LYS A 13 15.02 -2.37 -3.73
CA LYS A 13 13.83 -1.92 -4.43
C LYS A 13 13.05 -0.91 -3.60
N PRO A 14 12.67 0.24 -4.20
CA PRO A 14 11.92 1.28 -3.52
C PRO A 14 10.42 1.01 -3.50
N ALA A 15 10.05 -0.25 -3.32
CA ALA A 15 8.65 -0.65 -3.28
C ALA A 15 8.50 -2.14 -2.99
N GLU A 16 7.56 -2.47 -2.12
CA GLU A 16 7.32 -3.87 -1.76
C GLU A 16 6.89 -4.67 -2.97
N SER A 17 7.52 -5.83 -3.15
CA SER A 17 7.22 -6.70 -4.28
C SER A 17 5.75 -7.12 -4.27
N GLN A 18 5.26 -7.47 -3.10
CA GLN A 18 3.87 -7.90 -2.94
C GLN A 18 2.93 -6.69 -3.07
N GLN A 19 1.81 -6.75 -2.36
CA GLN A 19 0.83 -5.66 -2.39
C GLN A 19 1.31 -4.44 -1.61
N GLN A 20 1.06 -3.26 -2.17
CA GLN A 20 1.47 -2.02 -1.53
C GLN A 20 0.74 -1.82 -0.21
N ALA A 21 1.44 -1.31 0.79
CA ALA A 21 0.85 -1.08 2.10
C ALA A 21 0.02 0.21 2.12
N ALA A 22 -1.14 0.13 2.74
CA ALA A 22 -2.04 1.28 2.83
C ALA A 22 -1.45 2.34 3.76
N GLU A 23 -0.48 3.10 3.23
CA GLU A 23 0.18 4.14 3.99
C GLU A 23 -0.81 5.25 4.38
N THR A 24 -0.29 6.47 4.57
CA THR A 24 -1.13 7.60 4.97
C THR A 24 -0.68 8.90 4.31
N GLU A 25 -1.52 9.92 4.44
CA GLU A 25 -1.23 11.23 3.85
C GLU A 25 0.19 11.66 4.14
N GLY A 26 0.59 11.51 5.39
CA GLY A 26 1.92 11.90 5.80
C GLY A 26 3.01 11.17 5.04
N SER A 27 2.80 9.89 4.78
CA SER A 27 3.79 9.09 4.07
C SER A 27 3.84 9.45 2.58
N CYS A 28 2.66 9.52 1.97
CA CYS A 28 2.55 9.82 0.54
C CYS A 28 3.19 11.17 0.19
N ASN A 29 2.90 12.19 0.98
CA ASN A 29 3.45 13.52 0.73
C ASN A 29 4.98 13.46 0.61
N LYS A 30 5.57 12.54 1.35
CA LYS A 30 7.02 12.38 1.34
C LYS A 30 7.50 11.67 0.09
N LYS A 31 6.72 10.70 -0.38
CA LYS A 31 7.09 9.93 -1.56
C LYS A 31 7.38 10.80 -2.77
N ASP A 32 7.72 10.13 -3.85
CA ASP A 32 8.03 10.76 -5.13
C ASP A 32 7.28 10.06 -6.24
N GLN A 33 7.47 10.50 -7.48
CA GLN A 33 6.79 9.87 -8.62
C GLN A 33 6.98 8.36 -8.59
N ASN A 34 8.23 7.93 -8.51
CA ASN A 34 8.55 6.51 -8.46
C ASN A 34 8.08 5.89 -7.15
N GLU A 35 8.09 6.69 -6.08
CA GLU A 35 7.68 6.19 -4.77
C GLU A 35 6.19 6.43 -4.51
N CYS A 36 5.49 6.98 -5.49
CA CYS A 36 4.05 7.23 -5.32
C CYS A 36 3.33 5.89 -5.19
N LYS A 37 3.02 5.53 -3.95
CA LYS A 37 2.37 4.27 -3.65
C LYS A 37 0.92 4.22 -4.11
N SER A 38 0.41 3.01 -4.28
CA SER A 38 -0.96 2.79 -4.75
C SER A 38 -2.00 3.54 -3.91
N PRO A 39 -1.97 3.38 -2.57
CA PRO A 39 -2.93 4.07 -1.69
C PRO A 39 -2.90 5.57 -1.91
N CYS A 40 -1.72 6.08 -2.27
CA CYS A 40 -1.53 7.49 -2.53
C CYS A 40 -2.34 7.96 -3.74
N LYS A 41 -1.90 9.06 -4.33
CA LYS A 41 -2.56 9.63 -5.51
C LYS A 41 -1.63 10.63 -6.18
N TRP A 42 -1.28 10.33 -7.43
CA TRP A 42 -0.39 11.20 -8.18
C TRP A 42 -1.14 12.43 -8.71
N HIS A 43 -0.47 13.58 -8.65
CA HIS A 43 -1.05 14.83 -9.11
C HIS A 43 -0.15 15.50 -10.13
N ASN A 44 -0.48 15.32 -11.41
CA ASN A 44 0.30 15.92 -12.49
C ASN A 44 -0.24 17.32 -12.81
N ASP A 45 0.29 18.31 -12.10
CA ASP A 45 -0.13 19.70 -12.28
C ASP A 45 0.54 20.57 -11.23
N ALA A 46 0.71 20.01 -10.03
CA ALA A 46 1.34 20.71 -8.92
C ALA A 46 2.65 21.35 -9.33
N GLU A 47 3.04 22.41 -8.62
CA GLU A 47 4.29 23.11 -8.91
C GLU A 47 5.44 22.14 -9.15
N ASN A 48 5.41 21.02 -8.43
CA ASN A 48 6.45 20.01 -8.56
C ASN A 48 5.84 18.61 -8.39
N LYS A 49 4.59 18.47 -8.81
CA LYS A 49 3.87 17.20 -8.71
C LYS A 49 3.67 16.81 -7.25
N LYS A 50 2.50 16.26 -6.93
CA LYS A 50 2.20 15.87 -5.56
C LYS A 50 1.56 14.47 -5.49
N CYS A 51 2.10 13.65 -4.59
CA CYS A 51 1.58 12.30 -4.38
C CYS A 51 0.84 12.22 -3.04
N THR A 52 -0.39 12.73 -3.02
CA THR A 52 -1.18 12.75 -1.80
C THR A 52 -1.94 11.45 -1.59
N LEU A 53 -2.04 11.02 -0.33
CA LEU A 53 -2.75 9.80 0.03
C LEU A 53 -4.23 9.94 -0.29
N ASP A 54 -4.82 8.87 -0.76
CA ASP A 54 -6.24 8.85 -1.11
C ASP A 54 -7.02 7.91 -0.18
N LYS A 55 -8.06 8.44 0.45
CA LYS A 55 -8.88 7.66 1.36
C LYS A 55 -9.50 6.45 0.65
N GLU A 56 -9.98 6.68 -0.57
CA GLU A 56 -10.61 5.62 -1.35
C GLU A 56 -9.63 4.51 -1.67
N GLU A 57 -8.43 4.89 -2.12
CA GLU A 57 -7.41 3.90 -2.48
C GLU A 57 -6.91 3.15 -1.25
N ALA A 58 -6.65 3.88 -0.18
CA ALA A 58 -6.14 3.27 1.06
C ALA A 58 -7.11 2.24 1.63
N LYS A 59 -8.38 2.61 1.71
CA LYS A 59 -9.40 1.70 2.25
C LYS A 59 -9.51 0.44 1.41
N LYS A 60 -9.44 0.60 0.09
CA LYS A 60 -9.53 -0.53 -0.83
C LYS A 60 -8.35 -1.47 -0.68
N VAL A 61 -7.15 -0.90 -0.66
CA VAL A 61 -5.92 -1.70 -0.52
C VAL A 61 -5.89 -2.43 0.82
N ALA A 62 -6.21 -1.72 1.88
CA ALA A 62 -6.22 -2.29 3.22
C ALA A 62 -7.23 -3.44 3.32
N ASP A 63 -8.38 -3.25 2.69
CA ASP A 63 -9.43 -4.26 2.70
C ASP A 63 -9.06 -5.44 1.82
N GLU A 64 -9.40 -5.33 0.56
CA GLU A 64 -9.13 -6.37 -0.42
C GLU A 64 -9.69 -7.71 0.03
N THR A 65 -10.90 -7.68 0.57
CA THR A 65 -11.57 -8.88 1.05
C THR A 65 -13.02 -8.59 1.42
N ALA A 66 -13.62 -7.64 0.71
CA ALA A 66 -15.00 -7.25 0.96
C ALA A 66 -15.49 -6.24 -0.07
N LYS A 67 -14.70 -5.19 -0.28
CA LYS A 67 -15.01 -4.13 -1.24
C LYS A 67 -16.14 -3.24 -0.73
N ASP A 68 -17.13 -3.82 -0.06
CA ASP A 68 -18.26 -3.07 0.46
C ASP A 68 -17.79 -2.02 1.47
N GLY A 69 -18.40 -0.84 1.40
CA GLY A 69 -18.05 0.24 2.31
C GLY A 69 -18.40 -0.06 3.75
N LYS A 70 -19.25 0.78 4.34
CA LYS A 70 -19.68 0.62 5.72
C LYS A 70 -20.14 -0.80 5.99
N THR A 71 -19.80 -1.33 7.17
CA THR A 71 -20.17 -2.69 7.56
C THR A 71 -21.63 -2.76 8.00
N GLY A 72 -22.53 -2.19 7.19
CA GLY A 72 -23.94 -2.21 7.52
C GLY A 72 -24.48 -3.62 7.71
N ASN A 73 -24.08 -4.52 6.81
CA ASN A 73 -24.51 -5.91 6.88
C ASN A 73 -24.01 -6.57 8.17
N THR A 74 -24.90 -7.28 8.86
CA THR A 74 -24.55 -7.95 10.10
C THR A 74 -23.40 -8.94 9.88
N ASN A 75 -23.54 -9.75 8.83
CA ASN A 75 -22.54 -10.75 8.48
C ASN A 75 -22.59 -11.95 9.43
N THR A 76 -22.51 -11.67 10.73
CA THR A 76 -22.56 -12.72 11.74
C THR A 76 -23.95 -13.32 11.81
N THR A 77 -24.09 -14.57 11.37
CA THR A 77 -25.36 -15.26 11.38
C THR A 77 -26.45 -14.41 10.70
N GLY A 78 -26.08 -13.75 9.61
CA GLY A 78 -27.02 -12.91 8.89
C GLY A 78 -26.44 -12.36 7.60
N SER A 79 -25.71 -13.20 6.88
CA SER A 79 -25.10 -12.80 5.62
C SER A 79 -26.16 -12.43 4.59
N SER A 80 -25.95 -11.30 3.92
CA SER A 80 -26.90 -10.83 2.91
C SER A 80 -27.01 -11.82 1.76
N GLY A 1 22.09 -3.56 5.04
CA GLY A 1 22.07 -3.61 3.55
C GLY A 1 22.66 -4.89 3.01
N SER A 2 21.97 -5.50 2.05
CA SER A 2 22.44 -6.75 1.44
C SER A 2 21.56 -7.11 0.24
N HIS A 3 21.24 -8.40 0.10
CA HIS A 3 20.40 -8.87 -1.00
C HIS A 3 18.99 -8.30 -0.89
N MET A 4 18.37 -8.06 -2.05
CA MET A 4 17.02 -7.51 -2.09
C MET A 4 16.08 -8.31 -1.19
N LEU A 5 15.30 -7.59 -0.38
CA LEU A 5 14.35 -8.22 0.53
C LEU A 5 13.28 -8.99 -0.21
N GLU A 6 12.82 -8.43 -1.33
CA GLU A 6 11.80 -9.06 -2.14
C GLU A 6 12.23 -10.45 -2.60
N VAL A 7 11.40 -11.45 -2.32
CA VAL A 7 11.69 -12.83 -2.71
C VAL A 7 11.38 -13.07 -4.18
N LEU A 8 12.28 -13.76 -4.88
CA LEU A 8 12.09 -14.06 -6.29
C LEU A 8 11.11 -15.22 -6.47
N THR A 9 10.12 -15.02 -7.34
CA THR A 9 9.12 -16.05 -7.61
C THR A 9 8.14 -15.58 -8.69
N GLN A 10 7.83 -16.48 -9.63
CA GLN A 10 6.91 -16.15 -10.72
C GLN A 10 5.45 -16.27 -10.29
N LYS A 11 5.11 -15.69 -9.13
CA LYS A 11 3.73 -15.73 -8.64
C LYS A 11 2.81 -14.92 -9.55
N HIS A 12 2.39 -15.54 -10.65
CA HIS A 12 1.51 -14.88 -11.61
C HIS A 12 2.14 -13.58 -12.11
N LYS A 13 3.44 -13.43 -11.86
CA LYS A 13 4.18 -12.23 -12.27
C LYS A 13 5.67 -12.57 -12.41
N PRO A 14 6.27 -12.30 -13.57
CA PRO A 14 7.69 -12.58 -13.82
C PRO A 14 8.60 -11.63 -13.04
N ALA A 15 9.44 -12.22 -12.17
CA ALA A 15 10.38 -11.45 -11.36
C ALA A 15 9.67 -10.48 -10.43
N GLU A 16 10.25 -10.29 -9.25
CA GLU A 16 9.71 -9.37 -8.25
C GLU A 16 8.33 -9.83 -7.77
N SER A 17 8.11 -9.72 -6.48
CA SER A 17 6.85 -10.11 -5.87
C SER A 17 6.75 -9.61 -4.43
N GLN A 18 5.59 -9.08 -4.07
CA GLN A 18 5.35 -8.56 -2.73
C GLN A 18 3.88 -8.19 -2.54
N GLN A 19 3.62 -7.16 -1.74
CA GLN A 19 2.25 -6.72 -1.48
C GLN A 19 2.21 -5.24 -1.08
N GLN A 20 1.32 -4.49 -1.71
CA GLN A 20 1.17 -3.07 -1.42
C GLN A 20 0.56 -2.86 -0.04
N ALA A 21 0.98 -1.80 0.65
CA ALA A 21 0.47 -1.51 1.97
C ALA A 21 -0.12 -0.11 2.05
N ALA A 22 -1.30 0.01 2.64
CA ALA A 22 -1.97 1.29 2.77
C ALA A 22 -1.11 2.28 3.55
N GLU A 23 -0.42 3.13 2.82
CA GLU A 23 0.45 4.14 3.44
C GLU A 23 -0.37 5.17 4.20
N THR A 24 0.13 6.40 4.25
CA THR A 24 -0.56 7.48 4.96
C THR A 24 -0.27 8.81 4.27
N GLU A 25 -1.20 9.75 4.40
CA GLU A 25 -1.05 11.06 3.79
C GLU A 25 0.33 11.64 4.05
N GLY A 26 0.81 11.43 5.28
CA GLY A 26 2.11 11.93 5.66
C GLY A 26 3.25 11.29 4.88
N SER A 27 3.16 9.98 4.67
CA SER A 27 4.21 9.28 3.93
C SER A 27 4.17 9.60 2.43
N CYS A 28 2.97 9.57 1.86
CA CYS A 28 2.79 9.86 0.44
C CYS A 28 3.40 11.20 0.05
N ASN A 29 3.08 12.24 0.81
CA ASN A 29 3.60 13.58 0.54
C ASN A 29 5.12 13.57 0.43
N LYS A 30 5.75 12.75 1.26
CA LYS A 30 7.20 12.64 1.27
C LYS A 30 7.72 11.80 0.11
N LYS A 31 6.94 10.80 -0.30
CA LYS A 31 7.33 9.93 -1.38
C LYS A 31 7.52 10.67 -2.68
N ASP A 32 8.42 10.14 -3.48
CA ASP A 32 8.72 10.70 -4.80
C ASP A 32 7.79 10.11 -5.84
N GLN A 33 7.94 10.53 -7.09
CA GLN A 33 7.09 10.03 -8.17
C GLN A 33 7.02 8.50 -8.14
N ASN A 34 8.17 7.85 -8.20
CA ASN A 34 8.24 6.41 -8.16
C ASN A 34 7.80 5.87 -6.81
N GLU A 35 8.06 6.63 -5.76
CA GLU A 35 7.68 6.23 -4.41
C GLU A 35 6.20 6.42 -4.15
N CYS A 36 5.54 7.22 -4.98
CA CYS A 36 4.11 7.46 -4.82
C CYS A 36 3.39 6.12 -4.88
N LYS A 37 3.08 5.58 -3.70
CA LYS A 37 2.42 4.28 -3.60
C LYS A 37 0.98 4.30 -4.09
N SER A 38 0.46 3.10 -4.37
CA SER A 38 -0.91 2.95 -4.87
C SER A 38 -1.92 3.66 -3.96
N PRO A 39 -1.92 3.38 -2.64
CA PRO A 39 -2.84 4.01 -1.71
C PRO A 39 -2.85 5.52 -1.90
N CYS A 40 -1.68 6.06 -2.23
CA CYS A 40 -1.52 7.48 -2.46
C CYS A 40 -2.25 7.92 -3.72
N LYS A 41 -1.85 9.07 -4.25
CA LYS A 41 -2.42 9.61 -5.47
C LYS A 41 -1.46 10.59 -6.12
N TRP A 42 -1.06 10.28 -7.35
CA TRP A 42 -0.13 11.12 -8.08
C TRP A 42 -0.86 12.30 -8.71
N HIS A 43 -0.36 13.51 -8.47
CA HIS A 43 -0.97 14.71 -9.03
C HIS A 43 -0.04 15.36 -10.05
N ASN A 44 -0.47 15.34 -11.31
CA ASN A 44 0.31 15.93 -12.39
C ASN A 44 0.15 17.45 -12.42
N ASP A 45 1.17 18.14 -12.91
CA ASP A 45 1.17 19.59 -13.00
C ASP A 45 0.70 20.23 -11.69
N ALA A 46 1.05 19.59 -10.58
CA ALA A 46 0.67 20.08 -9.26
C ALA A 46 1.64 21.17 -8.80
N GLU A 47 1.96 22.08 -9.72
CA GLU A 47 2.89 23.18 -9.45
C GLU A 47 4.33 22.64 -9.46
N ASN A 48 4.47 21.37 -9.11
CA ASN A 48 5.77 20.71 -9.07
C ASN A 48 5.58 19.24 -8.71
N LYS A 49 4.44 18.70 -9.13
CA LYS A 49 4.10 17.30 -8.85
C LYS A 49 3.92 17.07 -7.36
N LYS A 50 2.81 16.44 -6.98
CA LYS A 50 2.53 16.17 -5.58
C LYS A 50 1.79 14.85 -5.39
N CYS A 51 2.31 14.02 -4.47
CA CYS A 51 1.69 12.74 -4.15
C CYS A 51 0.98 12.83 -2.80
N THR A 52 -0.26 12.37 -2.75
CA THR A 52 -1.04 12.43 -1.50
C THR A 52 -1.89 11.18 -1.30
N LEU A 53 -1.95 10.72 -0.05
CA LEU A 53 -2.72 9.54 0.29
C LEU A 53 -4.21 9.80 0.12
N ASP A 54 -4.91 8.78 -0.35
CA ASP A 54 -6.35 8.88 -0.57
C ASP A 54 -7.10 7.88 0.30
N LYS A 55 -8.16 8.34 0.94
CA LYS A 55 -8.96 7.48 1.82
C LYS A 55 -9.62 6.35 1.03
N GLU A 56 -10.17 6.68 -0.13
CA GLU A 56 -10.83 5.71 -0.98
C GLU A 56 -9.87 4.61 -1.42
N GLU A 57 -8.67 5.01 -1.85
CA GLU A 57 -7.68 4.04 -2.30
C GLU A 57 -7.18 3.17 -1.15
N ALA A 58 -6.89 3.79 -0.02
CA ALA A 58 -6.39 3.07 1.15
C ALA A 58 -7.38 2.02 1.64
N LYS A 59 -8.64 2.40 1.78
CA LYS A 59 -9.67 1.48 2.25
C LYS A 59 -9.83 0.29 1.30
N LYS A 60 -9.75 0.55 0.00
CA LYS A 60 -9.88 -0.50 -1.00
C LYS A 60 -8.71 -1.47 -0.96
N VAL A 61 -7.49 -0.94 -0.86
CA VAL A 61 -6.29 -1.76 -0.83
C VAL A 61 -6.27 -2.65 0.41
N ALA A 62 -6.62 -2.08 1.55
CA ALA A 62 -6.65 -2.81 2.80
C ALA A 62 -7.78 -3.82 2.84
N ASP A 63 -8.95 -3.39 2.37
CA ASP A 63 -10.13 -4.25 2.37
C ASP A 63 -10.22 -5.08 1.08
N GLU A 64 -9.07 -5.53 0.58
CA GLU A 64 -9.05 -6.33 -0.64
C GLU A 64 -9.49 -7.77 -0.36
N THR A 65 -10.02 -7.98 0.85
CA THR A 65 -10.50 -9.30 1.24
C THR A 65 -9.49 -10.41 0.91
N ALA A 66 -8.25 -10.22 1.35
CA ALA A 66 -7.19 -11.19 1.09
C ALA A 66 -6.03 -11.01 2.06
N LYS A 67 -5.69 -9.76 2.35
CA LYS A 67 -4.59 -9.46 3.26
C LYS A 67 -5.02 -9.64 4.72
N ASP A 68 -5.75 -10.73 4.99
CA ASP A 68 -6.23 -11.02 6.34
C ASP A 68 -5.05 -11.10 7.32
N GLY A 69 -5.22 -10.52 8.50
CA GLY A 69 -4.17 -10.54 9.50
C GLY A 69 -4.63 -9.98 10.83
N LYS A 70 -4.16 -10.59 11.91
CA LYS A 70 -4.52 -10.16 13.26
C LYS A 70 -3.59 -10.77 14.30
N THR A 71 -2.30 -10.83 13.98
CA THR A 71 -1.31 -11.39 14.88
C THR A 71 -1.22 -10.59 16.18
N GLY A 72 -1.31 -9.26 16.06
CA GLY A 72 -1.23 -8.40 17.23
C GLY A 72 -1.53 -6.95 16.89
N ASN A 73 -2.37 -6.32 17.71
CA ASN A 73 -2.73 -4.93 17.50
C ASN A 73 -1.52 -4.02 17.61
N THR A 74 -1.34 -3.14 16.61
CA THR A 74 -0.21 -2.22 16.60
C THR A 74 -0.31 -1.20 17.73
N ASN A 75 -1.47 -0.54 17.82
CA ASN A 75 -1.70 0.46 18.86
C ASN A 75 -3.11 1.02 18.77
N THR A 76 -3.53 1.36 17.55
CA THR A 76 -4.86 1.90 17.31
C THR A 76 -5.94 0.87 17.63
N THR A 77 -7.18 1.20 17.28
CA THR A 77 -8.30 0.29 17.52
C THR A 77 -8.38 -0.77 16.42
N GLY A 78 -7.26 -1.39 16.12
CA GLY A 78 -7.21 -2.42 15.10
C GLY A 78 -7.60 -1.88 13.72
N SER A 79 -7.01 -0.74 13.36
CA SER A 79 -7.30 -0.13 12.06
C SER A 79 -6.58 -0.85 10.93
N SER A 80 -6.96 -2.12 10.70
CA SER A 80 -6.36 -2.92 9.64
C SER A 80 -4.84 -3.03 9.83
N GLY A 1 18.95 -9.03 -20.16
CA GLY A 1 18.16 -8.49 -19.01
C GLY A 1 18.18 -9.44 -17.82
N SER A 2 17.01 -9.63 -17.20
CA SER A 2 16.89 -10.51 -16.05
C SER A 2 15.43 -10.69 -15.67
N HIS A 3 15.11 -10.57 -14.38
CA HIS A 3 13.74 -10.73 -13.91
C HIS A 3 12.84 -9.66 -14.53
N MET A 4 11.71 -10.10 -15.07
CA MET A 4 10.76 -9.18 -15.70
C MET A 4 10.20 -8.19 -14.68
N LEU A 5 10.26 -6.90 -15.03
CA LEU A 5 9.77 -5.83 -14.17
C LEU A 5 10.70 -5.59 -12.99
N GLU A 6 11.36 -6.65 -12.52
CA GLU A 6 12.29 -6.56 -11.40
C GLU A 6 11.57 -6.05 -10.14
N VAL A 7 10.39 -6.61 -9.88
CA VAL A 7 9.61 -6.22 -8.71
C VAL A 7 10.32 -6.57 -7.42
N LEU A 8 10.36 -5.62 -6.49
CA LEU A 8 11.01 -5.82 -5.20
C LEU A 8 12.50 -6.08 -5.35
N THR A 9 13.30 -5.46 -4.49
CA THR A 9 14.75 -5.61 -4.51
C THR A 9 15.32 -5.51 -3.10
N GLN A 10 16.05 -6.55 -2.69
CA GLN A 10 16.66 -6.59 -1.37
C GLN A 10 17.85 -5.64 -1.27
N LYS A 11 17.96 -4.96 -0.14
CA LYS A 11 19.05 -4.02 0.08
C LYS A 11 19.46 -3.99 1.55
N HIS A 12 20.70 -4.38 1.82
CA HIS A 12 21.26 -4.41 3.18
C HIS A 12 20.23 -4.83 4.21
N LYS A 13 19.33 -5.73 3.83
CA LYS A 13 18.29 -6.22 4.74
C LYS A 13 17.35 -7.17 3.99
N PRO A 14 17.21 -8.42 4.47
CA PRO A 14 16.34 -9.43 3.85
C PRO A 14 14.86 -9.17 4.07
N ALA A 15 14.05 -9.42 3.04
CA ALA A 15 12.61 -9.23 3.13
C ALA A 15 12.25 -7.77 3.35
N GLU A 16 12.65 -6.92 2.42
CA GLU A 16 12.37 -5.48 2.51
C GLU A 16 10.87 -5.24 2.72
N SER A 17 10.07 -5.99 1.98
CA SER A 17 8.61 -5.88 2.08
C SER A 17 7.94 -6.93 1.21
N GLN A 18 7.02 -7.69 1.80
CA GLN A 18 6.30 -8.73 1.09
C GLN A 18 5.27 -8.13 0.14
N GLN A 19 4.48 -7.19 0.63
CA GLN A 19 3.46 -6.55 -0.18
C GLN A 19 3.13 -5.15 0.35
N GLN A 20 2.88 -4.22 -0.58
CA GLN A 20 2.54 -2.85 -0.22
C GLN A 20 1.36 -2.78 0.73
N ALA A 21 1.41 -1.81 1.64
CA ALA A 21 0.35 -1.62 2.61
C ALA A 21 -0.17 -0.19 2.57
N ALA A 22 -1.48 -0.03 2.71
CA ALA A 22 -2.10 1.30 2.68
C ALA A 22 -1.38 2.27 3.61
N GLU A 23 -0.54 3.11 3.02
CA GLU A 23 0.23 4.10 3.77
C GLU A 23 -0.69 5.19 4.32
N THR A 24 -0.16 6.41 4.40
CA THR A 24 -0.92 7.54 4.91
C THR A 24 -0.56 8.80 4.16
N GLU A 25 -1.49 9.75 4.12
CA GLU A 25 -1.28 11.01 3.42
C GLU A 25 0.09 11.58 3.75
N GLY A 26 0.48 11.47 5.02
CA GLY A 26 1.75 11.98 5.46
C GLY A 26 2.93 11.29 4.79
N SER A 27 2.86 9.97 4.65
CA SER A 27 3.95 9.22 4.04
C SER A 27 4.06 9.54 2.55
N CYS A 28 2.93 9.47 1.85
CA CYS A 28 2.90 9.72 0.41
C CYS A 28 3.51 11.07 0.06
N ASN A 29 3.18 12.10 0.83
CA ASN A 29 3.71 13.44 0.59
C ASN A 29 5.24 13.44 0.52
N LYS A 30 5.84 12.52 1.27
CA LYS A 30 7.29 12.41 1.29
C LYS A 30 7.80 11.62 0.10
N LYS A 31 7.04 10.62 -0.31
CA LYS A 31 7.39 9.77 -1.43
C LYS A 31 7.41 10.55 -2.74
N ASP A 32 8.53 10.47 -3.46
CA ASP A 32 8.67 11.16 -4.73
C ASP A 32 7.83 10.45 -5.79
N GLN A 33 7.95 10.90 -7.04
CA GLN A 33 7.20 10.29 -8.15
C GLN A 33 7.33 8.77 -8.14
N ASN A 34 8.57 8.29 -8.15
CA ASN A 34 8.83 6.87 -8.13
C ASN A 34 8.40 6.23 -6.82
N GLU A 35 8.50 6.99 -5.73
CA GLU A 35 8.14 6.51 -4.41
C GLU A 35 6.63 6.56 -4.20
N CYS A 36 5.92 7.30 -5.05
CA CYS A 36 4.47 7.41 -4.93
C CYS A 36 3.86 6.02 -5.01
N LYS A 37 3.52 5.47 -3.84
CA LYS A 37 2.96 4.13 -3.75
C LYS A 37 1.54 4.07 -4.29
N SER A 38 1.05 2.85 -4.55
CA SER A 38 -0.28 2.65 -5.09
C SER A 38 -1.35 3.38 -4.27
N PRO A 39 -1.44 3.13 -2.94
CA PRO A 39 -2.41 3.80 -2.09
C PRO A 39 -2.37 5.32 -2.28
N CYS A 40 -1.19 5.80 -2.66
CA CYS A 40 -1.01 7.23 -2.89
C CYS A 40 -1.56 7.63 -4.25
N LYS A 41 -2.06 8.85 -4.33
CA LYS A 41 -2.61 9.38 -5.57
C LYS A 41 -1.64 10.36 -6.21
N TRP A 42 -1.20 10.06 -7.41
CA TRP A 42 -0.25 10.91 -8.12
C TRP A 42 -0.97 12.11 -8.75
N HIS A 43 -0.59 13.31 -8.33
CA HIS A 43 -1.20 14.53 -8.86
C HIS A 43 -0.37 15.10 -10.00
N ASN A 44 -0.77 14.80 -11.24
CA ASN A 44 -0.07 15.30 -12.40
C ASN A 44 -0.43 16.77 -12.62
N ASP A 45 0.29 17.65 -11.93
CA ASP A 45 0.09 19.09 -12.00
C ASP A 45 0.82 19.75 -10.83
N ALA A 46 0.05 20.34 -9.90
CA ALA A 46 0.62 20.98 -8.73
C ALA A 46 1.73 21.95 -9.12
N GLU A 47 2.54 22.36 -8.14
CA GLU A 47 3.65 23.28 -8.40
C GLU A 47 4.76 22.53 -9.13
N ASN A 48 4.83 21.23 -8.87
CA ASN A 48 5.82 20.36 -9.49
C ASN A 48 5.46 18.90 -9.20
N LYS A 49 4.18 18.58 -9.40
CA LYS A 49 3.66 17.25 -9.16
C LYS A 49 3.66 16.93 -7.68
N LYS A 50 2.56 16.39 -7.16
CA LYS A 50 2.47 16.08 -5.74
C LYS A 50 1.80 14.74 -5.49
N CYS A 51 2.43 13.91 -4.65
CA CYS A 51 1.89 12.61 -4.30
C CYS A 51 1.16 12.68 -2.95
N THR A 52 -0.10 12.26 -2.92
CA THR A 52 -0.89 12.32 -1.68
C THR A 52 -1.82 11.12 -1.54
N LEU A 53 -1.78 10.50 -0.37
CA LEU A 53 -2.61 9.33 -0.07
C LEU A 53 -4.10 9.66 -0.21
N ASP A 54 -4.84 8.70 -0.74
CA ASP A 54 -6.27 8.86 -0.91
C ASP A 54 -7.03 7.95 0.05
N LYS A 55 -7.98 8.52 0.78
CA LYS A 55 -8.76 7.75 1.75
C LYS A 55 -9.61 6.67 1.08
N GLU A 56 -10.20 7.01 -0.07
CA GLU A 56 -11.06 6.07 -0.79
C GLU A 56 -10.30 4.82 -1.24
N GLU A 57 -9.19 5.03 -1.94
CA GLU A 57 -8.38 3.92 -2.43
C GLU A 57 -7.69 3.18 -1.29
N ALA A 58 -7.20 3.94 -0.31
CA ALA A 58 -6.51 3.33 0.84
C ALA A 58 -7.39 2.32 1.56
N LYS A 59 -8.64 2.71 1.82
CA LYS A 59 -9.57 1.81 2.52
C LYS A 59 -9.90 0.60 1.64
N LYS A 60 -10.00 0.81 0.34
CA LYS A 60 -10.31 -0.28 -0.58
C LYS A 60 -9.16 -1.28 -0.63
N VAL A 61 -7.94 -0.76 -0.75
CA VAL A 61 -6.75 -1.60 -0.80
C VAL A 61 -6.56 -2.37 0.49
N ALA A 62 -6.72 -1.68 1.61
CA ALA A 62 -6.58 -2.31 2.93
C ALA A 62 -7.61 -3.42 3.11
N ASP A 63 -8.82 -3.16 2.63
CA ASP A 63 -9.91 -4.13 2.73
C ASP A 63 -9.79 -5.18 1.63
N GLU A 64 -8.56 -5.56 1.30
CA GLU A 64 -8.30 -6.55 0.27
C GLU A 64 -6.97 -7.26 0.53
N THR A 65 -5.97 -6.50 0.94
CA THR A 65 -4.64 -7.05 1.23
C THR A 65 -4.61 -7.77 2.57
N ALA A 66 -5.57 -8.67 2.78
CA ALA A 66 -5.65 -9.43 4.02
C ALA A 66 -6.57 -10.64 3.86
N LYS A 67 -7.73 -10.42 3.26
CA LYS A 67 -8.70 -11.50 3.04
C LYS A 67 -8.20 -12.44 1.96
N ASP A 68 -7.66 -11.86 0.89
CA ASP A 68 -7.14 -12.65 -0.23
C ASP A 68 -6.07 -13.63 0.24
N GLY A 69 -6.07 -14.82 -0.35
CA GLY A 69 -5.10 -15.84 0.02
C GLY A 69 -5.03 -16.96 -0.99
N LYS A 70 -5.00 -18.20 -0.49
CA LYS A 70 -4.93 -19.38 -1.36
C LYS A 70 -5.07 -20.66 -0.55
N THR A 71 -5.82 -21.61 -1.09
CA THR A 71 -6.05 -22.89 -0.43
C THR A 71 -4.73 -23.65 -0.26
N GLY A 72 -4.58 -24.32 0.88
CA GLY A 72 -3.36 -25.07 1.15
C GLY A 72 -3.51 -25.99 2.33
N ASN A 73 -4.14 -25.51 3.39
CA ASN A 73 -4.35 -26.31 4.60
C ASN A 73 -5.19 -27.54 4.29
N THR A 74 -4.87 -28.65 4.94
CA THR A 74 -5.60 -29.92 4.75
C THR A 74 -5.62 -30.33 3.28
N ASN A 75 -4.46 -30.26 2.64
CA ASN A 75 -4.33 -30.66 1.24
C ASN A 75 -2.93 -31.21 0.97
N THR A 76 -2.38 -30.89 -0.19
CA THR A 76 -1.05 -31.37 -0.56
C THR A 76 0.02 -30.83 0.39
N THR A 77 0.91 -31.72 0.83
CA THR A 77 1.99 -31.36 1.74
C THR A 77 1.47 -30.56 2.94
N GLY A 78 0.44 -31.08 3.59
CA GLY A 78 -0.13 -30.41 4.75
C GLY A 78 -1.11 -31.27 5.51
N SER A 79 -2.03 -31.91 4.78
CA SER A 79 -3.02 -32.77 5.39
C SER A 79 -2.35 -33.97 6.08
N SER A 80 -2.76 -34.23 7.32
CA SER A 80 -2.21 -35.34 8.08
C SER A 80 -3.08 -35.67 9.28
N GLY A 1 4.47 -13.33 -15.51
CA GLY A 1 4.87 -14.05 -14.28
C GLY A 1 6.36 -14.31 -14.22
N SER A 2 6.73 -15.54 -13.87
CA SER A 2 8.14 -15.93 -13.77
C SER A 2 8.89 -15.04 -12.78
N HIS A 3 10.14 -14.72 -13.08
CA HIS A 3 10.96 -13.88 -12.21
C HIS A 3 10.40 -12.47 -12.14
N MET A 4 10.33 -11.93 -10.92
CA MET A 4 9.82 -10.57 -10.72
C MET A 4 10.78 -9.52 -11.28
N LEU A 5 10.90 -8.40 -10.59
CA LEU A 5 11.79 -7.32 -11.04
C LEU A 5 11.97 -6.26 -9.95
N GLU A 6 12.00 -6.71 -8.70
CA GLU A 6 12.17 -5.83 -7.55
C GLU A 6 12.22 -6.62 -6.25
N VAL A 7 13.19 -6.29 -5.40
CA VAL A 7 13.34 -6.97 -4.12
C VAL A 7 12.14 -6.69 -3.21
N LEU A 8 11.55 -7.74 -2.66
CA LEU A 8 10.41 -7.61 -1.77
C LEU A 8 10.84 -7.44 -0.31
N THR A 9 11.91 -6.69 -0.10
CA THR A 9 12.42 -6.43 1.25
C THR A 9 13.11 -5.07 1.33
N GLN A 10 12.80 -4.32 2.39
CA GLN A 10 13.39 -3.01 2.58
C GLN A 10 14.90 -3.10 2.78
N LYS A 11 15.65 -2.40 1.93
CA LYS A 11 17.10 -2.40 2.01
C LYS A 11 17.67 -1.13 1.37
N HIS A 12 18.27 -0.28 2.21
CA HIS A 12 18.85 0.99 1.77
C HIS A 12 17.77 1.97 1.33
N LYS A 13 17.06 1.63 0.26
CA LYS A 13 15.99 2.50 -0.26
C LYS A 13 14.73 2.35 0.56
N PRO A 14 14.08 3.47 0.94
CA PRO A 14 12.85 3.46 1.73
C PRO A 14 11.63 3.14 0.87
N ALA A 15 11.78 2.21 -0.05
CA ALA A 15 10.70 1.80 -0.93
C ALA A 15 9.62 1.05 -0.15
N GLU A 16 8.97 0.10 -0.83
CA GLU A 16 7.92 -0.69 -0.20
C GLU A 16 8.50 -1.61 0.88
N SER A 17 8.08 -2.87 0.89
CA SER A 17 8.57 -3.84 1.87
C SER A 17 8.04 -5.24 1.55
N GLN A 18 7.59 -5.97 2.57
CA GLN A 18 7.06 -7.32 2.37
C GLN A 18 5.77 -7.28 1.56
N GLN A 19 4.92 -6.32 1.88
CA GLN A 19 3.64 -6.16 1.19
C GLN A 19 3.14 -4.73 1.29
N GLN A 20 2.59 -4.22 0.19
CA GLN A 20 2.06 -2.86 0.14
C GLN A 20 1.02 -2.63 1.24
N ALA A 21 1.24 -1.59 2.05
CA ALA A 21 0.33 -1.27 3.14
C ALA A 21 -0.16 0.16 3.07
N ALA A 22 -1.45 0.35 3.32
CA ALA A 22 -2.05 1.69 3.29
C ALA A 22 -1.29 2.65 4.18
N GLU A 23 -0.43 3.45 3.56
CA GLU A 23 0.35 4.44 4.26
C GLU A 23 -0.52 5.56 4.81
N THR A 24 0.01 6.77 4.82
CA THR A 24 -0.71 7.93 5.31
C THR A 24 -0.37 9.16 4.50
N GLU A 25 -1.28 10.12 4.49
CA GLU A 25 -1.08 11.35 3.72
C GLU A 25 0.33 11.89 3.94
N GLY A 26 0.77 11.84 5.18
CA GLY A 26 2.09 12.34 5.51
C GLY A 26 3.21 11.56 4.83
N SER A 27 3.04 10.24 4.76
CA SER A 27 4.06 9.39 4.13
C SER A 27 4.12 9.62 2.62
N CYS A 28 2.96 9.59 1.97
CA CYS A 28 2.89 9.78 0.52
C CYS A 28 3.55 11.08 0.07
N ASN A 29 3.26 12.17 0.79
CA ASN A 29 3.82 13.47 0.44
C ASN A 29 5.34 13.41 0.33
N LYS A 30 5.94 12.50 1.09
CA LYS A 30 7.39 12.35 1.10
C LYS A 30 7.85 11.52 -0.10
N LYS A 31 7.05 10.51 -0.44
CA LYS A 31 7.35 9.63 -1.54
C LYS A 31 7.26 10.36 -2.88
N ASP A 32 8.30 10.22 -3.71
CA ASP A 32 8.32 10.87 -5.02
C ASP A 32 7.36 10.16 -5.97
N GLN A 33 7.50 10.46 -7.25
CA GLN A 33 6.65 9.85 -8.27
C GLN A 33 6.79 8.34 -8.26
N ASN A 34 8.04 7.87 -8.29
CA ASN A 34 8.33 6.45 -8.28
C ASN A 34 7.99 5.84 -6.91
N GLU A 35 8.00 6.67 -5.88
CA GLU A 35 7.71 6.22 -4.53
C GLU A 35 6.22 6.34 -4.22
N CYS A 36 5.49 7.01 -5.09
CA CYS A 36 4.05 7.17 -4.89
C CYS A 36 3.39 5.81 -4.81
N LYS A 37 3.10 5.38 -3.58
CA LYS A 37 2.50 4.07 -3.34
C LYS A 37 1.05 4.01 -3.79
N SER A 38 0.54 2.79 -3.93
CA SER A 38 -0.84 2.56 -4.39
C SER A 38 -1.86 3.35 -3.58
N PRO A 39 -1.94 3.19 -2.25
CA PRO A 39 -2.90 3.92 -1.43
C PRO A 39 -2.85 5.41 -1.72
N CYS A 40 -1.67 5.90 -2.06
CA CYS A 40 -1.48 7.30 -2.36
C CYS A 40 -2.23 7.70 -3.63
N LYS A 41 -1.78 8.79 -4.25
CA LYS A 41 -2.38 9.27 -5.49
C LYS A 41 -1.48 10.32 -6.13
N TRP A 42 -1.04 10.03 -7.35
CA TRP A 42 -0.16 10.92 -8.07
C TRP A 42 -0.93 12.12 -8.63
N HIS A 43 -0.48 13.32 -8.29
CA HIS A 43 -1.11 14.54 -8.76
C HIS A 43 -0.26 15.23 -9.82
N ASN A 44 -0.80 15.32 -11.03
CA ASN A 44 -0.11 15.96 -12.14
C ASN A 44 -0.32 17.47 -12.13
N ASP A 45 0.71 18.21 -12.51
CA ASP A 45 0.64 19.66 -12.55
C ASP A 45 0.30 20.20 -11.17
N ALA A 46 0.83 19.55 -10.13
CA ALA A 46 0.59 19.95 -8.75
C ALA A 46 1.53 21.07 -8.35
N GLU A 47 1.68 22.04 -9.25
CA GLU A 47 2.58 23.18 -9.04
C GLU A 47 4.01 22.73 -9.26
N ASN A 48 4.23 21.43 -9.08
CA ASN A 48 5.53 20.81 -9.25
C ASN A 48 5.42 19.31 -9.01
N LYS A 49 4.23 18.77 -9.28
CA LYS A 49 3.95 17.34 -9.10
C LYS A 49 4.06 16.96 -7.62
N LYS A 50 3.08 16.21 -7.11
CA LYS A 50 3.10 15.81 -5.71
C LYS A 50 2.23 14.58 -5.45
N CYS A 51 2.75 13.67 -4.64
CA CYS A 51 2.03 12.44 -4.28
C CYS A 51 1.38 12.60 -2.91
N THR A 52 0.13 12.16 -2.78
CA THR A 52 -0.58 12.25 -1.51
C THR A 52 -1.51 11.06 -1.29
N LEU A 53 -1.63 10.64 -0.04
CA LEU A 53 -2.47 9.51 0.32
C LEU A 53 -3.94 9.82 0.08
N ASP A 54 -4.68 8.80 -0.34
CA ASP A 54 -6.10 8.95 -0.62
C ASP A 54 -6.92 7.93 0.18
N LYS A 55 -7.99 8.40 0.80
CA LYS A 55 -8.84 7.54 1.62
C LYS A 55 -9.56 6.49 0.77
N GLU A 56 -10.06 6.92 -0.39
CA GLU A 56 -10.78 6.02 -1.29
C GLU A 56 -9.89 4.86 -1.73
N GLU A 57 -8.71 5.18 -2.26
CA GLU A 57 -7.78 4.16 -2.74
C GLU A 57 -7.23 3.31 -1.58
N ALA A 58 -6.87 3.96 -0.49
CA ALA A 58 -6.32 3.27 0.67
C ALA A 58 -7.28 2.21 1.21
N LYS A 59 -8.55 2.59 1.39
CA LYS A 59 -9.54 1.66 1.91
C LYS A 59 -9.73 0.47 0.97
N LYS A 60 -9.73 0.74 -0.34
CA LYS A 60 -9.90 -0.32 -1.33
C LYS A 60 -8.74 -1.32 -1.28
N VAL A 61 -7.52 -0.79 -1.22
CA VAL A 61 -6.33 -1.64 -1.18
C VAL A 61 -6.29 -2.48 0.10
N ALA A 62 -6.54 -1.84 1.23
CA ALA A 62 -6.53 -2.53 2.51
C ALA A 62 -7.64 -3.57 2.59
N ASP A 63 -8.76 -3.28 1.92
CA ASP A 63 -9.91 -4.18 1.92
C ASP A 63 -9.69 -5.37 0.98
N GLU A 64 -8.45 -5.83 0.88
CA GLU A 64 -8.13 -6.95 0.02
C GLU A 64 -6.69 -7.43 0.25
N THR A 65 -6.22 -7.31 1.48
CA THR A 65 -4.88 -7.74 1.84
C THR A 65 -4.69 -7.76 3.36
N ALA A 66 -5.75 -8.17 4.06
CA ALA A 66 -5.73 -8.26 5.51
C ALA A 66 -7.05 -8.77 6.05
N LYS A 67 -8.15 -8.25 5.50
CA LYS A 67 -9.49 -8.65 5.91
C LYS A 67 -9.69 -8.40 7.41
N ASP A 68 -9.23 -7.26 7.88
CA ASP A 68 -9.35 -6.90 9.29
C ASP A 68 -10.82 -6.70 9.67
N GLY A 69 -11.23 -7.31 10.78
CA GLY A 69 -12.60 -7.18 11.23
C GLY A 69 -12.93 -5.78 11.72
N LYS A 70 -14.12 -5.30 11.36
CA LYS A 70 -14.55 -3.97 11.76
C LYS A 70 -16.04 -3.76 11.45
N THR A 71 -16.48 -4.26 10.31
CA THR A 71 -17.88 -4.12 9.90
C THR A 71 -18.82 -4.68 10.97
N GLY A 72 -19.83 -3.89 11.32
CA GLY A 72 -20.79 -4.31 12.33
C GLY A 72 -21.77 -3.22 12.69
N ASN A 73 -22.01 -3.05 13.99
CA ASN A 73 -22.92 -2.03 14.48
C ASN A 73 -22.44 -0.63 14.10
N THR A 74 -23.37 0.23 13.70
CA THR A 74 -23.04 1.59 13.31
C THR A 74 -22.37 2.35 14.46
N ASN A 75 -21.33 3.10 14.13
CA ASN A 75 -20.59 3.88 15.13
C ASN A 75 -19.50 4.70 14.45
N THR A 76 -18.84 4.09 13.47
CA THR A 76 -17.77 4.76 12.73
C THR A 76 -17.73 4.29 11.28
N THR A 77 -17.52 5.24 10.37
CA THR A 77 -17.46 4.96 8.93
C THR A 77 -18.86 4.71 8.35
N GLY A 78 -19.65 3.88 9.04
CA GLY A 78 -20.98 3.57 8.56
C GLY A 78 -20.98 2.65 7.36
N SER A 79 -21.79 2.97 6.37
CA SER A 79 -21.88 2.16 5.16
C SER A 79 -20.53 2.13 4.44
N SER A 80 -19.90 0.96 4.43
CA SER A 80 -18.61 0.79 3.77
C SER A 80 -18.71 1.10 2.28
N GLY A 1 19.89 5.44 19.59
CA GLY A 1 21.07 4.87 18.87
C GLY A 1 20.67 4.08 17.64
N SER A 2 21.37 4.31 16.53
CA SER A 2 21.09 3.62 15.29
C SER A 2 21.29 2.12 15.44
N HIS A 3 20.38 1.34 14.85
CA HIS A 3 20.46 -0.12 14.94
C HIS A 3 21.78 -0.61 14.37
N MET A 4 22.43 -1.51 15.11
CA MET A 4 23.72 -2.07 14.69
C MET A 4 23.57 -2.83 13.38
N LEU A 5 22.53 -3.67 13.30
CA LEU A 5 22.26 -4.45 12.10
C LEU A 5 21.93 -3.55 10.93
N GLU A 6 22.55 -3.81 9.78
CA GLU A 6 22.32 -3.01 8.59
C GLU A 6 20.87 -3.15 8.14
N VAL A 7 20.21 -2.01 7.92
CA VAL A 7 18.81 -2.00 7.50
C VAL A 7 18.67 -2.57 6.09
N LEU A 8 17.67 -3.45 5.92
CA LEU A 8 17.41 -4.09 4.64
C LEU A 8 18.59 -4.96 4.22
N THR A 9 18.30 -6.20 3.81
CA THR A 9 19.33 -7.14 3.40
C THR A 9 18.79 -8.15 2.39
N GLN A 10 19.48 -8.28 1.26
CA GLN A 10 19.07 -9.20 0.21
C GLN A 10 19.36 -10.65 0.59
N LYS A 11 18.51 -11.56 0.10
CA LYS A 11 18.67 -12.98 0.38
C LYS A 11 18.08 -13.81 -0.77
N HIS A 12 18.96 -14.46 -1.52
CA HIS A 12 18.55 -15.29 -2.66
C HIS A 12 17.65 -14.50 -3.60
N LYS A 13 17.94 -13.21 -3.73
CA LYS A 13 17.17 -12.32 -4.60
C LYS A 13 17.68 -10.88 -4.50
N PRO A 14 17.76 -10.17 -5.63
CA PRO A 14 18.24 -8.79 -5.65
C PRO A 14 17.19 -7.81 -5.13
N ALA A 15 17.57 -7.03 -4.11
CA ALA A 15 16.67 -6.04 -3.52
C ALA A 15 15.41 -6.69 -2.94
N GLU A 16 15.21 -6.51 -1.63
CA GLU A 16 14.05 -7.07 -0.97
C GLU A 16 12.82 -6.20 -1.20
N SER A 17 13.01 -4.90 -1.03
CA SER A 17 11.93 -3.92 -1.22
C SER A 17 10.83 -4.10 -0.17
N GLN A 18 10.42 -3.00 0.43
CA GLN A 18 9.39 -3.02 1.46
C GLN A 18 8.04 -3.41 0.86
N GLN A 19 7.33 -4.30 1.54
CA GLN A 19 6.01 -4.75 1.08
C GLN A 19 5.02 -3.59 1.05
N GLN A 20 4.20 -3.55 0.02
CA GLN A 20 3.20 -2.49 -0.12
C GLN A 20 2.22 -2.49 1.06
N ALA A 21 2.29 -1.46 1.88
CA ALA A 21 1.41 -1.34 3.03
C ALA A 21 0.70 0.01 3.02
N ALA A 22 -0.54 0.02 3.50
CA ALA A 22 -1.33 1.25 3.54
C ALA A 22 -0.56 2.36 4.24
N GLU A 23 0.01 3.26 3.44
CA GLU A 23 0.78 4.38 3.95
C GLU A 23 -0.11 5.38 4.67
N THR A 24 0.32 6.64 4.68
CA THR A 24 -0.43 7.71 5.33
C THR A 24 -0.22 9.02 4.60
N GLU A 25 -1.18 9.93 4.71
CA GLU A 25 -1.10 11.23 4.05
C GLU A 25 0.26 11.86 4.26
N GLY A 26 0.76 11.77 5.47
CA GLY A 26 2.05 12.36 5.79
C GLY A 26 3.20 11.72 5.04
N SER A 27 3.17 10.40 4.89
CA SER A 27 4.23 9.70 4.20
C SER A 27 4.18 9.95 2.69
N CYS A 28 2.99 9.80 2.11
CA CYS A 28 2.79 9.99 0.68
C CYS A 28 3.34 11.33 0.18
N ASN A 29 3.03 12.40 0.91
CA ASN A 29 3.50 13.73 0.53
C ASN A 29 5.01 13.75 0.33
N LYS A 30 5.70 12.86 1.03
CA LYS A 30 7.15 12.79 0.95
C LYS A 30 7.60 11.89 -0.21
N LYS A 31 6.82 10.86 -0.48
CA LYS A 31 7.15 9.92 -1.55
C LYS A 31 7.18 10.60 -2.92
N ASP A 32 8.28 10.38 -3.64
CA ASP A 32 8.45 10.94 -4.97
C ASP A 32 7.50 10.24 -5.95
N GLN A 33 7.53 10.65 -7.21
CA GLN A 33 6.67 10.04 -8.22
C GLN A 33 6.73 8.52 -8.15
N ASN A 34 7.94 7.97 -8.20
CA ASN A 34 8.13 6.53 -8.13
C ASN A 34 7.74 5.99 -6.76
N GLU A 35 8.00 6.79 -5.73
CA GLU A 35 7.69 6.40 -4.35
C GLU A 35 6.19 6.49 -4.08
N CYS A 36 5.48 7.19 -4.94
CA CYS A 36 4.04 7.35 -4.79
C CYS A 36 3.39 5.97 -4.73
N LYS A 37 3.14 5.50 -3.50
CA LYS A 37 2.56 4.18 -3.28
C LYS A 37 1.10 4.11 -3.70
N SER A 38 0.61 2.88 -3.86
CA SER A 38 -0.76 2.64 -4.28
C SER A 38 -1.76 3.37 -3.39
N PRO A 39 -1.71 3.17 -2.05
CA PRO A 39 -2.63 3.84 -1.13
C PRO A 39 -2.66 5.34 -1.38
N CYS A 40 -1.52 5.88 -1.77
CA CYS A 40 -1.40 7.31 -2.04
C CYS A 40 -2.23 7.69 -3.27
N LYS A 41 -1.86 8.81 -3.87
CA LYS A 41 -2.55 9.30 -5.06
C LYS A 41 -1.69 10.32 -5.78
N TRP A 42 -1.35 10.02 -7.03
CA TRP A 42 -0.52 10.89 -7.83
C TRP A 42 -1.28 12.15 -8.26
N HIS A 43 -0.54 13.26 -8.36
CA HIS A 43 -1.14 14.52 -8.78
C HIS A 43 -0.27 15.22 -9.83
N ASN A 44 -0.65 15.05 -11.10
CA ASN A 44 0.07 15.67 -12.20
C ASN A 44 -0.57 17.00 -12.57
N ASP A 45 -0.14 18.06 -11.90
CA ASP A 45 -0.67 19.41 -12.12
C ASP A 45 -0.09 20.38 -11.09
N ALA A 46 0.41 19.82 -9.99
CA ALA A 46 0.98 20.62 -8.92
C ALA A 46 2.20 21.40 -9.38
N GLU A 47 2.52 21.27 -10.66
CA GLU A 47 3.67 21.94 -11.28
C GLU A 47 4.98 21.28 -10.86
N ASN A 48 5.09 20.98 -9.58
CA ASN A 48 6.27 20.33 -9.04
C ASN A 48 5.98 18.87 -8.76
N LYS A 49 4.79 18.43 -9.17
CA LYS A 49 4.35 17.04 -8.97
C LYS A 49 4.15 16.77 -7.48
N LYS A 50 3.00 16.20 -7.13
CA LYS A 50 2.70 15.91 -5.73
C LYS A 50 1.98 14.57 -5.57
N CYS A 51 2.29 13.88 -4.47
CA CYS A 51 1.67 12.60 -4.15
C CYS A 51 1.07 12.66 -2.74
N THR A 52 -0.18 12.26 -2.61
CA THR A 52 -0.85 12.31 -1.31
C THR A 52 -1.74 11.10 -1.07
N LEU A 53 -1.79 10.66 0.19
CA LEU A 53 -2.60 9.51 0.59
C LEU A 53 -4.08 9.80 0.45
N ASP A 54 -4.83 8.79 0.05
CA ASP A 54 -6.27 8.91 -0.12
C ASP A 54 -7.00 7.83 0.67
N LYS A 55 -8.03 8.22 1.42
CA LYS A 55 -8.79 7.28 2.22
C LYS A 55 -9.59 6.32 1.35
N GLU A 56 -10.23 6.85 0.30
CA GLU A 56 -11.03 6.04 -0.61
C GLU A 56 -10.17 5.02 -1.35
N GLU A 57 -8.99 5.45 -1.79
CA GLU A 57 -8.10 4.57 -2.52
C GLU A 57 -7.43 3.56 -1.58
N ALA A 58 -7.03 4.04 -0.42
CA ALA A 58 -6.39 3.18 0.57
C ALA A 58 -7.32 2.07 1.04
N LYS A 59 -8.59 2.42 1.27
CA LYS A 59 -9.57 1.45 1.72
C LYS A 59 -9.80 0.38 0.66
N LYS A 60 -9.92 0.79 -0.60
CA LYS A 60 -10.14 -0.14 -1.69
C LYS A 60 -8.93 -1.06 -1.88
N VAL A 61 -7.73 -0.48 -1.78
CA VAL A 61 -6.49 -1.24 -1.93
C VAL A 61 -6.35 -2.30 -0.83
N ALA A 62 -6.49 -1.86 0.41
CA ALA A 62 -6.38 -2.76 1.56
C ALA A 62 -7.44 -3.86 1.52
N ASP A 63 -8.66 -3.46 1.16
CA ASP A 63 -9.77 -4.40 1.08
C ASP A 63 -9.76 -5.13 -0.26
N GLU A 64 -8.57 -5.49 -0.72
CA GLU A 64 -8.40 -6.17 -1.98
C GLU A 64 -7.25 -7.18 -1.89
N THR A 65 -6.13 -6.72 -1.34
CA THR A 65 -4.95 -7.58 -1.19
C THR A 65 -5.03 -8.42 0.07
N ALA A 66 -6.24 -8.72 0.52
CA ALA A 66 -6.44 -9.52 1.73
C ALA A 66 -7.92 -9.71 2.03
N LYS A 67 -8.74 -9.80 0.98
CA LYS A 67 -10.17 -9.99 1.14
C LYS A 67 -10.47 -11.41 1.62
N ASP A 68 -9.79 -12.39 1.03
CA ASP A 68 -10.00 -13.79 1.37
C ASP A 68 -8.93 -14.67 0.71
N GLY A 69 -7.67 -14.31 0.91
CA GLY A 69 -6.58 -15.07 0.34
C GLY A 69 -6.60 -16.53 0.75
N LYS A 70 -6.38 -17.42 -0.20
CA LYS A 70 -6.39 -18.86 0.06
C LYS A 70 -5.29 -19.23 1.05
N THR A 71 -4.10 -18.67 0.87
CA THR A 71 -2.97 -18.97 1.74
C THR A 71 -1.82 -18.00 1.51
N GLY A 72 -1.13 -17.63 2.58
CA GLY A 72 -0.02 -16.72 2.48
C GLY A 72 0.74 -16.58 3.78
N ASN A 73 2.07 -16.59 3.70
CA ASN A 73 2.92 -16.47 4.88
C ASN A 73 2.60 -15.19 5.64
N THR A 74 2.59 -15.30 6.97
CA THR A 74 2.30 -14.14 7.82
C THR A 74 3.22 -12.97 7.52
N ASN A 75 2.64 -11.79 7.41
CA ASN A 75 3.40 -10.58 7.11
C ASN A 75 4.30 -10.19 8.27
N THR A 76 4.45 -8.89 8.52
CA THR A 76 5.28 -8.41 9.61
C THR A 76 4.69 -8.81 10.96
N THR A 77 5.49 -9.55 11.73
CA THR A 77 5.07 -10.02 13.05
C THR A 77 3.67 -10.61 13.01
N GLY A 78 3.34 -11.29 11.90
CA GLY A 78 2.02 -11.90 11.77
C GLY A 78 0.94 -10.87 11.53
N SER A 79 0.02 -11.18 10.63
CA SER A 79 -1.07 -10.26 10.32
C SER A 79 -1.84 -9.89 11.57
N SER A 80 -1.66 -8.64 12.01
CA SER A 80 -2.33 -8.14 13.21
C SER A 80 -2.12 -6.64 13.36
N GLY A 1 5.42 -4.98 29.66
CA GLY A 1 4.24 -5.02 30.58
C GLY A 1 3.16 -4.04 30.16
N SER A 2 2.85 -4.01 28.86
CA SER A 2 1.83 -3.12 28.34
C SER A 2 1.36 -3.59 26.96
N HIS A 3 1.19 -2.65 26.03
CA HIS A 3 0.74 -2.98 24.69
C HIS A 3 1.73 -3.91 24.00
N MET A 4 1.21 -4.99 23.41
CA MET A 4 2.05 -5.96 22.71
C MET A 4 2.70 -5.34 21.48
N LEU A 5 3.99 -5.60 21.30
CA LEU A 5 4.74 -5.07 20.17
C LEU A 5 4.29 -5.74 18.87
N GLU A 6 5.26 -6.11 18.03
CA GLU A 6 4.97 -6.76 16.75
C GLU A 6 6.05 -7.76 16.39
N VAL A 7 6.50 -8.52 17.39
CA VAL A 7 7.54 -9.52 17.19
C VAL A 7 7.02 -10.68 16.35
N LEU A 8 7.85 -11.16 15.42
CA LEU A 8 7.47 -12.27 14.56
C LEU A 8 7.11 -13.51 15.38
N THR A 9 6.04 -14.18 14.97
CA THR A 9 5.57 -15.39 15.66
C THR A 9 5.42 -15.15 17.15
N GLN A 10 4.90 -13.99 17.51
CA GLN A 10 4.69 -13.64 18.91
C GLN A 10 3.61 -14.51 19.53
N LYS A 11 2.54 -14.73 18.77
CA LYS A 11 1.43 -15.56 19.25
C LYS A 11 1.52 -16.95 18.63
N HIS A 12 0.47 -17.73 18.81
CA HIS A 12 0.43 -19.08 18.27
C HIS A 12 0.14 -19.07 16.77
N LYS A 13 0.56 -18.00 16.10
CA LYS A 13 0.34 -17.87 14.66
C LYS A 13 1.59 -17.32 13.97
N PRO A 14 2.14 -18.07 12.99
CA PRO A 14 3.32 -17.65 12.25
C PRO A 14 2.99 -16.70 11.10
N ALA A 15 2.01 -15.83 11.33
CA ALA A 15 1.58 -14.87 10.32
C ALA A 15 2.55 -13.69 10.24
N GLU A 16 2.01 -12.52 9.91
CA GLU A 16 2.81 -11.31 9.79
C GLU A 16 3.92 -11.50 8.75
N SER A 17 5.16 -11.16 9.13
CA SER A 17 6.29 -11.30 8.22
C SER A 17 6.05 -10.55 6.92
N GLN A 18 5.45 -9.38 7.02
CA GLN A 18 5.15 -8.56 5.85
C GLN A 18 5.16 -7.08 6.23
N GLN A 19 5.85 -6.27 5.42
CA GLN A 19 5.94 -4.83 5.67
C GLN A 19 4.58 -4.16 5.44
N GLN A 20 4.11 -3.45 6.45
CA GLN A 20 2.82 -2.75 6.36
C GLN A 20 2.94 -1.52 5.45
N ALA A 21 1.97 -1.38 4.55
CA ALA A 21 1.96 -0.25 3.62
C ALA A 21 1.82 1.07 4.39
N ALA A 22 2.63 2.05 4.02
CA ALA A 22 2.60 3.35 4.69
C ALA A 22 1.46 4.21 4.15
N GLU A 23 0.26 3.67 4.20
CA GLU A 23 -0.94 4.35 3.73
C GLU A 23 -1.33 5.50 4.65
N THR A 24 -0.56 6.56 4.58
CA THR A 24 -0.80 7.75 5.38
C THR A 24 -0.39 9.00 4.62
N GLU A 25 -1.15 10.07 4.80
CA GLU A 25 -0.88 11.33 4.12
C GLU A 25 0.55 11.77 4.37
N GLY A 26 1.00 11.55 5.60
CA GLY A 26 2.35 11.93 5.97
C GLY A 26 3.43 11.18 5.20
N SER A 27 3.18 9.90 4.92
CA SER A 27 4.15 9.09 4.20
C SER A 27 4.19 9.45 2.72
N CYS A 28 3.02 9.56 2.11
CA CYS A 28 2.91 9.89 0.69
C CYS A 28 3.61 11.19 0.32
N ASN A 29 3.39 12.23 1.12
CA ASN A 29 4.00 13.53 0.87
C ASN A 29 5.51 13.42 0.73
N LYS A 30 6.09 12.40 1.35
CA LYS A 30 7.53 12.19 1.31
C LYS A 30 7.94 11.41 0.07
N LYS A 31 7.09 10.47 -0.31
CA LYS A 31 7.34 9.62 -1.47
C LYS A 31 7.22 10.39 -2.79
N ASP A 32 8.22 10.23 -3.65
CA ASP A 32 8.23 10.89 -4.95
C ASP A 32 7.33 10.13 -5.93
N GLN A 33 7.45 10.45 -7.22
CA GLN A 33 6.65 9.79 -8.24
C GLN A 33 6.77 8.27 -8.16
N ASN A 34 8.01 7.78 -8.24
CA ASN A 34 8.29 6.37 -8.17
C ASN A 34 7.98 5.80 -6.80
N GLU A 35 8.02 6.66 -5.78
CA GLU A 35 7.75 6.24 -4.40
C GLU A 35 6.28 6.36 -4.06
N CYS A 36 5.52 7.05 -4.91
CA CYS A 36 4.09 7.23 -4.67
C CYS A 36 3.42 5.85 -4.60
N LYS A 37 3.17 5.40 -3.38
CA LYS A 37 2.58 4.09 -3.14
C LYS A 37 1.11 4.02 -3.56
N SER A 38 0.61 2.79 -3.69
CA SER A 38 -0.77 2.55 -4.11
C SER A 38 -1.76 3.33 -3.25
N PRO A 39 -1.67 3.24 -1.90
CA PRO A 39 -2.58 3.96 -1.01
C PRO A 39 -2.64 5.44 -1.35
N CYS A 40 -1.51 5.97 -1.78
CA CYS A 40 -1.40 7.37 -2.14
C CYS A 40 -2.18 7.69 -3.41
N LYS A 41 -1.81 8.79 -4.05
CA LYS A 41 -2.46 9.21 -5.28
C LYS A 41 -1.59 10.24 -5.99
N TRP A 42 -1.09 9.87 -7.16
CA TRP A 42 -0.24 10.76 -7.93
C TRP A 42 -1.03 11.90 -8.55
N HIS A 43 -0.51 13.12 -8.43
CA HIS A 43 -1.17 14.30 -8.98
C HIS A 43 -0.30 14.97 -10.03
N ASN A 44 -0.81 15.00 -11.26
CA ASN A 44 -0.10 15.62 -12.38
C ASN A 44 -0.37 17.12 -12.43
N ASP A 45 0.65 17.89 -12.80
CA ASP A 45 0.52 19.34 -12.88
C ASP A 45 0.16 19.94 -11.54
N ALA A 46 0.65 19.32 -10.46
CA ALA A 46 0.38 19.80 -9.11
C ALA A 46 1.39 20.89 -8.74
N GLU A 47 1.59 21.82 -9.67
CA GLU A 47 2.53 22.92 -9.50
C GLU A 47 3.96 22.43 -9.69
N ASN A 48 4.16 21.15 -9.38
CA ASN A 48 5.46 20.52 -9.52
C ASN A 48 5.36 19.04 -9.18
N LYS A 49 4.19 18.47 -9.48
CA LYS A 49 3.92 17.05 -9.22
C LYS A 49 3.91 16.78 -7.72
N LYS A 50 2.82 16.18 -7.23
CA LYS A 50 2.70 15.90 -5.80
C LYS A 50 1.94 14.60 -5.53
N CYS A 51 2.49 13.79 -4.62
CA CYS A 51 1.87 12.54 -4.22
C CYS A 51 1.15 12.72 -2.89
N THR A 52 -0.09 12.26 -2.80
CA THR A 52 -0.87 12.41 -1.57
C THR A 52 -1.73 11.18 -1.27
N LEU A 53 -1.82 10.83 0.01
CA LEU A 53 -2.60 9.69 0.45
C LEU A 53 -4.09 9.96 0.31
N ASP A 54 -4.82 8.92 -0.06
CA ASP A 54 -6.26 9.01 -0.23
C ASP A 54 -6.96 7.90 0.54
N LYS A 55 -7.91 8.27 1.39
CA LYS A 55 -8.63 7.29 2.19
C LYS A 55 -9.51 6.39 1.33
N GLU A 56 -10.27 6.99 0.42
CA GLU A 56 -11.15 6.22 -0.46
C GLU A 56 -10.35 5.16 -1.22
N GLU A 57 -9.21 5.56 -1.76
CA GLU A 57 -8.35 4.64 -2.50
C GLU A 57 -7.75 3.61 -1.55
N ALA A 58 -7.27 4.07 -0.41
CA ALA A 58 -6.68 3.18 0.59
C ALA A 58 -7.67 2.10 1.00
N LYS A 59 -8.94 2.47 1.08
CA LYS A 59 -9.99 1.54 1.45
C LYS A 59 -10.11 0.44 0.39
N LYS A 60 -10.07 0.85 -0.87
CA LYS A 60 -10.18 -0.08 -1.98
C LYS A 60 -8.93 -0.95 -2.09
N VAL A 61 -7.77 -0.37 -1.83
CA VAL A 61 -6.50 -1.09 -1.91
C VAL A 61 -6.44 -2.18 -0.85
N ALA A 62 -6.89 -1.85 0.37
CA ALA A 62 -6.88 -2.81 1.47
C ALA A 62 -7.92 -3.89 1.24
N ASP A 63 -9.12 -3.46 0.85
CA ASP A 63 -10.21 -4.40 0.59
C ASP A 63 -10.13 -4.94 -0.84
N GLU A 64 -8.91 -5.18 -1.31
CA GLU A 64 -8.69 -5.69 -2.65
C GLU A 64 -9.11 -7.16 -2.77
N THR A 65 -9.70 -7.69 -1.70
CA THR A 65 -10.15 -9.08 -1.67
C THR A 65 -9.05 -10.03 -2.15
N ALA A 66 -7.87 -9.88 -1.57
CA ALA A 66 -6.72 -10.72 -1.95
C ALA A 66 -5.63 -10.65 -0.88
N LYS A 67 -5.29 -9.45 -0.46
CA LYS A 67 -4.26 -9.24 0.55
C LYS A 67 -2.93 -9.87 0.12
N ASP A 68 -2.51 -9.58 -1.11
CA ASP A 68 -1.27 -10.11 -1.65
C ASP A 68 -0.91 -9.39 -2.95
N GLY A 69 -0.32 -10.11 -3.91
CA GLY A 69 0.05 -9.50 -5.17
C GLY A 69 0.56 -10.51 -6.18
N LYS A 70 1.48 -11.36 -5.74
CA LYS A 70 2.07 -12.39 -6.60
C LYS A 70 2.85 -11.77 -7.75
N THR A 71 4.01 -12.38 -8.05
CA THR A 71 4.86 -11.89 -9.13
C THR A 71 4.13 -11.94 -10.47
N GLY A 72 4.35 -10.92 -11.30
CA GLY A 72 3.70 -10.86 -12.59
C GLY A 72 4.29 -9.79 -13.49
N ASN A 73 3.42 -9.01 -14.11
CA ASN A 73 3.85 -7.94 -15.00
C ASN A 73 4.76 -6.95 -14.27
N THR A 74 5.88 -6.61 -14.92
CA THR A 74 6.84 -5.68 -14.33
C THR A 74 6.24 -4.28 -14.22
N ASN A 75 6.44 -3.65 -13.07
CA ASN A 75 5.93 -2.31 -12.83
C ASN A 75 6.76 -1.60 -11.75
N THR A 76 6.10 -0.85 -10.87
CA THR A 76 6.77 -0.13 -9.81
C THR A 76 7.48 -1.08 -8.85
N THR A 77 8.71 -0.75 -8.49
CA THR A 77 9.51 -1.56 -7.57
C THR A 77 9.51 -3.03 -8.01
N GLY A 78 9.62 -3.25 -9.31
CA GLY A 78 9.65 -4.60 -9.84
C GLY A 78 10.96 -5.30 -9.58
N SER A 79 12.06 -4.57 -9.77
CA SER A 79 13.40 -5.12 -9.56
C SER A 79 13.72 -5.26 -8.07
N SER A 80 13.00 -6.15 -7.39
CA SER A 80 13.21 -6.37 -5.97
C SER A 80 12.62 -7.71 -5.54
N GLY A 1 23.81 -5.92 4.59
CA GLY A 1 24.04 -7.24 5.25
C GLY A 1 24.10 -8.39 4.28
N SER A 2 24.82 -8.19 3.18
CA SER A 2 24.97 -9.22 2.17
C SER A 2 23.60 -9.66 1.62
N HIS A 3 23.44 -10.97 1.40
CA HIS A 3 22.18 -11.50 0.89
C HIS A 3 21.04 -11.26 1.87
N MET A 4 19.90 -10.80 1.34
CA MET A 4 18.73 -10.53 2.17
C MET A 4 18.27 -11.79 2.89
N LEU A 5 17.93 -11.64 4.17
CA LEU A 5 17.48 -12.77 4.98
C LEU A 5 16.21 -13.38 4.40
N GLU A 6 15.25 -12.51 4.10
CA GLU A 6 13.97 -12.95 3.55
C GLU A 6 13.08 -11.74 3.23
N VAL A 7 11.82 -11.78 3.65
CA VAL A 7 10.88 -10.70 3.40
C VAL A 7 11.29 -9.43 4.16
N LEU A 8 11.15 -8.29 3.52
CA LEU A 8 11.49 -7.01 4.15
C LEU A 8 10.59 -6.72 5.34
N THR A 9 11.18 -6.65 6.52
CA THR A 9 10.44 -6.37 7.74
C THR A 9 10.37 -4.88 8.01
N GLN A 10 11.52 -4.21 7.89
CA GLN A 10 11.59 -2.77 8.11
C GLN A 10 13.00 -2.26 7.80
N LYS A 11 13.44 -2.49 6.57
CA LYS A 11 14.77 -2.07 6.14
C LYS A 11 14.70 -1.43 4.75
N HIS A 12 15.48 -0.35 4.57
CA HIS A 12 15.53 0.38 3.30
C HIS A 12 14.28 1.24 3.12
N LYS A 13 13.12 0.71 3.54
CA LYS A 13 11.87 1.44 3.41
C LYS A 13 10.76 0.74 4.21
N PRO A 14 9.91 1.52 4.91
CA PRO A 14 8.82 0.96 5.71
C PRO A 14 7.73 0.35 4.85
N ALA A 15 7.51 -0.94 5.02
CA ALA A 15 6.49 -1.66 4.25
C ALA A 15 6.43 -3.13 4.66
N GLU A 16 5.24 -3.60 4.98
CA GLU A 16 5.06 -4.99 5.39
C GLU A 16 4.89 -5.89 4.16
N SER A 17 5.75 -6.91 4.07
CA SER A 17 5.69 -7.86 2.96
C SER A 17 5.95 -7.17 1.62
N GLN A 18 6.37 -7.94 0.63
CA GLN A 18 6.64 -7.41 -0.71
C GLN A 18 5.44 -6.65 -1.24
N GLN A 19 4.24 -7.18 -0.99
CA GLN A 19 3.01 -6.55 -1.43
C GLN A 19 2.86 -5.16 -0.83
N GLN A 20 2.43 -4.21 -1.66
CA GLN A 20 2.25 -2.83 -1.21
C GLN A 20 1.28 -2.74 -0.04
N ALA A 21 1.51 -1.75 0.82
CA ALA A 21 0.66 -1.55 1.99
C ALA A 21 0.12 -0.13 2.02
N ALA A 22 -1.15 -0.01 2.42
CA ALA A 22 -1.79 1.30 2.48
C ALA A 22 -1.00 2.26 3.39
N GLU A 23 -0.24 3.14 2.77
CA GLU A 23 0.56 4.11 3.49
C GLU A 23 -0.33 5.11 4.22
N THR A 24 0.16 6.33 4.40
CA THR A 24 -0.60 7.37 5.07
C THR A 24 -0.31 8.73 4.46
N GLU A 25 -1.23 9.68 4.66
CA GLU A 25 -1.09 11.02 4.10
C GLU A 25 0.32 11.56 4.33
N GLY A 26 0.83 11.36 5.54
CA GLY A 26 2.16 11.83 5.88
C GLY A 26 3.24 11.16 5.08
N SER A 27 3.11 9.86 4.86
CA SER A 27 4.10 9.11 4.11
C SER A 27 4.07 9.46 2.63
N CYS A 28 2.88 9.49 2.05
CA CYS A 28 2.71 9.80 0.63
C CYS A 28 3.33 11.13 0.26
N ASN A 29 3.04 12.16 1.05
CA ASN A 29 3.58 13.50 0.80
C ASN A 29 5.09 13.45 0.68
N LYS A 30 5.71 12.59 1.48
CA LYS A 30 7.15 12.44 1.47
C LYS A 30 7.62 11.65 0.26
N LYS A 31 6.78 10.74 -0.22
CA LYS A 31 7.14 9.92 -1.36
C LYS A 31 7.30 10.73 -2.63
N ASP A 32 8.17 10.22 -3.49
CA ASP A 32 8.45 10.84 -4.77
C ASP A 32 7.52 10.25 -5.82
N GLN A 33 7.65 10.71 -7.07
CA GLN A 33 6.80 10.20 -8.15
C GLN A 33 6.77 8.68 -8.14
N ASN A 34 7.94 8.05 -8.19
CA ASN A 34 8.06 6.62 -8.18
C ASN A 34 7.57 6.03 -6.84
N GLU A 35 7.81 6.77 -5.76
CA GLU A 35 7.42 6.32 -4.43
C GLU A 35 5.93 6.54 -4.18
N CYS A 36 5.29 7.35 -5.02
CA CYS A 36 3.86 7.60 -4.87
C CYS A 36 3.14 6.26 -4.92
N LYS A 37 2.83 5.73 -3.75
CA LYS A 37 2.18 4.43 -3.64
C LYS A 37 0.74 4.46 -4.14
N SER A 38 0.22 3.27 -4.46
CA SER A 38 -1.14 3.12 -4.96
C SER A 38 -2.15 3.85 -4.07
N PRO A 39 -2.14 3.60 -2.76
CA PRO A 39 -3.05 4.26 -1.83
C PRO A 39 -3.02 5.78 -2.01
N CYS A 40 -1.82 6.27 -2.31
CA CYS A 40 -1.61 7.70 -2.54
C CYS A 40 -2.09 8.09 -3.93
N LYS A 41 -2.69 9.27 -4.03
CA LYS A 41 -3.16 9.77 -5.30
C LYS A 41 -2.11 10.68 -5.92
N TRP A 42 -1.65 10.32 -7.10
CA TRP A 42 -0.62 11.09 -7.79
C TRP A 42 -1.16 12.40 -8.35
N HIS A 43 -0.65 13.52 -7.83
CA HIS A 43 -1.06 14.84 -8.30
C HIS A 43 -0.30 15.19 -9.57
N ASN A 44 -0.96 14.99 -10.71
CA ASN A 44 -0.37 15.27 -12.02
C ASN A 44 -0.48 16.75 -12.37
N ASP A 45 0.48 17.24 -13.12
CA ASP A 45 0.50 18.64 -13.54
C ASP A 45 0.60 19.57 -12.33
N ALA A 46 1.25 19.08 -11.28
CA ALA A 46 1.44 19.86 -10.06
C ALA A 46 2.52 20.91 -10.27
N GLU A 47 2.51 21.96 -9.44
CA GLU A 47 3.50 23.03 -9.54
C GLU A 47 4.91 22.43 -9.57
N ASN A 48 5.03 21.23 -9.01
CA ASN A 48 6.30 20.52 -8.97
C ASN A 48 6.09 19.06 -8.58
N LYS A 49 5.04 18.46 -9.15
CA LYS A 49 4.70 17.06 -8.88
C LYS A 49 4.34 16.88 -7.41
N LYS A 50 3.16 16.29 -7.15
CA LYS A 50 2.73 16.08 -5.78
C LYS A 50 2.09 14.71 -5.58
N CYS A 51 2.11 14.23 -4.34
CA CYS A 51 1.54 12.92 -4.00
C CYS A 51 0.95 12.98 -2.60
N THR A 52 -0.32 12.57 -2.46
CA THR A 52 -0.99 12.58 -1.16
C THR A 52 -1.91 11.39 -1.00
N LEU A 53 -1.86 10.77 0.18
CA LEU A 53 -2.68 9.60 0.49
C LEU A 53 -4.16 9.90 0.31
N ASP A 54 -4.88 8.89 -0.15
CA ASP A 54 -6.32 9.00 -0.39
C ASP A 54 -7.06 7.95 0.44
N LYS A 55 -8.12 8.37 1.12
CA LYS A 55 -8.89 7.46 1.96
C LYS A 55 -9.56 6.36 1.13
N GLU A 56 -10.24 6.76 0.06
CA GLU A 56 -10.92 5.80 -0.80
C GLU A 56 -9.95 4.75 -1.34
N GLU A 57 -8.84 5.22 -1.90
CA GLU A 57 -7.83 4.32 -2.44
C GLU A 57 -7.27 3.43 -1.34
N ALA A 58 -7.02 4.03 -0.18
CA ALA A 58 -6.49 3.31 0.96
C ALA A 58 -7.40 2.16 1.36
N LYS A 59 -8.71 2.41 1.29
CA LYS A 59 -9.71 1.40 1.63
C LYS A 59 -9.61 0.18 0.74
N LYS A 60 -9.51 0.42 -0.56
CA LYS A 60 -9.42 -0.67 -1.54
C LYS A 60 -8.13 -1.47 -1.36
N VAL A 61 -7.02 -0.78 -1.12
CA VAL A 61 -5.73 -1.44 -0.95
C VAL A 61 -5.70 -2.30 0.31
N ALA A 62 -6.12 -1.71 1.42
CA ALA A 62 -6.13 -2.42 2.70
C ALA A 62 -7.10 -3.58 2.68
N ASP A 63 -8.30 -3.35 2.14
CA ASP A 63 -9.32 -4.38 2.05
C ASP A 63 -9.10 -5.28 0.84
N GLU A 64 -7.84 -5.56 0.55
CA GLU A 64 -7.49 -6.41 -0.58
C GLU A 64 -7.81 -7.88 -0.29
N THR A 65 -8.54 -8.11 0.80
CA THR A 65 -8.93 -9.46 1.19
C THR A 65 -7.74 -10.42 1.16
N ALA A 66 -6.67 -10.04 1.86
CA ALA A 66 -5.46 -10.86 1.91
C ALA A 66 -4.60 -10.49 3.10
N LYS A 67 -4.45 -9.19 3.34
CA LYS A 67 -3.65 -8.70 4.45
C LYS A 67 -4.14 -9.27 5.77
N ASP A 68 -5.46 -9.23 5.97
CA ASP A 68 -6.06 -9.75 7.18
C ASP A 68 -5.99 -11.27 7.22
N GLY A 69 -5.51 -11.82 8.33
CA GLY A 69 -5.40 -13.26 8.46
C GLY A 69 -4.80 -13.68 9.78
N LYS A 70 -5.39 -14.69 10.42
CA LYS A 70 -4.89 -15.17 11.70
C LYS A 70 -5.65 -16.43 12.13
N THR A 71 -6.96 -16.40 11.97
CA THR A 71 -7.81 -17.54 12.34
C THR A 71 -7.41 -18.80 11.57
N GLY A 72 -7.39 -19.93 12.26
CA GLY A 72 -7.03 -21.18 11.64
C GLY A 72 -7.17 -22.35 12.58
N ASN A 73 -8.29 -22.39 13.31
CA ASN A 73 -8.56 -23.46 14.26
C ASN A 73 -8.62 -24.82 13.56
N THR A 74 -7.95 -25.81 14.15
CA THR A 74 -7.94 -27.16 13.60
C THR A 74 -9.29 -27.84 13.78
N ASN A 75 -9.75 -28.51 12.72
CA ASN A 75 -11.02 -29.21 12.74
C ASN A 75 -11.24 -29.98 11.44
N THR A 76 -12.48 -29.96 10.94
CA THR A 76 -12.81 -30.65 9.70
C THR A 76 -11.98 -30.11 8.54
N THR A 77 -11.35 -31.02 7.79
CA THR A 77 -10.52 -30.66 6.65
C THR A 77 -9.21 -30.01 7.08
N GLY A 78 -9.29 -28.89 7.78
CA GLY A 78 -8.10 -28.19 8.23
C GLY A 78 -8.41 -26.85 8.87
N SER A 79 -7.57 -25.86 8.58
CA SER A 79 -7.75 -24.52 9.11
C SER A 79 -8.98 -23.85 8.50
N SER A 80 -9.78 -23.22 9.35
CA SER A 80 -11.00 -22.53 8.89
C SER A 80 -10.65 -21.39 7.94
N GLY A 1 13.16 -8.11 -0.34
CA GLY A 1 13.12 -8.35 -1.80
C GLY A 1 13.66 -7.17 -2.61
N SER A 2 12.97 -6.84 -3.69
CA SER A 2 13.38 -5.74 -4.55
C SER A 2 13.20 -4.40 -3.84
N HIS A 3 12.05 -4.23 -3.18
CA HIS A 3 11.75 -3.00 -2.47
C HIS A 3 12.76 -2.76 -1.34
N MET A 4 13.23 -1.52 -1.22
CA MET A 4 14.19 -1.16 -0.20
C MET A 4 13.58 -1.28 1.21
N LEU A 5 14.33 -1.92 2.10
CA LEU A 5 13.87 -2.10 3.48
C LEU A 5 13.87 -0.79 4.25
N GLU A 6 12.95 -0.66 5.20
CA GLU A 6 12.84 0.55 6.01
C GLU A 6 11.84 0.37 7.14
N VAL A 7 10.68 -0.17 6.80
CA VAL A 7 9.62 -0.41 7.77
C VAL A 7 9.91 -1.63 8.64
N LEU A 8 9.69 -1.49 9.95
CA LEU A 8 9.92 -2.59 10.89
C LEU A 8 9.53 -2.16 12.30
N THR A 9 8.78 -3.02 12.99
CA THR A 9 8.34 -2.74 14.36
C THR A 9 8.16 -4.03 15.14
N GLN A 10 8.79 -4.10 16.32
CA GLN A 10 8.70 -5.28 17.17
C GLN A 10 7.42 -5.25 18.02
N LYS A 11 6.30 -4.95 17.38
CA LYS A 11 5.02 -4.89 18.08
C LYS A 11 3.86 -5.06 17.11
N HIS A 12 3.02 -6.07 17.39
CA HIS A 12 1.85 -6.39 16.55
C HIS A 12 2.26 -6.93 15.18
N LYS A 13 3.01 -6.15 14.42
CA LYS A 13 3.46 -6.57 13.09
C LYS A 13 4.51 -7.68 13.21
N PRO A 14 4.48 -8.66 12.30
CA PRO A 14 5.44 -9.76 12.30
C PRO A 14 6.84 -9.31 11.89
N ALA A 15 7.86 -9.97 12.44
CA ALA A 15 9.25 -9.65 12.14
C ALA A 15 9.65 -10.16 10.76
N GLU A 16 8.86 -9.81 9.75
CA GLU A 16 9.14 -10.24 8.38
C GLU A 16 8.28 -9.44 7.40
N SER A 17 8.21 -8.13 7.61
CA SER A 17 7.43 -7.26 6.74
C SER A 17 7.99 -7.24 5.33
N GLN A 18 7.10 -7.35 4.34
CA GLN A 18 7.50 -7.35 2.94
C GLN A 18 6.26 -7.31 2.04
N GLN A 19 5.38 -6.35 2.31
CA GLN A 19 4.16 -6.20 1.54
C GLN A 19 3.63 -4.77 1.62
N GLN A 20 3.08 -4.27 0.51
CA GLN A 20 2.55 -2.92 0.46
C GLN A 20 1.54 -2.68 1.58
N ALA A 21 1.75 -1.62 2.34
CA ALA A 21 0.87 -1.28 3.45
C ALA A 21 0.35 0.14 3.31
N ALA A 22 -0.94 0.33 3.56
CA ALA A 22 -1.55 1.65 3.47
C ALA A 22 -0.79 2.65 4.34
N GLU A 23 0.02 3.47 3.69
CA GLU A 23 0.82 4.48 4.37
C GLU A 23 -0.07 5.54 5.00
N THR A 24 0.41 6.78 5.03
CA THR A 24 -0.34 7.87 5.60
C THR A 24 -0.13 9.14 4.80
N GLU A 25 -1.10 10.05 4.88
CA GLU A 25 -1.04 11.31 4.14
C GLU A 25 0.34 11.93 4.25
N GLY A 26 0.91 11.86 5.45
CA GLY A 26 2.23 12.43 5.67
C GLY A 26 3.32 11.74 4.90
N SER A 27 3.26 10.40 4.83
CA SER A 27 4.27 9.63 4.12
C SER A 27 4.21 9.88 2.62
N CYS A 28 3.01 9.77 2.05
CA CYS A 28 2.81 9.95 0.62
C CYS A 28 3.33 11.29 0.13
N ASN A 29 3.01 12.37 0.83
CA ASN A 29 3.44 13.71 0.45
C ASN A 29 4.95 13.75 0.25
N LYS A 30 5.67 12.99 1.07
CA LYS A 30 7.12 12.94 0.99
C LYS A 30 7.60 12.04 -0.15
N LYS A 31 6.79 11.06 -0.53
CA LYS A 31 7.15 10.13 -1.59
C LYS A 31 7.32 10.84 -2.92
N ASP A 32 8.24 10.33 -3.68
CA ASP A 32 8.54 10.85 -5.02
C ASP A 32 7.51 10.33 -6.02
N GLN A 33 7.61 10.78 -7.27
CA GLN A 33 6.68 10.35 -8.31
C GLN A 33 6.55 8.82 -8.33
N ASN A 34 7.66 8.15 -8.57
CA ASN A 34 7.69 6.70 -8.61
C ASN A 34 7.40 6.11 -7.23
N GLU A 35 7.70 6.89 -6.20
CA GLU A 35 7.48 6.46 -4.82
C GLU A 35 6.02 6.61 -4.42
N CYS A 36 5.28 7.47 -5.11
CA CYS A 36 3.88 7.68 -4.80
C CYS A 36 3.18 6.33 -4.83
N LYS A 37 2.93 5.79 -3.64
CA LYS A 37 2.32 4.47 -3.50
C LYS A 37 0.86 4.43 -3.93
N SER A 38 0.36 3.22 -4.17
CA SER A 38 -1.01 3.01 -4.61
C SER A 38 -2.02 3.71 -3.69
N PRO A 39 -1.99 3.44 -2.37
CA PRO A 39 -2.91 4.08 -1.44
C PRO A 39 -2.88 5.59 -1.60
N CYS A 40 -1.72 6.10 -1.99
CA CYS A 40 -1.53 7.53 -2.22
C CYS A 40 -2.11 7.91 -3.57
N LYS A 41 -2.68 9.10 -3.65
CA LYS A 41 -3.25 9.60 -4.89
C LYS A 41 -2.23 10.46 -5.63
N TRP A 42 -1.92 10.07 -6.85
CA TRP A 42 -0.96 10.80 -7.66
C TRP A 42 -1.58 12.05 -8.26
N HIS A 43 -0.84 13.15 -8.20
CA HIS A 43 -1.29 14.42 -8.75
C HIS A 43 -0.43 14.81 -9.94
N ASN A 44 -1.00 14.65 -11.14
CA ASN A 44 -0.31 14.97 -12.38
C ASN A 44 0.02 16.45 -12.44
N ASP A 45 1.03 16.80 -13.25
CA ASP A 45 1.45 18.19 -13.40
C ASP A 45 1.94 18.74 -12.06
N ALA A 46 1.21 19.70 -11.49
CA ALA A 46 1.58 20.29 -10.21
C ALA A 46 2.90 21.06 -10.33
N GLU A 47 3.04 22.13 -9.55
CA GLU A 47 4.24 22.95 -9.58
C GLU A 47 5.50 22.09 -9.55
N ASN A 48 5.44 20.98 -8.81
CA ASN A 48 6.57 20.07 -8.70
C ASN A 48 6.08 18.66 -8.40
N LYS A 49 4.95 18.31 -9.01
CA LYS A 49 4.34 16.99 -8.82
C LYS A 49 3.83 16.84 -7.39
N LYS A 50 2.63 16.29 -7.23
CA LYS A 50 2.05 16.13 -5.90
C LYS A 50 1.57 14.71 -5.66
N CYS A 51 1.61 14.29 -4.40
CA CYS A 51 1.17 12.96 -3.99
C CYS A 51 0.67 13.00 -2.55
N THR A 52 -0.56 12.55 -2.33
CA THR A 52 -1.14 12.56 -0.98
C THR A 52 -2.04 11.34 -0.74
N LEU A 53 -1.84 10.72 0.41
CA LEU A 53 -2.60 9.53 0.80
C LEU A 53 -4.09 9.82 0.77
N ASP A 54 -4.86 8.81 0.40
CA ASP A 54 -6.32 8.94 0.34
C ASP A 54 -6.97 7.76 1.06
N LYS A 55 -7.93 8.07 1.93
CA LYS A 55 -8.62 7.05 2.69
C LYS A 55 -9.39 6.10 1.78
N GLU A 56 -10.14 6.66 0.83
CA GLU A 56 -10.92 5.85 -0.11
C GLU A 56 -10.02 4.87 -0.86
N GLU A 57 -8.87 5.36 -1.31
CA GLU A 57 -7.92 4.52 -2.04
C GLU A 57 -7.37 3.43 -1.13
N ALA A 58 -6.99 3.82 0.08
CA ALA A 58 -6.44 2.87 1.05
C ALA A 58 -7.41 1.73 1.29
N LYS A 59 -8.70 2.07 1.39
CA LYS A 59 -9.74 1.07 1.61
C LYS A 59 -9.81 0.08 0.46
N LYS A 60 -9.68 0.59 -0.76
CA LYS A 60 -9.73 -0.24 -1.95
C LYS A 60 -8.53 -1.19 -2.01
N VAL A 61 -7.34 -0.65 -1.76
CA VAL A 61 -6.12 -1.45 -1.78
C VAL A 61 -6.16 -2.54 -0.71
N ALA A 62 -6.56 -2.15 0.49
CA ALA A 62 -6.64 -3.08 1.61
C ALA A 62 -7.58 -4.22 1.27
N ASP A 63 -8.63 -3.91 0.51
CA ASP A 63 -9.62 -4.91 0.12
C ASP A 63 -9.10 -5.76 -1.04
N GLU A 64 -7.81 -6.04 -1.02
CA GLU A 64 -7.17 -6.85 -2.07
C GLU A 64 -5.99 -7.63 -1.49
N THR A 65 -5.12 -6.93 -0.79
CA THR A 65 -3.95 -7.54 -0.17
C THR A 65 -4.30 -8.22 1.15
N ALA A 66 -5.38 -9.00 1.13
CA ALA A 66 -5.85 -9.70 2.33
C ALA A 66 -6.62 -10.96 1.96
N LYS A 67 -7.35 -10.89 0.84
CA LYS A 67 -8.14 -12.03 0.37
C LYS A 67 -7.24 -13.09 -0.28
N ASP A 68 -6.07 -13.31 0.32
CA ASP A 68 -5.14 -14.30 -0.20
C ASP A 68 -5.73 -15.70 -0.16
N GLY A 69 -5.53 -16.45 -1.23
CA GLY A 69 -6.05 -17.80 -1.30
C GLY A 69 -7.57 -17.85 -1.41
N LYS A 70 -8.12 -17.06 -2.34
CA LYS A 70 -9.56 -17.03 -2.55
C LYS A 70 -10.10 -18.43 -2.84
N THR A 71 -9.33 -19.20 -3.60
CA THR A 71 -9.71 -20.56 -3.97
C THR A 71 -8.47 -21.45 -4.09
N GLY A 72 -8.56 -22.67 -3.57
CA GLY A 72 -7.45 -23.58 -3.62
C GLY A 72 -6.36 -23.24 -2.62
N ASN A 73 -5.85 -24.26 -1.93
CA ASN A 73 -4.81 -24.06 -0.94
C ASN A 73 -3.58 -23.38 -1.55
N THR A 74 -2.98 -22.48 -0.78
CA THR A 74 -1.80 -21.75 -1.23
C THR A 74 -1.21 -20.91 -0.10
N ASN A 75 0.12 -20.89 -0.01
CA ASN A 75 0.80 -20.14 1.03
C ASN A 75 2.31 -20.18 0.82
N THR A 76 3.07 -20.29 1.92
CA THR A 76 4.52 -20.33 1.84
C THR A 76 5.00 -21.54 1.04
N THR A 77 5.96 -21.29 0.13
CA THR A 77 6.52 -22.33 -0.73
C THR A 77 5.45 -23.32 -1.21
N GLY A 78 4.31 -22.78 -1.64
CA GLY A 78 3.23 -23.61 -2.12
C GLY A 78 3.58 -24.33 -3.40
N SER A 79 3.23 -25.59 -3.50
CA SER A 79 3.51 -26.37 -4.69
C SER A 79 2.88 -25.75 -5.93
N SER A 80 3.70 -25.18 -6.80
CA SER A 80 3.22 -24.55 -8.02
C SER A 80 2.53 -25.56 -8.92
N GLY A 1 3.56 -23.61 -4.70
CA GLY A 1 3.89 -22.83 -3.48
C GLY A 1 3.89 -21.33 -3.74
N SER A 2 2.85 -20.85 -4.40
CA SER A 2 2.72 -19.42 -4.72
C SER A 2 2.70 -18.59 -3.44
N HIS A 3 1.92 -19.02 -2.46
CA HIS A 3 1.81 -18.31 -1.19
C HIS A 3 3.17 -18.27 -0.48
N MET A 4 3.44 -17.14 0.18
CA MET A 4 4.70 -16.98 0.90
C MET A 4 4.63 -15.78 1.86
N LEU A 5 3.48 -15.60 2.48
CA LEU A 5 3.28 -14.49 3.41
C LEU A 5 3.88 -14.82 4.78
N GLU A 6 5.11 -15.33 4.78
CA GLU A 6 5.79 -15.68 6.02
C GLU A 6 5.97 -14.47 6.92
N VAL A 7 5.83 -14.68 8.22
CA VAL A 7 5.98 -13.60 9.20
C VAL A 7 7.32 -12.89 9.04
N LEU A 8 7.34 -11.59 9.32
CA LEU A 8 8.56 -10.80 9.20
C LEU A 8 8.49 -9.54 10.06
N THR A 9 7.30 -8.97 10.18
CA THR A 9 7.10 -7.76 10.97
C THR A 9 7.38 -8.00 12.45
N GLN A 10 8.00 -7.02 13.09
CA GLN A 10 8.33 -7.09 14.51
C GLN A 10 9.28 -8.25 14.83
N LYS A 11 10.14 -8.58 13.88
CA LYS A 11 11.12 -9.64 14.08
C LYS A 11 12.28 -9.51 13.10
N HIS A 12 13.50 -9.62 13.62
CA HIS A 12 14.73 -9.51 12.82
C HIS A 12 15.00 -8.05 12.44
N LYS A 13 13.98 -7.38 11.90
CA LYS A 13 14.13 -5.98 11.49
C LYS A 13 12.79 -5.41 11.01
N PRO A 14 12.39 -4.25 11.54
CA PRO A 14 11.13 -3.60 11.17
C PRO A 14 11.26 -2.79 9.89
N ALA A 15 11.88 -3.37 8.87
CA ALA A 15 12.06 -2.70 7.59
C ALA A 15 10.79 -2.67 6.77
N GLU A 16 9.65 -2.71 7.45
CA GLU A 16 8.34 -2.69 6.79
C GLU A 16 8.16 -3.88 5.85
N SER A 17 7.01 -4.53 5.96
CA SER A 17 6.69 -5.69 5.13
C SER A 17 6.82 -5.33 3.64
N GLN A 18 7.32 -6.28 2.85
CA GLN A 18 7.50 -6.08 1.43
C GLN A 18 6.21 -5.62 0.77
N GLN A 19 5.11 -6.28 1.11
CA GLN A 19 3.80 -5.94 0.55
C GLN A 19 3.40 -4.52 0.96
N GLN A 20 2.90 -3.75 -0.01
CA GLN A 20 2.48 -2.38 0.25
C GLN A 20 1.34 -2.33 1.26
N ALA A 21 1.44 -1.36 2.17
CA ALA A 21 0.43 -1.17 3.20
C ALA A 21 -0.08 0.27 3.20
N ALA A 22 -1.37 0.43 3.50
CA ALA A 22 -1.99 1.75 3.53
C ALA A 22 -1.15 2.72 4.35
N GLU A 23 -0.39 3.55 3.67
CA GLU A 23 0.47 4.53 4.32
C GLU A 23 -0.36 5.66 4.93
N THR A 24 0.20 6.87 4.93
CA THR A 24 -0.48 8.02 5.49
C THR A 24 -0.15 9.28 4.68
N GLU A 25 -1.07 10.24 4.70
CA GLU A 25 -0.89 11.48 3.96
C GLU A 25 0.53 12.01 4.12
N GLY A 26 1.05 11.92 5.33
CA GLY A 26 2.38 12.39 5.60
C GLY A 26 3.45 11.62 4.85
N SER A 27 3.31 10.30 4.80
CA SER A 27 4.29 9.47 4.11
C SER A 27 4.27 9.71 2.61
N CYS A 28 3.09 9.65 2.02
CA CYS A 28 2.91 9.84 0.58
C CYS A 28 3.54 11.14 0.09
N ASN A 29 3.28 12.23 0.80
CA ASN A 29 3.82 13.54 0.41
C ASN A 29 5.33 13.49 0.23
N LYS A 30 5.98 12.58 0.95
CA LYS A 30 7.42 12.44 0.89
C LYS A 30 7.85 11.59 -0.31
N LYS A 31 7.04 10.59 -0.62
CA LYS A 31 7.33 9.68 -1.73
C LYS A 31 7.30 10.41 -3.08
N ASP A 32 8.37 10.22 -3.85
CA ASP A 32 8.47 10.83 -5.18
C ASP A 32 7.52 10.14 -6.15
N GLN A 33 7.54 10.57 -7.41
CA GLN A 33 6.68 9.98 -8.43
C GLN A 33 6.71 8.46 -8.38
N ASN A 34 7.90 7.88 -8.47
CA ASN A 34 8.07 6.44 -8.43
C ASN A 34 7.67 5.87 -7.08
N GLU A 35 7.95 6.63 -6.02
CA GLU A 35 7.63 6.20 -4.66
C GLU A 35 6.16 6.40 -4.34
N CYS A 36 5.45 7.15 -5.18
CA CYS A 36 4.03 7.40 -4.96
C CYS A 36 3.29 6.06 -4.94
N LYS A 37 2.98 5.60 -3.74
CA LYS A 37 2.30 4.32 -3.54
C LYS A 37 0.84 4.37 -3.99
N SER A 38 0.26 3.19 -4.21
CA SER A 38 -1.11 3.06 -4.67
C SER A 38 -2.09 3.85 -3.79
N PRO A 39 -2.10 3.62 -2.46
CA PRO A 39 -3.00 4.34 -1.57
C PRO A 39 -2.88 5.85 -1.75
N CYS A 40 -1.68 6.29 -2.11
CA CYS A 40 -1.41 7.71 -2.34
C CYS A 40 -2.08 8.18 -3.61
N LYS A 41 -2.42 9.47 -3.65
CA LYS A 41 -3.05 10.07 -4.82
C LYS A 41 -2.03 10.89 -5.60
N TRP A 42 -1.74 10.44 -6.81
CA TRP A 42 -0.77 11.10 -7.67
C TRP A 42 -1.41 12.22 -8.49
N HIS A 43 -0.64 13.28 -8.73
CA HIS A 43 -1.11 14.41 -9.52
C HIS A 43 -0.02 14.83 -10.50
N ASN A 44 -0.32 14.65 -11.79
CA ASN A 44 0.62 14.97 -12.87
C ASN A 44 0.78 16.48 -13.07
N ASP A 45 2.04 16.89 -13.24
CA ASP A 45 2.38 18.30 -13.47
C ASP A 45 1.64 19.24 -12.52
N ALA A 46 1.45 18.81 -11.28
CA ALA A 46 0.77 19.64 -10.30
C ALA A 46 1.72 20.74 -9.82
N GLU A 47 1.48 21.26 -8.61
CA GLU A 47 2.34 22.28 -8.05
C GLU A 47 3.60 21.65 -7.48
N ASN A 48 4.46 21.17 -8.40
CA ASN A 48 5.70 20.49 -8.05
C ASN A 48 5.41 19.02 -7.76
N LYS A 49 4.52 18.45 -8.56
CA LYS A 49 4.11 17.05 -8.42
C LYS A 49 3.44 16.80 -7.07
N LYS A 50 2.28 16.14 -7.10
CA LYS A 50 1.55 15.85 -5.86
C LYS A 50 1.31 14.36 -5.67
N CYS A 51 1.44 13.92 -4.43
CA CYS A 51 1.22 12.53 -4.06
C CYS A 51 0.61 12.45 -2.67
N THR A 52 -0.61 12.98 -2.53
CA THR A 52 -1.29 12.99 -1.23
C THR A 52 -2.11 11.73 -1.01
N LEU A 53 -1.93 11.12 0.16
CA LEU A 53 -2.64 9.91 0.53
C LEU A 53 -4.15 10.14 0.53
N ASP A 54 -4.89 9.10 0.15
CA ASP A 54 -6.35 9.17 0.11
C ASP A 54 -6.96 8.01 0.88
N LYS A 55 -7.90 8.34 1.76
CA LYS A 55 -8.57 7.33 2.58
C LYS A 55 -9.29 6.31 1.71
N GLU A 56 -10.06 6.81 0.74
CA GLU A 56 -10.81 5.95 -0.15
C GLU A 56 -9.89 4.96 -0.86
N GLU A 57 -8.78 5.46 -1.38
CA GLU A 57 -7.81 4.61 -2.07
C GLU A 57 -7.26 3.56 -1.12
N ALA A 58 -6.86 4.00 0.07
CA ALA A 58 -6.32 3.10 1.08
C ALA A 58 -7.28 1.94 1.34
N LYS A 59 -8.57 2.25 1.39
CA LYS A 59 -9.60 1.25 1.62
C LYS A 59 -9.57 0.19 0.53
N LYS A 60 -9.45 0.63 -0.72
CA LYS A 60 -9.42 -0.27 -1.87
C LYS A 60 -8.17 -1.16 -1.83
N VAL A 61 -7.03 -0.56 -1.54
CA VAL A 61 -5.77 -1.28 -1.48
C VAL A 61 -5.84 -2.44 -0.49
N ALA A 62 -6.29 -2.15 0.72
CA ALA A 62 -6.42 -3.16 1.76
C ALA A 62 -7.48 -4.18 1.39
N ASP A 63 -8.60 -3.68 0.87
CA ASP A 63 -9.71 -4.53 0.48
C ASP A 63 -9.48 -5.08 -0.93
N GLU A 64 -8.25 -5.44 -1.22
CA GLU A 64 -7.89 -5.97 -2.52
C GLU A 64 -8.46 -7.37 -2.74
N THR A 65 -9.32 -7.81 -1.81
CA THR A 65 -9.95 -9.12 -1.89
C THR A 65 -8.90 -10.21 -2.12
N ALA A 66 -7.87 -10.21 -1.29
CA ALA A 66 -6.79 -11.19 -1.40
C ALA A 66 -6.20 -11.50 -0.03
N LYS A 67 -6.19 -10.50 0.86
CA LYS A 67 -5.65 -10.68 2.20
C LYS A 67 -6.63 -11.43 3.10
N ASP A 68 -7.29 -12.44 2.53
CA ASP A 68 -8.26 -13.25 3.28
C ASP A 68 -7.55 -14.17 4.27
N GLY A 69 -8.11 -14.26 5.48
CA GLY A 69 -7.53 -15.10 6.50
C GLY A 69 -8.36 -15.12 7.77
N LYS A 70 -7.70 -15.11 8.92
CA LYS A 70 -8.38 -15.14 10.21
C LYS A 70 -7.39 -15.02 11.36
N THR A 71 -6.41 -15.93 11.38
CA THR A 71 -5.39 -15.93 12.42
C THR A 71 -4.30 -14.89 12.13
N GLY A 72 -4.00 -14.07 13.13
CA GLY A 72 -2.98 -13.05 12.96
C GLY A 72 -2.98 -12.04 14.09
N ASN A 73 -4.14 -11.42 14.32
CA ASN A 73 -4.29 -10.42 15.37
C ASN A 73 -5.75 -10.03 15.53
N THR A 74 -6.20 -9.95 16.79
CA THR A 74 -7.57 -9.58 17.09
C THR A 74 -7.83 -8.11 16.79
N ASN A 75 -8.96 -7.82 16.15
CA ASN A 75 -9.33 -6.45 15.80
C ASN A 75 -10.66 -6.44 15.05
N THR A 76 -10.77 -7.25 14.00
CA THR A 76 -11.99 -7.33 13.23
C THR A 76 -13.11 -7.99 14.04
N THR A 77 -14.24 -7.30 14.13
CA THR A 77 -15.39 -7.79 14.89
C THR A 77 -14.97 -8.32 16.26
N GLY A 78 -13.97 -7.67 16.85
CA GLY A 78 -13.49 -8.07 18.15
C GLY A 78 -12.48 -7.10 18.73
N SER A 79 -12.62 -6.79 20.02
CA SER A 79 -11.72 -5.86 20.68
C SER A 79 -10.28 -6.33 20.58
N SER A 80 -9.38 -5.41 20.25
CA SER A 80 -7.96 -5.73 20.12
C SER A 80 -7.39 -6.23 21.44
N GLY A 1 15.57 -7.82 -14.46
CA GLY A 1 15.36 -8.61 -13.22
C GLY A 1 15.29 -7.75 -11.98
N SER A 2 14.36 -8.08 -11.09
CA SER A 2 14.18 -7.31 -9.85
C SER A 2 13.21 -8.02 -8.92
N HIS A 3 13.37 -9.34 -8.79
CA HIS A 3 12.51 -10.13 -7.92
C HIS A 3 12.65 -9.70 -6.46
N MET A 4 11.51 -9.59 -5.77
CA MET A 4 11.50 -9.19 -4.38
C MET A 4 12.18 -10.25 -3.50
N LEU A 5 12.96 -9.78 -2.53
CA LEU A 5 13.66 -10.68 -1.62
C LEU A 5 12.67 -11.53 -0.82
N GLU A 6 11.58 -10.91 -0.41
CA GLU A 6 10.55 -11.60 0.36
C GLU A 6 9.94 -12.75 -0.44
N VAL A 7 9.91 -13.94 0.17
CA VAL A 7 9.35 -15.11 -0.48
C VAL A 7 7.83 -15.13 -0.36
N LEU A 8 7.15 -15.51 -1.45
CA LEU A 8 5.69 -15.54 -1.46
C LEU A 8 5.16 -16.97 -1.28
N THR A 9 4.12 -17.10 -0.45
CA THR A 9 3.47 -18.38 -0.19
C THR A 9 4.47 -19.48 0.18
N GLN A 10 5.48 -19.13 0.98
CA GLN A 10 6.50 -20.09 1.40
C GLN A 10 7.13 -19.68 2.71
N LYS A 11 6.30 -19.48 3.75
CA LYS A 11 6.79 -19.11 5.06
C LYS A 11 6.25 -20.04 6.13
N HIS A 12 6.47 -19.67 7.38
CA HIS A 12 6.00 -20.48 8.51
C HIS A 12 4.52 -20.21 8.80
N LYS A 13 3.71 -20.08 7.74
CA LYS A 13 2.29 -19.83 7.90
C LYS A 13 1.49 -20.42 6.73
N PRO A 14 0.46 -21.23 7.03
CA PRO A 14 -0.38 -21.85 6.02
C PRO A 14 -1.48 -20.92 5.52
N ALA A 15 -1.10 -19.71 5.12
CA ALA A 15 -2.07 -18.74 4.62
C ALA A 15 -1.38 -17.58 3.89
N GLU A 16 -0.46 -17.93 2.99
CA GLU A 16 0.26 -16.93 2.22
C GLU A 16 0.99 -15.95 3.15
N SER A 17 0.72 -14.66 2.99
CA SER A 17 1.34 -13.63 3.82
C SER A 17 0.49 -12.36 3.82
N GLN A 18 1.13 -11.19 3.76
CA GLN A 18 0.41 -9.92 3.75
C GLN A 18 1.34 -8.75 3.43
N GLN A 19 0.99 -7.99 2.40
CA GLN A 19 1.79 -6.84 2.00
C GLN A 19 1.56 -5.67 2.94
N GLN A 20 2.64 -5.15 3.52
CA GLN A 20 2.56 -4.04 4.45
C GLN A 20 2.28 -2.73 3.70
N ALA A 21 1.22 -2.03 4.09
CA ALA A 21 0.87 -0.76 3.47
C ALA A 21 0.74 0.34 4.52
N ALA A 22 1.61 1.33 4.44
CA ALA A 22 1.60 2.44 5.38
C ALA A 22 0.82 3.63 4.84
N GLU A 23 -0.41 3.36 4.46
CA GLU A 23 -1.29 4.37 3.90
C GLU A 23 -1.47 5.53 4.87
N THR A 24 -0.82 6.65 4.57
CA THR A 24 -0.90 7.85 5.38
C THR A 24 -0.51 9.07 4.57
N GLU A 25 -1.20 10.17 4.81
CA GLU A 25 -0.92 11.42 4.10
C GLU A 25 0.53 11.83 4.30
N GLY A 26 1.01 11.62 5.52
CA GLY A 26 2.38 11.98 5.84
C GLY A 26 3.41 11.18 5.06
N SER A 27 3.14 9.90 4.84
CA SER A 27 4.08 9.06 4.12
C SER A 27 4.12 9.42 2.64
N CYS A 28 2.95 9.53 2.03
CA CYS A 28 2.83 9.85 0.60
C CYS A 28 3.55 11.15 0.25
N ASN A 29 3.34 12.19 1.05
CA ASN A 29 3.96 13.49 0.80
C ASN A 29 5.47 13.36 0.64
N LYS A 30 6.04 12.32 1.25
CA LYS A 30 7.48 12.10 1.20
C LYS A 30 7.87 11.25 -0.01
N LYS A 31 7.00 10.32 -0.37
CA LYS A 31 7.25 9.42 -1.49
C LYS A 31 7.25 10.15 -2.83
N ASP A 32 8.29 9.88 -3.64
CA ASP A 32 8.41 10.48 -4.96
C ASP A 32 7.40 9.86 -5.91
N GLN A 33 7.41 10.29 -7.17
CA GLN A 33 6.47 9.77 -8.16
C GLN A 33 6.42 8.23 -8.12
N ASN A 34 7.59 7.61 -8.25
CA ASN A 34 7.67 6.15 -8.21
C ASN A 34 7.34 5.62 -6.83
N GLU A 35 7.70 6.39 -5.81
CA GLU A 35 7.44 6.00 -4.42
C GLU A 35 5.98 6.19 -4.08
N CYS A 36 5.26 6.94 -4.91
CA CYS A 36 3.85 7.17 -4.67
C CYS A 36 3.13 5.83 -4.65
N LYS A 37 2.90 5.34 -3.44
CA LYS A 37 2.27 4.03 -3.23
C LYS A 37 0.80 4.03 -3.62
N SER A 38 0.27 2.82 -3.80
CA SER A 38 -1.13 2.64 -4.19
C SER A 38 -2.08 3.47 -3.34
N PRO A 39 -1.99 3.38 -1.99
CA PRO A 39 -2.87 4.15 -1.10
C PRO A 39 -2.86 5.64 -1.43
N CYS A 40 -1.68 6.12 -1.86
CA CYS A 40 -1.51 7.52 -2.21
C CYS A 40 -2.38 7.94 -3.39
N LYS A 41 -1.96 9.02 -4.04
CA LYS A 41 -2.66 9.57 -5.18
C LYS A 41 -1.76 10.54 -5.93
N TRP A 42 -1.38 10.17 -7.14
CA TRP A 42 -0.49 11.01 -7.94
C TRP A 42 -1.24 12.18 -8.56
N HIS A 43 -0.82 13.39 -8.19
CA HIS A 43 -1.43 14.60 -8.71
C HIS A 43 -0.66 15.13 -9.92
N ASN A 44 -1.16 14.84 -11.12
CA ASN A 44 -0.51 15.31 -12.33
C ASN A 44 -0.83 16.78 -12.55
N ASP A 45 -0.02 17.63 -11.92
CA ASP A 45 -0.17 19.08 -11.99
C ASP A 45 0.66 19.73 -10.88
N ALA A 46 -0.03 20.31 -9.89
CA ALA A 46 0.64 20.95 -8.76
C ALA A 46 1.74 21.88 -9.23
N GLU A 47 2.69 22.19 -8.35
CA GLU A 47 3.81 23.07 -8.70
C GLU A 47 4.77 22.32 -9.61
N ASN A 48 4.98 21.04 -9.28
CA ASN A 48 5.85 20.15 -10.04
C ASN A 48 5.45 18.72 -9.76
N LYS A 49 4.14 18.49 -9.74
CA LYS A 49 3.57 17.17 -9.47
C LYS A 49 3.67 16.87 -7.98
N LYS A 50 2.61 16.32 -7.39
CA LYS A 50 2.64 16.03 -5.96
C LYS A 50 1.87 14.76 -5.59
N CYS A 51 2.49 13.90 -4.77
CA CYS A 51 1.87 12.66 -4.31
C CYS A 51 1.20 12.89 -2.97
N THR A 52 -0.04 12.40 -2.83
CA THR A 52 -0.78 12.57 -1.58
C THR A 52 -1.65 11.36 -1.29
N LEU A 53 -1.72 10.96 -0.03
CA LEU A 53 -2.52 9.83 0.39
C LEU A 53 -3.99 10.06 0.06
N ASP A 54 -4.66 8.99 -0.36
CA ASP A 54 -6.07 9.08 -0.72
C ASP A 54 -6.89 8.05 0.03
N LYS A 55 -8.02 8.49 0.57
CA LYS A 55 -8.90 7.61 1.33
C LYS A 55 -9.53 6.55 0.44
N GLU A 56 -9.94 6.95 -0.76
CA GLU A 56 -10.56 6.03 -1.71
C GLU A 56 -9.58 4.93 -2.12
N GLU A 57 -8.35 5.33 -2.43
CA GLU A 57 -7.33 4.36 -2.83
C GLU A 57 -6.94 3.45 -1.67
N ALA A 58 -6.77 4.05 -0.49
CA ALA A 58 -6.38 3.30 0.70
C ALA A 58 -7.41 2.21 1.05
N LYS A 59 -8.69 2.58 1.05
CA LYS A 59 -9.73 1.62 1.38
C LYS A 59 -9.75 0.46 0.39
N LYS A 60 -9.55 0.78 -0.90
CA LYS A 60 -9.53 -0.23 -1.94
C LYS A 60 -8.36 -1.19 -1.76
N VAL A 61 -7.17 -0.64 -1.59
CA VAL A 61 -5.96 -1.44 -1.41
C VAL A 61 -6.08 -2.33 -0.19
N ALA A 62 -6.54 -1.75 0.92
CA ALA A 62 -6.70 -2.49 2.16
C ALA A 62 -7.67 -3.65 1.96
N ASP A 63 -8.70 -3.42 1.15
CA ASP A 63 -9.70 -4.44 0.88
C ASP A 63 -9.06 -5.66 0.24
N GLU A 64 -7.98 -5.41 -0.49
CA GLU A 64 -7.24 -6.46 -1.16
C GLU A 64 -8.12 -7.22 -2.16
N THR A 65 -8.91 -6.47 -2.91
CA THR A 65 -9.79 -7.06 -3.91
C THR A 65 -10.56 -5.96 -4.66
N ALA A 66 -9.86 -4.86 -4.92
CA ALA A 66 -10.47 -3.74 -5.63
C ALA A 66 -9.42 -2.89 -6.34
N LYS A 67 -8.27 -2.70 -5.68
CA LYS A 67 -7.19 -1.90 -6.25
C LYS A 67 -6.82 -2.40 -7.64
N ASP A 68 -6.73 -3.72 -7.79
CA ASP A 68 -6.39 -4.32 -9.08
C ASP A 68 -7.47 -4.03 -10.11
N GLY A 69 -7.06 -3.58 -11.30
CA GLY A 69 -8.01 -3.28 -12.35
C GLY A 69 -8.66 -4.53 -12.91
N LYS A 70 -8.91 -4.53 -14.23
CA LYS A 70 -9.52 -5.66 -14.90
C LYS A 70 -10.93 -5.92 -14.38
N THR A 71 -11.88 -6.09 -15.29
CA THR A 71 -13.26 -6.34 -14.92
C THR A 71 -13.39 -7.64 -14.13
N GLY A 72 -14.03 -7.56 -12.96
CA GLY A 72 -14.22 -8.73 -12.13
C GLY A 72 -15.23 -9.70 -12.71
N ASN A 73 -16.35 -9.17 -13.20
CA ASN A 73 -17.40 -9.99 -13.78
C ASN A 73 -18.47 -9.11 -14.45
N THR A 74 -18.89 -9.53 -15.65
CA THR A 74 -19.89 -8.78 -16.41
C THR A 74 -19.55 -7.30 -16.48
N ASN A 75 -20.57 -6.44 -16.37
CA ASN A 75 -20.37 -5.00 -16.41
C ASN A 75 -21.69 -4.26 -16.18
N THR A 76 -22.74 -4.72 -16.84
CA THR A 76 -24.06 -4.12 -16.71
C THR A 76 -24.57 -4.21 -15.27
N THR A 77 -25.10 -3.09 -14.77
CA THR A 77 -25.63 -3.03 -13.40
C THR A 77 -24.51 -2.98 -12.36
N GLY A 78 -23.48 -3.82 -12.55
CA GLY A 78 -22.38 -3.85 -11.62
C GLY A 78 -22.79 -4.23 -10.22
N SER A 79 -23.69 -5.21 -10.12
CA SER A 79 -24.18 -5.66 -8.83
C SER A 79 -23.17 -6.58 -8.15
N SER A 80 -22.00 -6.02 -7.83
CA SER A 80 -20.94 -6.79 -7.17
C SER A 80 -21.39 -7.26 -5.80
N GLY A 1 30.18 -5.48 5.86
CA GLY A 1 29.15 -4.58 5.27
C GLY A 1 28.19 -5.32 4.36
N SER A 2 27.88 -4.72 3.21
CA SER A 2 26.96 -5.32 2.24
C SER A 2 25.55 -5.46 2.81
N HIS A 3 24.55 -5.10 2.01
CA HIS A 3 23.16 -5.20 2.44
C HIS A 3 22.80 -6.63 2.79
N MET A 4 22.13 -6.81 3.93
CA MET A 4 21.73 -8.13 4.38
C MET A 4 20.42 -8.06 5.16
N LEU A 5 19.48 -7.27 4.65
CA LEU A 5 18.18 -7.12 5.30
C LEU A 5 17.26 -8.29 4.95
N GLU A 6 17.81 -9.50 5.02
CA GLU A 6 17.07 -10.73 4.72
C GLU A 6 16.17 -10.56 3.50
N VAL A 7 16.70 -9.90 2.46
CA VAL A 7 15.95 -9.68 1.23
C VAL A 7 15.98 -10.91 0.34
N LEU A 8 14.83 -11.26 -0.22
CA LEU A 8 14.71 -12.41 -1.11
C LEU A 8 15.19 -13.69 -0.44
N THR A 9 14.89 -13.84 0.86
CA THR A 9 15.28 -15.01 1.61
C THR A 9 14.23 -16.11 1.54
N GLN A 10 13.62 -16.29 0.38
CA GLN A 10 12.60 -17.32 0.18
C GLN A 10 11.51 -17.19 1.25
N LYS A 11 10.82 -16.05 1.24
CA LYS A 11 9.74 -15.79 2.20
C LYS A 11 8.72 -14.84 1.60
N HIS A 12 7.45 -15.24 1.67
CA HIS A 12 6.35 -14.43 1.14
C HIS A 12 6.61 -14.07 -0.32
N LYS A 13 7.33 -14.95 -1.03
CA LYS A 13 7.64 -14.75 -2.43
C LYS A 13 8.55 -13.52 -2.63
N PRO A 14 9.64 -13.68 -3.39
CA PRO A 14 10.58 -12.57 -3.64
C PRO A 14 9.91 -11.33 -4.22
N ALA A 15 10.18 -10.18 -3.62
CA ALA A 15 9.60 -8.92 -4.08
C ALA A 15 10.19 -7.74 -3.32
N GLU A 16 11.51 -7.70 -3.23
CA GLU A 16 12.22 -6.63 -2.52
C GLU A 16 11.80 -6.59 -1.06
N SER A 17 11.76 -7.77 -0.43
CA SER A 17 11.38 -7.90 0.97
C SER A 17 9.93 -7.48 1.19
N GLN A 18 9.18 -8.32 1.90
CA GLN A 18 7.78 -8.03 2.18
C GLN A 18 7.64 -6.82 3.10
N GLN A 19 6.76 -5.90 2.74
CA GLN A 19 6.53 -4.70 3.53
C GLN A 19 5.13 -4.14 3.28
N GLN A 20 4.41 -3.84 4.36
CA GLN A 20 3.06 -3.30 4.26
C GLN A 20 3.08 -1.89 3.67
N ALA A 21 2.14 -1.62 2.78
CA ALA A 21 2.06 -0.31 2.14
C ALA A 21 1.84 0.79 3.18
N ALA A 22 2.58 1.89 3.03
CA ALA A 22 2.47 3.02 3.95
C ALA A 22 1.32 3.93 3.56
N GLU A 23 0.15 3.33 3.47
CA GLU A 23 -1.07 4.04 3.12
C GLU A 23 -1.43 5.10 4.16
N THR A 24 -0.76 6.24 4.08
CA THR A 24 -1.00 7.34 4.99
C THR A 24 -0.64 8.65 4.31
N GLU A 25 -1.44 9.68 4.57
CA GLU A 25 -1.21 10.98 3.98
C GLU A 25 0.22 11.43 4.23
N GLY A 26 0.67 11.19 5.45
CA GLY A 26 2.01 11.57 5.84
C GLY A 26 3.09 10.90 5.02
N SER A 27 2.91 9.63 4.68
CA SER A 27 3.92 8.91 3.91
C SER A 27 3.92 9.32 2.44
N CYS A 28 2.73 9.38 1.87
CA CYS A 28 2.56 9.74 0.46
C CYS A 28 3.14 11.11 0.13
N ASN A 29 2.75 12.11 0.91
CA ASN A 29 3.21 13.48 0.68
C ASN A 29 4.74 13.53 0.63
N LYS A 30 5.38 12.59 1.31
CA LYS A 30 6.83 12.54 1.37
C LYS A 30 7.42 11.76 0.19
N LYS A 31 6.71 10.73 -0.26
CA LYS A 31 7.19 9.90 -1.35
C LYS A 31 7.36 10.67 -2.64
N ASP A 32 8.27 10.16 -3.45
CA ASP A 32 8.56 10.75 -4.75
C ASP A 32 7.62 10.17 -5.80
N GLN A 33 7.72 10.66 -7.03
CA GLN A 33 6.88 10.18 -8.12
C GLN A 33 6.83 8.65 -8.16
N ASN A 34 8.01 8.05 -8.24
CA ASN A 34 8.12 6.60 -8.28
C ASN A 34 7.71 5.99 -6.95
N GLU A 35 7.98 6.70 -5.86
CA GLU A 35 7.64 6.23 -4.52
C GLU A 35 6.16 6.39 -4.24
N CYS A 36 5.46 7.19 -5.06
CA CYS A 36 4.04 7.39 -4.86
C CYS A 36 3.35 6.03 -4.94
N LYS A 37 3.06 5.48 -3.76
CA LYS A 37 2.46 4.16 -3.65
C LYS A 37 1.02 4.12 -4.15
N SER A 38 0.54 2.90 -4.42
CA SER A 38 -0.81 2.68 -4.91
C SER A 38 -1.86 3.40 -4.07
N PRO A 39 -1.82 3.26 -2.73
CA PRO A 39 -2.77 3.93 -1.84
C PRO A 39 -2.75 5.44 -2.08
N CYS A 40 -1.58 5.93 -2.47
CA CYS A 40 -1.39 7.36 -2.74
C CYS A 40 -1.88 7.71 -4.15
N LYS A 41 -2.36 8.93 -4.31
CA LYS A 41 -2.83 9.40 -5.60
C LYS A 41 -1.84 10.39 -6.20
N TRP A 42 -1.40 10.10 -7.42
CA TRP A 42 -0.44 10.96 -8.10
C TRP A 42 -1.12 12.20 -8.66
N HIS A 43 -0.44 13.34 -8.58
CA HIS A 43 -0.98 14.59 -9.08
C HIS A 43 -0.02 15.23 -10.09
N ASN A 44 -0.49 15.36 -11.34
CA ASN A 44 0.31 15.95 -12.40
C ASN A 44 0.12 17.45 -12.47
N ASP A 45 1.21 18.16 -12.80
CA ASP A 45 1.18 19.62 -12.89
C ASP A 45 0.73 20.25 -11.58
N ALA A 46 1.08 19.60 -10.48
CA ALA A 46 0.73 20.11 -9.15
C ALA A 46 1.77 21.11 -8.66
N GLU A 47 2.08 22.08 -9.51
CA GLU A 47 3.07 23.11 -9.23
C GLU A 47 4.48 22.56 -9.41
N ASN A 48 4.67 21.30 -9.05
CA ASN A 48 5.96 20.65 -9.18
C ASN A 48 5.87 19.18 -8.76
N LYS A 49 4.85 18.49 -9.27
CA LYS A 49 4.62 17.07 -8.95
C LYS A 49 4.25 16.90 -7.49
N LYS A 50 3.14 16.21 -7.22
CA LYS A 50 2.68 16.00 -5.86
C LYS A 50 2.02 14.63 -5.68
N CYS A 51 2.22 14.03 -4.51
CA CYS A 51 1.64 12.74 -4.17
C CYS A 51 0.98 12.81 -2.80
N THR A 52 -0.28 12.39 -2.71
CA THR A 52 -1.00 12.43 -1.43
C THR A 52 -1.91 11.22 -1.26
N LEU A 53 -1.92 10.66 -0.05
CA LEU A 53 -2.73 9.50 0.27
C LEU A 53 -4.21 9.76 0.07
N ASP A 54 -4.91 8.74 -0.41
CA ASP A 54 -6.34 8.84 -0.66
C ASP A 54 -7.09 7.90 0.31
N LYS A 55 -8.11 8.44 0.96
CA LYS A 55 -8.90 7.66 1.91
C LYS A 55 -9.63 6.53 1.19
N GLU A 56 -10.16 6.83 0.01
CA GLU A 56 -10.89 5.84 -0.78
C GLU A 56 -9.97 4.72 -1.25
N GLU A 57 -8.79 5.09 -1.72
CA GLU A 57 -7.83 4.11 -2.21
C GLU A 57 -7.29 3.23 -1.08
N ALA A 58 -6.92 3.86 0.03
CA ALA A 58 -6.40 3.13 1.19
C ALA A 58 -7.37 2.07 1.68
N LYS A 59 -8.61 2.47 1.89
CA LYS A 59 -9.64 1.55 2.36
C LYS A 59 -9.86 0.43 1.35
N LYS A 60 -9.68 0.75 0.07
CA LYS A 60 -9.86 -0.21 -1.00
C LYS A 60 -8.72 -1.24 -1.00
N VAL A 61 -7.50 -0.77 -0.82
CA VAL A 61 -6.33 -1.65 -0.80
C VAL A 61 -6.45 -2.70 0.29
N ALA A 62 -6.73 -2.25 1.51
CA ALA A 62 -6.88 -3.15 2.64
C ALA A 62 -8.12 -4.03 2.48
N ASP A 63 -9.22 -3.41 2.07
CA ASP A 63 -10.47 -4.13 1.87
C ASP A 63 -10.63 -4.50 0.40
N GLU A 64 -9.57 -5.04 -0.18
CA GLU A 64 -9.57 -5.43 -1.58
C GLU A 64 -10.46 -6.66 -1.83
N THR A 65 -11.39 -6.90 -0.91
CA THR A 65 -12.31 -8.03 -1.04
C THR A 65 -11.57 -9.31 -1.39
N ALA A 66 -10.56 -9.65 -0.59
CA ALA A 66 -9.77 -10.85 -0.84
C ALA A 66 -9.02 -11.28 0.42
N LYS A 67 -8.59 -10.29 1.22
CA LYS A 67 -7.86 -10.56 2.44
C LYS A 67 -6.54 -11.28 2.15
N ASP A 68 -5.74 -10.70 1.27
CA ASP A 68 -4.45 -11.28 0.89
C ASP A 68 -4.66 -12.67 0.27
N GLY A 69 -3.76 -13.61 0.57
CA GLY A 69 -3.90 -14.95 0.02
C GLY A 69 -3.86 -14.95 -1.50
N LYS A 70 -2.99 -14.12 -2.07
CA LYS A 70 -2.87 -14.03 -3.52
C LYS A 70 -2.49 -15.38 -4.12
N THR A 71 -3.13 -15.73 -5.23
CA THR A 71 -2.88 -16.99 -5.91
C THR A 71 -3.30 -18.18 -5.06
N GLY A 72 -3.97 -19.15 -5.69
CA GLY A 72 -4.42 -20.32 -4.97
C GLY A 72 -5.02 -21.37 -5.89
N ASN A 73 -6.16 -21.93 -5.48
CA ASN A 73 -6.84 -22.94 -6.28
C ASN A 73 -8.22 -23.26 -5.69
N THR A 74 -9.19 -23.44 -6.58
CA THR A 74 -10.56 -23.76 -6.16
C THR A 74 -10.60 -25.04 -5.31
N ASN A 75 -11.38 -25.01 -4.25
CA ASN A 75 -11.52 -26.16 -3.36
C ASN A 75 -12.57 -25.85 -2.29
N THR A 76 -12.33 -26.26 -1.05
CA THR A 76 -13.28 -25.99 0.01
C THR A 76 -13.18 -24.53 0.46
N THR A 77 -14.20 -23.75 0.12
CA THR A 77 -14.26 -22.33 0.46
C THR A 77 -15.57 -21.73 -0.01
N GLY A 78 -15.85 -21.86 -1.30
CA GLY A 78 -17.07 -21.33 -1.87
C GLY A 78 -17.05 -21.29 -3.39
N SER A 79 -17.65 -20.24 -3.95
CA SER A 79 -17.69 -20.07 -5.40
C SER A 79 -16.36 -19.56 -5.93
N SER A 80 -15.90 -20.15 -7.04
CA SER A 80 -14.65 -19.76 -7.66
C SER A 80 -13.49 -19.89 -6.68
N GLY A 1 5.30 -24.01 -5.59
CA GLY A 1 4.43 -25.02 -6.24
C GLY A 1 3.08 -24.44 -6.64
N SER A 2 2.01 -25.18 -6.35
CA SER A 2 0.67 -24.73 -6.69
C SER A 2 0.31 -23.46 -5.95
N HIS A 3 0.54 -23.45 -4.64
CA HIS A 3 0.26 -22.29 -3.81
C HIS A 3 1.14 -21.11 -4.21
N MET A 4 0.54 -19.93 -4.30
CA MET A 4 1.26 -18.72 -4.68
C MET A 4 1.78 -18.82 -6.11
N LEU A 5 1.53 -17.78 -6.90
CA LEU A 5 1.96 -17.76 -8.30
C LEU A 5 1.74 -16.39 -8.93
N GLU A 6 1.99 -15.34 -8.15
CA GLU A 6 1.83 -13.97 -8.64
C GLU A 6 2.80 -13.68 -9.77
N VAL A 7 2.29 -13.02 -10.81
CA VAL A 7 3.11 -12.65 -11.96
C VAL A 7 4.21 -11.67 -11.59
N LEU A 8 5.37 -11.80 -12.22
CA LEU A 8 6.50 -10.92 -11.95
C LEU A 8 7.47 -10.91 -13.13
N THR A 9 7.91 -9.73 -13.51
CA THR A 9 8.83 -9.58 -14.63
C THR A 9 10.26 -9.98 -14.24
N GLN A 10 10.85 -10.88 -15.02
CA GLN A 10 12.21 -11.33 -14.76
C GLN A 10 13.23 -10.37 -15.37
N LYS A 11 13.00 -9.08 -15.16
CA LYS A 11 13.88 -8.05 -15.70
C LYS A 11 13.75 -6.76 -14.91
N HIS A 12 14.85 -6.01 -14.82
CA HIS A 12 14.89 -4.74 -14.08
C HIS A 12 14.89 -4.97 -12.58
N LYS A 13 14.16 -5.99 -12.13
CA LYS A 13 14.08 -6.31 -10.71
C LYS A 13 13.47 -7.71 -10.50
N PRO A 14 14.15 -8.58 -9.74
CA PRO A 14 13.68 -9.94 -9.48
C PRO A 14 12.38 -9.96 -8.68
N ALA A 15 12.20 -11.01 -7.86
CA ALA A 15 11.01 -11.15 -7.04
C ALA A 15 10.86 -9.98 -6.07
N GLU A 16 9.65 -9.44 -5.99
CA GLU A 16 9.37 -8.32 -5.09
C GLU A 16 7.87 -8.02 -5.07
N SER A 17 7.25 -8.09 -6.23
CA SER A 17 5.82 -7.82 -6.35
C SER A 17 5.00 -8.85 -5.57
N GLN A 18 4.04 -8.36 -4.79
CA GLN A 18 3.19 -9.22 -3.99
C GLN A 18 2.07 -8.42 -3.34
N GLN A 19 2.46 -7.45 -2.51
CA GLN A 19 1.49 -6.60 -1.83
C GLN A 19 2.13 -5.27 -1.42
N GLN A 20 1.55 -4.17 -1.88
CA GLN A 20 2.07 -2.85 -1.55
C GLN A 20 1.58 -2.37 -0.20
N ALA A 21 2.46 -1.68 0.51
CA ALA A 21 2.14 -1.16 1.84
C ALA A 21 1.13 -0.01 1.75
N ALA A 22 0.14 -0.04 2.64
CA ALA A 22 -0.89 0.99 2.67
C ALA A 22 -0.35 2.29 3.27
N GLU A 23 0.56 2.92 2.54
CA GLU A 23 1.18 4.16 2.97
C GLU A 23 0.14 5.15 3.45
N THR A 24 0.48 5.83 4.52
CA THR A 24 -0.39 6.81 5.13
C THR A 24 -0.26 8.17 4.45
N GLU A 25 -1.29 8.99 4.58
CA GLU A 25 -1.31 10.32 3.98
C GLU A 25 0.01 11.04 4.20
N GLY A 26 0.50 10.99 5.44
CA GLY A 26 1.75 11.64 5.76
C GLY A 26 2.92 11.07 4.98
N SER A 27 2.93 9.76 4.79
CA SER A 27 3.98 9.10 4.05
C SER A 27 3.94 9.46 2.57
N CYS A 28 2.76 9.33 1.96
CA CYS A 28 2.58 9.64 0.54
C CYS A 28 3.13 11.01 0.18
N ASN A 29 2.81 12.00 0.99
CA ASN A 29 3.26 13.37 0.75
C ASN A 29 4.78 13.42 0.57
N LYS A 30 5.47 12.46 1.18
CA LYS A 30 6.92 12.41 1.11
C LYS A 30 7.40 11.57 -0.08
N LYS A 31 6.63 10.53 -0.42
CA LYS A 31 7.00 9.65 -1.53
C LYS A 31 7.00 10.38 -2.86
N ASP A 32 8.11 10.28 -3.58
CA ASP A 32 8.25 10.92 -4.88
C ASP A 32 7.43 10.17 -5.92
N GLN A 33 7.50 10.62 -7.17
CA GLN A 33 6.75 9.98 -8.26
C GLN A 33 6.93 8.47 -8.24
N ASN A 34 8.17 8.02 -8.21
CA ASN A 34 8.48 6.59 -8.18
C ASN A 34 8.02 5.95 -6.87
N GLU A 35 8.15 6.70 -5.77
CA GLU A 35 7.76 6.20 -4.46
C GLU A 35 6.25 6.32 -4.24
N CYS A 36 5.57 6.97 -5.18
CA CYS A 36 4.13 7.14 -5.07
C CYS A 36 3.44 5.78 -5.07
N LYS A 37 3.16 5.27 -3.87
CA LYS A 37 2.52 3.97 -3.70
C LYS A 37 1.07 3.97 -4.15
N SER A 38 0.51 2.77 -4.30
CA SER A 38 -0.87 2.59 -4.74
C SER A 38 -1.85 3.43 -3.93
N PRO A 39 -1.85 3.33 -2.58
CA PRO A 39 -2.75 4.11 -1.75
C PRO A 39 -2.68 5.60 -2.06
N CYS A 40 -1.47 6.05 -2.38
CA CYS A 40 -1.23 7.45 -2.70
C CYS A 40 -1.98 7.87 -3.97
N LYS A 41 -1.62 9.03 -4.50
CA LYS A 41 -2.24 9.54 -5.71
C LYS A 41 -1.36 10.61 -6.34
N TRP A 42 -0.94 10.34 -7.57
CA TRP A 42 -0.08 11.25 -8.31
C TRP A 42 -0.87 12.43 -8.88
N HIS A 43 -0.20 13.55 -9.03
CA HIS A 43 -0.82 14.76 -9.57
C HIS A 43 0.13 15.47 -10.52
N ASN A 44 -0.25 15.54 -11.79
CA ASN A 44 0.56 16.20 -12.81
C ASN A 44 0.32 17.70 -12.83
N ASP A 45 1.39 18.46 -13.05
CA ASP A 45 1.31 19.91 -13.11
C ASP A 45 0.74 20.49 -11.82
N ALA A 46 0.92 19.76 -10.73
CA ALA A 46 0.43 20.21 -9.43
C ALA A 46 1.40 21.21 -8.82
N GLU A 47 1.47 21.25 -7.49
CA GLU A 47 2.38 22.15 -6.81
C GLU A 47 3.79 21.57 -6.83
N ASN A 48 4.35 21.44 -8.04
CA ASN A 48 5.67 20.86 -8.24
C ASN A 48 5.54 19.35 -8.10
N LYS A 49 4.43 18.85 -8.65
CA LYS A 49 4.11 17.42 -8.61
C LYS A 49 3.68 17.01 -7.21
N LYS A 50 2.55 16.31 -7.11
CA LYS A 50 2.04 15.90 -5.80
C LYS A 50 1.64 14.42 -5.76
N CYS A 51 1.92 13.78 -4.64
CA CYS A 51 1.58 12.38 -4.43
C CYS A 51 0.79 12.23 -3.12
N THR A 52 -0.43 12.77 -3.12
CA THR A 52 -1.27 12.73 -1.92
C THR A 52 -2.02 11.40 -1.80
N LEU A 53 -2.18 10.93 -0.58
CA LEU A 53 -2.87 9.67 -0.32
C LEU A 53 -4.36 9.81 -0.61
N ASP A 54 -4.90 8.87 -1.36
CA ASP A 54 -6.32 8.87 -1.70
C ASP A 54 -7.11 8.05 -0.68
N LYS A 55 -8.17 8.64 -0.14
CA LYS A 55 -8.99 7.96 0.86
C LYS A 55 -9.65 6.71 0.27
N GLU A 56 -10.18 6.85 -0.93
CA GLU A 56 -10.85 5.75 -1.61
C GLU A 56 -9.89 4.60 -1.90
N GLU A 57 -8.72 4.93 -2.42
CA GLU A 57 -7.72 3.92 -2.77
C GLU A 57 -7.15 3.24 -1.52
N ALA A 58 -6.73 4.04 -0.56
CA ALA A 58 -6.15 3.52 0.68
C ALA A 58 -7.13 2.63 1.43
N LYS A 59 -8.39 3.05 1.48
CA LYS A 59 -9.41 2.29 2.20
C LYS A 59 -9.63 0.92 1.55
N LYS A 60 -9.65 0.89 0.21
CA LYS A 60 -9.84 -0.36 -0.51
C LYS A 60 -8.72 -1.35 -0.25
N VAL A 61 -7.47 -0.85 -0.27
CA VAL A 61 -6.32 -1.70 -0.03
C VAL A 61 -6.30 -2.21 1.40
N ALA A 62 -6.48 -1.31 2.35
CA ALA A 62 -6.49 -1.66 3.77
C ALA A 62 -7.69 -2.54 4.11
N ASP A 63 -8.72 -2.48 3.27
CA ASP A 63 -9.93 -3.26 3.48
C ASP A 63 -9.61 -4.72 3.76
N GLU A 64 -8.61 -5.22 3.07
CA GLU A 64 -8.17 -6.60 3.23
C GLU A 64 -6.69 -6.74 2.91
N THR A 65 -5.93 -5.70 3.23
CA THR A 65 -4.48 -5.68 2.97
C THR A 65 -4.19 -6.11 1.55
N ALA A 66 -5.10 -5.77 0.64
CA ALA A 66 -4.94 -6.11 -0.77
C ALA A 66 -4.81 -7.62 -0.95
N LYS A 67 -5.78 -8.36 -0.41
CA LYS A 67 -5.78 -9.81 -0.50
C LYS A 67 -6.22 -10.29 -1.88
N ASP A 68 -5.68 -9.66 -2.93
CA ASP A 68 -6.00 -10.01 -4.30
C ASP A 68 -7.51 -9.90 -4.54
N GLY A 69 -8.07 -8.74 -4.22
CA GLY A 69 -9.50 -8.53 -4.41
C GLY A 69 -9.92 -7.11 -4.08
N LYS A 70 -10.70 -6.51 -4.97
CA LYS A 70 -11.17 -5.15 -4.79
C LYS A 70 -10.00 -4.18 -4.59
N THR A 71 -8.93 -4.42 -5.34
CA THR A 71 -7.73 -3.59 -5.25
C THR A 71 -7.99 -2.18 -5.78
N GLY A 72 -8.58 -2.10 -6.96
CA GLY A 72 -8.89 -0.82 -7.56
C GLY A 72 -9.45 -0.94 -8.96
N ASN A 73 -8.98 -0.08 -9.86
CA ASN A 73 -9.44 -0.09 -11.25
C ASN A 73 -9.02 -1.39 -11.95
N THR A 74 -9.95 -1.95 -12.72
CA THR A 74 -9.69 -3.18 -13.45
C THR A 74 -10.73 -3.40 -14.55
N ASN A 75 -10.25 -3.74 -15.75
CA ASN A 75 -11.12 -3.97 -16.89
C ASN A 75 -10.42 -4.80 -17.96
N THR A 76 -9.12 -4.59 -18.10
CA THR A 76 -8.33 -5.32 -19.09
C THR A 76 -6.85 -5.35 -18.71
N THR A 77 -6.20 -6.48 -19.02
CA THR A 77 -4.78 -6.67 -18.71
C THR A 77 -4.55 -6.94 -17.22
N GLY A 78 -5.31 -6.26 -16.37
CA GLY A 78 -5.17 -6.47 -14.94
C GLY A 78 -5.66 -7.83 -14.49
N SER A 79 -6.37 -7.88 -13.37
CA SER A 79 -6.89 -9.13 -12.85
C SER A 79 -8.01 -9.65 -13.75
N SER A 80 -7.73 -10.75 -14.46
CA SER A 80 -8.71 -11.35 -15.35
C SER A 80 -9.93 -11.85 -14.58
N GLY A 1 5.81 -15.70 -7.39
CA GLY A 1 6.02 -16.15 -5.98
C GLY A 1 5.51 -17.56 -5.74
N SER A 2 5.84 -18.47 -6.64
CA SER A 2 5.41 -19.86 -6.52
C SER A 2 5.94 -20.49 -5.23
N HIS A 3 7.23 -20.31 -4.99
CA HIS A 3 7.86 -20.86 -3.79
C HIS A 3 7.36 -20.15 -2.54
N MET A 4 7.04 -20.92 -1.50
CA MET A 4 6.56 -20.36 -0.25
C MET A 4 7.56 -19.38 0.34
N LEU A 5 7.07 -18.24 0.82
CA LEU A 5 7.92 -17.22 1.42
C LEU A 5 8.56 -17.73 2.71
N GLU A 6 9.87 -17.52 2.83
CA GLU A 6 10.60 -17.97 4.01
C GLU A 6 10.19 -17.16 5.23
N VAL A 7 9.87 -17.86 6.32
CA VAL A 7 9.45 -17.21 7.56
C VAL A 7 10.66 -16.79 8.41
N LEU A 8 10.58 -15.57 8.95
CA LEU A 8 11.65 -15.04 9.78
C LEU A 8 13.01 -15.11 9.09
N THR A 9 13.14 -14.38 7.98
CA THR A 9 14.37 -14.36 7.23
C THR A 9 14.80 -12.94 6.91
N GLN A 10 16.08 -12.65 7.13
CA GLN A 10 16.63 -11.32 6.87
C GLN A 10 16.53 -10.95 5.39
N LYS A 11 16.01 -9.75 5.12
CA LYS A 11 15.86 -9.25 3.76
C LYS A 11 15.91 -7.72 3.76
N HIS A 12 17.13 -7.18 3.82
CA HIS A 12 17.34 -5.73 3.83
C HIS A 12 16.68 -5.11 5.06
N LYS A 13 15.36 -4.92 4.99
CA LYS A 13 14.62 -4.34 6.10
C LYS A 13 14.61 -5.29 7.29
N PRO A 14 14.66 -4.74 8.52
CA PRO A 14 14.66 -5.55 9.75
C PRO A 14 13.49 -6.53 9.79
N ALA A 15 13.76 -7.75 10.21
CA ALA A 15 12.73 -8.79 10.30
C ALA A 15 11.55 -8.36 11.16
N GLU A 16 10.37 -8.32 10.56
CA GLU A 16 9.15 -7.93 11.25
C GLU A 16 7.92 -8.52 10.55
N SER A 17 8.06 -9.75 10.07
CA SER A 17 6.98 -10.44 9.36
C SER A 17 6.50 -9.58 8.19
N GLN A 18 5.19 -9.62 7.89
CA GLN A 18 4.65 -8.84 6.78
C GLN A 18 4.73 -7.35 7.09
N GLN A 19 5.28 -6.58 6.15
CA GLN A 19 5.42 -5.14 6.32
C GLN A 19 4.11 -4.42 6.01
N GLN A 20 3.68 -3.57 6.94
CA GLN A 20 2.44 -2.83 6.77
C GLN A 20 2.63 -1.67 5.80
N ALA A 21 1.67 -1.51 4.88
CA ALA A 21 1.74 -0.43 3.90
C ALA A 21 1.61 0.93 4.56
N ALA A 22 2.46 1.87 4.14
CA ALA A 22 2.44 3.22 4.70
C ALA A 22 1.35 4.07 4.08
N GLU A 23 0.12 3.58 4.18
CA GLU A 23 -1.05 4.27 3.63
C GLU A 23 -1.48 5.45 4.49
N THR A 24 -0.56 6.37 4.68
CA THR A 24 -0.84 7.56 5.46
C THR A 24 -0.42 8.81 4.68
N GLU A 25 -1.20 9.88 4.85
CA GLU A 25 -0.93 11.14 4.17
C GLU A 25 0.50 11.58 4.42
N GLY A 26 0.95 11.39 5.65
CA GLY A 26 2.30 11.76 6.02
C GLY A 26 3.37 11.03 5.23
N SER A 27 3.12 9.76 4.92
CA SER A 27 4.08 8.97 4.16
C SER A 27 4.13 9.39 2.70
N CYS A 28 2.96 9.55 2.09
CA CYS A 28 2.86 9.93 0.69
C CYS A 28 3.55 11.26 0.40
N ASN A 29 3.32 12.24 1.27
CA ASN A 29 3.93 13.56 1.11
C ASN A 29 5.44 13.44 0.95
N LYS A 30 6.00 12.48 1.65
CA LYS A 30 7.44 12.24 1.61
C LYS A 30 7.85 11.61 0.29
N LYS A 31 7.02 10.69 -0.21
CA LYS A 31 7.30 9.99 -1.45
C LYS A 31 7.48 10.94 -2.63
N ASP A 32 7.62 10.33 -3.79
CA ASP A 32 7.79 11.05 -5.04
C ASP A 32 7.08 10.27 -6.14
N GLN A 33 7.25 10.67 -7.38
CA GLN A 33 6.60 9.96 -8.49
C GLN A 33 6.95 8.47 -8.41
N ASN A 34 8.25 8.19 -8.30
CA ASN A 34 8.73 6.82 -8.22
C ASN A 34 8.34 6.17 -6.89
N GLU A 35 8.19 6.98 -5.85
CA GLU A 35 7.83 6.46 -4.53
C GLU A 35 6.34 6.60 -4.24
N CYS A 36 5.58 7.06 -5.22
CA CYS A 36 4.14 7.22 -5.03
C CYS A 36 3.51 5.85 -4.86
N LYS A 37 3.29 5.46 -3.61
CA LYS A 37 2.74 4.14 -3.29
C LYS A 37 1.26 4.02 -3.67
N SER A 38 0.80 2.77 -3.78
CA SER A 38 -0.57 2.48 -4.16
C SER A 38 -1.58 3.24 -3.30
N PRO A 39 -1.48 3.17 -1.96
CA PRO A 39 -2.39 3.89 -1.07
C PRO A 39 -2.50 5.35 -1.44
N CYS A 40 -1.38 5.91 -1.88
CA CYS A 40 -1.31 7.30 -2.27
C CYS A 40 -2.08 7.54 -3.56
N LYS A 41 -1.71 8.61 -4.25
CA LYS A 41 -2.32 8.98 -5.52
C LYS A 41 -1.50 10.07 -6.18
N TRP A 42 -0.91 9.73 -7.33
CA TRP A 42 -0.08 10.67 -8.06
C TRP A 42 -0.92 11.78 -8.67
N HIS A 43 -0.48 13.02 -8.46
CA HIS A 43 -1.19 14.18 -9.01
C HIS A 43 -0.34 14.90 -10.03
N ASN A 44 -0.72 14.74 -11.31
CA ASN A 44 -0.01 15.40 -12.40
C ASN A 44 -0.69 16.72 -12.75
N ASP A 45 -0.27 17.77 -12.05
CA ASP A 45 -0.81 19.11 -12.25
C ASP A 45 -0.24 20.05 -11.19
N ALA A 46 0.17 19.47 -10.07
CA ALA A 46 0.73 20.22 -8.96
C ALA A 46 1.81 21.20 -9.46
N GLU A 47 2.08 22.23 -8.66
CA GLU A 47 3.08 23.23 -9.01
C GLU A 47 4.36 22.56 -9.52
N ASN A 48 4.57 21.33 -9.08
CA ASN A 48 5.73 20.56 -9.48
C ASN A 48 5.46 19.07 -9.29
N LYS A 49 4.20 18.70 -9.47
CA LYS A 49 3.77 17.30 -9.31
C LYS A 49 3.92 16.86 -7.86
N LYS A 50 2.92 16.16 -7.32
CA LYS A 50 3.01 15.72 -5.93
C LYS A 50 2.14 14.50 -5.63
N CYS A 51 2.69 13.60 -4.79
CA CYS A 51 2.00 12.38 -4.39
C CYS A 51 1.30 12.59 -3.05
N THR A 52 0.07 12.10 -2.92
CA THR A 52 -0.69 12.26 -1.68
C THR A 52 -1.56 11.04 -1.39
N LEU A 53 -1.71 10.72 -0.11
CA LEU A 53 -2.51 9.59 0.34
C LEU A 53 -3.99 9.86 0.08
N ASP A 54 -4.71 8.82 -0.30
CA ASP A 54 -6.14 8.93 -0.56
C ASP A 54 -6.92 7.88 0.23
N LYS A 55 -7.91 8.34 0.98
CA LYS A 55 -8.73 7.44 1.80
C LYS A 55 -9.55 6.51 0.92
N GLU A 56 -10.08 7.04 -0.17
CA GLU A 56 -10.90 6.24 -1.08
C GLU A 56 -10.11 5.10 -1.70
N GLU A 57 -8.91 5.40 -2.19
CA GLU A 57 -8.07 4.38 -2.81
C GLU A 57 -7.55 3.39 -1.77
N ALA A 58 -7.07 3.91 -0.64
CA ALA A 58 -6.53 3.07 0.43
C ALA A 58 -7.59 2.14 1.02
N LYS A 59 -8.81 2.64 1.22
CA LYS A 59 -9.88 1.83 1.78
C LYS A 59 -10.19 0.67 0.86
N LYS A 60 -10.31 0.95 -0.43
CA LYS A 60 -10.63 -0.08 -1.41
C LYS A 60 -9.45 -1.04 -1.58
N VAL A 61 -8.23 -0.50 -1.57
CA VAL A 61 -7.04 -1.32 -1.73
C VAL A 61 -6.88 -2.29 -0.56
N ALA A 62 -7.22 -1.83 0.64
CA ALA A 62 -7.11 -2.65 1.84
C ALA A 62 -8.20 -3.72 1.87
N ASP A 63 -9.41 -3.33 1.46
CA ASP A 63 -10.54 -4.25 1.43
C ASP A 63 -10.50 -5.14 0.20
N GLU A 64 -9.30 -5.54 -0.20
CA GLU A 64 -9.12 -6.40 -1.36
C GLU A 64 -7.84 -7.22 -1.22
N THR A 65 -6.76 -6.56 -0.79
CA THR A 65 -5.48 -7.23 -0.61
C THR A 65 -5.43 -7.99 0.72
N ALA A 66 -6.47 -8.77 0.98
CA ALA A 66 -6.56 -9.55 2.21
C ALA A 66 -7.67 -10.58 2.13
N LYS A 67 -8.80 -10.18 1.54
CA LYS A 67 -9.97 -11.04 1.37
C LYS A 67 -10.71 -11.27 2.69
N ASP A 68 -9.94 -11.44 3.77
CA ASP A 68 -10.53 -11.66 5.09
C ASP A 68 -9.45 -11.61 6.16
N GLY A 69 -8.34 -12.32 5.92
CA GLY A 69 -7.25 -12.34 6.87
C GLY A 69 -7.68 -12.86 8.23
N LYS A 70 -7.39 -12.09 9.27
CA LYS A 70 -7.75 -12.48 10.63
C LYS A 70 -7.67 -11.28 11.58
N THR A 71 -8.63 -11.18 12.48
CA THR A 71 -8.67 -10.09 13.44
C THR A 71 -9.12 -10.57 14.82
N GLY A 72 -8.40 -10.13 15.84
CA GLY A 72 -8.73 -10.52 17.21
C GLY A 72 -7.83 -9.87 18.23
N ASN A 73 -6.53 -9.83 17.94
CA ASN A 73 -5.56 -9.23 18.84
C ASN A 73 -5.90 -7.77 19.13
N THR A 74 -5.76 -7.38 20.40
CA THR A 74 -6.06 -6.01 20.82
C THR A 74 -5.16 -5.01 20.10
N ASN A 75 -5.76 -3.92 19.63
CA ASN A 75 -5.03 -2.88 18.92
C ASN A 75 -5.96 -1.72 18.55
N THR A 76 -7.08 -2.07 17.94
CA THR A 76 -8.07 -1.07 17.53
C THR A 76 -8.70 -0.41 18.75
N THR A 77 -9.63 0.52 18.51
CA THR A 77 -10.30 1.22 19.60
C THR A 77 -11.39 0.35 20.23
N GLY A 78 -11.07 -0.93 20.47
CA GLY A 78 -12.03 -1.84 21.06
C GLY A 78 -11.46 -3.23 21.24
N SER A 79 -11.66 -3.80 22.42
CA SER A 79 -11.18 -5.15 22.72
C SER A 79 -11.85 -6.18 21.82
N SER A 80 -11.05 -7.10 21.27
CA SER A 80 -11.58 -8.14 20.39
C SER A 80 -12.27 -7.54 19.17
N GLY A 1 -8.67 -25.05 -9.22
CA GLY A 1 -9.13 -26.45 -9.34
C GLY A 1 -8.70 -27.10 -10.65
N SER A 2 -7.43 -26.92 -10.99
CA SER A 2 -6.88 -27.49 -12.22
C SER A 2 -5.36 -27.34 -12.26
N HIS A 3 -4.68 -28.40 -12.68
CA HIS A 3 -3.22 -28.40 -12.77
C HIS A 3 -2.74 -27.31 -13.73
N MET A 4 -1.69 -26.61 -13.31
CA MET A 4 -1.11 -25.55 -14.13
C MET A 4 0.20 -25.05 -13.53
N LEU A 5 0.25 -24.97 -12.21
CA LEU A 5 1.45 -24.51 -11.51
C LEU A 5 1.34 -24.78 -10.01
N GLU A 6 2.41 -25.34 -9.44
CA GLU A 6 2.44 -25.65 -8.02
C GLU A 6 2.43 -24.36 -7.19
N VAL A 7 1.57 -24.33 -6.19
CA VAL A 7 1.46 -23.16 -5.31
C VAL A 7 2.78 -22.88 -4.59
N LEU A 8 3.14 -21.61 -4.52
CA LEU A 8 4.37 -21.20 -3.86
C LEU A 8 4.28 -21.45 -2.34
N THR A 9 4.53 -20.40 -1.54
CA THR A 9 4.47 -20.50 -0.08
C THR A 9 5.08 -21.81 0.42
N GLN A 10 6.23 -22.16 -0.13
CA GLN A 10 6.92 -23.39 0.26
C GLN A 10 7.67 -23.19 1.57
N LYS A 11 6.98 -22.70 2.59
CA LYS A 11 7.59 -22.47 3.90
C LYS A 11 6.54 -22.45 5.01
N HIS A 12 6.16 -23.64 5.47
CA HIS A 12 5.19 -23.79 6.55
C HIS A 12 3.81 -23.26 6.13
N LYS A 13 3.22 -22.41 6.99
CA LYS A 13 1.89 -21.85 6.73
C LYS A 13 1.75 -21.35 5.30
N PRO A 14 0.62 -21.66 4.64
CA PRO A 14 0.35 -21.24 3.26
C PRO A 14 0.05 -19.76 3.14
N ALA A 15 0.50 -19.15 2.05
CA ALA A 15 0.28 -17.73 1.81
C ALA A 15 0.88 -16.88 2.92
N GLU A 16 2.06 -17.28 3.40
CA GLU A 16 2.74 -16.56 4.46
C GLU A 16 3.35 -15.26 3.93
N SER A 17 3.96 -15.37 2.75
CA SER A 17 4.59 -14.22 2.10
C SER A 17 3.56 -13.19 1.65
N GLN A 18 3.82 -11.93 1.98
CA GLN A 18 2.93 -10.83 1.61
C GLN A 18 3.54 -9.48 2.01
N GLN A 19 3.59 -8.56 1.05
CA GLN A 19 4.15 -7.23 1.32
C GLN A 19 3.14 -6.33 2.01
N GLN A 20 3.52 -5.79 3.15
CA GLN A 20 2.66 -4.91 3.92
C GLN A 20 2.60 -3.52 3.29
N ALA A 21 1.40 -2.99 3.10
CA ALA A 21 1.22 -1.67 2.51
C ALA A 21 1.60 -0.58 3.51
N ALA A 22 2.46 0.34 3.08
CA ALA A 22 2.88 1.43 3.94
C ALA A 22 2.05 2.66 3.67
N GLU A 23 0.75 2.45 3.66
CA GLU A 23 -0.21 3.51 3.39
C GLU A 23 -0.42 4.42 4.61
N THR A 24 -0.11 5.68 4.41
CA THR A 24 -0.27 6.71 5.45
C THR A 24 -0.27 8.07 4.79
N GLU A 25 -1.13 8.96 5.27
CA GLU A 25 -1.23 10.30 4.71
C GLU A 25 0.12 11.00 4.81
N GLY A 26 0.81 10.76 5.91
CA GLY A 26 2.10 11.37 6.13
C GLY A 26 3.17 10.88 5.17
N SER A 27 3.19 9.59 4.87
CA SER A 27 4.18 9.04 3.97
C SER A 27 3.95 9.48 2.54
N CYS A 28 2.70 9.38 2.10
CA CYS A 28 2.32 9.77 0.74
C CYS A 28 2.74 11.20 0.42
N ASN A 29 2.42 12.13 1.31
CA ASN A 29 2.76 13.53 1.10
C ASN A 29 4.26 13.68 0.83
N LYS A 30 5.05 12.86 1.49
CA LYS A 30 6.50 12.89 1.33
C LYS A 30 6.94 12.31 0.00
N LYS A 31 6.23 11.27 -0.46
CA LYS A 31 6.56 10.61 -1.70
C LYS A 31 6.63 11.57 -2.88
N ASP A 32 6.89 10.99 -4.03
CA ASP A 32 6.98 11.72 -5.28
C ASP A 32 6.41 10.86 -6.39
N GLN A 33 6.83 11.09 -7.63
CA GLN A 33 6.34 10.30 -8.74
C GLN A 33 6.77 8.84 -8.58
N ASN A 34 8.08 8.64 -8.50
CA ASN A 34 8.66 7.31 -8.35
C ASN A 34 8.51 6.80 -6.92
N GLU A 35 7.63 7.45 -6.16
CA GLU A 35 7.40 7.06 -4.77
C GLU A 35 5.92 7.11 -4.41
N CYS A 36 5.11 7.65 -5.30
CA CYS A 36 3.67 7.73 -5.05
C CYS A 36 3.11 6.31 -5.03
N LYS A 37 2.91 5.77 -3.84
CA LYS A 37 2.42 4.41 -3.68
C LYS A 37 0.96 4.28 -4.10
N SER A 38 0.53 3.03 -4.32
CA SER A 38 -0.82 2.73 -4.74
C SER A 38 -1.87 3.43 -3.86
N PRO A 39 -1.78 3.30 -2.52
CA PRO A 39 -2.72 3.96 -1.62
C PRO A 39 -2.72 5.47 -1.83
N CYS A 40 -1.54 5.98 -2.14
CA CYS A 40 -1.36 7.41 -2.37
C CYS A 40 -1.96 7.83 -3.72
N LYS A 41 -2.42 9.07 -3.79
CA LYS A 41 -2.98 9.60 -5.02
C LYS A 41 -1.96 10.45 -5.75
N TRP A 42 -1.67 10.08 -7.00
CA TRP A 42 -0.70 10.81 -7.79
C TRP A 42 -1.29 12.09 -8.37
N HIS A 43 -0.51 13.16 -8.29
CA HIS A 43 -0.94 14.45 -8.82
C HIS A 43 0.01 14.93 -9.92
N ASN A 44 -0.42 14.74 -11.17
CA ASN A 44 0.37 15.14 -12.33
C ASN A 44 0.17 16.62 -12.65
N ASP A 45 1.08 17.17 -13.46
CA ASP A 45 1.02 18.58 -13.85
C ASP A 45 1.04 19.46 -12.61
N ALA A 46 1.78 19.02 -11.59
CA ALA A 46 1.91 19.76 -10.35
C ALA A 46 3.04 20.78 -10.44
N GLU A 47 2.96 21.82 -9.61
CA GLU A 47 3.98 22.86 -9.59
C GLU A 47 5.36 22.24 -9.42
N ASN A 48 5.38 21.05 -8.81
CA ASN A 48 6.63 20.33 -8.57
C ASN A 48 6.33 18.89 -8.14
N LYS A 49 5.38 18.27 -8.84
CA LYS A 49 4.97 16.90 -8.55
C LYS A 49 4.33 16.81 -7.17
N LYS A 50 3.14 16.23 -7.10
CA LYS A 50 2.43 16.11 -5.83
C LYS A 50 1.82 14.72 -5.65
N CYS A 51 1.82 14.25 -4.40
CA CYS A 51 1.26 12.95 -4.06
C CYS A 51 0.74 12.96 -2.63
N THR A 52 -0.54 12.61 -2.47
CA THR A 52 -1.16 12.60 -1.15
C THR A 52 -2.10 11.40 -1.01
N LEU A 53 -2.00 10.72 0.13
CA LEU A 53 -2.82 9.54 0.39
C LEU A 53 -4.30 9.83 0.22
N ASP A 54 -4.99 8.94 -0.47
CA ASP A 54 -6.43 9.07 -0.67
C ASP A 54 -7.15 8.08 0.22
N LYS A 55 -8.11 8.57 1.01
CA LYS A 55 -8.85 7.71 1.92
C LYS A 55 -9.57 6.60 1.15
N GLU A 56 -10.26 6.98 0.08
CA GLU A 56 -10.99 6.02 -0.73
C GLU A 56 -10.06 4.94 -1.27
N GLU A 57 -8.88 5.36 -1.71
CA GLU A 57 -7.89 4.43 -2.25
C GLU A 57 -7.39 3.48 -1.16
N ALA A 58 -6.99 4.04 -0.03
CA ALA A 58 -6.48 3.24 1.09
C ALA A 58 -7.50 2.19 1.50
N LYS A 59 -8.77 2.58 1.56
CA LYS A 59 -9.85 1.68 1.94
C LYS A 59 -9.96 0.51 0.97
N LYS A 60 -9.90 0.81 -0.33
CA LYS A 60 -10.00 -0.23 -1.36
C LYS A 60 -8.80 -1.18 -1.31
N VAL A 61 -7.61 -0.61 -1.16
CA VAL A 61 -6.39 -1.43 -1.09
C VAL A 61 -6.42 -2.36 0.12
N ALA A 62 -6.79 -1.81 1.27
CA ALA A 62 -6.87 -2.59 2.50
C ALA A 62 -7.94 -3.67 2.39
N ASP A 63 -9.06 -3.30 1.77
CA ASP A 63 -10.17 -4.24 1.58
C ASP A 63 -9.91 -5.17 0.41
N GLU A 64 -8.66 -5.58 0.28
CA GLU A 64 -8.24 -6.46 -0.79
C GLU A 64 -7.07 -7.33 -0.33
N THR A 65 -6.07 -6.69 0.28
CA THR A 65 -4.90 -7.41 0.78
C THR A 65 -5.17 -8.03 2.14
N ALA A 66 -6.44 -8.36 2.38
CA ALA A 66 -6.86 -8.96 3.64
C ALA A 66 -8.35 -9.26 3.63
N LYS A 67 -8.86 -9.66 2.47
CA LYS A 67 -10.27 -9.97 2.31
C LYS A 67 -10.71 -11.09 3.25
N ASP A 68 -9.81 -12.05 3.45
CA ASP A 68 -10.10 -13.19 4.33
C ASP A 68 -10.51 -12.72 5.72
N GLY A 69 -11.56 -13.33 6.26
CA GLY A 69 -12.05 -12.98 7.58
C GLY A 69 -13.26 -13.80 7.98
N LYS A 70 -13.22 -15.10 7.69
CA LYS A 70 -14.31 -16.01 8.02
C LYS A 70 -13.93 -17.44 7.68
N THR A 71 -12.87 -17.94 8.32
CA THR A 71 -12.40 -19.29 8.09
C THR A 71 -13.53 -20.31 8.21
N GLY A 72 -13.58 -21.24 7.26
CA GLY A 72 -14.63 -22.25 7.28
C GLY A 72 -14.52 -23.21 6.11
N ASN A 73 -13.32 -23.73 5.89
CA ASN A 73 -13.08 -24.67 4.79
C ASN A 73 -14.00 -25.88 4.89
N THR A 74 -14.52 -26.30 3.75
CA THR A 74 -15.43 -27.45 3.69
C THR A 74 -14.77 -28.70 4.26
N ASN A 75 -13.49 -28.89 3.95
CA ASN A 75 -12.75 -30.04 4.44
C ASN A 75 -11.26 -29.89 4.13
N THR A 76 -10.42 -30.39 5.02
CA THR A 76 -8.98 -30.31 4.84
C THR A 76 -8.56 -30.83 3.47
N THR A 77 -7.75 -30.04 2.78
CA THR A 77 -7.27 -30.41 1.45
C THR A 77 -8.44 -30.64 0.49
N GLY A 78 -9.42 -29.74 0.55
CA GLY A 78 -10.58 -29.85 -0.32
C GLY A 78 -10.24 -29.61 -1.79
N SER A 79 -11.09 -28.87 -2.48
CA SER A 79 -10.88 -28.56 -3.89
C SER A 79 -9.88 -27.42 -4.05
N SER A 80 -8.63 -27.64 -3.63
CA SER A 80 -7.60 -26.63 -3.73
C SER A 80 -7.29 -26.30 -5.20
N GLY A 1 19.40 -6.48 -17.17
CA GLY A 1 18.26 -7.37 -17.52
C GLY A 1 18.70 -8.64 -18.21
N SER A 2 19.72 -9.29 -17.64
CA SER A 2 20.24 -10.54 -18.20
C SER A 2 19.22 -11.68 -18.05
N HIS A 3 19.71 -12.88 -17.76
CA HIS A 3 18.85 -14.04 -17.60
C HIS A 3 17.89 -13.84 -16.43
N MET A 4 16.60 -14.09 -16.67
CA MET A 4 15.58 -13.95 -15.64
C MET A 4 15.77 -14.96 -14.52
N LEU A 5 15.64 -14.50 -13.29
CA LEU A 5 15.80 -15.37 -12.12
C LEU A 5 14.96 -14.85 -10.96
N GLU A 6 14.18 -15.75 -10.35
CA GLU A 6 13.33 -15.40 -9.23
C GLU A 6 12.43 -14.21 -9.57
N VAL A 7 11.89 -14.22 -10.78
CA VAL A 7 11.01 -13.15 -11.23
C VAL A 7 9.72 -13.12 -10.41
N LEU A 8 9.36 -11.93 -9.94
CA LEU A 8 8.15 -11.77 -9.15
C LEU A 8 6.91 -11.93 -10.02
N THR A 9 6.98 -11.38 -11.23
CA THR A 9 5.87 -11.46 -12.17
C THR A 9 6.36 -11.14 -13.58
N GLN A 10 6.27 -12.14 -14.45
CA GLN A 10 6.69 -11.99 -15.85
C GLN A 10 6.43 -13.30 -16.60
N LYS A 11 5.29 -13.90 -16.33
CA LYS A 11 4.90 -15.16 -16.96
C LYS A 11 3.40 -15.35 -16.91
N HIS A 12 2.82 -15.70 -18.07
CA HIS A 12 1.38 -15.91 -18.20
C HIS A 12 0.62 -14.58 -18.19
N LYS A 13 1.05 -13.66 -17.33
CA LYS A 13 0.41 -12.35 -17.23
C LYS A 13 1.36 -11.33 -16.59
N PRO A 14 1.46 -10.12 -17.18
CA PRO A 14 2.33 -9.07 -16.67
C PRO A 14 1.74 -8.33 -15.46
N ALA A 15 1.20 -9.11 -14.52
CA ALA A 15 0.59 -8.53 -13.32
C ALA A 15 0.28 -9.61 -12.28
N GLU A 16 0.69 -9.35 -11.05
CA GLU A 16 0.46 -10.29 -9.94
C GLU A 16 0.91 -9.68 -8.62
N SER A 17 2.05 -9.01 -8.66
CA SER A 17 2.60 -8.35 -7.48
C SER A 17 1.74 -7.15 -7.08
N GLN A 18 2.37 -5.97 -6.96
CA GLN A 18 1.65 -4.77 -6.59
C GLN A 18 0.97 -4.92 -5.23
N GLN A 19 1.74 -5.42 -4.26
CA GLN A 19 1.23 -5.63 -2.91
C GLN A 19 0.64 -4.34 -2.33
N GLN A 20 -0.51 -4.47 -1.68
CA GLN A 20 -1.19 -3.31 -1.09
C GLN A 20 -0.29 -2.61 -0.09
N ALA A 21 -0.45 -1.30 0.03
CA ALA A 21 0.36 -0.51 0.95
C ALA A 21 -0.53 0.30 1.89
N ALA A 22 -0.17 0.30 3.17
CA ALA A 22 -0.93 1.03 4.17
C ALA A 22 -0.16 2.27 4.61
N GLU A 23 0.13 3.12 3.64
CA GLU A 23 0.87 4.35 3.88
C GLU A 23 0.04 5.37 4.65
N THR A 24 0.41 6.64 4.52
CA THR A 24 -0.29 7.74 5.19
C THR A 24 -0.12 9.04 4.42
N GLU A 25 -1.06 9.97 4.59
CA GLU A 25 -1.00 11.24 3.90
C GLU A 25 0.35 11.90 4.08
N GLY A 26 0.85 11.89 5.30
CA GLY A 26 2.14 12.49 5.59
C GLY A 26 3.27 11.79 4.88
N SER A 27 3.21 10.47 4.80
CA SER A 27 4.26 9.70 4.14
C SER A 27 4.23 9.90 2.63
N CYS A 28 3.05 9.75 2.03
CA CYS A 28 2.90 9.90 0.58
C CYS A 28 3.46 11.22 0.08
N ASN A 29 3.15 12.31 0.78
CA ASN A 29 3.64 13.63 0.40
C ASN A 29 5.15 13.65 0.22
N LYS A 30 5.82 12.79 0.97
CA LYS A 30 7.28 12.70 0.92
C LYS A 30 7.74 11.78 -0.21
N LYS A 31 6.96 10.75 -0.48
CA LYS A 31 7.29 9.78 -1.52
C LYS A 31 7.32 10.42 -2.90
N ASP A 32 8.42 10.22 -3.62
CA ASP A 32 8.57 10.75 -4.96
C ASP A 32 7.63 10.03 -5.92
N GLN A 33 7.66 10.41 -7.20
CA GLN A 33 6.79 9.79 -8.20
C GLN A 33 6.85 8.26 -8.10
N ASN A 34 8.07 7.72 -8.11
CA ASN A 34 8.27 6.29 -8.01
C ASN A 34 7.85 5.76 -6.64
N GLU A 35 8.09 6.56 -5.60
CA GLU A 35 7.74 6.19 -4.24
C GLU A 35 6.25 6.38 -3.99
N CYS A 36 5.58 7.08 -4.89
CA CYS A 36 4.15 7.31 -4.75
C CYS A 36 3.44 5.96 -4.73
N LYS A 37 3.10 5.52 -3.53
CA LYS A 37 2.46 4.23 -3.33
C LYS A 37 1.03 4.21 -3.85
N SER A 38 0.52 2.99 -4.07
CA SER A 38 -0.82 2.80 -4.60
C SER A 38 -1.87 3.60 -3.82
N PRO A 39 -1.93 3.47 -2.48
CA PRO A 39 -2.90 4.20 -1.66
C PRO A 39 -2.79 5.70 -1.91
N CYS A 40 -1.57 6.16 -2.17
CA CYS A 40 -1.32 7.57 -2.42
C CYS A 40 -1.90 8.00 -3.77
N LYS A 41 -2.32 9.25 -3.86
CA LYS A 41 -2.87 9.80 -5.09
C LYS A 41 -1.86 10.67 -5.82
N TRP A 42 -1.52 10.26 -7.04
CA TRP A 42 -0.56 10.97 -7.86
C TRP A 42 -1.23 12.10 -8.64
N HIS A 43 -0.49 13.16 -8.91
CA HIS A 43 -1.00 14.30 -9.66
C HIS A 43 0.08 14.87 -10.58
N ASN A 44 -0.20 14.84 -11.88
CA ASN A 44 0.74 15.34 -12.88
C ASN A 44 0.54 16.83 -13.13
N ASP A 45 1.65 17.53 -13.38
CA ASP A 45 1.62 18.96 -13.65
C ASP A 45 0.99 19.73 -12.49
N ALA A 46 1.12 19.18 -11.28
CA ALA A 46 0.57 19.84 -10.10
C ALA A 46 1.54 20.90 -9.58
N GLU A 47 1.46 21.19 -8.29
CA GLU A 47 2.34 22.18 -7.68
C GLU A 47 3.71 21.55 -7.39
N ASN A 48 4.40 21.16 -8.46
CA ASN A 48 5.71 20.51 -8.36
C ASN A 48 5.51 19.05 -8.04
N LYS A 49 4.52 18.47 -8.69
CA LYS A 49 4.16 17.06 -8.52
C LYS A 49 3.51 16.83 -7.17
N LYS A 50 2.40 16.10 -7.16
CA LYS A 50 1.67 15.82 -5.93
C LYS A 50 1.36 14.34 -5.75
N CYS A 51 1.52 13.86 -4.53
CA CYS A 51 1.25 12.46 -4.19
C CYS A 51 0.55 12.39 -2.84
N THR A 52 -0.66 12.95 -2.79
CA THR A 52 -1.43 12.97 -1.54
C THR A 52 -2.20 11.67 -1.32
N LEU A 53 -2.03 11.11 -0.13
CA LEU A 53 -2.70 9.87 0.25
C LEU A 53 -4.21 10.05 0.28
N ASP A 54 -4.92 9.01 -0.13
CA ASP A 54 -6.38 9.05 -0.15
C ASP A 54 -6.93 7.95 0.76
N LYS A 55 -7.80 8.34 1.69
CA LYS A 55 -8.40 7.40 2.62
C LYS A 55 -9.31 6.40 1.92
N GLU A 56 -10.15 6.91 1.02
CA GLU A 56 -11.08 6.07 0.27
C GLU A 56 -10.37 5.05 -0.61
N GLU A 57 -9.33 5.51 -1.32
CA GLU A 57 -8.58 4.62 -2.21
C GLU A 57 -7.74 3.64 -1.41
N ALA A 58 -7.08 4.13 -0.37
CA ALA A 58 -6.24 3.27 0.47
C ALA A 58 -7.03 2.11 1.05
N LYS A 59 -8.20 2.39 1.61
CA LYS A 59 -9.04 1.35 2.20
C LYS A 59 -9.48 0.35 1.13
N LYS A 60 -9.81 0.85 -0.06
CA LYS A 60 -10.23 -0.01 -1.16
C LYS A 60 -9.11 -0.95 -1.59
N VAL A 61 -7.92 -0.39 -1.78
CA VAL A 61 -6.76 -1.17 -2.20
C VAL A 61 -6.46 -2.29 -1.20
N ALA A 62 -6.43 -1.94 0.07
CA ALA A 62 -6.14 -2.91 1.12
C ALA A 62 -7.26 -3.95 1.22
N ASP A 63 -8.50 -3.50 1.07
CA ASP A 63 -9.67 -4.38 1.14
C ASP A 63 -9.89 -5.12 -0.17
N GLU A 64 -8.83 -5.34 -0.92
CA GLU A 64 -8.90 -6.04 -2.18
C GLU A 64 -8.75 -7.54 -1.96
N THR A 65 -7.90 -7.90 -1.01
CA THR A 65 -7.64 -9.29 -0.68
C THR A 65 -8.79 -9.88 0.14
N ALA A 66 -10.00 -9.40 -0.11
CA ALA A 66 -11.18 -9.89 0.60
C ALA A 66 -12.46 -9.35 -0.04
N LYS A 67 -12.45 -8.06 -0.37
CA LYS A 67 -13.61 -7.43 -0.99
C LYS A 67 -14.84 -7.53 -0.10
N ASP A 68 -14.65 -7.26 1.19
CA ASP A 68 -15.74 -7.33 2.16
C ASP A 68 -15.30 -6.77 3.51
N GLY A 69 -14.11 -7.16 3.94
CA GLY A 69 -13.59 -6.69 5.22
C GLY A 69 -12.23 -7.27 5.55
N LYS A 70 -12.07 -7.72 6.79
CA LYS A 70 -10.81 -8.30 7.24
C LYS A 70 -10.95 -8.91 8.63
N THR A 71 -11.68 -8.22 9.51
CA THR A 71 -11.89 -8.69 10.86
C THR A 71 -12.55 -10.06 10.87
N GLY A 72 -12.03 -10.97 11.71
CA GLY A 72 -12.57 -12.30 11.80
C GLY A 72 -14.02 -12.30 12.27
N ASN A 73 -14.87 -13.06 11.60
CA ASN A 73 -16.28 -13.15 11.95
C ASN A 73 -16.46 -13.78 13.33
N THR A 74 -17.28 -13.15 14.16
CA THR A 74 -17.53 -13.65 15.51
C THR A 74 -18.37 -14.93 15.48
N ASN A 75 -19.33 -15.04 16.41
CA ASN A 75 -20.21 -16.21 16.51
C ASN A 75 -19.47 -17.39 17.14
N THR A 76 -18.25 -17.64 16.67
CA THR A 76 -17.45 -18.74 17.21
C THR A 76 -17.09 -18.48 18.67
N THR A 77 -17.41 -19.43 19.53
CA THR A 77 -17.14 -19.32 20.97
C THR A 77 -18.11 -18.35 21.65
N GLY A 78 -18.38 -17.22 21.01
CA GLY A 78 -19.28 -16.24 21.59
C GLY A 78 -19.24 -14.90 20.87
N SER A 79 -20.41 -14.33 20.60
CA SER A 79 -20.49 -13.05 19.92
C SER A 79 -19.90 -11.93 20.78
N SER A 80 -19.03 -11.13 20.19
CA SER A 80 -18.38 -10.03 20.90
C SER A 80 -19.41 -8.95 21.27
N GLY A 1 25.88 -12.06 -11.63
CA GLY A 1 26.23 -10.65 -11.30
C GLY A 1 26.52 -10.47 -9.82
N SER A 2 25.94 -9.42 -9.23
CA SER A 2 26.14 -9.14 -7.81
C SER A 2 25.48 -10.21 -6.94
N HIS A 3 24.87 -9.79 -5.83
CA HIS A 3 24.22 -10.72 -4.92
C HIS A 3 23.07 -11.44 -5.62
N MET A 4 23.03 -12.76 -5.49
CA MET A 4 21.98 -13.56 -6.10
C MET A 4 20.62 -13.24 -5.49
N LEU A 5 19.61 -13.08 -6.35
CA LEU A 5 18.26 -12.77 -5.90
C LEU A 5 17.72 -13.86 -4.97
N GLU A 6 17.11 -13.44 -3.88
CA GLU A 6 16.54 -14.38 -2.90
C GLU A 6 15.41 -15.20 -3.53
N VAL A 7 15.39 -16.49 -3.25
CA VAL A 7 14.37 -17.39 -3.78
C VAL A 7 12.98 -16.96 -3.32
N LEU A 8 12.04 -16.96 -4.27
CA LEU A 8 10.66 -16.57 -3.98
C LEU A 8 9.95 -17.61 -3.13
N THR A 9 9.18 -17.15 -2.15
CA THR A 9 8.45 -18.04 -1.26
C THR A 9 7.41 -18.84 -2.03
N GLN A 10 6.74 -18.17 -2.97
CA GLN A 10 5.73 -18.80 -3.81
C GLN A 10 4.50 -19.22 -3.00
N LYS A 11 3.73 -18.23 -2.54
CA LYS A 11 2.53 -18.51 -1.77
C LYS A 11 1.56 -17.33 -1.84
N HIS A 12 0.31 -17.62 -2.20
CA HIS A 12 -0.74 -16.60 -2.33
C HIS A 12 -0.53 -15.72 -3.56
N LYS A 13 0.72 -15.38 -3.85
CA LYS A 13 1.05 -14.55 -4.99
C LYS A 13 2.56 -14.52 -5.22
N PRO A 14 3.00 -14.53 -6.49
CA PRO A 14 4.42 -14.50 -6.84
C PRO A 14 5.05 -13.12 -6.65
N ALA A 15 4.70 -12.47 -5.54
CA ALA A 15 5.23 -11.14 -5.24
C ALA A 15 6.74 -11.19 -5.04
N GLU A 16 7.43 -10.17 -5.56
CA GLU A 16 8.88 -10.10 -5.44
C GLU A 16 9.30 -9.62 -4.05
N SER A 17 8.63 -10.13 -3.02
CA SER A 17 8.94 -9.75 -1.64
C SER A 17 8.91 -8.25 -1.46
N GLN A 18 7.90 -7.60 -2.03
CA GLN A 18 7.75 -6.15 -1.94
C GLN A 18 6.28 -5.74 -2.04
N GLN A 19 5.43 -6.43 -1.29
CA GLN A 19 4.00 -6.14 -1.30
C GLN A 19 3.74 -4.73 -0.76
N GLN A 20 2.93 -3.97 -1.49
CA GLN A 20 2.61 -2.60 -1.10
C GLN A 20 1.91 -2.53 0.25
N ALA A 21 2.16 -1.45 0.98
CA ALA A 21 1.55 -1.24 2.28
C ALA A 21 0.82 0.10 2.34
N ALA A 22 -0.40 0.07 2.85
CA ALA A 22 -1.21 1.28 2.95
C ALA A 22 -0.53 2.33 3.84
N GLU A 23 0.16 3.27 3.20
CA GLU A 23 0.84 4.34 3.91
C GLU A 23 -0.17 5.34 4.46
N THR A 24 0.24 6.60 4.55
CA THR A 24 -0.63 7.64 5.07
C THR A 24 -0.39 8.94 4.33
N GLU A 25 -1.42 9.78 4.24
CA GLU A 25 -1.33 11.05 3.54
C GLU A 25 -0.05 11.78 3.90
N GLY A 26 0.30 11.74 5.18
CA GLY A 26 1.50 12.42 5.64
C GLY A 26 2.77 11.83 5.06
N SER A 27 2.84 10.52 4.94
CA SER A 27 4.04 9.87 4.42
C SER A 27 4.13 9.99 2.89
N CYS A 28 3.02 9.73 2.21
CA CYS A 28 3.02 9.76 0.75
C CYS A 28 3.38 11.13 0.20
N ASN A 29 2.97 12.21 0.87
CA ASN A 29 3.30 13.55 0.40
C ASN A 29 4.81 13.65 0.20
N LYS A 30 5.53 12.84 0.96
CA LYS A 30 6.98 12.80 0.87
C LYS A 30 7.43 11.84 -0.22
N LYS A 31 6.64 10.81 -0.46
CA LYS A 31 6.95 9.82 -1.48
C LYS A 31 7.14 10.46 -2.86
N ASP A 32 8.29 10.22 -3.46
CA ASP A 32 8.58 10.75 -4.79
C ASP A 32 7.60 10.17 -5.80
N GLN A 33 7.71 10.59 -7.06
CA GLN A 33 6.82 10.09 -8.10
C GLN A 33 6.75 8.57 -8.09
N ASN A 34 7.91 7.92 -8.18
CA ASN A 34 7.99 6.48 -8.17
C ASN A 34 7.46 5.93 -6.84
N GLU A 35 7.70 6.67 -5.78
CA GLU A 35 7.26 6.29 -4.44
C GLU A 35 5.75 6.38 -4.32
N CYS A 36 5.16 7.31 -5.05
CA CYS A 36 3.72 7.52 -5.03
C CYS A 36 3.02 6.17 -5.03
N LYS A 37 2.65 5.73 -3.85
CA LYS A 37 2.02 4.42 -3.67
C LYS A 37 0.61 4.37 -4.24
N SER A 38 0.13 3.15 -4.49
CA SER A 38 -1.19 2.92 -5.07
C SER A 38 -2.30 3.55 -4.22
N PRO A 39 -2.34 3.27 -2.90
CA PRO A 39 -3.36 3.83 -2.02
C PRO A 39 -3.42 5.34 -2.15
N CYS A 40 -2.31 5.91 -2.58
CA CYS A 40 -2.19 7.36 -2.78
C CYS A 40 -2.87 7.79 -4.07
N LYS A 41 -2.38 8.88 -4.63
CA LYS A 41 -2.91 9.43 -5.87
C LYS A 41 -1.96 10.48 -6.42
N TRP A 42 -1.46 10.24 -7.63
CA TRP A 42 -0.52 11.15 -8.27
C TRP A 42 -1.20 12.44 -8.72
N HIS A 43 -0.46 13.54 -8.63
CA HIS A 43 -0.98 14.84 -9.04
C HIS A 43 -0.03 15.52 -10.03
N ASN A 44 -0.50 15.67 -11.26
CA ASN A 44 0.29 16.28 -12.33
C ASN A 44 0.19 17.80 -12.28
N ASP A 45 1.27 18.47 -12.67
CA ASP A 45 1.33 19.93 -12.68
C ASP A 45 1.03 20.50 -11.29
N ALA A 46 1.46 19.78 -10.27
CA ALA A 46 1.26 20.20 -8.89
C ALA A 46 2.33 21.19 -8.47
N GLU A 47 2.65 22.12 -9.37
CA GLU A 47 3.67 23.13 -9.14
C GLU A 47 5.07 22.51 -9.22
N ASN A 48 5.15 21.22 -8.95
CA ASN A 48 6.42 20.50 -8.99
C ASN A 48 6.18 19.01 -8.75
N LYS A 49 5.02 18.53 -9.21
CA LYS A 49 4.63 17.13 -9.05
C LYS A 49 4.46 16.80 -7.57
N LYS A 50 3.31 16.23 -7.21
CA LYS A 50 3.04 15.89 -5.81
C LYS A 50 2.16 14.65 -5.68
N CYS A 51 2.41 13.86 -4.64
CA CYS A 51 1.64 12.66 -4.37
C CYS A 51 0.97 12.75 -3.00
N THR A 52 -0.26 12.23 -2.90
CA THR A 52 -0.98 12.27 -1.64
C THR A 52 -1.82 11.00 -1.45
N LEU A 53 -1.81 10.47 -0.23
CA LEU A 53 -2.56 9.27 0.10
C LEU A 53 -4.05 9.52 -0.05
N ASP A 54 -4.76 8.49 -0.50
CA ASP A 54 -6.21 8.59 -0.70
C ASP A 54 -6.94 7.65 0.25
N LYS A 55 -7.96 8.17 0.93
CA LYS A 55 -8.75 7.37 1.86
C LYS A 55 -9.50 6.26 1.15
N GLU A 56 -10.10 6.59 0.01
CA GLU A 56 -10.85 5.61 -0.77
C GLU A 56 -9.96 4.48 -1.26
N GLU A 57 -8.79 4.84 -1.78
CA GLU A 57 -7.85 3.85 -2.29
C GLU A 57 -7.23 3.03 -1.15
N ALA A 58 -6.93 3.70 -0.05
CA ALA A 58 -6.32 3.03 1.11
C ALA A 58 -7.28 2.02 1.74
N LYS A 59 -8.53 2.41 1.94
CA LYS A 59 -9.51 1.51 2.53
C LYS A 59 -9.68 0.28 1.65
N LYS A 60 -9.77 0.50 0.33
CA LYS A 60 -9.93 -0.57 -0.61
C LYS A 60 -8.67 -1.45 -0.66
N VAL A 61 -7.51 -0.81 -0.66
CA VAL A 61 -6.24 -1.53 -0.71
C VAL A 61 -6.08 -2.43 0.51
N ALA A 62 -6.51 -1.92 1.67
CA ALA A 62 -6.43 -2.66 2.92
C ALA A 62 -7.30 -3.90 2.83
N ASP A 63 -8.46 -3.75 2.22
CA ASP A 63 -9.40 -4.87 2.06
C ASP A 63 -8.98 -5.76 0.89
N GLU A 64 -7.68 -5.97 0.76
CA GLU A 64 -7.14 -6.79 -0.32
C GLU A 64 -5.84 -7.46 0.15
N THR A 65 -5.00 -6.68 0.83
CA THR A 65 -3.73 -7.20 1.33
C THR A 65 -3.96 -8.10 2.53
N ALA A 66 -5.23 -8.29 2.86
CA ALA A 66 -5.61 -9.14 3.99
C ALA A 66 -4.97 -8.68 5.29
N LYS A 67 -5.19 -7.42 5.63
CA LYS A 67 -4.65 -6.85 6.85
C LYS A 67 -5.63 -5.87 7.49
N ASP A 68 -6.90 -6.27 7.52
CA ASP A 68 -7.96 -5.45 8.09
C ASP A 68 -7.78 -5.28 9.59
N GLY A 69 -8.10 -4.09 10.09
CA GLY A 69 -7.97 -3.82 11.51
C GLY A 69 -8.50 -2.45 11.89
N LYS A 70 -7.77 -1.76 12.76
CA LYS A 70 -8.17 -0.43 13.21
C LYS A 70 -7.08 0.20 14.07
N THR A 71 -6.80 1.47 13.80
CA THR A 71 -5.78 2.20 14.54
C THR A 71 -6.13 2.25 16.03
N GLY A 72 -7.39 2.51 16.31
CA GLY A 72 -7.85 2.58 17.69
C GLY A 72 -9.34 2.89 17.79
N ASN A 73 -10.04 2.15 18.64
CA ASN A 73 -11.47 2.36 18.82
C ASN A 73 -11.76 3.78 19.28
N THR A 74 -12.66 4.45 18.56
CA THR A 74 -13.03 5.82 18.90
C THR A 74 -13.86 5.88 20.18
N ASN A 75 -13.53 6.83 21.04
CA ASN A 75 -14.22 7.01 22.30
C ASN A 75 -13.67 8.22 23.06
N THR A 76 -12.35 8.33 23.11
CA THR A 76 -11.69 9.44 23.79
C THR A 76 -11.93 10.75 23.05
N THR A 77 -11.23 11.80 23.48
CA THR A 77 -11.37 13.11 22.86
C THR A 77 -10.56 13.20 21.56
N GLY A 78 -10.65 12.14 20.75
CA GLY A 78 -9.93 12.12 19.48
C GLY A 78 -8.45 11.88 19.68
N SER A 79 -7.87 11.02 18.84
CA SER A 79 -6.45 10.70 18.94
C SER A 79 -5.61 11.96 18.82
N SER A 80 -5.02 12.37 19.94
CA SER A 80 -4.18 13.56 19.97
C SER A 80 -3.47 13.69 21.32
N GLY A 1 3.70 -31.23 11.53
CA GLY A 1 5.14 -31.10 11.20
C GLY A 1 5.46 -31.52 9.78
N SER A 2 4.60 -31.12 8.85
CA SER A 2 4.80 -31.47 7.44
C SER A 2 5.98 -30.70 6.85
N HIS A 3 5.86 -30.29 5.58
CA HIS A 3 6.93 -29.54 4.91
C HIS A 3 7.12 -28.18 5.58
N MET A 4 8.37 -27.83 5.81
CA MET A 4 8.69 -26.55 6.46
C MET A 4 8.18 -25.37 5.64
N LEU A 5 7.43 -24.49 6.30
CA LEU A 5 6.88 -23.31 5.65
C LEU A 5 7.98 -22.33 5.26
N GLU A 6 7.87 -21.77 4.06
CA GLU A 6 8.86 -20.82 3.56
C GLU A 6 8.64 -19.43 4.15
N VAL A 7 8.31 -19.37 5.44
CA VAL A 7 8.08 -18.11 6.12
C VAL A 7 9.37 -17.31 6.23
N LEU A 8 9.31 -16.02 5.92
CA LEU A 8 10.48 -15.15 6.00
C LEU A 8 10.86 -14.91 7.46
N THR A 9 11.04 -13.64 7.85
CA THR A 9 11.41 -13.31 9.23
C THR A 9 11.58 -11.80 9.41
N GLN A 10 10.96 -11.26 10.46
CA GLN A 10 11.05 -9.84 10.75
C GLN A 10 12.42 -9.48 11.30
N LYS A 11 13.04 -8.46 10.70
CA LYS A 11 14.36 -8.00 11.13
C LYS A 11 14.61 -6.57 10.68
N HIS A 12 14.80 -5.67 11.64
CA HIS A 12 15.06 -4.27 11.34
C HIS A 12 13.91 -3.66 10.53
N LYS A 13 12.69 -4.11 10.81
CA LYS A 13 11.51 -3.61 10.11
C LYS A 13 11.66 -3.69 8.59
N PRO A 14 11.81 -4.91 8.04
CA PRO A 14 11.96 -5.12 6.60
C PRO A 14 10.62 -5.30 5.89
N ALA A 15 9.64 -4.49 6.29
CA ALA A 15 8.30 -4.55 5.70
C ALA A 15 7.63 -5.88 6.01
N GLU A 16 6.41 -5.82 6.54
CA GLU A 16 5.66 -7.02 6.90
C GLU A 16 5.30 -7.82 5.66
N SER A 17 5.60 -9.11 5.68
CA SER A 17 5.32 -10.00 4.57
C SER A 17 6.00 -9.50 3.28
N GLN A 18 5.22 -9.13 2.26
CA GLN A 18 5.78 -8.65 1.00
C GLN A 18 4.70 -7.96 0.18
N GLN A 19 4.06 -6.96 0.78
CA GLN A 19 3.00 -6.21 0.11
C GLN A 19 2.86 -4.81 0.71
N GLN A 20 2.60 -3.83 -0.15
CA GLN A 20 2.44 -2.45 0.29
C GLN A 20 1.40 -2.35 1.41
N ALA A 21 1.59 -1.38 2.29
CA ALA A 21 0.68 -1.17 3.41
C ALA A 21 0.16 0.27 3.43
N ALA A 22 -1.09 0.44 3.81
CA ALA A 22 -1.70 1.77 3.87
C ALA A 22 -0.84 2.73 4.69
N GLU A 23 -0.09 3.57 3.99
CA GLU A 23 0.80 4.54 4.62
C GLU A 23 -0.02 5.64 5.29
N THR A 24 0.52 6.85 5.29
CA THR A 24 -0.15 7.99 5.91
C THR A 24 0.13 9.26 5.13
N GLU A 25 -0.76 10.23 5.26
CA GLU A 25 -0.63 11.51 4.55
C GLU A 25 0.79 12.04 4.67
N GLY A 26 1.36 11.90 5.86
CA GLY A 26 2.71 12.37 6.11
C GLY A 26 3.75 11.67 5.27
N SER A 27 3.62 10.35 5.12
CA SER A 27 4.59 9.58 4.34
C SER A 27 4.46 9.85 2.84
N CYS A 28 3.22 9.85 2.36
CA CYS A 28 2.95 10.09 0.94
C CYS A 28 3.55 11.40 0.46
N ASN A 29 3.35 12.47 1.22
CA ASN A 29 3.87 13.79 0.88
C ASN A 29 5.37 13.72 0.63
N LYS A 30 6.05 12.88 1.41
CA LYS A 30 7.48 12.73 1.30
C LYS A 30 7.85 12.04 -0.01
N LYS A 31 7.04 11.04 -0.39
CA LYS A 31 7.27 10.28 -1.60
C LYS A 31 7.34 11.16 -2.84
N ASP A 32 7.41 10.50 -3.97
CA ASP A 32 7.47 11.16 -5.28
C ASP A 32 6.73 10.31 -6.30
N GLN A 33 7.12 10.42 -7.56
CA GLN A 33 6.48 9.63 -8.61
C GLN A 33 6.67 8.14 -8.36
N ASN A 34 7.92 7.69 -8.44
CA ASN A 34 8.26 6.30 -8.22
C ASN A 34 8.20 5.93 -6.74
N GLU A 35 7.52 6.75 -5.95
CA GLU A 35 7.40 6.49 -4.52
C GLU A 35 5.96 6.68 -4.06
N CYS A 36 5.16 7.33 -4.89
CA CYS A 36 3.76 7.55 -4.54
C CYS A 36 3.07 6.20 -4.45
N LYS A 37 2.91 5.72 -3.22
CA LYS A 37 2.32 4.41 -2.97
C LYS A 37 0.83 4.37 -3.29
N SER A 38 0.31 3.14 -3.44
CA SER A 38 -1.08 2.91 -3.77
C SER A 38 -2.02 3.67 -2.82
N PRO A 39 -1.89 3.48 -1.49
CA PRO A 39 -2.74 4.18 -0.52
C PRO A 39 -2.80 5.66 -0.81
N CYS A 40 -1.68 6.20 -1.26
CA CYS A 40 -1.57 7.62 -1.58
C CYS A 40 -2.41 7.95 -2.81
N LYS A 41 -2.08 9.07 -3.44
CA LYS A 41 -2.76 9.53 -4.65
C LYS A 41 -1.83 10.40 -5.46
N TRP A 42 -1.46 9.90 -6.63
CA TRP A 42 -0.55 10.63 -7.52
C TRP A 42 -1.28 11.75 -8.24
N HIS A 43 -0.62 12.91 -8.34
CA HIS A 43 -1.21 14.06 -9.01
C HIS A 43 -0.28 14.56 -10.11
N ASN A 44 -0.57 14.15 -11.34
CA ASN A 44 0.23 14.56 -12.49
C ASN A 44 -0.34 15.82 -13.11
N ASP A 45 0.09 16.98 -12.60
CA ASP A 45 -0.36 18.27 -13.08
C ASP A 45 0.18 19.38 -12.19
N ALA A 46 0.42 19.03 -10.93
CA ALA A 46 0.93 19.97 -9.94
C ALA A 46 2.15 20.73 -10.49
N GLU A 47 2.43 21.88 -9.88
CA GLU A 47 3.55 22.72 -10.28
C GLU A 47 4.83 21.89 -10.38
N ASN A 48 4.86 20.77 -9.66
CA ASN A 48 6.02 19.89 -9.66
C ASN A 48 5.64 18.50 -9.15
N LYS A 49 4.46 18.04 -9.57
CA LYS A 49 3.97 16.72 -9.17
C LYS A 49 3.71 16.67 -7.66
N LYS A 50 2.60 16.04 -7.27
CA LYS A 50 2.27 15.94 -5.85
C LYS A 50 1.60 14.61 -5.50
N CYS A 51 1.98 14.06 -4.34
CA CYS A 51 1.42 12.80 -3.87
C CYS A 51 0.82 12.99 -2.47
N THR A 52 -0.40 12.48 -2.27
CA THR A 52 -1.07 12.62 -0.99
C THR A 52 -1.87 11.37 -0.63
N LEU A 53 -1.81 10.99 0.64
CA LEU A 53 -2.52 9.81 1.14
C LEU A 53 -4.03 10.04 1.08
N ASP A 54 -4.75 8.98 0.75
CA ASP A 54 -6.20 9.04 0.67
C ASP A 54 -6.84 7.78 1.25
N LYS A 55 -7.80 7.98 2.14
CA LYS A 55 -8.49 6.87 2.78
C LYS A 55 -9.26 6.03 1.76
N GLU A 56 -9.96 6.71 0.86
CA GLU A 56 -10.75 6.05 -0.17
C GLU A 56 -9.88 5.16 -1.07
N GLU A 57 -8.68 5.65 -1.39
CA GLU A 57 -7.77 4.91 -2.26
C GLU A 57 -7.15 3.73 -1.52
N ALA A 58 -6.69 3.96 -0.29
CA ALA A 58 -6.07 2.91 0.51
C ALA A 58 -7.02 1.73 0.71
N LYS A 59 -8.26 2.04 1.08
CA LYS A 59 -9.27 1.00 1.30
C LYS A 59 -9.58 0.27 0.00
N LYS A 60 -9.60 1.03 -1.10
CA LYS A 60 -9.90 0.47 -2.41
C LYS A 60 -8.80 -0.51 -2.85
N VAL A 61 -7.54 -0.10 -2.69
CA VAL A 61 -6.42 -0.93 -3.07
C VAL A 61 -6.37 -2.19 -2.22
N ALA A 62 -6.57 -2.03 -0.92
CA ALA A 62 -6.54 -3.15 0.01
C ALA A 62 -7.69 -4.12 -0.27
N ASP A 63 -8.83 -3.57 -0.72
CA ASP A 63 -10.00 -4.38 -1.02
C ASP A 63 -9.88 -5.07 -2.38
N GLU A 64 -8.66 -5.48 -2.72
CA GLU A 64 -8.41 -6.15 -3.99
C GLU A 64 -7.03 -6.82 -4.01
N THR A 65 -6.05 -6.16 -3.39
CA THR A 65 -4.69 -6.70 -3.34
C THR A 65 -4.57 -7.82 -2.31
N ALA A 66 -5.54 -8.72 -2.30
CA ALA A 66 -5.54 -9.84 -1.37
C ALA A 66 -6.57 -10.89 -1.76
N LYS A 67 -7.78 -10.44 -2.09
CA LYS A 67 -8.85 -11.35 -2.50
C LYS A 67 -8.46 -12.10 -3.76
N ASP A 68 -7.87 -11.39 -4.71
CA ASP A 68 -7.45 -11.99 -5.98
C ASP A 68 -6.44 -13.10 -5.74
N GLY A 69 -5.50 -12.86 -4.83
CA GLY A 69 -4.49 -13.86 -4.53
C GLY A 69 -3.60 -14.17 -5.73
N LYS A 70 -3.14 -13.11 -6.40
CA LYS A 70 -2.27 -13.27 -7.58
C LYS A 70 -1.01 -14.04 -7.21
N THR A 71 -0.64 -15.00 -8.06
CA THR A 71 0.55 -15.81 -7.84
C THR A 71 1.79 -14.95 -7.71
N GLY A 72 1.96 -14.02 -8.65
CA GLY A 72 3.12 -13.13 -8.62
C GLY A 72 3.19 -12.23 -9.84
N ASN A 73 3.01 -12.81 -11.02
CA ASN A 73 3.05 -12.06 -12.26
C ASN A 73 2.60 -12.92 -13.44
N THR A 74 1.79 -12.34 -14.32
CA THR A 74 1.30 -13.05 -15.49
C THR A 74 2.43 -13.33 -16.48
N ASN A 75 2.13 -13.22 -17.78
CA ASN A 75 3.13 -13.45 -18.81
C ASN A 75 2.56 -13.16 -20.20
N THR A 76 2.98 -13.94 -21.19
CA THR A 76 2.52 -13.76 -22.57
C THR A 76 1.01 -13.97 -22.68
N THR A 77 0.36 -13.09 -23.45
CA THR A 77 -1.08 -13.15 -23.65
C THR A 77 -1.86 -12.68 -22.42
N GLY A 78 -1.38 -13.05 -21.24
CA GLY A 78 -2.05 -12.65 -20.01
C GLY A 78 -3.24 -13.52 -19.68
N SER A 79 -4.07 -13.78 -20.68
CA SER A 79 -5.27 -14.62 -20.49
C SER A 79 -4.89 -16.10 -20.50
N SER A 80 -4.10 -16.51 -19.51
CA SER A 80 -3.68 -17.90 -19.40
C SER A 80 -2.85 -18.11 -18.13
N GLY A 1 2.83 -30.31 -6.98
CA GLY A 1 1.71 -30.37 -5.99
C GLY A 1 0.80 -29.16 -6.08
N SER A 2 0.40 -28.64 -4.93
CA SER A 2 -0.48 -27.48 -4.89
C SER A 2 0.21 -26.24 -5.46
N HIS A 3 -0.51 -25.49 -6.28
CA HIS A 3 0.03 -24.27 -6.89
C HIS A 3 -0.35 -23.04 -6.07
N MET A 4 0.58 -22.09 -5.97
CA MET A 4 0.33 -20.86 -5.22
C MET A 4 1.39 -19.82 -5.54
N LEU A 5 0.95 -18.55 -5.62
CA LEU A 5 1.85 -17.44 -5.91
C LEU A 5 2.52 -17.61 -7.27
N GLU A 6 3.81 -17.32 -7.36
CA GLU A 6 4.55 -17.44 -8.61
C GLU A 6 6.05 -17.22 -8.38
N VAL A 7 6.86 -18.03 -9.06
CA VAL A 7 8.31 -17.93 -8.93
C VAL A 7 8.81 -16.54 -9.31
N LEU A 8 9.72 -16.01 -8.50
CA LEU A 8 10.27 -14.68 -8.74
C LEU A 8 11.17 -14.69 -9.98
N THR A 9 12.46 -14.37 -9.80
CA THR A 9 13.41 -14.34 -10.91
C THR A 9 14.84 -14.45 -10.39
N GLN A 10 15.22 -15.67 -9.99
CA GLN A 10 16.55 -15.92 -9.45
C GLN A 10 16.77 -15.10 -8.18
N LYS A 11 17.99 -14.62 -7.97
CA LYS A 11 18.31 -13.82 -6.80
C LYS A 11 19.45 -12.85 -7.09
N HIS A 12 19.14 -11.73 -7.72
CA HIS A 12 20.13 -10.72 -8.04
C HIS A 12 19.91 -9.46 -7.21
N LYS A 13 18.67 -9.00 -7.18
CA LYS A 13 18.31 -7.80 -6.43
C LYS A 13 18.27 -8.10 -4.93
N PRO A 14 18.84 -7.21 -4.10
CA PRO A 14 18.86 -7.39 -2.65
C PRO A 14 17.54 -7.00 -1.99
N ALA A 15 16.44 -7.47 -2.57
CA ALA A 15 15.11 -7.18 -2.05
C ALA A 15 14.04 -8.01 -2.76
N GLU A 16 14.24 -9.32 -2.78
CA GLU A 16 13.29 -10.23 -3.42
C GLU A 16 11.88 -10.00 -2.89
N SER A 17 10.92 -10.03 -3.81
CA SER A 17 9.50 -9.83 -3.47
C SER A 17 9.25 -8.40 -3.01
N GLN A 18 8.15 -7.82 -3.45
CA GLN A 18 7.79 -6.45 -3.09
C GLN A 18 6.36 -6.14 -3.53
N GLN A 19 5.64 -5.40 -2.68
CA GLN A 19 4.26 -5.02 -2.97
C GLN A 19 3.88 -3.75 -2.22
N GLN A 20 3.15 -2.86 -2.90
CA GLN A 20 2.73 -1.60 -2.29
C GLN A 20 1.89 -1.85 -1.05
N ALA A 21 2.04 -0.98 -0.06
CA ALA A 21 1.30 -1.10 1.20
C ALA A 21 0.54 0.18 1.51
N ALA A 22 -0.66 0.03 2.08
CA ALA A 22 -1.48 1.18 2.44
C ALA A 22 -0.71 2.17 3.30
N GLU A 23 -0.20 3.22 2.65
CA GLU A 23 0.58 4.24 3.34
C GLU A 23 -0.34 5.20 4.09
N THR A 24 0.10 6.45 4.20
CA THR A 24 -0.67 7.48 4.89
C THR A 24 -0.42 8.83 4.25
N GLU A 25 -1.37 9.74 4.38
CA GLU A 25 -1.26 11.07 3.78
C GLU A 25 0.13 11.66 4.04
N GLY A 26 0.60 11.53 5.26
CA GLY A 26 1.91 12.05 5.61
C GLY A 26 3.04 11.36 4.88
N SER A 27 2.95 10.04 4.75
CA SER A 27 3.98 9.27 4.08
C SER A 27 4.02 9.58 2.58
N CYS A 28 2.85 9.50 1.94
CA CYS A 28 2.73 9.75 0.51
C CYS A 28 3.34 11.10 0.10
N ASN A 29 3.04 12.14 0.87
CA ASN A 29 3.56 13.48 0.56
C ASN A 29 5.07 13.47 0.40
N LYS A 30 5.73 12.54 1.10
CA LYS A 30 7.18 12.44 1.04
C LYS A 30 7.62 11.60 -0.15
N LYS A 31 6.82 10.60 -0.50
CA LYS A 31 7.12 9.72 -1.61
C LYS A 31 7.15 10.47 -2.94
N ASP A 32 8.25 10.31 -3.67
CA ASP A 32 8.41 10.96 -4.97
C ASP A 32 7.50 10.31 -6.00
N GLN A 33 7.61 10.73 -7.25
CA GLN A 33 6.78 10.18 -8.32
C GLN A 33 6.81 8.65 -8.29
N ASN A 34 8.00 8.07 -8.38
CA ASN A 34 8.16 6.63 -8.35
C ASN A 34 7.75 6.04 -7.00
N GLU A 35 7.94 6.82 -5.94
CA GLU A 35 7.60 6.39 -4.59
C GLU A 35 6.11 6.52 -4.31
N CYS A 36 5.41 7.29 -5.14
CA CYS A 36 3.98 7.48 -4.96
C CYS A 36 3.29 6.13 -5.04
N LYS A 37 2.97 5.58 -3.87
CA LYS A 37 2.35 4.27 -3.76
C LYS A 37 0.91 4.28 -4.25
N SER A 38 0.38 3.08 -4.51
CA SER A 38 -0.99 2.92 -5.01
C SER A 38 -2.00 3.69 -4.16
N PRO A 39 -2.06 3.45 -2.83
CA PRO A 39 -2.99 4.15 -1.98
C PRO A 39 -2.89 5.66 -2.16
N CYS A 40 -1.67 6.12 -2.41
CA CYS A 40 -1.41 7.53 -2.61
C CYS A 40 -2.02 8.02 -3.91
N LYS A 41 -2.35 9.30 -3.97
CA LYS A 41 -2.94 9.89 -5.15
C LYS A 41 -1.94 10.83 -5.82
N TRP A 42 -1.54 10.46 -7.04
CA TRP A 42 -0.57 11.24 -7.79
C TRP A 42 -1.23 12.42 -8.49
N HIS A 43 -0.46 13.50 -8.65
CA HIS A 43 -0.96 14.70 -9.32
C HIS A 43 0.12 15.25 -10.25
N ASN A 44 -0.15 15.16 -11.55
CA ASN A 44 0.77 15.63 -12.57
C ASN A 44 0.66 17.13 -12.80
N ASP A 45 1.80 17.76 -13.09
CA ASP A 45 1.85 19.20 -13.35
C ASP A 45 1.31 20.00 -12.16
N ALA A 46 1.61 19.52 -10.96
CA ALA A 46 1.17 20.20 -9.74
C ALA A 46 2.17 21.27 -9.34
N GLU A 47 3.01 21.66 -10.31
CA GLU A 47 4.03 22.67 -10.12
C GLU A 47 5.21 22.09 -9.33
N ASN A 48 4.90 21.35 -8.28
CA ASN A 48 5.89 20.72 -7.44
C ASN A 48 5.59 19.23 -7.26
N LYS A 49 4.69 18.71 -8.10
CA LYS A 49 4.30 17.30 -8.04
C LYS A 49 3.61 16.99 -6.72
N LYS A 50 2.44 16.36 -6.79
CA LYS A 50 1.70 16.02 -5.58
C LYS A 50 1.40 14.53 -5.50
N CYS A 51 1.41 14.01 -4.28
CA CYS A 51 1.14 12.60 -4.03
C CYS A 51 0.45 12.44 -2.68
N THR A 52 -0.80 12.90 -2.59
CA THR A 52 -1.56 12.83 -1.34
C THR A 52 -2.31 11.51 -1.21
N LEU A 53 -2.17 10.87 -0.05
CA LEU A 53 -2.85 9.60 0.22
C LEU A 53 -4.36 9.78 0.10
N ASP A 54 -5.01 8.75 -0.43
CA ASP A 54 -6.45 8.78 -0.62
C ASP A 54 -7.14 7.81 0.34
N LYS A 55 -8.17 8.27 1.03
CA LYS A 55 -8.90 7.45 1.98
C LYS A 55 -9.63 6.31 1.27
N GLU A 56 -10.32 6.64 0.18
CA GLU A 56 -11.07 5.65 -0.58
C GLU A 56 -10.14 4.56 -1.13
N GLU A 57 -9.02 4.97 -1.70
CA GLU A 57 -8.06 4.02 -2.26
C GLU A 57 -7.37 3.22 -1.16
N ALA A 58 -6.98 3.90 -0.09
CA ALA A 58 -6.31 3.25 1.03
C ALA A 58 -7.16 2.14 1.64
N LYS A 59 -8.43 2.44 1.90
CA LYS A 59 -9.33 1.47 2.48
C LYS A 59 -9.49 0.26 1.55
N LYS A 60 -9.57 0.52 0.25
CA LYS A 60 -9.71 -0.55 -0.73
C LYS A 60 -8.47 -1.45 -0.75
N VAL A 61 -7.30 -0.83 -0.77
CA VAL A 61 -6.03 -1.57 -0.79
C VAL A 61 -5.90 -2.44 0.45
N ALA A 62 -6.27 -1.89 1.59
CA ALA A 62 -6.21 -2.62 2.85
C ALA A 62 -7.28 -3.70 2.92
N ASP A 63 -8.43 -3.42 2.31
CA ASP A 63 -9.54 -4.35 2.32
C ASP A 63 -9.34 -5.50 1.32
N GLU A 64 -8.08 -5.88 1.10
CA GLU A 64 -7.78 -6.98 0.19
C GLU A 64 -8.03 -8.31 0.88
N THR A 65 -8.71 -8.25 2.02
CA THR A 65 -9.04 -9.45 2.81
C THR A 65 -7.81 -10.32 3.01
N ALA A 66 -6.70 -9.70 3.38
CA ALA A 66 -5.46 -10.43 3.62
C ALA A 66 -4.39 -9.52 4.23
N LYS A 67 -4.13 -8.39 3.58
CA LYS A 67 -3.13 -7.44 4.07
C LYS A 67 -1.79 -8.13 4.30
N ASP A 68 -1.41 -8.99 3.36
CA ASP A 68 -0.14 -9.73 3.45
C ASP A 68 -0.08 -10.55 4.73
N GLY A 69 -1.21 -11.17 5.09
CA GLY A 69 -1.27 -11.98 6.28
C GLY A 69 -0.48 -13.27 6.16
N LYS A 70 0.29 -13.60 7.19
CA LYS A 70 1.10 -14.82 7.20
C LYS A 70 0.21 -16.05 7.14
N THR A 71 -0.96 -15.97 7.75
CA THR A 71 -1.91 -17.07 7.78
C THR A 71 -3.34 -16.57 7.95
N GLY A 72 -3.52 -15.63 8.86
CA GLY A 72 -4.84 -15.09 9.10
C GLY A 72 -5.73 -16.00 9.91
N ASN A 73 -6.46 -15.42 10.86
CA ASN A 73 -7.36 -16.18 11.73
C ASN A 73 -8.22 -15.24 12.56
N THR A 74 -9.47 -15.61 12.76
CA THR A 74 -10.41 -14.80 13.54
C THR A 74 -9.85 -14.52 14.93
N ASN A 75 -10.02 -13.29 15.40
CA ASN A 75 -9.54 -12.89 16.72
C ASN A 75 -10.11 -11.53 17.11
N THR A 76 -9.28 -10.66 17.67
CA THR A 76 -9.72 -9.33 18.09
C THR A 76 -10.00 -8.44 16.87
N THR A 77 -11.24 -7.95 16.77
CA THR A 77 -11.63 -7.08 15.66
C THR A 77 -11.24 -7.70 14.32
N GLY A 78 -11.42 -9.02 14.21
CA GLY A 78 -11.08 -9.71 12.97
C GLY A 78 -9.64 -9.49 12.57
N SER A 79 -8.73 -9.55 13.54
CA SER A 79 -7.30 -9.36 13.27
C SER A 79 -6.69 -10.60 12.64
N SER A 80 -7.14 -10.94 11.43
CA SER A 80 -6.63 -12.11 10.72
C SER A 80 -5.14 -11.97 10.44
N GLY A 1 -11.76 -19.63 -0.26
CA GLY A 1 -10.43 -19.51 -0.92
C GLY A 1 -10.31 -18.27 -1.77
N SER A 2 -9.18 -17.56 -1.64
CA SER A 2 -8.94 -16.35 -2.41
C SER A 2 -8.72 -16.69 -3.89
N HIS A 3 -7.72 -16.06 -4.50
CA HIS A 3 -7.41 -16.30 -5.91
C HIS A 3 -6.91 -17.74 -6.11
N MET A 4 -7.40 -18.40 -7.16
CA MET A 4 -7.01 -19.76 -7.45
C MET A 4 -5.56 -19.82 -7.95
N LEU A 5 -5.30 -20.76 -8.86
CA LEU A 5 -3.96 -20.93 -9.43
C LEU A 5 -3.63 -19.79 -10.40
N GLU A 6 -2.98 -20.12 -11.52
CA GLU A 6 -2.62 -19.13 -12.52
C GLU A 6 -1.71 -18.05 -11.93
N VAL A 7 -0.71 -18.48 -11.17
CA VAL A 7 0.24 -17.55 -10.56
C VAL A 7 1.05 -16.81 -11.63
N LEU A 8 1.13 -15.49 -11.51
CA LEU A 8 1.87 -14.68 -12.46
C LEU A 8 3.37 -14.89 -12.32
N THR A 9 3.85 -14.89 -11.07
CA THR A 9 5.28 -15.09 -10.78
C THR A 9 6.17 -14.36 -11.76
N GLN A 10 5.89 -13.07 -11.97
CA GLN A 10 6.66 -12.24 -12.89
C GLN A 10 6.61 -12.79 -14.32
N LYS A 11 5.41 -13.13 -14.76
CA LYS A 11 5.20 -13.66 -16.10
C LYS A 11 3.87 -13.19 -16.67
N HIS A 12 3.89 -12.75 -17.94
CA HIS A 12 2.68 -12.27 -18.60
C HIS A 12 2.27 -10.89 -18.10
N LYS A 13 2.47 -10.65 -16.81
CA LYS A 13 2.12 -9.36 -16.20
C LYS A 13 3.16 -8.95 -15.17
N PRO A 14 3.64 -7.69 -15.22
CA PRO A 14 4.64 -7.18 -14.29
C PRO A 14 4.06 -6.78 -12.95
N ALA A 15 4.76 -7.13 -11.88
CA ALA A 15 4.34 -6.80 -10.52
C ALA A 15 3.03 -7.50 -10.14
N GLU A 16 3.02 -8.11 -8.95
CA GLU A 16 1.85 -8.81 -8.45
C GLU A 16 2.11 -9.36 -7.05
N SER A 17 3.31 -9.89 -6.86
CA SER A 17 3.72 -10.46 -5.58
C SER A 17 3.99 -9.36 -4.56
N GLN A 18 3.72 -9.65 -3.30
CA GLN A 18 3.94 -8.69 -2.21
C GLN A 18 3.08 -7.44 -2.39
N GLN A 19 1.83 -7.52 -1.92
CA GLN A 19 0.90 -6.41 -2.03
C GLN A 19 1.36 -5.22 -1.18
N GLN A 20 1.23 -4.02 -1.73
CA GLN A 20 1.61 -2.80 -1.03
C GLN A 20 0.80 -2.62 0.25
N ALA A 21 1.16 -1.61 1.05
CA ALA A 21 0.46 -1.33 2.29
C ALA A 21 -0.04 0.11 2.34
N ALA A 22 -1.28 0.28 2.75
CA ALA A 22 -1.89 1.60 2.85
C ALA A 22 -1.10 2.50 3.81
N GLU A 23 -0.23 3.33 3.25
CA GLU A 23 0.57 4.24 4.04
C GLU A 23 -0.30 5.31 4.69
N THR A 24 0.23 6.51 4.84
CA THR A 24 -0.49 7.60 5.45
C THR A 24 -0.20 8.91 4.73
N GLU A 25 -1.15 9.83 4.80
CA GLU A 25 -1.01 11.12 4.13
C GLU A 25 0.37 11.70 4.36
N GLY A 26 0.87 11.53 5.57
CA GLY A 26 2.18 12.05 5.91
C GLY A 26 3.30 11.41 5.12
N SER A 27 3.24 10.10 4.93
CA SER A 27 4.28 9.39 4.20
C SER A 27 4.21 9.67 2.69
N CYS A 28 3.01 9.60 2.14
CA CYS A 28 2.79 9.82 0.71
C CYS A 28 3.34 11.18 0.26
N ASN A 29 3.04 12.23 1.01
CA ASN A 29 3.49 13.57 0.66
C ASN A 29 5.01 13.59 0.47
N LYS A 30 5.69 12.80 1.27
CA LYS A 30 7.14 12.72 1.21
C LYS A 30 7.60 11.92 -0.01
N LYS A 31 6.84 10.90 -0.37
CA LYS A 31 7.16 10.05 -1.48
C LYS A 31 7.34 10.82 -2.77
N ASP A 32 8.24 10.31 -3.59
CA ASP A 32 8.52 10.88 -4.88
C ASP A 32 7.59 10.26 -5.92
N GLN A 33 7.73 10.65 -7.18
CA GLN A 33 6.88 10.10 -8.23
C GLN A 33 6.84 8.58 -8.16
N ASN A 34 8.00 7.96 -8.21
CA ASN A 34 8.10 6.51 -8.14
C ASN A 34 7.67 5.98 -6.78
N GLU A 35 7.89 6.77 -5.74
CA GLU A 35 7.54 6.38 -4.38
C GLU A 35 6.05 6.57 -4.10
N CYS A 36 5.38 7.35 -4.94
CA CYS A 36 3.94 7.58 -4.76
C CYS A 36 3.24 6.22 -4.80
N LYS A 37 2.94 5.70 -3.61
CA LYS A 37 2.30 4.40 -3.48
C LYS A 37 0.86 4.40 -3.97
N SER A 38 0.34 3.20 -4.24
CA SER A 38 -1.02 3.05 -4.72
C SER A 38 -2.03 3.80 -3.85
N PRO A 39 -2.09 3.51 -2.53
CA PRO A 39 -3.01 4.20 -1.64
C PRO A 39 -2.94 5.71 -1.85
N CYS A 40 -1.74 6.20 -2.12
CA CYS A 40 -1.51 7.62 -2.35
C CYS A 40 -2.01 8.01 -3.73
N LYS A 41 -2.63 9.17 -3.82
CA LYS A 41 -3.13 9.68 -5.09
C LYS A 41 -2.07 10.54 -5.76
N TRP A 42 -1.66 10.15 -6.96
CA TRP A 42 -0.63 10.89 -7.68
C TRP A 42 -1.20 12.18 -8.27
N HIS A 43 -0.70 13.31 -7.79
CA HIS A 43 -1.13 14.62 -8.28
C HIS A 43 -0.39 14.98 -9.56
N ASN A 44 -1.06 14.80 -10.69
CA ASN A 44 -0.49 15.10 -12.00
C ASN A 44 -0.67 16.58 -12.34
N ASP A 45 0.25 17.10 -13.13
CA ASP A 45 0.21 18.50 -13.54
C ASP A 45 0.33 19.41 -12.32
N ALA A 46 1.04 18.92 -11.30
CA ALA A 46 1.24 19.68 -10.08
C ALA A 46 2.30 20.75 -10.28
N GLU A 47 2.31 21.74 -9.40
CA GLU A 47 3.28 22.84 -9.48
C GLU A 47 4.69 22.27 -9.61
N ASN A 48 4.87 21.06 -9.09
CA ASN A 48 6.16 20.38 -9.13
C ASN A 48 6.00 18.92 -8.71
N LYS A 49 4.96 18.27 -9.24
CA LYS A 49 4.66 16.88 -8.93
C LYS A 49 4.28 16.73 -7.46
N LYS A 50 3.12 16.15 -7.19
CA LYS A 50 2.66 15.98 -5.80
C LYS A 50 2.03 14.61 -5.58
N CYS A 51 2.06 14.16 -4.33
CA CYS A 51 1.50 12.86 -3.96
C CYS A 51 0.95 12.93 -2.53
N THR A 52 -0.28 12.47 -2.34
CA THR A 52 -0.91 12.50 -1.03
C THR A 52 -1.82 11.29 -0.82
N LEU A 53 -1.72 10.68 0.35
CA LEU A 53 -2.52 9.51 0.69
C LEU A 53 -4.00 9.82 0.56
N ASP A 54 -4.75 8.83 0.09
CA ASP A 54 -6.20 8.97 -0.07
C ASP A 54 -6.92 7.87 0.69
N LYS A 55 -7.96 8.26 1.44
CA LYS A 55 -8.71 7.30 2.24
C LYS A 55 -9.45 6.29 1.36
N GLU A 56 -10.12 6.79 0.32
CA GLU A 56 -10.87 5.93 -0.59
C GLU A 56 -9.95 4.96 -1.33
N GLU A 57 -8.81 5.45 -1.77
CA GLU A 57 -7.84 4.62 -2.50
C GLU A 57 -7.18 3.61 -1.57
N ALA A 58 -6.79 4.07 -0.39
CA ALA A 58 -6.13 3.21 0.59
C ALA A 58 -7.04 2.07 1.04
N LYS A 59 -8.30 2.40 1.35
CA LYS A 59 -9.25 1.40 1.80
C LYS A 59 -9.48 0.35 0.72
N LYS A 60 -9.58 0.79 -0.53
CA LYS A 60 -9.81 -0.10 -1.65
C LYS A 60 -8.65 -1.10 -1.81
N VAL A 61 -7.43 -0.59 -1.73
CA VAL A 61 -6.25 -1.44 -1.87
C VAL A 61 -6.12 -2.41 -0.70
N ALA A 62 -6.27 -1.89 0.51
CA ALA A 62 -6.17 -2.72 1.71
C ALA A 62 -7.26 -3.78 1.74
N ASP A 63 -8.47 -3.39 1.37
CA ASP A 63 -9.61 -4.30 1.36
C ASP A 63 -9.64 -5.13 0.08
N GLU A 64 -8.46 -5.48 -0.43
CA GLU A 64 -8.35 -6.27 -1.63
C GLU A 64 -8.68 -7.73 -1.36
N THR A 65 -7.97 -8.32 -0.41
CA THR A 65 -8.20 -9.71 -0.04
C THR A 65 -9.53 -9.86 0.69
N ALA A 66 -9.94 -8.77 1.30
CA ALA A 66 -11.19 -8.72 2.04
C ALA A 66 -12.37 -8.88 1.10
N LYS A 67 -12.29 -8.23 -0.06
CA LYS A 67 -13.35 -8.31 -1.06
C LYS A 67 -14.67 -7.82 -0.49
N ASP A 68 -14.63 -6.70 0.23
CA ASP A 68 -15.83 -6.12 0.82
C ASP A 68 -16.82 -5.69 -0.26
N GLY A 69 -16.33 -4.93 -1.23
CA GLY A 69 -17.18 -4.45 -2.31
C GLY A 69 -18.09 -3.31 -1.89
N LYS A 70 -18.89 -3.54 -0.86
CA LYS A 70 -19.81 -2.52 -0.34
C LYS A 70 -20.60 -3.04 0.85
N THR A 71 -20.69 -2.23 1.90
CA THR A 71 -21.41 -2.61 3.10
C THR A 71 -22.90 -2.78 2.82
N GLY A 72 -23.47 -3.87 3.33
CA GLY A 72 -24.88 -4.14 3.12
C GLY A 72 -25.34 -5.41 3.80
N ASN A 73 -24.94 -5.58 5.07
CA ASN A 73 -25.31 -6.78 5.84
C ASN A 73 -26.84 -6.86 6.00
N THR A 74 -27.39 -8.03 5.73
CA THR A 74 -28.83 -8.24 5.86
C THR A 74 -29.28 -8.16 7.31
N ASN A 75 -28.61 -8.91 8.18
CA ASN A 75 -28.93 -8.92 9.59
C ASN A 75 -27.73 -9.37 10.43
N THR A 76 -27.98 -10.17 11.46
CA THR A 76 -26.92 -10.66 12.33
C THR A 76 -25.94 -11.55 11.57
N THR A 77 -24.64 -11.28 11.74
CA THR A 77 -23.59 -12.04 11.08
C THR A 77 -23.90 -12.23 9.59
N GLY A 78 -24.39 -11.17 8.96
CA GLY A 78 -24.71 -11.24 7.54
C GLY A 78 -23.48 -11.15 6.67
N SER A 79 -23.56 -10.39 5.59
CA SER A 79 -22.44 -10.22 4.68
C SER A 79 -21.34 -9.41 5.34
N SER A 80 -20.20 -10.04 5.61
CA SER A 80 -19.07 -9.37 6.23
C SER A 80 -18.52 -8.26 5.34
N GLY A 1 21.56 -3.16 11.21
CA GLY A 1 20.58 -2.19 10.66
C GLY A 1 20.69 -2.02 9.17
N SER A 2 19.54 -2.02 8.48
CA SER A 2 19.52 -1.86 7.03
C SER A 2 20.32 -2.96 6.34
N HIS A 3 20.11 -4.20 6.77
CA HIS A 3 20.81 -5.34 6.19
C HIS A 3 20.52 -5.45 4.70
N MET A 4 21.58 -5.65 3.92
CA MET A 4 21.45 -5.77 2.47
C MET A 4 20.67 -7.03 2.10
N LEU A 5 21.04 -8.14 2.73
CA LEU A 5 20.39 -9.42 2.46
C LEU A 5 18.94 -9.40 2.96
N GLU A 6 18.07 -10.14 2.27
CA GLU A 6 16.66 -10.21 2.64
C GLU A 6 15.96 -11.33 1.88
N VAL A 7 15.14 -12.10 2.60
CA VAL A 7 14.40 -13.20 2.00
C VAL A 7 13.45 -12.72 0.91
N LEU A 8 13.38 -13.47 -0.18
CA LEU A 8 12.51 -13.12 -1.30
C LEU A 8 12.44 -14.24 -2.34
N THR A 9 12.29 -15.47 -1.84
CA THR A 9 12.20 -16.63 -2.73
C THR A 9 11.73 -17.86 -1.95
N GLN A 10 10.79 -18.60 -2.53
CA GLN A 10 10.26 -19.80 -1.88
C GLN A 10 11.30 -20.92 -1.85
N LYS A 11 11.57 -21.42 -0.65
CA LYS A 11 12.53 -22.50 -0.47
C LYS A 11 12.28 -23.22 0.86
N HIS A 12 11.31 -24.13 0.84
CA HIS A 12 10.93 -24.90 2.03
C HIS A 12 10.22 -24.00 3.03
N LYS A 13 10.95 -23.06 3.61
CA LYS A 13 10.39 -22.12 4.57
C LYS A 13 9.42 -21.16 3.87
N PRO A 14 8.27 -20.87 4.50
CA PRO A 14 7.27 -19.97 3.92
C PRO A 14 7.68 -18.50 4.02
N ALA A 15 8.94 -18.22 3.72
CA ALA A 15 9.46 -16.86 3.78
C ALA A 15 8.69 -15.94 2.83
N GLU A 16 8.39 -14.73 3.29
CA GLU A 16 7.65 -13.76 2.49
C GLU A 16 7.65 -12.39 3.17
N SER A 17 8.81 -11.99 3.67
CA SER A 17 8.95 -10.69 4.33
C SER A 17 8.66 -9.56 3.35
N GLN A 18 7.92 -8.55 3.83
CA GLN A 18 7.57 -7.40 2.99
C GLN A 18 6.96 -6.28 3.83
N GLN A 19 7.48 -5.07 3.66
CA GLN A 19 6.99 -3.92 4.40
C GLN A 19 5.58 -3.55 3.96
N GLN A 20 4.71 -3.29 4.93
CA GLN A 20 3.32 -2.93 4.65
C GLN A 20 3.27 -1.64 3.83
N ALA A 21 2.25 -1.52 2.99
CA ALA A 21 2.08 -0.34 2.15
C ALA A 21 1.93 0.91 3.01
N ALA A 22 2.62 1.98 2.63
CA ALA A 22 2.55 3.23 3.38
C ALA A 22 1.31 4.03 3.01
N GLU A 23 0.16 3.41 3.23
CA GLU A 23 -1.12 4.03 2.92
C GLU A 23 -1.54 5.05 3.97
N THR A 24 -0.69 6.01 4.19
CA THR A 24 -0.96 7.08 5.15
C THR A 24 -0.67 8.43 4.50
N GLU A 25 -1.50 9.40 4.84
CA GLU A 25 -1.33 10.75 4.29
C GLU A 25 0.08 11.25 4.52
N GLY A 26 0.61 10.92 5.69
CA GLY A 26 1.96 11.35 6.04
C GLY A 26 3.03 10.76 5.15
N SER A 27 2.86 9.52 4.72
CA SER A 27 3.85 8.87 3.89
C SER A 27 3.77 9.35 2.44
N CYS A 28 2.56 9.40 1.90
CA CYS A 28 2.34 9.80 0.52
C CYS A 28 2.92 11.19 0.21
N ASN A 29 2.63 12.16 1.06
CA ASN A 29 3.10 13.52 0.86
C ASN A 29 4.61 13.56 0.70
N LYS A 30 5.29 12.53 1.21
CA LYS A 30 6.74 12.47 1.14
C LYS A 30 7.23 11.69 -0.07
N LYS A 31 6.45 10.71 -0.51
CA LYS A 31 6.81 9.89 -1.65
C LYS A 31 6.75 10.67 -2.96
N ASP A 32 7.82 10.57 -3.74
CA ASP A 32 7.91 11.25 -5.03
C ASP A 32 7.04 10.53 -6.07
N GLN A 33 7.15 10.93 -7.32
CA GLN A 33 6.38 10.32 -8.40
C GLN A 33 6.48 8.79 -8.34
N ASN A 34 7.69 8.28 -8.44
CA ASN A 34 7.94 6.86 -8.41
C ASN A 34 7.58 6.25 -7.06
N GLU A 35 7.71 7.05 -6.01
CA GLU A 35 7.41 6.58 -4.65
C GLU A 35 5.92 6.66 -4.35
N CYS A 36 5.18 7.42 -5.16
CA CYS A 36 3.75 7.55 -4.97
C CYS A 36 3.09 6.17 -5.04
N LYS A 37 2.81 5.61 -3.87
CA LYS A 37 2.23 4.28 -3.75
C LYS A 37 0.77 4.26 -4.21
N SER A 38 0.28 3.04 -4.48
CA SER A 38 -1.09 2.85 -4.96
C SER A 38 -2.10 3.58 -4.07
N PRO A 39 -2.05 3.39 -2.73
CA PRO A 39 -2.97 4.07 -1.81
C PRO A 39 -2.94 5.57 -2.00
N CYS A 40 -1.77 6.08 -2.39
CA CYS A 40 -1.59 7.50 -2.63
C CYS A 40 -2.17 7.93 -3.96
N LYS A 41 -2.60 9.17 -4.04
CA LYS A 41 -3.16 9.73 -5.26
C LYS A 41 -2.12 10.59 -5.95
N TRP A 42 -1.82 10.25 -7.20
CA TRP A 42 -0.83 10.97 -7.97
C TRP A 42 -1.41 12.28 -8.53
N HIS A 43 -0.61 13.34 -8.47
CA HIS A 43 -1.02 14.64 -8.97
C HIS A 43 -0.02 15.14 -10.01
N ASN A 44 -0.44 15.09 -11.28
CA ASN A 44 0.40 15.53 -12.40
C ASN A 44 0.24 17.02 -12.66
N ASP A 45 1.21 17.60 -13.34
CA ASP A 45 1.21 19.02 -13.68
C ASP A 45 1.25 19.87 -12.42
N ALA A 46 1.93 19.37 -11.39
CA ALA A 46 2.06 20.08 -10.14
C ALA A 46 3.33 20.94 -10.15
N GLU A 47 3.30 22.04 -9.41
CA GLU A 47 4.44 22.95 -9.34
C GLU A 47 5.74 22.18 -9.15
N ASN A 48 5.66 21.07 -8.41
CA ASN A 48 6.82 20.22 -8.15
C ASN A 48 6.37 18.79 -7.92
N LYS A 49 5.30 18.40 -8.61
CA LYS A 49 4.74 17.06 -8.50
C LYS A 49 4.16 16.83 -7.10
N LYS A 50 2.95 16.31 -7.03
CA LYS A 50 2.30 16.09 -5.75
C LYS A 50 1.73 14.68 -5.62
N CYS A 51 1.73 14.17 -4.38
CA CYS A 51 1.19 12.84 -4.08
C CYS A 51 0.65 12.83 -2.65
N THR A 52 -0.62 12.46 -2.49
CA THR A 52 -1.25 12.44 -1.17
C THR A 52 -2.19 11.25 -1.00
N LEU A 53 -2.13 10.63 0.17
CA LEU A 53 -2.97 9.48 0.50
C LEU A 53 -4.45 9.79 0.35
N ASP A 54 -5.19 8.81 -0.13
CA ASP A 54 -6.63 8.94 -0.31
C ASP A 54 -7.38 7.94 0.56
N LYS A 55 -8.49 8.39 1.15
CA LYS A 55 -9.29 7.55 2.03
C LYS A 55 -9.83 6.32 1.29
N GLU A 56 -10.48 6.56 0.16
CA GLU A 56 -11.06 5.49 -0.64
C GLU A 56 -9.99 4.53 -1.16
N GLU A 57 -8.89 5.08 -1.64
CA GLU A 57 -7.79 4.28 -2.19
C GLU A 57 -7.16 3.40 -1.12
N ALA A 58 -6.89 3.99 0.05
CA ALA A 58 -6.27 3.26 1.15
C ALA A 58 -7.14 2.10 1.62
N LYS A 59 -8.40 2.39 1.90
CA LYS A 59 -9.32 1.35 2.35
C LYS A 59 -9.48 0.25 1.31
N LYS A 60 -9.54 0.65 0.04
CA LYS A 60 -9.70 -0.28 -1.05
C LYS A 60 -8.50 -1.25 -1.13
N VAL A 61 -7.29 -0.69 -1.04
CA VAL A 61 -6.08 -1.51 -1.10
C VAL A 61 -5.98 -2.44 0.11
N ALA A 62 -6.20 -1.89 1.29
CA ALA A 62 -6.13 -2.65 2.53
C ALA A 62 -7.21 -3.73 2.57
N ASP A 63 -8.37 -3.41 1.99
CA ASP A 63 -9.49 -4.34 1.96
C ASP A 63 -9.12 -5.64 1.26
N GLU A 64 -8.02 -5.59 0.52
CA GLU A 64 -7.53 -6.73 -0.20
C GLU A 64 -6.73 -7.65 0.72
N THR A 65 -5.84 -7.06 1.51
CA THR A 65 -5.02 -7.81 2.44
C THR A 65 -5.75 -8.06 3.76
N ALA A 66 -7.05 -8.30 3.68
CA ALA A 66 -7.86 -8.55 4.88
C ALA A 66 -9.27 -9.00 4.51
N LYS A 67 -9.84 -8.36 3.49
CA LYS A 67 -11.19 -8.68 3.03
C LYS A 67 -12.22 -8.44 4.14
N ASP A 68 -12.01 -7.39 4.91
CA ASP A 68 -12.92 -7.04 6.00
C ASP A 68 -14.10 -6.21 5.47
N GLY A 69 -14.69 -6.67 4.38
CA GLY A 69 -15.82 -5.97 3.78
C GLY A 69 -16.96 -5.75 4.76
N LYS A 70 -17.44 -4.51 4.83
CA LYS A 70 -18.54 -4.17 5.74
C LYS A 70 -19.82 -4.88 5.33
N THR A 71 -20.56 -5.36 6.33
CA THR A 71 -21.82 -6.08 6.10
C THR A 71 -21.68 -7.13 5.01
N GLY A 72 -20.59 -7.90 5.08
CA GLY A 72 -20.36 -8.95 4.10
C GLY A 72 -21.41 -10.03 4.14
N ASN A 73 -21.71 -10.52 5.34
CA ASN A 73 -22.71 -11.57 5.51
C ASN A 73 -24.09 -11.08 5.06
N THR A 74 -24.79 -11.94 4.32
CA THR A 74 -26.12 -11.59 3.82
C THR A 74 -27.09 -11.37 4.99
N ASN A 75 -27.18 -12.36 5.87
CA ASN A 75 -28.04 -12.30 7.04
C ASN A 75 -27.98 -13.59 7.84
N THR A 76 -28.20 -14.71 7.16
CA THR A 76 -28.17 -16.02 7.80
C THR A 76 -26.73 -16.44 8.13
N THR A 77 -26.55 -17.68 8.56
CA THR A 77 -25.23 -18.19 8.90
C THR A 77 -24.45 -18.61 7.66
N GLY A 78 -24.51 -17.78 6.62
CA GLY A 78 -23.81 -18.09 5.39
C GLY A 78 -24.53 -19.13 4.56
N SER A 79 -24.51 -18.95 3.24
CA SER A 79 -25.17 -19.89 2.34
C SER A 79 -24.70 -21.32 2.61
N SER A 80 -25.60 -22.14 3.13
CA SER A 80 -25.29 -23.54 3.43
C SER A 80 -26.56 -24.31 3.77
N GLY A 1 27.25 4.10 -8.31
CA GLY A 1 27.87 2.81 -8.72
C GLY A 1 27.69 2.52 -10.20
N SER A 2 27.32 1.28 -10.52
CA SER A 2 27.12 0.87 -11.90
C SER A 2 26.59 -0.56 -11.98
N HIS A 3 27.15 -1.44 -11.15
CA HIS A 3 26.75 -2.83 -11.11
C HIS A 3 25.26 -2.96 -10.79
N MET A 4 24.56 -3.79 -11.56
CA MET A 4 23.13 -4.00 -11.35
C MET A 4 22.86 -4.65 -9.99
N LEU A 5 21.85 -4.16 -9.29
CA LEU A 5 21.48 -4.69 -7.98
C LEU A 5 19.97 -4.59 -7.75
N GLU A 6 19.21 -4.99 -8.77
CA GLU A 6 17.75 -4.95 -8.67
C GLU A 6 17.20 -6.13 -7.89
N VAL A 7 17.87 -6.46 -6.79
CA VAL A 7 17.44 -7.57 -5.94
C VAL A 7 16.07 -7.31 -5.32
N LEU A 8 15.18 -8.29 -5.41
CA LEU A 8 13.84 -8.16 -4.87
C LEU A 8 13.81 -8.51 -3.38
N THR A 9 14.86 -8.10 -2.66
CA THR A 9 14.96 -8.35 -1.23
C THR A 9 14.84 -9.84 -0.94
N GLN A 10 15.60 -10.65 -1.67
CA GLN A 10 15.58 -12.10 -1.51
C GLN A 10 16.45 -12.53 -0.32
N LYS A 11 16.20 -11.93 0.84
CA LYS A 11 16.94 -12.26 2.04
C LYS A 11 16.15 -11.86 3.29
N HIS A 12 15.89 -12.84 4.15
CA HIS A 12 15.13 -12.61 5.37
C HIS A 12 13.85 -11.83 5.06
N LYS A 13 13.19 -12.21 3.97
CA LYS A 13 11.96 -11.54 3.56
C LYS A 13 11.11 -12.47 2.69
N PRO A 14 9.83 -12.70 3.07
CA PRO A 14 8.93 -13.56 2.32
C PRO A 14 8.32 -12.89 1.10
N ALA A 15 8.25 -13.64 0.00
CA ALA A 15 7.70 -13.14 -1.26
C ALA A 15 8.53 -12.00 -1.83
N GLU A 16 8.75 -12.04 -3.15
CA GLU A 16 9.53 -11.03 -3.84
C GLU A 16 8.84 -9.67 -3.73
N SER A 17 9.63 -8.64 -3.45
CA SER A 17 9.12 -7.28 -3.30
C SER A 17 8.20 -7.16 -2.09
N GLN A 18 8.42 -6.12 -1.28
CA GLN A 18 7.62 -5.89 -0.10
C GLN A 18 6.16 -5.64 -0.45
N GLN A 19 5.26 -6.28 0.29
CA GLN A 19 3.82 -6.13 0.05
C GLN A 19 3.39 -4.69 0.30
N GLN A 20 2.55 -4.18 -0.59
CA GLN A 20 2.05 -2.80 -0.46
C GLN A 20 1.26 -2.61 0.83
N ALA A 21 1.56 -1.54 1.55
CA ALA A 21 0.87 -1.24 2.79
C ALA A 21 0.28 0.17 2.76
N ALA A 22 -0.95 0.31 3.21
CA ALA A 22 -1.61 1.62 3.23
C ALA A 22 -0.84 2.61 4.09
N GLU A 23 -0.05 3.46 3.43
CA GLU A 23 0.74 4.46 4.13
C GLU A 23 -0.17 5.53 4.74
N THR A 24 0.32 6.76 4.80
CA THR A 24 -0.43 7.86 5.36
C THR A 24 -0.13 9.15 4.61
N GLU A 25 -1.05 10.10 4.69
CA GLU A 25 -0.90 11.38 4.00
C GLU A 25 0.52 11.92 4.17
N GLY A 26 0.98 11.90 5.41
CA GLY A 26 2.31 12.39 5.70
C GLY A 26 3.40 11.62 4.99
N SER A 27 3.25 10.30 4.94
CA SER A 27 4.23 9.46 4.29
C SER A 27 4.28 9.70 2.79
N CYS A 28 3.11 9.68 2.14
CA CYS A 28 3.01 9.88 0.70
C CYS A 28 3.64 11.21 0.27
N ASN A 29 3.35 12.27 1.02
CA ASN A 29 3.89 13.59 0.70
C ASN A 29 5.41 13.56 0.55
N LYS A 30 6.04 12.66 1.28
CA LYS A 30 7.49 12.53 1.25
C LYS A 30 7.94 11.68 0.07
N LYS A 31 7.11 10.70 -0.28
CA LYS A 31 7.41 9.80 -1.39
C LYS A 31 7.34 10.51 -2.74
N ASP A 32 8.42 10.40 -3.52
CA ASP A 32 8.47 11.02 -4.84
C ASP A 32 7.53 10.29 -5.80
N GLN A 33 7.54 10.71 -7.06
CA GLN A 33 6.69 10.08 -8.07
C GLN A 33 6.82 8.56 -8.04
N ASN A 34 8.07 8.09 -8.09
CA ASN A 34 8.33 6.66 -8.06
C ASN A 34 7.92 6.04 -6.72
N GLU A 35 8.10 6.82 -5.65
CA GLU A 35 7.76 6.36 -4.31
C GLU A 35 6.28 6.51 -4.02
N CYS A 36 5.55 7.24 -4.87
CA CYS A 36 4.13 7.43 -4.68
C CYS A 36 3.44 6.06 -4.68
N LYS A 37 3.18 5.56 -3.48
CA LYS A 37 2.58 4.24 -3.32
C LYS A 37 1.13 4.19 -3.76
N SER A 38 0.63 2.96 -3.95
CA SER A 38 -0.73 2.72 -4.40
C SER A 38 -1.78 3.44 -3.54
N PRO A 39 -1.73 3.29 -2.21
CA PRO A 39 -2.68 3.95 -1.32
C PRO A 39 -2.67 5.46 -1.53
N CYS A 40 -1.52 5.96 -1.96
CA CYS A 40 -1.36 7.37 -2.23
C CYS A 40 -1.92 7.73 -3.60
N LYS A 41 -2.47 8.91 -3.72
CA LYS A 41 -3.03 9.39 -4.98
C LYS A 41 -2.04 10.31 -5.68
N TRP A 42 -1.69 9.97 -6.91
CA TRP A 42 -0.74 10.76 -7.67
C TRP A 42 -1.43 11.97 -8.32
N HIS A 43 -0.76 13.11 -8.28
CA HIS A 43 -1.30 14.34 -8.86
C HIS A 43 -0.38 14.85 -9.96
N ASN A 44 -0.93 14.96 -11.17
CA ASN A 44 -0.17 15.44 -12.32
C ASN A 44 -0.28 16.96 -12.48
N ASP A 45 0.82 17.58 -12.88
CA ASP A 45 0.87 19.03 -13.07
C ASP A 45 0.48 19.77 -11.79
N ALA A 46 0.90 19.22 -10.65
CA ALA A 46 0.60 19.84 -9.36
C ALA A 46 1.66 20.88 -9.02
N GLU A 47 1.96 21.74 -9.99
CA GLU A 47 2.96 22.80 -9.84
C GLU A 47 4.35 22.21 -9.97
N ASN A 48 4.50 20.95 -9.55
CA ASN A 48 5.78 20.25 -9.61
C ASN A 48 5.61 18.81 -9.14
N LYS A 49 4.51 18.19 -9.56
CA LYS A 49 4.20 16.81 -9.18
C LYS A 49 3.97 16.70 -7.68
N LYS A 50 2.87 16.04 -7.29
CA LYS A 50 2.54 15.89 -5.88
C LYS A 50 1.84 14.56 -5.59
N CYS A 51 2.25 13.91 -4.51
CA CYS A 51 1.66 12.65 -4.09
C CYS A 51 0.99 12.82 -2.73
N THR A 52 -0.28 12.43 -2.62
CA THR A 52 -1.00 12.56 -1.36
C THR A 52 -1.90 11.36 -1.09
N LEU A 53 -1.78 10.81 0.12
CA LEU A 53 -2.55 9.66 0.54
C LEU A 53 -4.05 9.93 0.45
N ASP A 54 -4.80 8.90 0.09
CA ASP A 54 -6.24 9.00 -0.02
C ASP A 54 -6.90 7.89 0.80
N LYS A 55 -7.84 8.27 1.65
CA LYS A 55 -8.52 7.31 2.51
C LYS A 55 -9.33 6.31 1.68
N GLU A 56 -10.29 6.84 0.93
CA GLU A 56 -11.15 5.99 0.09
C GLU A 56 -10.32 5.05 -0.77
N GLU A 57 -9.22 5.58 -1.30
CA GLU A 57 -8.33 4.79 -2.14
C GLU A 57 -7.68 3.71 -1.30
N ALA A 58 -7.20 4.12 -0.13
CA ALA A 58 -6.57 3.20 0.81
C ALA A 58 -7.53 2.05 1.15
N LYS A 59 -8.83 2.37 1.18
CA LYS A 59 -9.84 1.37 1.50
C LYS A 59 -9.84 0.27 0.44
N LYS A 60 -9.88 0.68 -0.82
CA LYS A 60 -9.89 -0.25 -1.94
C LYS A 60 -8.60 -1.06 -2.01
N VAL A 61 -7.47 -0.36 -1.89
CA VAL A 61 -6.17 -1.01 -1.96
C VAL A 61 -6.05 -2.14 -0.93
N ALA A 62 -6.60 -1.91 0.25
CA ALA A 62 -6.56 -2.91 1.32
C ALA A 62 -7.64 -3.97 1.14
N ASP A 63 -8.79 -3.56 0.62
CA ASP A 63 -9.91 -4.47 0.40
C ASP A 63 -9.73 -5.26 -0.88
N GLU A 64 -8.50 -5.67 -1.14
CA GLU A 64 -8.18 -6.45 -2.35
C GLU A 64 -6.87 -7.20 -2.19
N THR A 65 -5.89 -6.55 -1.56
CA THR A 65 -4.57 -7.16 -1.36
C THR A 65 -4.59 -8.17 -0.21
N ALA A 66 -5.65 -8.96 -0.13
CA ALA A 66 -5.77 -9.97 0.92
C ALA A 66 -7.02 -10.83 0.74
N LYS A 67 -8.18 -10.18 0.67
CA LYS A 67 -9.44 -10.89 0.50
C LYS A 67 -9.61 -11.37 -0.94
N ASP A 68 -9.48 -10.45 -1.88
CA ASP A 68 -9.63 -10.76 -3.29
C ASP A 68 -8.40 -11.50 -3.83
N GLY A 69 -8.63 -12.65 -4.44
CA GLY A 69 -7.54 -13.42 -5.01
C GLY A 69 -7.03 -12.84 -6.31
N LYS A 70 -6.91 -13.68 -7.33
CA LYS A 70 -6.43 -13.24 -8.64
C LYS A 70 -7.35 -12.15 -9.21
N THR A 71 -8.66 -12.37 -9.10
CA THR A 71 -9.64 -11.41 -9.60
C THR A 71 -10.91 -11.45 -8.77
N GLY A 72 -11.42 -10.26 -8.42
CA GLY A 72 -12.63 -10.18 -7.62
C GLY A 72 -12.99 -8.75 -7.26
N ASN A 73 -12.98 -7.87 -8.26
CA ASN A 73 -13.31 -6.47 -8.05
C ASN A 73 -13.45 -5.72 -9.37
N THR A 74 -14.50 -4.93 -9.49
CA THR A 74 -14.75 -4.16 -10.71
C THR A 74 -13.69 -3.10 -10.93
N ASN A 75 -13.23 -2.96 -12.17
CA ASN A 75 -12.21 -1.99 -12.51
C ASN A 75 -12.79 -0.57 -12.52
N THR A 76 -12.30 0.27 -13.43
CA THR A 76 -12.78 1.64 -13.53
C THR A 76 -14.24 1.67 -13.97
N THR A 77 -15.10 2.24 -13.13
CA THR A 77 -16.53 2.33 -13.43
C THR A 77 -17.09 0.97 -13.83
N GLY A 78 -16.65 -0.09 -13.14
CA GLY A 78 -17.11 -1.42 -13.45
C GLY A 78 -18.59 -1.59 -13.15
N SER A 79 -19.29 -2.27 -14.05
CA SER A 79 -20.73 -2.49 -13.87
C SER A 79 -21.02 -3.18 -12.55
N SER A 80 -21.61 -2.44 -11.62
CA SER A 80 -21.95 -2.97 -10.30
C SER A 80 -20.74 -3.65 -9.65
N GLY A 1 29.82 -15.76 8.65
CA GLY A 1 30.55 -14.49 8.42
C GLY A 1 29.62 -13.29 8.43
N SER A 2 30.06 -12.23 9.11
CA SER A 2 29.27 -11.00 9.20
C SER A 2 27.89 -11.28 9.81
N HIS A 3 27.87 -12.07 10.88
CA HIS A 3 26.63 -12.42 11.55
C HIS A 3 25.96 -11.18 12.16
N MET A 4 24.66 -11.07 11.98
CA MET A 4 23.90 -9.94 12.50
C MET A 4 22.40 -10.15 12.36
N LEU A 5 21.66 -9.87 13.41
CA LEU A 5 20.20 -10.03 13.41
C LEU A 5 19.55 -9.05 12.45
N GLU A 6 18.57 -9.52 11.70
CA GLU A 6 17.86 -8.69 10.74
C GLU A 6 17.15 -7.53 11.44
N VAL A 7 17.31 -6.33 10.90
CA VAL A 7 16.69 -5.14 11.47
C VAL A 7 15.17 -5.21 11.35
N LEU A 8 14.48 -5.00 12.47
CA LEU A 8 13.02 -5.02 12.49
C LEU A 8 12.49 -4.75 13.90
N THR A 9 11.68 -3.70 14.03
CA THR A 9 11.09 -3.31 15.31
C THR A 9 12.17 -2.93 16.33
N GLN A 10 12.09 -1.68 16.79
CA GLN A 10 13.04 -1.16 17.77
C GLN A 10 12.79 0.32 18.00
N LYS A 11 12.02 0.93 17.10
CA LYS A 11 11.70 2.34 17.18
C LYS A 11 10.41 2.66 16.41
N HIS A 12 9.27 2.41 17.06
CA HIS A 12 7.98 2.66 16.43
C HIS A 12 7.84 1.84 15.15
N LYS A 13 7.67 2.53 14.01
CA LYS A 13 7.54 1.85 12.73
C LYS A 13 8.70 0.88 12.50
N PRO A 14 8.41 -0.34 12.00
CA PRO A 14 9.43 -1.35 11.74
C PRO A 14 10.21 -1.09 10.46
N ALA A 15 10.57 0.18 10.24
CA ALA A 15 11.32 0.57 9.05
C ALA A 15 10.61 0.13 7.78
N GLU A 16 9.28 0.19 7.80
CA GLU A 16 8.47 -0.21 6.65
C GLU A 16 8.78 -1.64 6.21
N SER A 17 8.76 -2.57 7.17
CA SER A 17 9.03 -3.98 6.87
C SER A 17 8.10 -4.49 5.79
N GLN A 18 8.66 -5.15 4.78
CA GLN A 18 7.88 -5.69 3.67
C GLN A 18 7.03 -4.58 3.03
N GLN A 19 5.82 -4.92 2.60
CA GLN A 19 4.93 -3.95 1.98
C GLN A 19 4.27 -3.08 3.04
N GLN A 20 4.42 -1.76 2.91
CA GLN A 20 3.82 -0.84 3.86
C GLN A 20 2.30 -0.82 3.71
N ALA A 21 1.60 -0.81 4.83
CA ALA A 21 0.14 -0.81 4.81
C ALA A 21 -0.42 0.34 5.65
N ALA A 22 -1.59 0.83 5.25
CA ALA A 22 -2.25 1.91 5.95
C ALA A 22 -1.27 3.01 6.33
N GLU A 23 -0.60 3.53 5.31
CA GLU A 23 0.37 4.59 5.48
C GLU A 23 -0.28 5.86 6.00
N THR A 24 0.30 7.00 5.65
CA THR A 24 -0.23 8.29 6.08
C THR A 24 0.07 9.37 5.06
N GLU A 25 -0.85 10.33 4.96
CA GLU A 25 -0.69 11.44 4.02
C GLU A 25 0.71 12.02 4.13
N GLY A 26 1.22 12.01 5.35
CA GLY A 26 2.54 12.54 5.61
C GLY A 26 3.62 11.82 4.82
N SER A 27 3.56 10.49 4.78
CA SER A 27 4.56 9.71 4.05
C SER A 27 4.47 9.94 2.54
N CYS A 28 3.25 9.88 2.02
CA CYS A 28 3.01 10.07 0.59
C CYS A 28 3.57 11.39 0.09
N ASN A 29 3.34 12.46 0.85
CA ASN A 29 3.82 13.79 0.47
C ASN A 29 5.31 13.76 0.17
N LYS A 30 6.05 12.97 0.94
CA LYS A 30 7.49 12.83 0.78
C LYS A 30 7.81 12.09 -0.52
N LYS A 31 7.03 11.06 -0.80
CA LYS A 31 7.23 10.23 -1.97
C LYS A 31 7.23 11.02 -3.26
N ASP A 32 8.01 10.51 -4.19
CA ASP A 32 8.14 11.08 -5.52
C ASP A 32 7.16 10.39 -6.45
N GLN A 33 7.12 10.79 -7.72
CA GLN A 33 6.22 10.19 -8.69
C GLN A 33 6.31 8.67 -8.63
N ASN A 34 7.51 8.15 -8.80
CA ASN A 34 7.76 6.72 -8.76
C ASN A 34 7.52 6.15 -7.37
N GLU A 35 7.79 6.96 -6.34
CA GLU A 35 7.61 6.54 -4.96
C GLU A 35 6.16 6.65 -4.52
N CYS A 36 5.33 7.33 -5.31
CA CYS A 36 3.93 7.48 -4.98
C CYS A 36 3.30 6.10 -4.83
N LYS A 37 3.15 5.67 -3.59
CA LYS A 37 2.62 4.35 -3.26
C LYS A 37 1.13 4.22 -3.58
N SER A 38 0.69 2.97 -3.71
CA SER A 38 -0.71 2.67 -4.05
C SER A 38 -1.69 3.38 -3.11
N PRO A 39 -1.59 3.19 -1.78
CA PRO A 39 -2.50 3.84 -0.83
C PRO A 39 -2.59 5.34 -1.07
N CYS A 40 -1.48 5.91 -1.53
CA CYS A 40 -1.40 7.32 -1.81
C CYS A 40 -2.32 7.71 -2.96
N LYS A 41 -2.01 8.84 -3.59
CA LYS A 41 -2.79 9.34 -4.72
C LYS A 41 -1.95 10.31 -5.53
N TRP A 42 -1.52 9.85 -6.70
CA TRP A 42 -0.67 10.66 -7.58
C TRP A 42 -1.42 11.85 -8.16
N HIS A 43 -0.67 12.93 -8.39
CA HIS A 43 -1.23 14.15 -8.96
C HIS A 43 -0.29 14.72 -10.03
N ASN A 44 -0.76 14.70 -11.27
CA ASN A 44 0.02 15.21 -12.39
C ASN A 44 0.18 16.72 -12.32
N ASP A 45 1.25 17.23 -12.93
CA ASP A 45 1.51 18.67 -12.92
C ASP A 45 1.73 19.17 -11.51
N ALA A 46 0.71 19.79 -10.92
CA ALA A 46 0.79 20.31 -9.57
C ALA A 46 1.92 21.33 -9.42
N GLU A 47 2.43 21.80 -10.55
CA GLU A 47 3.50 22.80 -10.58
C GLU A 47 4.84 22.20 -10.14
N ASN A 48 4.77 21.14 -9.33
CA ASN A 48 5.98 20.49 -8.83
C ASN A 48 5.70 19.03 -8.48
N LYS A 49 4.64 18.49 -9.06
CA LYS A 49 4.24 17.10 -8.82
C LYS A 49 3.80 16.90 -7.36
N LYS A 50 2.71 16.17 -7.17
CA LYS A 50 2.20 15.94 -5.82
C LYS A 50 1.66 14.52 -5.62
N CYS A 51 1.90 13.99 -4.42
CA CYS A 51 1.43 12.66 -4.05
C CYS A 51 0.93 12.71 -2.61
N THR A 52 -0.31 12.25 -2.39
CA THR A 52 -0.89 12.28 -1.05
C THR A 52 -1.72 11.03 -0.75
N LEU A 53 -1.68 10.61 0.52
CA LEU A 53 -2.43 9.44 0.96
C LEU A 53 -3.92 9.71 0.91
N ASP A 54 -4.67 8.70 0.53
CA ASP A 54 -6.12 8.81 0.45
C ASP A 54 -6.80 7.60 1.07
N LYS A 55 -7.73 7.85 1.99
CA LYS A 55 -8.45 6.78 2.65
C LYS A 55 -9.27 5.97 1.66
N GLU A 56 -9.97 6.69 0.77
CA GLU A 56 -10.79 6.04 -0.25
C GLU A 56 -9.97 5.05 -1.07
N GLU A 57 -8.79 5.48 -1.49
CA GLU A 57 -7.90 4.63 -2.27
C GLU A 57 -7.41 3.45 -1.44
N ALA A 58 -6.96 3.75 -0.22
CA ALA A 58 -6.48 2.71 0.69
C ALA A 58 -7.51 1.61 0.88
N LYS A 59 -8.77 2.01 1.01
CA LYS A 59 -9.87 1.05 1.19
C LYS A 59 -9.97 0.12 -0.01
N LYS A 60 -9.89 0.69 -1.21
CA LYS A 60 -9.99 -0.09 -2.43
C LYS A 60 -8.81 -1.06 -2.57
N VAL A 61 -7.61 -0.57 -2.30
CA VAL A 61 -6.39 -1.37 -2.39
C VAL A 61 -6.43 -2.55 -1.43
N ALA A 62 -6.86 -2.30 -0.21
CA ALA A 62 -6.95 -3.34 0.81
C ALA A 62 -8.03 -4.36 0.46
N ASP A 63 -9.13 -3.87 -0.09
CA ASP A 63 -10.26 -4.73 -0.45
C ASP A 63 -10.08 -5.35 -1.83
N GLU A 64 -8.87 -5.77 -2.14
CA GLU A 64 -8.59 -6.38 -3.44
C GLU A 64 -7.33 -7.24 -3.41
N THR A 65 -6.33 -6.82 -2.64
CA THR A 65 -5.07 -7.57 -2.56
C THR A 65 -4.30 -7.23 -1.27
N ALA A 66 -4.94 -7.43 -0.13
CA ALA A 66 -4.31 -7.15 1.16
C ALA A 66 -5.11 -7.77 2.30
N LYS A 67 -6.41 -7.50 2.34
CA LYS A 67 -7.28 -8.04 3.37
C LYS A 67 -8.05 -9.25 2.86
N ASP A 68 -7.39 -10.05 2.02
CA ASP A 68 -8.00 -11.25 1.46
C ASP A 68 -9.31 -10.90 0.74
N GLY A 69 -9.26 -9.88 -0.10
CA GLY A 69 -10.44 -9.47 -0.84
C GLY A 69 -10.94 -10.54 -1.80
N LYS A 70 -12.23 -10.83 -1.74
CA LYS A 70 -12.84 -11.83 -2.61
C LYS A 70 -13.16 -11.24 -3.98
N THR A 71 -12.14 -10.70 -4.64
CA THR A 71 -12.31 -10.10 -5.96
C THR A 71 -12.91 -11.10 -6.96
N GLY A 72 -13.87 -10.64 -7.75
CA GLY A 72 -14.50 -11.50 -8.74
C GLY A 72 -15.49 -10.77 -9.62
N ASN A 73 -16.30 -9.92 -9.00
CA ASN A 73 -17.30 -9.15 -9.74
C ASN A 73 -16.66 -8.32 -10.85
N THR A 74 -17.31 -8.31 -12.01
CA THR A 74 -16.81 -7.56 -13.16
C THR A 74 -16.72 -6.07 -12.86
N ASN A 75 -17.81 -5.51 -12.35
CA ASN A 75 -17.86 -4.08 -12.01
C ASN A 75 -19.20 -3.75 -11.36
N THR A 76 -19.14 -2.90 -10.33
CA THR A 76 -20.35 -2.49 -9.61
C THR A 76 -21.40 -1.96 -10.59
N THR A 77 -22.63 -2.44 -10.43
CA THR A 77 -23.74 -2.03 -11.29
C THR A 77 -23.38 -2.17 -12.76
N GLY A 78 -22.64 -3.21 -13.10
CA GLY A 78 -22.25 -3.44 -14.49
C GLY A 78 -21.30 -2.38 -15.01
N SER A 79 -20.29 -2.83 -15.74
CA SER A 79 -19.31 -1.92 -16.33
C SER A 79 -19.87 -1.20 -17.56
N SER A 80 -20.88 -0.38 -17.34
CA SER A 80 -21.51 0.37 -18.44
C SER A 80 -20.48 1.23 -19.17
N GLY A 1 2.14 -19.55 -3.78
CA GLY A 1 1.06 -20.56 -3.58
C GLY A 1 0.93 -20.97 -2.13
N SER A 2 0.77 -22.27 -1.90
CA SER A 2 0.63 -22.80 -0.54
C SER A 2 1.89 -22.56 0.27
N HIS A 3 3.04 -22.87 -0.32
CA HIS A 3 4.33 -22.70 0.34
C HIS A 3 4.60 -21.22 0.63
N MET A 4 5.12 -20.94 1.82
CA MET A 4 5.41 -19.57 2.23
C MET A 4 6.47 -18.95 1.31
N LEU A 5 6.21 -17.72 0.88
CA LEU A 5 7.13 -17.01 -0.01
C LEU A 5 8.39 -16.57 0.75
N GLU A 6 8.84 -15.34 0.49
CA GLU A 6 10.04 -14.81 1.15
C GLU A 6 10.21 -13.33 0.85
N VAL A 7 10.57 -12.57 1.87
CA VAL A 7 10.76 -11.12 1.73
C VAL A 7 11.86 -10.81 0.72
N LEU A 8 11.60 -9.82 -0.13
CA LEU A 8 12.57 -9.41 -1.15
C LEU A 8 12.09 -8.16 -1.88
N THR A 9 12.99 -7.21 -2.05
CA THR A 9 12.66 -5.95 -2.74
C THR A 9 12.50 -6.19 -4.25
N GLN A 10 12.89 -5.21 -5.06
CA GLN A 10 12.78 -5.32 -6.51
C GLN A 10 13.84 -6.25 -7.08
N LYS A 11 13.41 -7.43 -7.52
CA LYS A 11 14.31 -8.43 -8.11
C LYS A 11 13.52 -9.38 -9.00
N HIS A 12 13.87 -9.39 -10.29
CA HIS A 12 13.19 -10.24 -11.29
C HIS A 12 11.80 -9.71 -11.60
N LYS A 13 11.05 -9.33 -10.58
CA LYS A 13 9.71 -8.80 -10.74
C LYS A 13 9.43 -7.71 -9.70
N PRO A 14 8.71 -6.65 -10.10
CA PRO A 14 8.38 -5.55 -9.18
C PRO A 14 7.49 -6.00 -8.03
N ALA A 15 7.84 -5.57 -6.82
CA ALA A 15 7.09 -5.92 -5.61
C ALA A 15 7.18 -7.41 -5.32
N GLU A 16 7.36 -7.75 -4.04
CA GLU A 16 7.45 -9.15 -3.63
C GLU A 16 7.22 -9.27 -2.12
N SER A 17 7.82 -8.37 -1.37
CA SER A 17 7.69 -8.36 0.08
C SER A 17 6.25 -8.09 0.49
N GLN A 18 5.75 -8.87 1.44
CA GLN A 18 4.39 -8.71 1.93
C GLN A 18 4.27 -7.54 2.89
N GLN A 19 5.01 -6.46 2.61
CA GLN A 19 4.99 -5.29 3.46
C GLN A 19 3.63 -4.59 3.39
N GLN A 20 3.07 -4.28 4.55
CA GLN A 20 1.77 -3.60 4.62
C GLN A 20 1.85 -2.20 4.03
N ALA A 21 0.79 -1.80 3.34
CA ALA A 21 0.73 -0.48 2.73
C ALA A 21 0.69 0.60 3.80
N ALA A 22 1.57 1.59 3.67
CA ALA A 22 1.62 2.69 4.61
C ALA A 22 0.69 3.80 4.18
N GLU A 23 -0.56 3.42 3.99
CA GLU A 23 -1.61 4.34 3.57
C GLU A 23 -1.80 5.47 4.58
N THR A 24 -1.01 6.51 4.42
CA THR A 24 -1.09 7.68 5.29
C THR A 24 -0.69 8.93 4.53
N GLU A 25 -1.39 10.02 4.80
CA GLU A 25 -1.10 11.28 4.14
C GLU A 25 0.37 11.66 4.36
N GLY A 26 0.86 11.34 5.55
CA GLY A 26 2.23 11.64 5.90
C GLY A 26 3.24 10.91 5.04
N SER A 27 2.98 9.64 4.74
CA SER A 27 3.90 8.85 3.95
C SER A 27 3.86 9.25 2.47
N CYS A 28 2.65 9.41 1.95
CA CYS A 28 2.46 9.77 0.55
C CYS A 28 3.14 11.08 0.19
N ASN A 29 2.95 12.10 1.02
CA ASN A 29 3.55 13.41 0.77
C ASN A 29 5.05 13.30 0.57
N LYS A 30 5.66 12.33 1.25
CA LYS A 30 7.09 12.12 1.16
C LYS A 30 7.47 11.47 -0.17
N LYS A 31 6.64 10.53 -0.61
CA LYS A 31 6.89 9.82 -1.85
C LYS A 31 7.00 10.75 -3.05
N ASP A 32 7.13 10.13 -4.21
CA ASP A 32 7.25 10.84 -5.47
C ASP A 32 6.56 10.04 -6.57
N GLN A 33 6.97 10.23 -7.82
CA GLN A 33 6.36 9.50 -8.92
C GLN A 33 6.66 8.00 -8.79
N ASN A 34 7.94 7.68 -8.72
CA ASN A 34 8.39 6.30 -8.59
C ASN A 34 8.17 5.77 -7.17
N GLU A 35 7.36 6.48 -6.39
CA GLU A 35 7.09 6.07 -5.02
C GLU A 35 5.65 6.37 -4.63
N CYS A 36 4.88 6.93 -5.56
CA CYS A 36 3.49 7.23 -5.29
C CYS A 36 2.74 5.92 -5.13
N LYS A 37 2.46 5.56 -3.88
CA LYS A 37 1.79 4.31 -3.55
C LYS A 37 0.32 4.31 -3.95
N SER A 38 -0.22 3.10 -4.07
CA SER A 38 -1.61 2.89 -4.47
C SER A 38 -2.61 3.68 -3.62
N PRO A 39 -2.47 3.68 -2.27
CA PRO A 39 -3.38 4.43 -1.39
C PRO A 39 -3.30 5.91 -1.69
N CYS A 40 -2.12 6.35 -2.07
CA CYS A 40 -1.87 7.74 -2.36
C CYS A 40 -2.67 8.22 -3.58
N LYS A 41 -2.24 9.33 -4.15
CA LYS A 41 -2.88 9.91 -5.31
C LYS A 41 -1.92 10.86 -6.02
N TRP A 42 -1.49 10.43 -7.22
CA TRP A 42 -0.55 11.21 -8.01
C TRP A 42 -1.20 12.45 -8.61
N HIS A 43 -0.40 13.50 -8.77
CA HIS A 43 -0.88 14.76 -9.34
C HIS A 43 0.13 15.32 -10.33
N ASN A 44 -0.28 15.37 -11.59
CA ASN A 44 0.57 15.89 -12.67
C ASN A 44 0.44 17.41 -12.80
N ASP A 45 1.47 18.03 -13.36
CA ASP A 45 1.49 19.48 -13.55
C ASP A 45 1.36 20.19 -12.20
N ALA A 46 1.91 19.59 -11.17
CA ALA A 46 1.88 20.15 -9.83
C ALA A 46 3.02 21.14 -9.63
N GLU A 47 2.90 21.99 -8.62
CA GLU A 47 3.94 22.98 -8.33
C GLU A 47 5.29 22.29 -8.22
N ASN A 48 5.26 21.01 -7.87
CA ASN A 48 6.46 20.20 -7.74
C ASN A 48 6.10 18.73 -7.57
N LYS A 49 5.12 18.28 -8.36
CA LYS A 49 4.66 16.90 -8.31
C LYS A 49 3.99 16.61 -6.96
N LYS A 50 2.77 16.05 -6.99
CA LYS A 50 2.06 15.77 -5.75
C LYS A 50 1.60 14.31 -5.69
N CYS A 51 1.59 13.76 -4.47
CA CYS A 51 1.16 12.40 -4.23
C CYS A 51 0.46 12.31 -2.88
N THR A 52 -0.74 12.88 -2.81
CA THR A 52 -1.51 12.91 -1.57
C THR A 52 -2.25 11.59 -1.32
N LEU A 53 -2.30 11.19 -0.06
CA LEU A 53 -2.99 9.96 0.33
C LEU A 53 -4.50 10.13 0.18
N ASP A 54 -5.15 9.06 -0.26
CA ASP A 54 -6.59 9.07 -0.46
C ASP A 54 -7.26 7.98 0.37
N LYS A 55 -8.35 8.32 1.04
CA LYS A 55 -9.06 7.38 1.88
C LYS A 55 -9.64 6.22 1.07
N GLU A 56 -10.40 6.55 0.03
CA GLU A 56 -11.02 5.54 -0.82
C GLU A 56 -9.98 4.53 -1.34
N GLU A 57 -8.90 5.05 -1.90
CA GLU A 57 -7.83 4.20 -2.42
C GLU A 57 -7.22 3.39 -1.29
N ALA A 58 -6.98 4.04 -0.15
CA ALA A 58 -6.41 3.39 1.01
C ALA A 58 -7.25 2.20 1.43
N LYS A 59 -8.57 2.35 1.33
CA LYS A 59 -9.48 1.28 1.69
C LYS A 59 -9.26 0.05 0.82
N LYS A 60 -9.21 0.28 -0.49
CA LYS A 60 -9.00 -0.80 -1.44
C LYS A 60 -7.67 -1.51 -1.19
N VAL A 61 -6.60 -0.72 -1.07
CA VAL A 61 -5.27 -1.27 -0.83
C VAL A 61 -5.24 -2.09 0.46
N ALA A 62 -5.86 -1.55 1.51
CA ALA A 62 -5.93 -2.22 2.79
C ALA A 62 -6.63 -3.56 2.67
N ASP A 63 -7.66 -3.61 1.82
CA ASP A 63 -8.42 -4.82 1.60
C ASP A 63 -7.59 -5.84 0.83
N GLU A 64 -7.75 -5.80 -0.48
CA GLU A 64 -7.04 -6.71 -1.38
C GLU A 64 -6.91 -6.09 -2.77
N THR A 65 -6.69 -4.78 -2.82
CA THR A 65 -6.55 -4.06 -4.08
C THR A 65 -7.66 -4.44 -5.06
N ALA A 66 -8.90 -4.42 -4.59
CA ALA A 66 -10.04 -4.76 -5.42
C ALA A 66 -11.35 -4.41 -4.73
N LYS A 67 -11.35 -4.43 -3.40
CA LYS A 67 -12.54 -4.11 -2.60
C LYS A 67 -13.79 -4.79 -3.17
N ASP A 68 -13.65 -6.05 -3.57
CA ASP A 68 -14.77 -6.80 -4.14
C ASP A 68 -15.90 -6.93 -3.13
N GLY A 69 -17.13 -6.81 -3.61
CA GLY A 69 -18.29 -6.92 -2.74
C GLY A 69 -19.60 -6.96 -3.50
N LYS A 70 -20.53 -7.80 -3.04
CA LYS A 70 -21.83 -7.94 -3.68
C LYS A 70 -21.69 -8.43 -5.12
N THR A 71 -20.83 -9.42 -5.32
CA THR A 71 -20.61 -9.97 -6.65
C THR A 71 -21.86 -10.68 -7.16
N GLY A 72 -22.48 -11.48 -6.30
CA GLY A 72 -23.67 -12.20 -6.68
C GLY A 72 -24.22 -13.07 -5.54
N ASN A 73 -24.57 -14.30 -5.86
CA ASN A 73 -25.10 -15.23 -4.86
C ASN A 73 -24.06 -15.47 -3.76
N THR A 74 -24.50 -15.34 -2.50
CA THR A 74 -23.61 -15.55 -1.36
C THR A 74 -24.38 -15.48 -0.04
N ASN A 75 -24.04 -16.38 0.88
CA ASN A 75 -24.67 -16.42 2.19
C ASN A 75 -24.03 -17.51 3.05
N THR A 76 -23.81 -18.68 2.44
CA THR A 76 -23.19 -19.80 3.13
C THR A 76 -22.54 -20.76 2.14
N THR A 77 -21.28 -21.09 2.39
CA THR A 77 -20.54 -22.00 1.52
C THR A 77 -20.56 -21.50 0.07
N GLY A 78 -20.21 -20.23 -0.11
CA GLY A 78 -20.20 -19.65 -1.44
C GLY A 78 -19.73 -18.21 -1.43
N SER A 79 -18.66 -17.94 -0.69
CA SER A 79 -18.10 -16.61 -0.58
C SER A 79 -17.68 -16.08 -1.95
N SER A 80 -17.98 -14.82 -2.22
CA SER A 80 -17.62 -14.20 -3.49
C SER A 80 -16.12 -14.27 -3.73
N GLY A 1 9.75 -30.56 5.42
CA GLY A 1 8.82 -30.66 4.26
C GLY A 1 9.22 -29.76 3.10
N SER A 2 9.57 -28.52 3.42
CA SER A 2 9.97 -27.55 2.40
C SER A 2 10.51 -26.27 3.04
N HIS A 3 11.65 -25.81 2.54
CA HIS A 3 12.27 -24.60 3.05
C HIS A 3 11.38 -23.37 2.84
N MET A 4 11.30 -22.53 3.86
CA MET A 4 10.47 -21.32 3.80
C MET A 4 10.95 -20.37 2.72
N LEU A 5 10.00 -19.77 2.00
CA LEU A 5 10.30 -18.83 0.93
C LEU A 5 11.12 -17.64 1.44
N GLU A 6 12.04 -17.17 0.60
CA GLU A 6 12.88 -16.03 0.96
C GLU A 6 12.07 -14.73 0.94
N VAL A 7 12.31 -13.89 1.94
CA VAL A 7 11.61 -12.61 2.06
C VAL A 7 11.89 -11.72 0.85
N LEU A 8 10.88 -11.00 0.38
CA LEU A 8 11.01 -10.11 -0.76
C LEU A 8 12.08 -9.06 -0.51
N THR A 9 12.90 -8.79 -1.53
CA THR A 9 13.98 -7.81 -1.40
C THR A 9 14.52 -7.42 -2.78
N GLN A 10 14.64 -6.11 -3.01
CA GLN A 10 15.14 -5.60 -4.27
C GLN A 10 16.64 -5.83 -4.40
N LYS A 11 17.06 -6.39 -5.53
CA LYS A 11 18.47 -6.68 -5.78
C LYS A 11 18.74 -6.83 -7.28
N HIS A 12 18.87 -5.70 -7.97
CA HIS A 12 19.14 -5.70 -9.40
C HIS A 12 18.12 -6.61 -10.12
N LYS A 13 16.87 -6.54 -9.66
CA LYS A 13 15.80 -7.35 -10.22
C LYS A 13 14.48 -7.03 -9.53
N PRO A 14 13.38 -6.83 -10.29
CA PRO A 14 12.08 -6.52 -9.72
C PRO A 14 11.59 -7.61 -8.76
N ALA A 15 10.98 -7.19 -7.65
CA ALA A 15 10.48 -8.13 -6.65
C ALA A 15 9.63 -9.22 -7.29
N GLU A 16 9.78 -10.44 -6.79
CA GLU A 16 9.02 -11.58 -7.31
C GLU A 16 7.53 -11.32 -7.25
N SER A 17 7.11 -10.54 -6.26
CA SER A 17 5.70 -10.22 -6.10
C SER A 17 5.52 -8.99 -5.21
N GLN A 18 6.14 -7.88 -5.61
CA GLN A 18 6.03 -6.63 -4.86
C GLN A 18 4.58 -6.21 -4.68
N GLN A 19 4.25 -5.71 -3.49
CA GLN A 19 2.90 -5.27 -3.19
C GLN A 19 2.91 -4.04 -2.28
N GLN A 20 2.18 -3.01 -2.69
CA GLN A 20 2.11 -1.78 -1.91
C GLN A 20 1.35 -1.98 -0.60
N ALA A 21 1.86 -1.34 0.45
CA ALA A 21 1.25 -1.42 1.76
C ALA A 21 0.50 -0.13 2.10
N ALA A 22 -0.62 -0.27 2.81
CA ALA A 22 -1.43 0.88 3.18
C ALA A 22 -0.59 1.93 3.91
N GLU A 23 -0.07 2.88 3.13
CA GLU A 23 0.76 3.95 3.67
C GLU A 23 -0.08 4.92 4.48
N THR A 24 0.33 6.19 4.48
CA THR A 24 -0.38 7.24 5.21
C THR A 24 -0.24 8.55 4.48
N GLU A 25 -1.25 9.41 4.62
CA GLU A 25 -1.23 10.71 3.95
C GLU A 25 0.11 11.40 4.14
N GLY A 26 0.65 11.29 5.35
CA GLY A 26 1.92 11.89 5.66
C GLY A 26 3.07 11.28 4.87
N SER A 27 3.10 9.96 4.77
CA SER A 27 4.16 9.27 4.04
C SER A 27 4.08 9.56 2.54
N CYS A 28 2.88 9.47 1.99
CA CYS A 28 2.66 9.71 0.57
C CYS A 28 3.18 11.08 0.15
N ASN A 29 2.83 12.11 0.92
CA ASN A 29 3.27 13.46 0.63
C ASN A 29 4.79 13.51 0.47
N LYS A 30 5.49 12.70 1.26
CA LYS A 30 6.93 12.65 1.23
C LYS A 30 7.45 11.91 -0.02
N LYS A 31 6.73 10.88 -0.43
CA LYS A 31 7.13 10.09 -1.58
C LYS A 31 7.35 10.92 -2.83
N ASP A 32 7.64 10.23 -3.91
CA ASP A 32 7.87 10.84 -5.21
C ASP A 32 7.11 10.05 -6.26
N GLN A 33 7.21 10.46 -7.52
CA GLN A 33 6.51 9.76 -8.60
C GLN A 33 6.71 8.24 -8.46
N ASN A 34 7.97 7.83 -8.39
CA ASN A 34 8.30 6.41 -8.25
C ASN A 34 7.84 5.85 -6.90
N GLU A 35 7.96 6.67 -5.86
CA GLU A 35 7.58 6.25 -4.51
C GLU A 35 6.10 6.46 -4.25
N CYS A 36 5.38 7.01 -5.23
CA CYS A 36 3.96 7.23 -5.06
C CYS A 36 3.27 5.87 -4.99
N LYS A 37 3.00 5.44 -3.77
CA LYS A 37 2.38 4.14 -3.53
C LYS A 37 0.93 4.07 -4.00
N SER A 38 0.44 2.85 -4.17
CA SER A 38 -0.92 2.60 -4.64
C SER A 38 -1.95 3.44 -3.88
N PRO A 39 -2.00 3.35 -2.53
CA PRO A 39 -2.93 4.13 -1.74
C PRO A 39 -2.79 5.62 -2.03
N CYS A 40 -1.55 6.04 -2.22
CA CYS A 40 -1.23 7.43 -2.52
C CYS A 40 -1.84 7.85 -3.84
N LYS A 41 -2.10 9.15 -3.97
CA LYS A 41 -2.68 9.70 -5.19
C LYS A 41 -1.70 10.65 -5.86
N TRP A 42 -1.32 10.31 -7.10
CA TRP A 42 -0.39 11.12 -7.86
C TRP A 42 -1.10 12.27 -8.57
N HIS A 43 -0.36 13.35 -8.80
CA HIS A 43 -0.91 14.52 -9.47
C HIS A 43 0.18 15.17 -10.34
N ASN A 44 0.00 15.08 -11.65
CA ASN A 44 0.96 15.66 -12.59
C ASN A 44 0.80 17.18 -12.66
N ASP A 45 1.93 17.88 -12.69
CA ASP A 45 1.93 19.34 -12.76
C ASP A 45 1.11 19.94 -11.61
N ALA A 46 1.16 19.28 -10.47
CA ALA A 46 0.42 19.72 -9.29
C ALA A 46 1.26 20.67 -8.44
N GLU A 47 1.74 21.73 -9.07
CA GLU A 47 2.57 22.71 -8.39
C GLU A 47 3.86 22.07 -7.93
N ASN A 48 4.53 21.39 -8.86
CA ASN A 48 5.79 20.70 -8.62
C ASN A 48 5.54 19.25 -8.19
N LYS A 49 4.58 18.62 -8.87
CA LYS A 49 4.22 17.22 -8.59
C LYS A 49 3.65 17.04 -7.18
N LYS A 50 2.70 16.11 -7.06
CA LYS A 50 2.06 15.82 -5.77
C LYS A 50 1.65 14.35 -5.67
N CYS A 51 1.77 13.81 -4.46
CA CYS A 51 1.40 12.41 -4.21
C CYS A 51 0.70 12.30 -2.86
N THR A 52 -0.50 12.86 -2.77
CA THR A 52 -1.27 12.84 -1.53
C THR A 52 -2.09 11.55 -1.41
N LEU A 53 -2.04 10.93 -0.23
CA LEU A 53 -2.78 9.70 -0.01
C LEU A 53 -4.28 9.91 -0.17
N ASP A 54 -4.91 9.02 -0.92
CA ASP A 54 -6.35 9.08 -1.15
C ASP A 54 -7.05 8.18 -0.14
N LYS A 55 -8.09 8.70 0.50
CA LYS A 55 -8.82 7.91 1.49
C LYS A 55 -9.52 6.72 0.84
N GLU A 56 -10.25 6.97 -0.23
CA GLU A 56 -10.97 5.91 -0.93
C GLU A 56 -10.01 4.84 -1.44
N GLU A 57 -8.86 5.26 -1.94
CA GLU A 57 -7.85 4.33 -2.45
C GLU A 57 -7.20 3.55 -1.33
N ALA A 58 -6.80 4.25 -0.28
CA ALA A 58 -6.16 3.62 0.87
C ALA A 58 -7.05 2.53 1.46
N LYS A 59 -8.31 2.88 1.66
CA LYS A 59 -9.29 1.94 2.20
C LYS A 59 -9.42 0.72 1.30
N LYS A 60 -9.45 0.96 0.00
CA LYS A 60 -9.58 -0.10 -0.98
C LYS A 60 -8.40 -1.07 -0.90
N VAL A 61 -7.18 -0.52 -0.86
CA VAL A 61 -5.98 -1.32 -0.78
C VAL A 61 -5.96 -2.16 0.49
N ALA A 62 -6.24 -1.52 1.62
CA ALA A 62 -6.27 -2.20 2.90
C ALA A 62 -7.29 -3.32 2.88
N ASP A 63 -8.40 -3.08 2.18
CA ASP A 63 -9.47 -4.06 2.06
C ASP A 63 -9.13 -5.10 0.99
N GLU A 64 -7.86 -5.46 0.91
CA GLU A 64 -7.39 -6.44 -0.07
C GLU A 64 -6.23 -7.26 0.47
N THR A 65 -5.32 -6.61 1.20
CA THR A 65 -4.17 -7.29 1.76
C THR A 65 -3.76 -6.68 3.10
N ALA A 66 -4.71 -6.62 4.03
CA ALA A 66 -4.46 -6.06 5.35
C ALA A 66 -5.58 -6.43 6.33
N LYS A 67 -6.83 -6.24 5.87
CA LYS A 67 -7.99 -6.56 6.69
C LYS A 67 -7.94 -5.81 8.03
N ASP A 68 -7.60 -4.52 7.96
CA ASP A 68 -7.52 -3.70 9.16
C ASP A 68 -8.87 -3.60 9.85
N GLY A 69 -8.88 -3.80 11.16
CA GLY A 69 -10.12 -3.73 11.92
C GLY A 69 -11.13 -4.78 11.49
N LYS A 70 -10.68 -6.02 11.38
CA LYS A 70 -11.54 -7.13 10.98
C LYS A 70 -10.84 -8.47 11.16
N THR A 71 -9.59 -8.54 10.68
CA THR A 71 -8.80 -9.76 10.78
C THR A 71 -9.59 -10.98 10.31
N GLY A 72 -9.46 -12.10 11.01
CA GLY A 72 -10.17 -13.30 10.63
C GLY A 72 -9.90 -14.46 11.59
N ASN A 73 -10.96 -15.16 11.98
CA ASN A 73 -10.84 -16.30 12.88
C ASN A 73 -9.96 -17.39 12.28
N THR A 74 -9.08 -17.96 13.11
CA THR A 74 -8.18 -19.02 12.66
C THR A 74 -7.84 -19.97 13.80
N ASN A 75 -8.86 -20.36 14.56
CA ASN A 75 -8.67 -21.27 15.69
C ASN A 75 -10.01 -21.63 16.32
N THR A 76 -10.04 -21.67 17.66
CA THR A 76 -11.28 -22.00 18.38
C THR A 76 -12.42 -21.08 17.96
N THR A 77 -13.63 -21.63 17.94
CA THR A 77 -14.83 -20.88 17.54
C THR A 77 -14.89 -20.71 16.03
N GLY A 78 -13.74 -20.42 15.42
CA GLY A 78 -13.69 -20.24 13.98
C GLY A 78 -13.70 -21.57 13.25
N SER A 79 -12.76 -21.74 12.34
CA SER A 79 -12.67 -22.98 11.57
C SER A 79 -12.28 -24.14 12.48
N SER A 80 -13.20 -25.07 12.66
CA SER A 80 -12.97 -26.24 13.51
C SER A 80 -12.63 -25.81 14.94
N GLY A 1 -12.27 4.20 29.51
CA GLY A 1 -13.47 4.64 28.76
C GLY A 1 -13.20 4.77 27.27
N SER A 2 -14.16 4.31 26.46
CA SER A 2 -14.05 4.37 25.00
C SER A 2 -12.74 3.77 24.52
N HIS A 3 -12.42 2.57 25.01
CA HIS A 3 -11.19 1.88 24.63
C HIS A 3 -11.16 1.65 23.11
N MET A 4 -10.01 1.95 22.51
CA MET A 4 -9.85 1.78 21.06
C MET A 4 -10.00 0.31 20.68
N LEU A 5 -10.72 0.05 19.59
CA LEU A 5 -10.93 -1.30 19.11
C LEU A 5 -9.60 -2.00 18.83
N GLU A 6 -9.50 -3.25 19.26
CA GLU A 6 -8.28 -4.03 19.07
C GLU A 6 -7.94 -4.15 17.58
N VAL A 7 -6.67 -3.95 17.26
CA VAL A 7 -6.19 -4.03 15.89
C VAL A 7 -6.35 -5.45 15.33
N LEU A 8 -6.66 -5.54 14.03
CA LEU A 8 -6.84 -6.83 13.38
C LEU A 8 -8.07 -7.56 13.91
N THR A 9 -8.77 -8.24 13.01
CA THR A 9 -9.98 -8.98 13.37
C THR A 9 -11.06 -8.03 13.87
N GLN A 10 -11.59 -7.22 12.95
CA GLN A 10 -12.63 -6.25 13.29
C GLN A 10 -13.30 -5.70 12.04
N LYS A 11 -12.52 -5.53 10.98
CA LYS A 11 -13.04 -5.01 9.72
C LYS A 11 -13.93 -6.04 9.04
N HIS A 12 -15.18 -6.12 9.52
CA HIS A 12 -16.17 -7.05 9.00
C HIS A 12 -15.56 -8.40 8.65
N LYS A 13 -14.54 -8.80 9.42
CA LYS A 13 -13.86 -10.08 9.19
C LYS A 13 -13.29 -10.64 10.49
N PRO A 14 -13.55 -11.93 10.78
CA PRO A 14 -13.04 -12.59 11.98
C PRO A 14 -11.61 -13.06 11.82
N ALA A 15 -10.75 -12.17 11.31
CA ALA A 15 -9.35 -12.48 11.09
C ALA A 15 -8.54 -11.23 10.78
N GLU A 16 -7.23 -11.30 11.01
CA GLU A 16 -6.34 -10.16 10.77
C GLU A 16 -6.60 -9.55 9.39
N SER A 17 -6.83 -10.41 8.42
CA SER A 17 -7.10 -9.97 7.04
C SER A 17 -5.97 -9.09 6.53
N GLN A 18 -4.73 -9.58 6.68
CA GLN A 18 -3.51 -8.88 6.25
C GLN A 18 -3.44 -7.46 6.81
N GLN A 19 -2.26 -7.08 7.31
CA GLN A 19 -2.06 -5.76 7.89
C GLN A 19 -2.42 -4.67 6.90
N GLN A 20 -3.22 -3.70 7.36
CA GLN A 20 -3.64 -2.58 6.53
C GLN A 20 -2.44 -1.77 6.05
N ALA A 21 -2.64 -1.00 4.99
CA ALA A 21 -1.57 -0.17 4.44
C ALA A 21 -1.08 0.80 5.49
N ALA A 22 0.25 0.94 5.58
CA ALA A 22 0.84 1.85 6.55
C ALA A 22 1.24 3.14 5.89
N GLU A 23 0.34 3.65 5.08
CA GLU A 23 0.57 4.88 4.34
C GLU A 23 -0.32 6.01 4.84
N THR A 24 0.28 7.19 4.96
CA THR A 24 -0.43 8.38 5.42
C THR A 24 -0.15 9.55 4.50
N GLU A 25 -1.08 10.50 4.46
CA GLU A 25 -0.95 11.66 3.60
C GLU A 25 0.43 12.29 3.73
N GLY A 26 0.90 12.38 4.98
CA GLY A 26 2.20 12.96 5.22
C GLY A 26 3.33 12.18 4.59
N SER A 27 3.23 10.85 4.62
CA SER A 27 4.27 10.00 4.04
C SER A 27 4.28 10.12 2.51
N CYS A 28 3.11 10.01 1.90
CA CYS A 28 3.00 10.08 0.44
C CYS A 28 3.62 11.37 -0.10
N ASN A 29 3.31 12.48 0.56
CA ASN A 29 3.84 13.78 0.14
C ASN A 29 5.36 13.76 0.00
N LYS A 30 6.00 12.91 0.79
CA LYS A 30 7.45 12.79 0.76
C LYS A 30 7.90 11.85 -0.36
N LYS A 31 7.11 10.80 -0.57
CA LYS A 31 7.41 9.81 -1.59
C LYS A 31 7.31 10.41 -3.00
N ASP A 32 8.36 10.18 -3.80
CA ASP A 32 8.40 10.68 -5.17
C ASP A 32 7.40 9.91 -6.03
N GLN A 33 7.33 10.25 -7.31
CA GLN A 33 6.41 9.57 -8.23
C GLN A 33 6.49 8.06 -8.09
N ASN A 34 7.71 7.53 -8.19
CA ASN A 34 7.93 6.09 -8.07
C ASN A 34 7.63 5.61 -6.65
N GLU A 35 7.94 6.46 -5.67
CA GLU A 35 7.70 6.13 -4.27
C GLU A 35 6.23 6.27 -3.90
N CYS A 36 5.45 6.93 -4.76
CA CYS A 36 4.04 7.11 -4.52
C CYS A 36 3.40 5.73 -4.37
N LYS A 37 3.14 5.34 -3.13
CA LYS A 37 2.59 4.03 -2.82
C LYS A 37 1.13 3.89 -3.25
N SER A 38 0.67 2.64 -3.29
CA SER A 38 -0.69 2.32 -3.72
C SER A 38 -1.75 3.15 -2.98
N PRO A 39 -1.75 3.14 -1.62
CA PRO A 39 -2.73 3.91 -0.85
C PRO A 39 -2.74 5.38 -1.25
N CYS A 40 -1.58 5.88 -1.65
CA CYS A 40 -1.43 7.26 -2.06
C CYS A 40 -2.26 7.56 -3.31
N LYS A 41 -1.89 8.63 -3.99
CA LYS A 41 -2.56 9.04 -5.22
C LYS A 41 -1.75 10.12 -5.92
N TRP A 42 -1.31 9.82 -7.14
CA TRP A 42 -0.50 10.75 -7.91
C TRP A 42 -1.31 11.96 -8.38
N HIS A 43 -0.63 13.10 -8.47
CA HIS A 43 -1.27 14.33 -8.91
C HIS A 43 -0.33 15.16 -9.77
N ASN A 44 -0.49 15.06 -11.09
CA ASN A 44 0.34 15.80 -12.02
C ASN A 44 -0.25 17.19 -12.25
N ASP A 45 0.14 18.14 -11.39
CA ASP A 45 -0.35 19.52 -11.47
C ASP A 45 0.10 20.31 -10.25
N ALA A 46 0.13 19.65 -9.09
CA ALA A 46 0.53 20.29 -7.85
C ALA A 46 1.95 20.83 -7.94
N GLU A 47 2.08 22.06 -8.45
CA GLU A 47 3.36 22.72 -8.63
C GLU A 47 4.08 22.12 -9.84
N ASN A 48 4.04 20.80 -9.94
CA ASN A 48 4.66 20.07 -11.03
C ASN A 48 4.39 18.58 -10.87
N LYS A 49 4.67 18.07 -9.68
CA LYS A 49 4.46 16.65 -9.35
C LYS A 49 4.32 16.47 -7.85
N LYS A 50 3.19 15.90 -7.41
CA LYS A 50 2.96 15.68 -5.98
C LYS A 50 2.10 14.45 -5.71
N CYS A 51 2.54 13.65 -4.74
CA CYS A 51 1.83 12.44 -4.34
C CYS A 51 1.10 12.67 -3.00
N THR A 52 -0.12 12.16 -2.87
CA THR A 52 -0.90 12.35 -1.65
C THR A 52 -1.73 11.11 -1.31
N LEU A 53 -1.78 10.78 -0.02
CA LEU A 53 -2.54 9.63 0.46
C LEU A 53 -4.04 9.90 0.38
N ASP A 54 -4.79 8.87 0.04
CA ASP A 54 -6.24 8.98 -0.07
C ASP A 54 -6.93 7.84 0.67
N LYS A 55 -7.93 8.19 1.48
CA LYS A 55 -8.67 7.19 2.24
C LYS A 55 -9.44 6.25 1.33
N GLU A 56 -10.12 6.82 0.34
CA GLU A 56 -10.91 6.04 -0.61
C GLU A 56 -10.01 5.07 -1.39
N GLU A 57 -8.81 5.53 -1.73
CA GLU A 57 -7.86 4.73 -2.49
C GLU A 57 -7.30 3.59 -1.63
N ALA A 58 -6.90 3.93 -0.41
CA ALA A 58 -6.33 2.93 0.51
C ALA A 58 -7.32 1.81 0.81
N LYS A 59 -8.55 2.19 1.18
CA LYS A 59 -9.57 1.20 1.48
C LYS A 59 -9.87 0.33 0.26
N LYS A 60 -9.82 0.95 -0.91
CA LYS A 60 -10.09 0.25 -2.16
C LYS A 60 -9.02 -0.82 -2.41
N VAL A 61 -7.75 -0.42 -2.30
CA VAL A 61 -6.64 -1.34 -2.52
C VAL A 61 -6.72 -2.52 -1.57
N ALA A 62 -6.90 -2.24 -0.28
CA ALA A 62 -7.00 -3.29 0.72
C ALA A 62 -8.20 -4.18 0.45
N ASP A 63 -9.33 -3.55 0.09
CA ASP A 63 -10.54 -4.29 -0.19
C ASP A 63 -10.66 -4.62 -1.67
N GLU A 64 -9.53 -4.98 -2.28
CA GLU A 64 -9.51 -5.32 -3.70
C GLU A 64 -10.12 -6.69 -3.95
N THR A 65 -10.44 -7.39 -2.86
CA THR A 65 -11.03 -8.72 -2.94
C THR A 65 -10.19 -9.61 -3.84
N ALA A 66 -8.88 -9.64 -3.58
CA ALA A 66 -7.95 -10.44 -4.37
C ALA A 66 -6.65 -10.65 -3.62
N LYS A 67 -6.25 -9.65 -2.83
CA LYS A 67 -5.01 -9.70 -2.04
C LYS A 67 -3.86 -10.28 -2.85
N ASP A 68 -3.77 -9.86 -4.11
CA ASP A 68 -2.71 -10.34 -4.99
C ASP A 68 -1.40 -9.60 -4.73
N GLY A 69 -1.10 -9.37 -3.45
CA GLY A 69 0.13 -8.68 -3.09
C GLY A 69 0.26 -8.50 -1.60
N LYS A 70 1.45 -8.81 -1.07
CA LYS A 70 1.72 -8.70 0.36
C LYS A 70 3.18 -8.98 0.66
N THR A 71 3.73 -10.01 0.02
CA THR A 71 5.12 -10.39 0.22
C THR A 71 5.52 -11.52 -0.74
N GLY A 72 5.12 -11.38 -2.00
CA GLY A 72 5.44 -12.38 -3.00
C GLY A 72 5.03 -11.97 -4.39
N ASN A 73 5.94 -12.13 -5.35
CA ASN A 73 5.67 -11.75 -6.74
C ASN A 73 4.55 -12.61 -7.33
N THR A 74 3.59 -11.95 -7.98
CA THR A 74 2.47 -12.64 -8.60
C THR A 74 2.94 -13.51 -9.76
N ASN A 75 3.84 -12.97 -10.58
CA ASN A 75 4.37 -13.67 -11.73
C ASN A 75 5.45 -12.84 -12.43
N THR A 76 5.49 -12.90 -13.76
CA THR A 76 6.47 -12.16 -14.53
C THR A 76 6.34 -10.65 -14.30
N THR A 77 7.47 -9.98 -14.10
CA THR A 77 7.52 -8.54 -13.86
C THR A 77 6.35 -8.07 -13.01
N GLY A 78 6.09 -8.80 -11.93
CA GLY A 78 4.99 -8.45 -11.03
C GLY A 78 5.16 -7.05 -10.44
N SER A 79 6.36 -6.75 -9.97
CA SER A 79 6.65 -5.45 -9.38
C SER A 79 6.86 -4.38 -10.46
N SER A 80 5.80 -4.10 -11.22
CA SER A 80 5.88 -3.10 -12.28
C SER A 80 6.25 -1.72 -11.72
N GLY A 1 19.10 -10.95 19.97
CA GLY A 1 18.25 -10.92 18.75
C GLY A 1 18.84 -10.07 17.64
N SER A 2 19.35 -8.89 18.00
CA SER A 2 19.95 -7.97 17.04
C SER A 2 18.95 -7.61 15.93
N HIS A 3 19.45 -7.46 14.71
CA HIS A 3 18.59 -7.10 13.58
C HIS A 3 17.65 -8.26 13.26
N MET A 4 16.36 -7.93 13.08
CA MET A 4 15.35 -8.95 12.77
C MET A 4 15.67 -9.67 11.47
N LEU A 5 15.74 -10.99 11.54
CA LEU A 5 16.05 -11.81 10.36
C LEU A 5 14.87 -11.82 9.39
N GLU A 6 15.18 -11.84 8.10
CA GLU A 6 14.16 -11.84 7.05
C GLU A 6 14.78 -12.02 5.68
N VAL A 7 14.21 -12.93 4.89
CA VAL A 7 14.72 -13.19 3.54
C VAL A 7 14.48 -12.01 2.61
N LEU A 8 15.48 -11.72 1.78
CA LEU A 8 15.39 -10.60 0.84
C LEU A 8 16.56 -10.62 -0.13
N THR A 9 16.26 -10.52 -1.43
CA THR A 9 17.27 -10.52 -2.47
C THR A 9 16.81 -9.73 -3.68
N GLN A 10 17.67 -8.82 -4.16
CA GLN A 10 17.35 -7.99 -5.31
C GLN A 10 17.54 -8.75 -6.61
N LYS A 11 16.53 -8.68 -7.49
CA LYS A 11 16.58 -9.37 -8.77
C LYS A 11 15.60 -8.73 -9.76
N HIS A 12 16.11 -8.41 -10.95
CA HIS A 12 15.30 -7.79 -12.01
C HIS A 12 14.97 -6.32 -11.69
N LYS A 13 14.82 -6.03 -10.41
CA LYS A 13 14.50 -4.67 -9.97
C LYS A 13 14.71 -4.52 -8.47
N PRO A 14 15.25 -3.37 -8.02
CA PRO A 14 15.49 -3.10 -6.60
C PRO A 14 14.21 -2.75 -5.85
N ALA A 15 13.11 -3.36 -6.27
CA ALA A 15 11.81 -3.12 -5.64
C ALA A 15 11.69 -3.87 -4.34
N GLU A 16 11.25 -3.19 -3.30
CA GLU A 16 11.08 -3.79 -1.99
C GLU A 16 9.93 -4.78 -1.98
N SER A 17 10.21 -6.01 -1.58
CA SER A 17 9.18 -7.05 -1.53
C SER A 17 8.16 -6.74 -0.45
N GLN A 18 8.66 -6.24 0.68
CA GLN A 18 7.81 -5.89 1.80
C GLN A 18 7.16 -4.52 1.59
N GLN A 19 6.50 -4.36 0.45
CA GLN A 19 5.84 -3.09 0.12
C GLN A 19 4.96 -2.62 1.26
N GLN A 20 5.07 -1.34 1.60
CA GLN A 20 4.29 -0.78 2.70
C GLN A 20 2.80 -0.97 2.46
N ALA A 21 2.06 -1.24 3.53
CA ALA A 21 0.63 -1.47 3.44
C ALA A 21 -0.14 -0.39 4.20
N ALA A 22 -1.30 -0.02 3.67
CA ALA A 22 -2.16 0.99 4.29
C ALA A 22 -1.33 2.13 4.87
N GLU A 23 -0.58 2.78 3.99
CA GLU A 23 0.27 3.91 4.35
C GLU A 23 -0.55 5.06 4.93
N THR A 24 -0.04 6.27 4.79
CA THR A 24 -0.71 7.46 5.30
C THR A 24 -0.40 8.66 4.43
N GLU A 25 -1.34 9.61 4.38
CA GLU A 25 -1.17 10.81 3.58
C GLU A 25 0.19 11.44 3.85
N GLY A 26 0.59 11.42 5.11
CA GLY A 26 1.87 11.99 5.48
C GLY A 26 3.03 11.30 4.79
N SER A 27 2.97 9.98 4.68
CA SER A 27 4.02 9.22 4.03
C SER A 27 4.10 9.56 2.55
N CYS A 28 2.96 9.47 1.88
CA CYS A 28 2.88 9.76 0.44
C CYS A 28 3.47 11.13 0.10
N ASN A 29 3.14 12.13 0.89
CA ASN A 29 3.63 13.50 0.66
C ASN A 29 5.14 13.53 0.54
N LYS A 30 5.80 12.60 1.24
CA LYS A 30 7.25 12.53 1.22
C LYS A 30 7.76 11.72 0.03
N LYS A 31 6.95 10.76 -0.41
CA LYS A 31 7.31 9.91 -1.53
C LYS A 31 7.40 10.70 -2.83
N ASP A 32 8.55 10.59 -3.49
CA ASP A 32 8.77 11.27 -4.76
C ASP A 32 7.92 10.63 -5.86
N GLN A 33 8.08 11.10 -7.09
CA GLN A 33 7.31 10.57 -8.21
C GLN A 33 7.35 9.04 -8.23
N ASN A 34 8.56 8.48 -8.29
CA ASN A 34 8.73 7.03 -8.31
C ASN A 34 8.29 6.41 -6.99
N GLU A 35 8.44 7.17 -5.91
CA GLU A 35 8.06 6.69 -4.58
C GLU A 35 6.55 6.75 -4.36
N CYS A 36 5.86 7.53 -5.19
CA CYS A 36 4.41 7.65 -5.07
C CYS A 36 3.80 6.26 -5.19
N LYS A 37 3.49 5.67 -4.03
CA LYS A 37 2.95 4.32 -3.96
C LYS A 37 1.50 4.24 -4.47
N SER A 38 1.06 3.02 -4.74
CA SER A 38 -0.30 2.79 -5.23
C SER A 38 -1.35 3.44 -4.36
N PRO A 39 -1.34 3.19 -3.03
CA PRO A 39 -2.30 3.79 -2.11
C PRO A 39 -2.30 5.31 -2.27
N CYS A 40 -1.16 5.84 -2.67
CA CYS A 40 -1.02 7.28 -2.87
C CYS A 40 -1.54 7.66 -4.25
N LYS A 41 -2.08 8.86 -4.36
CA LYS A 41 -2.60 9.35 -5.64
C LYS A 41 -1.66 10.39 -6.24
N TRP A 42 -1.20 10.12 -7.45
CA TRP A 42 -0.29 11.01 -8.14
C TRP A 42 -1.02 12.24 -8.71
N HIS A 43 -0.38 13.40 -8.59
CA HIS A 43 -0.97 14.64 -9.11
C HIS A 43 -0.10 15.23 -10.19
N ASN A 44 -0.60 15.19 -11.43
CA ASN A 44 0.11 15.74 -12.57
C ASN A 44 -0.45 17.10 -12.95
N ASP A 45 0.07 18.14 -12.32
CA ASP A 45 -0.38 19.52 -12.56
C ASP A 45 0.31 20.46 -11.59
N ALA A 46 0.56 19.94 -10.39
CA ALA A 46 1.22 20.71 -9.33
C ALA A 46 2.45 21.43 -9.85
N GLU A 47 2.74 22.59 -9.26
CA GLU A 47 3.90 23.39 -9.65
C GLU A 47 5.17 22.53 -9.71
N ASN A 48 5.14 21.41 -9.00
CA ASN A 48 6.28 20.50 -8.97
C ASN A 48 5.83 19.09 -8.64
N LYS A 49 4.65 18.71 -9.14
CA LYS A 49 4.10 17.38 -8.92
C LYS A 49 3.79 17.15 -7.44
N LYS A 50 2.74 16.38 -7.16
CA LYS A 50 2.35 16.11 -5.78
C LYS A 50 1.78 14.70 -5.62
N CYS A 51 2.09 14.09 -4.48
CA CYS A 51 1.60 12.73 -4.16
C CYS A 51 0.97 12.72 -2.77
N THR A 52 -0.26 12.23 -2.67
CA THR A 52 -0.96 12.18 -1.39
C THR A 52 -1.85 10.96 -1.27
N LEU A 53 -1.80 10.32 -0.10
CA LEU A 53 -2.60 9.13 0.19
C LEU A 53 -4.09 9.44 0.08
N ASP A 54 -4.83 8.48 -0.46
CA ASP A 54 -6.26 8.63 -0.62
C ASP A 54 -7.00 7.66 0.30
N LYS A 55 -7.98 8.17 1.03
CA LYS A 55 -8.75 7.35 1.97
C LYS A 55 -9.66 6.35 1.25
N GLU A 56 -10.31 6.79 0.18
CA GLU A 56 -11.21 5.93 -0.57
C GLU A 56 -10.49 4.73 -1.16
N GLU A 57 -9.39 4.97 -1.85
CA GLU A 57 -8.61 3.89 -2.47
C GLU A 57 -7.91 3.05 -1.43
N ALA A 58 -7.28 3.69 -0.45
CA ALA A 58 -6.56 2.97 0.60
C ALA A 58 -7.49 2.07 1.41
N LYS A 59 -8.67 2.58 1.75
CA LYS A 59 -9.63 1.80 2.53
C LYS A 59 -10.04 0.55 1.77
N LYS A 60 -10.29 0.69 0.47
CA LYS A 60 -10.68 -0.43 -0.37
C LYS A 60 -9.51 -1.38 -0.60
N VAL A 61 -8.33 -0.82 -0.85
CA VAL A 61 -7.14 -1.61 -1.10
C VAL A 61 -6.81 -2.50 0.10
N ALA A 62 -6.99 -1.95 1.30
CA ALA A 62 -6.73 -2.68 2.52
C ALA A 62 -7.77 -3.77 2.75
N ASP A 63 -9.02 -3.45 2.43
CA ASP A 63 -10.12 -4.39 2.60
C ASP A 63 -9.91 -5.64 1.76
N GLU A 64 -9.96 -5.45 0.47
CA GLU A 64 -9.78 -6.54 -0.50
C GLU A 64 -9.26 -6.00 -1.83
N THR A 65 -8.33 -5.06 -1.75
CA THR A 65 -7.73 -4.46 -2.95
C THR A 65 -8.81 -3.97 -3.92
N ALA A 66 -9.95 -3.55 -3.36
CA ALA A 66 -11.06 -3.04 -4.16
C ALA A 66 -11.44 -4.03 -5.26
N LYS A 67 -11.37 -5.32 -4.92
CA LYS A 67 -11.71 -6.38 -5.86
C LYS A 67 -13.23 -6.49 -6.03
N ASP A 68 -13.94 -6.42 -4.91
CA ASP A 68 -15.41 -6.50 -4.90
C ASP A 68 -15.90 -7.62 -5.82
N GLY A 69 -15.14 -8.70 -5.90
CA GLY A 69 -15.52 -9.82 -6.74
C GLY A 69 -16.55 -10.72 -6.08
N LYS A 70 -16.28 -11.10 -4.83
CA LYS A 70 -17.18 -11.97 -4.08
C LYS A 70 -18.52 -11.27 -3.84
N THR A 71 -19.60 -11.91 -4.29
CA THR A 71 -20.94 -11.35 -4.12
C THR A 71 -21.48 -11.63 -2.71
N GLY A 72 -22.00 -10.59 -2.07
CA GLY A 72 -22.53 -10.75 -0.73
C GLY A 72 -23.67 -11.75 -0.67
N ASN A 73 -23.59 -12.68 0.29
CA ASN A 73 -24.62 -13.69 0.45
C ASN A 73 -25.95 -13.07 0.87
N THR A 74 -27.04 -13.53 0.24
CA THR A 74 -28.37 -13.02 0.54
C THR A 74 -29.43 -13.81 -0.22
N ASN A 75 -30.50 -14.16 0.48
CA ASN A 75 -31.60 -14.92 -0.11
C ASN A 75 -32.72 -15.14 0.89
N THR A 76 -32.35 -15.53 2.11
CA THR A 76 -33.31 -15.77 3.17
C THR A 76 -32.72 -15.43 4.53
N THR A 77 -33.44 -14.63 5.31
CA THR A 77 -32.99 -14.23 6.64
C THR A 77 -31.60 -13.59 6.57
N GLY A 78 -31.42 -12.69 5.60
CA GLY A 78 -30.14 -12.04 5.43
C GLY A 78 -29.08 -12.99 4.93
N SER A 79 -27.91 -12.96 5.55
CA SER A 79 -26.81 -13.83 5.16
C SER A 79 -27.18 -15.30 5.42
N SER A 80 -27.36 -16.05 4.35
CA SER A 80 -27.72 -17.47 4.45
C SER A 80 -26.62 -18.25 5.16
N GLY A 1 -7.43 -16.67 -15.79
CA GLY A 1 -8.74 -16.73 -16.49
C GLY A 1 -9.84 -16.02 -15.73
N SER A 2 -10.99 -16.67 -15.61
CA SER A 2 -12.13 -16.09 -14.90
C SER A 2 -11.76 -15.78 -13.45
N HIS A 3 -11.10 -16.73 -12.80
CA HIS A 3 -10.69 -16.57 -11.41
C HIS A 3 -9.67 -15.45 -11.29
N MET A 4 -9.90 -14.54 -10.35
CA MET A 4 -9.00 -13.40 -10.13
C MET A 4 -7.69 -13.85 -9.48
N LEU A 5 -6.60 -13.22 -9.91
CA LEU A 5 -5.27 -13.54 -9.38
C LEU A 5 -4.25 -12.49 -9.82
N GLU A 6 -3.46 -12.01 -8.87
CA GLU A 6 -2.44 -10.99 -9.16
C GLU A 6 -1.05 -11.64 -9.28
N VAL A 7 -0.31 -11.23 -10.31
CA VAL A 7 1.03 -11.76 -10.53
C VAL A 7 1.97 -11.43 -9.36
N LEU A 8 2.80 -12.39 -8.98
CA LEU A 8 3.75 -12.22 -7.88
C LEU A 8 3.03 -11.99 -6.55
N THR A 9 3.62 -12.53 -5.48
CA THR A 9 3.06 -12.39 -4.15
C THR A 9 1.68 -13.06 -4.06
N GLN A 10 1.69 -14.40 -4.04
CA GLN A 10 0.46 -15.16 -3.96
C GLN A 10 0.74 -16.63 -3.65
N LYS A 11 1.77 -16.87 -2.85
CA LYS A 11 2.14 -18.23 -2.47
C LYS A 11 2.98 -18.24 -1.19
N HIS A 12 2.56 -19.07 -0.24
CA HIS A 12 3.26 -19.21 1.05
C HIS A 12 3.07 -18.00 1.95
N LYS A 13 3.30 -16.81 1.40
CA LYS A 13 3.16 -15.57 2.17
C LYS A 13 2.66 -14.43 1.28
N PRO A 14 1.77 -13.56 1.83
CA PRO A 14 1.24 -12.42 1.09
C PRO A 14 2.21 -11.26 1.02
N ALA A 15 3.50 -11.59 0.87
CA ALA A 15 4.55 -10.58 0.80
C ALA A 15 5.90 -11.25 0.52
N GLU A 16 6.72 -10.59 -0.29
CA GLU A 16 8.04 -11.13 -0.63
C GLU A 16 8.94 -10.06 -1.22
N SER A 17 8.36 -9.21 -2.06
CA SER A 17 9.09 -8.14 -2.72
C SER A 17 8.14 -7.17 -3.40
N GLN A 18 8.44 -5.88 -3.28
CA GLN A 18 7.62 -4.83 -3.87
C GLN A 18 6.18 -4.89 -3.36
N GLN A 19 6.03 -5.26 -2.09
CA GLN A 19 4.72 -5.36 -1.47
C GLN A 19 4.19 -3.98 -1.10
N GLN A 20 2.97 -3.68 -1.52
CA GLN A 20 2.35 -2.39 -1.21
C GLN A 20 2.09 -2.26 0.28
N ALA A 21 2.26 -1.05 0.80
CA ALA A 21 2.06 -0.79 2.22
C ALA A 21 1.08 0.36 2.43
N ALA A 22 0.14 0.17 3.36
CA ALA A 22 -0.86 1.19 3.67
C ALA A 22 -0.20 2.41 4.31
N GLU A 23 0.36 3.27 3.46
CA GLU A 23 1.03 4.47 3.93
C GLU A 23 0.04 5.45 4.57
N THR A 24 0.39 6.73 4.56
CA THR A 24 -0.46 7.77 5.13
C THR A 24 -0.24 9.09 4.40
N GLU A 25 -1.18 10.01 4.54
CA GLU A 25 -1.09 11.31 3.88
C GLU A 25 0.29 11.91 4.05
N GLY A 26 0.77 11.92 5.27
CA GLY A 26 2.08 12.46 5.56
C GLY A 26 3.20 11.73 4.87
N SER A 27 3.10 10.41 4.81
CA SER A 27 4.12 9.59 4.18
C SER A 27 4.15 9.80 2.67
N CYS A 28 2.98 9.71 2.03
CA CYS A 28 2.87 9.89 0.58
C CYS A 28 3.45 11.21 0.12
N ASN A 29 3.12 12.28 0.83
CA ASN A 29 3.62 13.62 0.48
C ASN A 29 5.13 13.62 0.33
N LYS A 30 5.78 12.71 1.05
CA LYS A 30 7.23 12.60 1.01
C LYS A 30 7.69 11.73 -0.15
N LYS A 31 6.92 10.69 -0.45
CA LYS A 31 7.22 9.77 -1.53
C LYS A 31 7.20 10.48 -2.88
N ASP A 32 8.29 10.32 -3.63
CA ASP A 32 8.39 10.92 -4.96
C ASP A 32 7.50 10.15 -5.94
N GLN A 33 7.61 10.48 -7.23
CA GLN A 33 6.80 9.81 -8.24
C GLN A 33 6.95 8.30 -8.14
N ASN A 34 8.20 7.83 -8.16
CA ASN A 34 8.49 6.40 -8.06
C ASN A 34 8.10 5.84 -6.70
N GLU A 35 8.14 6.68 -5.68
CA GLU A 35 7.80 6.26 -4.32
C GLU A 35 6.30 6.36 -4.07
N CYS A 36 5.59 7.04 -4.96
CA CYS A 36 4.16 7.19 -4.84
C CYS A 36 3.51 5.81 -4.75
N LYS A 37 3.23 5.39 -3.54
CA LYS A 37 2.66 4.06 -3.29
C LYS A 37 1.21 3.96 -3.77
N SER A 38 0.75 2.72 -3.91
CA SER A 38 -0.61 2.45 -4.37
C SER A 38 -1.68 3.17 -3.55
N PRO A 39 -1.67 3.06 -2.21
CA PRO A 39 -2.64 3.72 -1.36
C PRO A 39 -2.64 5.23 -1.59
N CYS A 40 -1.50 5.76 -1.99
CA CYS A 40 -1.36 7.18 -2.25
C CYS A 40 -2.16 7.57 -3.50
N LYS A 41 -1.74 8.67 -4.13
CA LYS A 41 -2.40 9.16 -5.33
C LYS A 41 -1.54 10.21 -6.00
N TRP A 42 -1.15 9.93 -7.25
CA TRP A 42 -0.29 10.84 -8.01
C TRP A 42 -1.07 12.06 -8.51
N HIS A 43 -0.48 13.25 -8.32
CA HIS A 43 -1.09 14.49 -8.76
C HIS A 43 -0.26 15.15 -9.84
N ASN A 44 -0.78 15.16 -11.06
CA ASN A 44 -0.11 15.77 -12.20
C ASN A 44 -0.35 17.28 -12.23
N ASP A 45 0.68 18.03 -12.61
CA ASP A 45 0.58 19.49 -12.67
C ASP A 45 0.21 20.05 -11.30
N ALA A 46 0.76 19.45 -10.26
CA ALA A 46 0.50 19.89 -8.89
C ALA A 46 1.35 21.09 -8.53
N GLU A 47 1.48 22.01 -9.49
CA GLU A 47 2.30 23.22 -9.31
C GLU A 47 3.78 22.85 -9.36
N ASN A 48 4.05 21.57 -9.15
CA ASN A 48 5.40 21.04 -9.17
C ASN A 48 5.36 19.52 -8.96
N LYS A 49 4.23 18.92 -9.30
CA LYS A 49 4.01 17.48 -9.17
C LYS A 49 4.09 17.06 -7.70
N LYS A 50 3.13 16.25 -7.25
CA LYS A 50 3.15 15.81 -5.85
C LYS A 50 2.29 14.57 -5.62
N CYS A 51 2.77 13.68 -4.76
CA CYS A 51 2.05 12.46 -4.40
C CYS A 51 1.38 12.64 -3.04
N THR A 52 0.13 12.19 -2.91
CA THR A 52 -0.60 12.30 -1.66
C THR A 52 -1.51 11.11 -1.40
N LEU A 53 -1.59 10.71 -0.13
CA LEU A 53 -2.41 9.58 0.27
C LEU A 53 -3.88 9.87 0.06
N ASP A 54 -4.63 8.84 -0.32
CA ASP A 54 -6.07 8.98 -0.55
C ASP A 54 -6.83 7.97 0.29
N LYS A 55 -7.81 8.46 1.05
CA LYS A 55 -8.60 7.59 1.91
C LYS A 55 -9.36 6.56 1.10
N GLU A 56 -9.97 7.00 0.00
CA GLU A 56 -10.73 6.12 -0.87
C GLU A 56 -9.84 4.99 -1.38
N GLU A 57 -8.63 5.34 -1.79
CA GLU A 57 -7.68 4.35 -2.30
C GLU A 57 -7.30 3.37 -1.20
N ALA A 58 -6.96 3.91 -0.02
CA ALA A 58 -6.59 3.09 1.12
C ALA A 58 -7.67 2.06 1.41
N LYS A 59 -8.93 2.49 1.31
CA LYS A 59 -10.07 1.62 1.56
C LYS A 59 -10.11 0.48 0.54
N LYS A 60 -9.89 0.82 -0.72
CA LYS A 60 -9.90 -0.17 -1.79
C LYS A 60 -8.83 -1.22 -1.56
N VAL A 61 -7.62 -0.76 -1.22
CA VAL A 61 -6.50 -1.66 -0.96
C VAL A 61 -6.81 -2.56 0.23
N ALA A 62 -7.36 -1.96 1.28
CA ALA A 62 -7.72 -2.71 2.48
C ALA A 62 -8.87 -3.67 2.20
N ASP A 63 -9.67 -3.35 1.18
CA ASP A 63 -10.81 -4.17 0.81
C ASP A 63 -10.37 -5.44 0.08
N GLU A 64 -9.19 -5.95 0.43
CA GLU A 64 -8.65 -7.15 -0.18
C GLU A 64 -7.41 -7.64 0.56
N THR A 65 -6.51 -6.71 0.87
CA THR A 65 -5.28 -7.04 1.59
C THR A 65 -5.51 -7.01 3.10
N ALA A 66 -6.73 -7.36 3.51
CA ALA A 66 -7.08 -7.38 4.92
C ALA A 66 -7.34 -8.80 5.40
N LYS A 67 -8.00 -9.59 4.54
CA LYS A 67 -8.32 -10.97 4.87
C LYS A 67 -7.11 -11.88 4.70
N ASP A 68 -5.94 -11.39 5.12
CA ASP A 68 -4.71 -12.16 5.03
C ASP A 68 -4.77 -13.40 5.92
N GLY A 69 -4.28 -14.52 5.39
CA GLY A 69 -4.29 -15.77 6.14
C GLY A 69 -3.52 -15.66 7.45
N LYS A 70 -4.11 -16.15 8.53
CA LYS A 70 -3.47 -16.12 9.84
C LYS A 70 -2.28 -17.08 9.90
N THR A 71 -2.10 -17.74 11.04
CA THR A 71 -1.00 -18.68 11.21
C THR A 71 0.35 -17.99 10.98
N GLY A 72 0.60 -16.93 11.73
CA GLY A 72 1.84 -16.20 11.58
C GLY A 72 2.01 -15.11 12.63
N ASN A 73 0.96 -14.31 12.82
CA ASN A 73 0.99 -13.22 13.80
C ASN A 73 1.24 -13.75 15.21
N THR A 74 2.16 -13.10 15.91
CA THR A 74 2.49 -13.49 17.28
C THR A 74 1.29 -13.31 18.21
N ASN A 75 1.07 -14.29 19.07
CA ASN A 75 -0.04 -14.25 20.02
C ASN A 75 0.25 -15.13 21.24
N THR A 76 -0.76 -15.84 21.72
CA THR A 76 -0.61 -16.71 22.88
C THR A 76 0.40 -17.82 22.62
N THR A 77 1.29 -18.05 23.59
CA THR A 77 2.32 -19.08 23.48
C THR A 77 3.07 -18.98 22.16
N GLY A 78 3.49 -17.76 21.83
CA GLY A 78 4.23 -17.53 20.59
C GLY A 78 5.61 -18.16 20.62
N SER A 79 6.60 -17.41 20.17
CA SER A 79 7.98 -17.88 20.13
C SER A 79 8.60 -17.86 21.53
N SER A 80 8.07 -18.65 22.45
CA SER A 80 8.57 -18.72 23.81
C SER A 80 10.01 -19.23 23.83
#